data_9NNH
#
_entry.id   9NNH
#
_cell.length_a   1.00
_cell.length_b   1.00
_cell.length_c   1.00
_cell.angle_alpha   90.00
_cell.angle_beta   90.00
_cell.angle_gamma   90.00
#
_symmetry.space_group_name_H-M   'P 1'
#
loop_
_entity.id
_entity.type
_entity.pdbx_description
1 polymer 'Retron I-A effector PtuA'
2 polymer 'Retron I-A effector PtuB'
3 polymer 'Retron I-A Ec78 reverse transcriptase'
4 polymer 'DNA (73-MER)'
5 polymer 'RNA (41-MER)'
6 non-polymer "ADENOSINE-5'-DIPHOSPHATE"
#
loop_
_entity_poly.entity_id
_entity_poly.type
_entity_poly.pdbx_seq_one_letter_code
_entity_poly.pdbx_strand_id
1 'polypeptide(L)'
;MTKQYERKAKGGNLLSAFELYQRNSDKAPGLGEMLVGEWFEMCRDYIQDGHVDESGIFRPDNAFYLRRLTLKDFRRFSLL
EIKLEEDLTVIIGNNGKGKTSILYAIAKTLSWFVANILKEGGSGQRLSEMTDIKNDAEDRYSDVSSTFFFGKGLKSVPIR
LSRSALGTAERRDSEVKPAKDLADIWRVINEVNTINLPTFALYNVERSQPFNRNIKDNTGRREERFDAYSQTLGGAGRFD
HFVEWYIYLHKRTVSDISSSIKELEQQVNDLQRTVDGGMVSVKSLLEQMKFKLSEAIERNDAAVSSRVLTESVQKSIVEK
AICSVVPSISNIWVEMITGSDLVKVTNDGHDVTIDQLSDGQRVFLSLVADLARRMVMLNPLLENPLEGRGIVLIDEIELH
LHPKWQQEVILNLRSAFPNIQFIITTHSPIVLSTIEKRCIREFEPNDDGDQSFLDSPDMQTKGSENAQILEQVMNVHSTP
PGIAESHWLGNFELLLLDNSGELDNHSQVLYDQIKAHFGIDSIELKKADSLIRINKMKNKLNKIRAEKGK
;
C,D,E,F
2 'polypeptide(L)'
;MRELARLERPEILDQYIAGQNDWMEIDQSAVWPKLTEMQGGFCAYCECRLNRCHIEHFRPRGKFPALTFIWNNLFGSCGD
SRKSGGWSRCGIYKDNGAGAYNADDLIKPDEENPDDYLLFLTTGEVVPAIGLTGRALKKAQETIRVFNLNGDIKLFGSRR
TAVQAIMPNVEYLYTLLEEFDEDDWNEMLRDELEKIESDEYKTALKHAWTFNQEFALEVLFQGPEAHHHHHH
;
J,K
3 'polypeptide(L)'
;MSVIRGLAAVLRQSDSDISAFLVTAPRKYKVYKIPKRTTGFRVIAQPAKGLKDIQRAFVQLYSLPVHDASMAYMKGKGIR
DNAAAHAGNQYLLKADLEDFFNSITPAIFWRCIEMSSAQTPQFEPQDKLFIEKILFWQPIKRRKTKLILSVGAPSSPVIS
NFCMYEFDNRIHAACKKVEITYTRYADDLTFSSNIPDVLKAVPSTLEVLLKDLFGSALRLNHSKTVFSSKAHNRHVTGIT
INNEETLSLGRDRKRFIKHLINQYKYGLLDNEDKAYLIGLLAFASHIEPSFITRMNEKYSLELMERLRGQR
;
B,A
4 'polydeoxyribonucleotide'
;(DT)(DT)(DG)(DA)(DG)(DG)(DA)(DA)(DG)(DC)(DG)(DA)(DA)(DA)(DG)(DT)(DG)(DT)(DC)(DG)
(DC)(DA)(DA)(DC)(DC)(DC)(DG)(DA)(DG)(DA)(DG)(DA)(DG)(DG)(DA)(DA)(DC)(DG)(DA)(DT)
(DC)(DT)(DC)(DG)(DG)(DG)(DT)(DT)(DG)(DC)(DG)(DA)(DC)(DA)(DC)(DT)(DT)(DT)(DC)(DG)
(DC)(DA)(DA)(DC)(DC)(DC)(DT)(DT)(DA)(DA)(DT)(DA)(DC)(DG)(DT)(DT)(DC)(DA)
;
N,M
5 'polyribonucleotide' ACUCUUUAGCGUUGGACGGUUACGUCUAGUCGGGUGAUUAGCCAGACUCUAACUUAUUGAACGUAUU L,X
#
# COMPACT_ATOMS: atom_id res chain seq x y z
N MET A 1 54.25 26.90 0.77
CA MET A 1 53.17 26.21 1.47
C MET A 1 52.10 27.20 1.93
N THR A 2 52.40 27.97 2.97
CA THR A 2 51.45 28.93 3.52
C THR A 2 51.76 30.37 3.12
N LYS A 3 52.94 30.65 2.58
CA LYS A 3 53.27 32.01 2.18
C LYS A 3 52.40 32.46 1.02
N GLN A 4 52.26 31.62 0.00
CA GLN A 4 51.42 31.96 -1.15
C GLN A 4 49.95 32.04 -0.74
N TYR A 5 49.50 31.17 0.16
CA TYR A 5 48.13 31.25 0.65
C TYR A 5 47.89 32.56 1.40
N GLU A 6 48.85 32.97 2.23
CA GLU A 6 48.72 34.24 2.95
C GLU A 6 48.69 35.42 1.98
N ARG A 7 49.53 35.38 0.94
CA ARG A 7 49.54 36.45 -0.05
C ARG A 7 48.23 36.51 -0.83
N LYS A 8 47.69 35.34 -1.20
CA LYS A 8 46.49 35.29 -2.01
C LYS A 8 45.24 35.67 -1.21
N ALA A 9 45.19 35.27 0.06
CA ALA A 9 44.00 35.54 0.87
C ALA A 9 43.78 37.04 1.05
N LYS A 10 44.86 37.81 1.22
CA LYS A 10 44.75 39.26 1.31
C LYS A 10 44.25 39.88 0.01
N GLY A 11 44.41 39.19 -1.11
CA GLY A 11 43.97 39.69 -2.40
C GLY A 11 42.49 39.52 -2.68
N GLY A 12 41.74 38.91 -1.77
CA GLY A 12 40.31 38.76 -1.93
C GLY A 12 39.85 37.36 -2.28
N ASN A 13 40.51 36.33 -1.76
CA ASN A 13 40.16 34.94 -2.02
C ASN A 13 39.75 34.29 -0.70
N LEU A 14 38.60 33.60 -0.71
CA LEU A 14 38.14 32.91 0.48
C LEU A 14 38.59 31.46 0.53
N LEU A 15 38.75 30.81 -0.62
CA LEU A 15 39.09 29.40 -0.64
C LEU A 15 40.47 29.15 -0.03
N SER A 16 41.45 29.98 -0.39
CA SER A 16 42.76 29.89 0.26
C SER A 16 42.67 30.24 1.74
N ALA A 17 41.89 31.27 2.08
CA ALA A 17 41.68 31.60 3.48
C ALA A 17 40.96 30.47 4.21
N PHE A 18 40.00 29.82 3.55
CA PHE A 18 39.36 28.65 4.13
C PHE A 18 40.35 27.54 4.38
N GLU A 19 41.23 27.27 3.42
CA GLU A 19 42.20 26.21 3.61
C GLU A 19 43.15 26.53 4.76
N LEU A 20 43.54 27.80 4.87
CA LEU A 20 44.39 28.21 5.99
C LEU A 20 43.67 28.02 7.33
N TYR A 21 42.40 28.41 7.39
CA TYR A 21 41.64 28.24 8.63
C TYR A 21 41.50 26.76 8.98
N GLN A 22 41.20 25.92 7.99
CA GLN A 22 41.04 24.49 8.26
C GLN A 22 42.37 23.86 8.69
N ARG A 23 43.48 24.28 8.08
CA ARG A 23 44.77 23.72 8.41
C ARG A 23 45.27 24.18 9.77
N ASN A 24 44.90 25.38 10.20
CA ASN A 24 45.30 25.87 11.51
C ASN A 24 44.24 25.61 12.59
N SER A 25 43.11 24.99 12.24
CA SER A 25 42.11 24.67 13.24
C SER A 25 42.63 23.66 14.26
N ASP A 26 43.36 22.65 13.80
CA ASP A 26 43.83 21.57 14.65
C ASP A 26 45.21 21.83 15.24
N LYS A 27 45.79 23.00 15.00
CA LYS A 27 47.12 23.31 15.51
C LYS A 27 47.02 23.67 17.00
N ALA A 28 48.13 24.12 17.57
CA ALA A 28 48.15 24.47 18.99
C ALA A 28 47.34 25.74 19.22
N PRO A 29 46.35 25.72 20.12
CA PRO A 29 45.55 26.91 20.37
C PRO A 29 46.19 27.85 21.38
N GLY A 30 45.54 28.97 21.66
CA GLY A 30 46.04 29.93 22.63
C GLY A 30 47.03 30.91 22.03
N LEU A 31 48.27 30.45 21.79
CA LEU A 31 49.27 31.33 21.20
C LEU A 31 48.95 31.65 19.75
N GLY A 32 48.35 30.70 19.03
CA GLY A 32 47.97 30.91 17.65
C GLY A 32 46.52 31.31 17.44
N GLU A 33 45.85 31.75 18.52
CA GLU A 33 44.43 32.12 18.40
C GLU A 33 44.24 33.30 17.45
N MET A 34 45.11 34.31 17.53
CA MET A 34 44.97 35.47 16.67
C MET A 34 45.11 35.10 15.19
N LEU A 35 46.10 34.27 14.86
CA LEU A 35 46.34 33.95 13.45
C LEU A 35 45.25 33.07 12.89
N VAL A 36 44.74 32.12 13.68
CA VAL A 36 43.67 31.26 13.19
C VAL A 36 42.35 32.03 13.11
N GLY A 37 42.14 33.00 14.00
CA GLY A 37 40.94 33.82 13.93
C GLY A 37 40.97 34.90 12.87
N GLU A 38 42.16 35.29 12.41
CA GLU A 38 42.24 36.27 11.33
C GLU A 38 41.65 35.72 10.02
N TRP A 39 41.90 34.44 9.75
CA TRP A 39 41.29 33.83 8.56
C TRP A 39 39.79 33.63 8.75
N PHE A 40 39.35 33.37 9.99
CA PHE A 40 37.92 33.25 10.25
C PHE A 40 37.20 34.57 10.03
N GLU A 41 37.76 35.66 10.53
CA GLU A 41 37.19 36.98 10.28
C GLU A 41 37.78 37.59 9.01
N MET A 42 38.05 36.70 8.05
CA MET A 42 38.06 37.07 6.63
C MET A 42 37.15 36.20 5.74
N CYS A 43 36.95 34.93 6.14
CA CYS A 43 35.97 34.09 5.44
C CYS A 43 34.54 34.46 5.84
N ARG A 44 34.31 34.77 7.11
CA ARG A 44 32.98 35.15 7.56
C ARG A 44 32.59 36.53 7.04
N ASP A 45 33.54 37.46 6.97
CA ASP A 45 33.24 38.78 6.43
C ASP A 45 32.85 38.70 4.96
N TYR A 46 33.46 37.78 4.21
CA TYR A 46 33.09 37.62 2.80
C TYR A 46 31.61 37.26 2.65
N ILE A 47 31.10 36.39 3.53
CA ILE A 47 29.71 36.00 3.46
C ILE A 47 28.79 37.02 4.13
N GLN A 48 29.33 37.92 4.95
CA GLN A 48 28.48 38.81 5.74
C GLN A 48 28.56 40.27 5.36
N ASP A 49 29.59 40.71 4.65
CA ASP A 49 29.69 42.11 4.28
C ASP A 49 28.61 42.49 3.29
N GLY A 50 28.18 43.75 3.37
CA GLY A 50 27.14 44.27 2.52
C GLY A 50 26.69 45.65 2.97
N HIS A 51 26.17 46.45 2.05
CA HIS A 51 25.77 47.81 2.34
C HIS A 51 24.32 48.03 1.93
N VAL A 52 23.73 49.08 2.49
CA VAL A 52 22.36 49.49 2.15
C VAL A 52 22.47 50.59 1.10
N ASP A 53 21.83 50.38 -0.05
CA ASP A 53 21.90 51.33 -1.15
C ASP A 53 20.97 52.51 -0.88
N GLU A 54 20.84 53.40 -1.85
CA GLU A 54 19.99 54.57 -1.69
C GLU A 54 18.50 54.21 -1.66
N SER A 55 18.15 52.99 -2.07
CA SER A 55 16.77 52.54 -2.04
C SER A 55 16.39 51.88 -0.72
N GLY A 56 17.31 51.82 0.23
CA GLY A 56 17.02 51.19 1.51
C GLY A 56 16.99 49.69 1.49
N ILE A 57 17.64 49.05 0.50
CA ILE A 57 17.67 47.61 0.36
C ILE A 57 19.08 47.12 0.63
N PHE A 58 19.21 46.13 1.51
CA PHE A 58 20.51 45.55 1.81
C PHE A 58 21.02 44.78 0.60
N ARG A 59 22.14 45.23 0.03
CA ARG A 59 22.76 44.57 -1.09
C ARG A 59 24.02 43.85 -0.62
N PRO A 60 24.09 42.53 -0.71
CA PRO A 60 25.31 41.83 -0.27
C PRO A 60 26.51 42.24 -1.12
N ASP A 61 27.67 42.31 -0.47
CA ASP A 61 28.89 42.67 -1.19
C ASP A 61 29.25 41.61 -2.22
N ASN A 62 29.05 40.35 -1.89
CA ASN A 62 29.34 39.24 -2.79
C ASN A 62 28.06 38.45 -3.03
N ALA A 63 27.47 38.59 -4.21
CA ALA A 63 26.22 37.90 -4.52
C ALA A 63 26.48 36.48 -5.00
N PHE A 64 25.54 35.59 -4.71
CA PHE A 64 25.62 34.20 -5.14
C PHE A 64 24.51 33.94 -6.15
N TYR A 65 24.90 33.45 -7.32
CA TYR A 65 23.94 33.12 -8.38
C TYR A 65 24.61 32.18 -9.37
N LEU A 66 23.79 31.57 -10.22
CA LEU A 66 24.26 30.65 -11.24
C LEU A 66 24.41 31.39 -12.56
N ARG A 67 25.58 31.26 -13.19
CA ARG A 67 25.88 32.00 -14.41
C ARG A 67 25.40 31.28 -15.66
N ARG A 68 25.88 30.07 -15.90
CA ARG A 68 25.57 29.36 -17.13
C ARG A 68 25.25 27.90 -16.83
N LEU A 69 24.44 27.30 -17.70
CA LEU A 69 24.03 25.91 -17.60
C LEU A 69 24.25 25.22 -18.93
N THR A 70 24.83 24.02 -18.90
CA THR A 70 25.08 23.24 -20.11
C THR A 70 24.45 21.87 -19.95
N LEU A 71 23.61 21.48 -20.91
CA LEU A 71 22.96 20.18 -20.92
C LEU A 71 23.43 19.41 -22.14
N LYS A 72 24.02 18.25 -21.92
CA LYS A 72 24.52 17.40 -23.00
C LYS A 72 23.80 16.07 -22.93
N ASP A 73 23.06 15.75 -24.00
CA ASP A 73 22.29 14.50 -24.11
C ASP A 73 21.27 14.34 -22.98
N PHE A 74 20.89 15.45 -22.33
CA PHE A 74 19.93 15.41 -21.23
C PHE A 74 18.54 15.63 -21.82
N ARG A 75 17.73 14.57 -21.86
CA ARG A 75 16.41 14.60 -22.47
C ARG A 75 16.49 15.11 -23.90
N ARG A 76 15.53 15.93 -24.31
CA ARG A 76 15.44 16.32 -25.72
C ARG A 76 16.59 17.21 -26.18
N PHE A 77 17.57 17.51 -25.34
CA PHE A 77 18.66 18.40 -25.68
C PHE A 77 19.91 17.60 -26.00
N SER A 78 20.36 17.68 -27.26
CA SER A 78 21.64 17.07 -27.61
C SER A 78 22.80 17.83 -26.97
N LEU A 79 22.81 19.15 -27.12
CA LEU A 79 23.79 19.99 -26.45
C LEU A 79 23.21 21.40 -26.37
N LEU A 80 22.79 21.80 -25.17
CA LEU A 80 22.19 23.12 -24.96
C LEU A 80 22.99 23.87 -23.90
N GLU A 81 23.38 25.10 -24.22
CA GLU A 81 24.10 25.97 -23.31
C GLU A 81 23.26 27.21 -23.05
N ILE A 82 23.09 27.56 -21.78
CA ILE A 82 22.21 28.65 -21.37
C ILE A 82 23.00 29.61 -20.49
N LYS A 83 22.87 30.91 -20.76
CA LYS A 83 23.41 31.95 -19.90
C LYS A 83 22.27 32.60 -19.13
N LEU A 84 22.40 32.64 -17.82
CA LEU A 84 21.33 33.07 -16.93
C LEU A 84 21.61 34.47 -16.39
N GLU A 85 20.56 35.27 -16.28
CA GLU A 85 20.67 36.63 -15.76
C GLU A 85 20.88 36.60 -14.25
N GLU A 86 21.49 37.68 -13.74
CA GLU A 86 21.78 37.77 -12.32
C GLU A 86 20.51 37.83 -11.48
N ASP A 87 19.51 38.59 -11.93
CA ASP A 87 18.32 38.85 -11.14
C ASP A 87 17.14 37.97 -11.55
N LEU A 88 16.74 38.02 -12.82
CA LEU A 88 15.56 37.28 -13.28
C LEU A 88 15.81 36.75 -14.68
N THR A 89 15.54 35.46 -14.87
CA THR A 89 15.63 34.83 -16.18
C THR A 89 14.31 34.11 -16.45
N VAL A 90 13.76 34.34 -17.65
CA VAL A 90 12.48 33.77 -18.05
C VAL A 90 12.70 32.89 -19.27
N ILE A 91 12.26 31.65 -19.18
CA ILE A 91 12.38 30.68 -20.28
C ILE A 91 10.99 30.45 -20.85
N ILE A 92 10.85 30.70 -22.15
CA ILE A 92 9.56 30.59 -22.83
C ILE A 92 9.71 29.68 -24.04
N GLY A 93 8.57 29.19 -24.51
CA GLY A 93 8.56 28.30 -25.65
C GLY A 93 7.24 27.53 -25.70
N ASN A 94 7.16 26.67 -26.71
CA ASN A 94 5.99 25.82 -26.89
C ASN A 94 5.98 24.70 -25.86
N ASN A 95 4.90 23.91 -25.86
CA ASN A 95 4.83 22.76 -24.99
C ASN A 95 5.79 21.67 -25.46
N GLY A 96 6.40 20.99 -24.50
CA GLY A 96 7.39 19.97 -24.82
C GLY A 96 8.66 20.50 -25.45
N LYS A 97 9.11 21.68 -25.03
CA LYS A 97 10.37 22.24 -25.50
C LYS A 97 11.49 22.11 -24.48
N GLY A 98 11.23 21.55 -23.31
CA GLY A 98 12.25 21.32 -22.32
C GLY A 98 12.40 22.40 -21.26
N LYS A 99 11.44 23.32 -21.14
CA LYS A 99 11.54 24.36 -20.13
C LYS A 99 11.53 23.78 -18.72
N THR A 100 10.66 22.79 -18.48
CA THR A 100 10.62 22.13 -17.18
C THR A 100 11.91 21.36 -16.91
N SER A 101 12.51 20.79 -17.96
CA SER A 101 13.74 20.01 -17.78
C SER A 101 14.88 20.89 -17.28
N ILE A 102 14.96 22.13 -17.76
CA ILE A 102 16.02 23.03 -17.32
C ILE A 102 15.90 23.32 -15.83
N LEU A 103 14.69 23.65 -15.38
CA LEU A 103 14.47 23.90 -13.96
C LEU A 103 14.75 22.66 -13.13
N TYR A 104 14.34 21.49 -13.64
CA TYR A 104 14.59 20.24 -12.93
C TYR A 104 16.09 19.98 -12.78
N ALA A 105 16.86 20.22 -13.84
CA ALA A 105 18.31 20.05 -13.77
C ALA A 105 18.94 21.03 -12.79
N ILE A 106 18.48 22.29 -12.79
CA ILE A 106 19.03 23.26 -11.85
C ILE A 106 18.70 22.86 -10.42
N ALA A 107 17.50 22.33 -10.19
CA ALA A 107 17.14 21.87 -8.85
C ALA A 107 18.00 20.70 -8.42
N LYS A 108 18.28 19.77 -9.35
CA LYS A 108 19.14 18.65 -9.01
C LYS A 108 20.54 19.14 -8.68
N THR A 109 21.03 20.15 -9.41
CA THR A 109 22.34 20.70 -9.11
C THR A 109 22.37 21.37 -7.74
N LEU A 110 21.33 22.14 -7.40
CA LEU A 110 21.26 22.80 -6.10
C LEU A 110 21.06 21.82 -4.96
N SER A 111 20.58 20.61 -5.25
CA SER A 111 20.39 19.60 -4.20
C SER A 111 21.70 19.27 -3.51
N TRP A 112 22.79 19.19 -4.27
CA TRP A 112 24.09 18.91 -3.65
C TRP A 112 24.54 20.04 -2.73
N PHE A 113 24.33 21.29 -3.14
CA PHE A 113 24.62 22.42 -2.26
C PHE A 113 23.83 22.32 -0.97
N VAL A 114 22.53 22.03 -1.08
CA VAL A 114 21.69 21.93 0.10
C VAL A 114 22.17 20.80 1.02
N ALA A 115 22.45 19.64 0.43
CA ALA A 115 22.83 18.46 1.21
C ALA A 115 24.16 18.69 1.92
N ASN A 116 25.14 19.27 1.23
CA ASN A 116 26.43 19.50 1.87
C ASN A 116 26.41 20.69 2.81
N ILE A 117 25.42 21.58 2.70
CA ILE A 117 25.21 22.57 3.75
C ILE A 117 24.64 21.90 5.00
N LEU A 118 23.72 20.96 4.82
CA LEU A 118 23.08 20.32 5.96
C LEU A 118 24.05 19.42 6.72
N LYS A 119 24.59 18.41 6.03
CA LYS A 119 25.42 17.39 6.66
C LYS A 119 26.82 17.40 6.07
N GLU A 120 27.80 17.08 6.90
CA GLU A 120 29.20 17.01 6.46
C GLU A 120 29.35 15.92 5.40
N GLY A 121 29.77 16.33 4.20
CA GLY A 121 29.92 15.37 3.12
C GLY A 121 28.63 14.71 2.68
N GLY A 122 27.53 15.46 2.72
CA GLY A 122 26.26 14.90 2.29
C GLY A 122 26.18 14.75 0.79
N SER A 123 25.24 13.91 0.35
CA SER A 123 25.04 13.62 -1.06
C SER A 123 23.67 14.12 -1.49
N GLY A 124 23.65 14.92 -2.55
CA GLY A 124 22.40 15.42 -3.11
C GLY A 124 21.79 14.46 -4.10
N GLN A 125 20.70 14.91 -4.71
CA GLN A 125 20.02 14.11 -5.72
C GLN A 125 20.87 13.98 -6.98
N ARG A 126 20.69 12.86 -7.69
CA ARG A 126 21.42 12.54 -8.90
C ARG A 126 20.45 12.07 -9.97
N LEU A 127 20.84 12.20 -11.24
CA LEU A 127 19.90 12.14 -12.35
C LEU A 127 19.17 10.79 -12.40
N SER A 128 18.14 10.72 -13.24
CA SER A 128 17.34 9.52 -13.39
C SER A 128 17.91 8.62 -14.49
N GLU A 129 17.62 7.32 -14.39
CA GLU A 129 17.94 6.35 -15.45
C GLU A 129 16.82 6.23 -16.47
N MET A 130 15.59 6.11 -16.00
CA MET A 130 14.48 5.75 -16.89
C MET A 130 14.17 6.85 -17.89
N THR A 131 14.15 8.11 -17.44
CA THR A 131 13.59 9.19 -18.24
C THR A 131 14.53 10.34 -18.55
N ASP A 132 15.73 10.37 -18.00
CA ASP A 132 16.58 11.55 -18.18
C ASP A 132 17.53 11.43 -19.37
N ILE A 133 18.09 10.25 -19.63
CA ILE A 133 19.02 10.11 -20.75
C ILE A 133 18.26 10.22 -22.06
N LYS A 134 18.82 10.98 -23.00
CA LYS A 134 18.16 11.21 -24.29
C LYS A 134 17.93 9.90 -25.03
N ASN A 135 16.73 9.75 -25.59
CA ASN A 135 16.46 8.63 -26.47
C ASN A 135 17.22 8.79 -27.79
N ASP A 136 17.41 7.66 -28.47
CA ASP A 136 18.19 7.56 -29.70
C ASP A 136 19.49 8.37 -29.64
N ALA A 137 20.13 8.37 -28.47
CA ALA A 137 21.43 9.01 -28.27
C ALA A 137 22.52 7.96 -28.39
N GLU A 138 23.54 8.26 -29.21
CA GLU A 138 24.59 7.28 -29.51
C GLU A 138 25.54 7.04 -28.35
N ASP A 139 25.55 7.92 -27.34
CA ASP A 139 26.47 7.78 -26.22
C ASP A 139 25.88 7.08 -25.02
N ARG A 140 24.56 7.03 -24.89
CA ARG A 140 23.88 6.37 -23.77
C ARG A 140 24.29 6.96 -22.43
N TYR A 141 24.58 8.26 -22.40
CA TYR A 141 24.88 8.94 -21.14
C TYR A 141 24.62 10.43 -21.32
N SER A 142 24.52 11.13 -20.20
CA SER A 142 24.23 12.56 -20.21
C SER A 142 24.89 13.22 -19.02
N ASP A 143 25.08 14.53 -19.13
CA ASP A 143 25.63 15.32 -18.03
C ASP A 143 25.06 16.74 -18.09
N VAL A 144 24.99 17.37 -16.92
CA VAL A 144 24.57 18.77 -16.80
C VAL A 144 25.67 19.53 -16.09
N SER A 145 25.90 20.77 -16.52
CA SER A 145 27.02 21.57 -16.03
C SER A 145 26.52 22.91 -15.51
N SER A 146 27.07 23.32 -14.37
CA SER A 146 26.72 24.59 -13.74
C SER A 146 27.99 25.33 -13.35
N THR A 147 27.91 26.66 -13.36
CA THR A 147 29.08 27.52 -13.18
C THR A 147 28.73 28.66 -12.20
N PHE A 148 28.23 28.30 -11.02
CA PHE A 148 27.80 29.28 -10.02
C PHE A 148 28.86 30.33 -9.73
N PHE A 149 28.42 31.49 -9.23
CA PHE A 149 29.27 32.64 -8.96
C PHE A 149 29.01 33.13 -7.55
N PHE A 150 30.08 33.33 -6.78
CA PHE A 150 29.98 33.78 -5.40
C PHE A 150 30.98 34.91 -5.13
N GLY A 151 30.97 35.92 -5.99
CA GLY A 151 31.83 37.06 -5.81
C GLY A 151 33.14 36.94 -6.55
N LYS A 152 34.01 37.93 -6.29
CA LYS A 152 35.32 37.93 -6.94
C LYS A 152 36.22 36.81 -6.42
N GLY A 153 36.04 36.41 -5.16
CA GLY A 153 36.83 35.31 -4.63
C GLY A 153 36.53 33.99 -5.32
N LEU A 154 35.26 33.74 -5.63
CA LEU A 154 34.84 32.54 -6.35
C LEU A 154 34.08 32.99 -7.60
N LYS A 155 34.82 33.24 -8.68
CA LYS A 155 34.19 33.66 -9.93
C LYS A 155 33.49 32.51 -10.64
N SER A 156 33.89 31.27 -10.38
CA SER A 156 33.29 30.12 -11.05
C SER A 156 33.57 28.87 -10.22
N VAL A 157 32.50 28.14 -9.91
CA VAL A 157 32.62 26.84 -9.24
C VAL A 157 31.93 25.79 -10.10
N PRO A 158 32.64 25.17 -11.04
CA PRO A 158 31.99 24.24 -11.97
C PRO A 158 31.40 23.03 -11.25
N ILE A 159 30.17 22.70 -11.61
CA ILE A 159 29.46 21.55 -11.07
C ILE A 159 29.00 20.68 -12.23
N ARG A 160 29.23 19.37 -12.13
CA ARG A 160 28.83 18.44 -13.17
C ARG A 160 28.07 17.27 -12.56
N LEU A 161 26.85 17.06 -13.03
CA LEU A 161 26.06 15.87 -12.69
C LEU A 161 25.93 15.01 -13.93
N SER A 162 26.42 13.77 -13.84
CA SER A 162 26.50 12.90 -15.01
C SER A 162 25.96 11.52 -14.68
N ARG A 163 25.43 10.86 -15.71
CA ARG A 163 24.89 9.52 -15.56
C ARG A 163 24.96 8.80 -16.89
N SER A 164 25.07 7.47 -16.83
CA SER A 164 25.02 6.61 -17.99
C SER A 164 23.68 5.88 -18.01
N ALA A 165 23.35 5.29 -19.16
CA ALA A 165 22.06 4.65 -19.34
C ALA A 165 22.12 3.20 -18.87
N LEU A 166 21.06 2.44 -19.16
CA LEU A 166 20.96 1.04 -18.77
C LEU A 166 21.87 0.21 -19.66
N GLY A 167 23.06 -0.12 -19.16
CA GLY A 167 23.99 -0.93 -19.91
C GLY A 167 25.04 -0.12 -20.63
N THR A 168 26.26 -0.10 -20.08
CA THR A 168 27.34 0.67 -20.65
C THR A 168 28.66 0.11 -20.13
N ALA A 169 29.75 0.52 -20.78
CA ALA A 169 31.08 0.10 -20.35
C ALA A 169 31.59 0.94 -19.20
N GLU A 170 31.56 2.27 -19.36
CA GLU A 170 32.06 3.21 -18.36
C GLU A 170 30.90 3.99 -17.76
N ARG A 171 30.82 3.98 -16.43
CA ARG A 171 29.80 4.74 -15.72
C ARG A 171 30.34 6.14 -15.43
N ARG A 172 29.73 7.14 -16.07
CA ARG A 172 30.19 8.51 -15.90
C ARG A 172 29.92 8.98 -14.47
N ASP A 173 30.89 9.67 -13.89
CA ASP A 173 30.83 10.14 -12.52
C ASP A 173 30.67 11.66 -12.47
N SER A 174 30.20 12.14 -11.33
CA SER A 174 29.94 13.56 -11.13
C SER A 174 31.20 14.29 -10.69
N GLU A 175 31.11 15.63 -10.67
CA GLU A 175 32.21 16.52 -10.31
C GLU A 175 31.72 17.56 -9.31
N VAL A 176 31.08 17.09 -8.24
CA VAL A 176 30.39 17.96 -7.29
C VAL A 176 31.37 18.51 -6.24
N LYS A 177 32.66 18.33 -6.47
CA LYS A 177 33.66 18.74 -5.48
C LYS A 177 33.60 20.23 -5.15
N PRO A 178 33.55 21.16 -6.12
CA PRO A 178 33.45 22.57 -5.74
C PRO A 178 32.19 22.90 -4.95
N ALA A 179 31.06 22.26 -5.27
CA ALA A 179 29.85 22.46 -4.48
C ALA A 179 30.06 21.99 -3.04
N LYS A 180 30.70 20.84 -2.87
CA LYS A 180 31.01 20.36 -1.53
C LYS A 180 31.91 21.34 -0.80
N ASP A 181 32.92 21.89 -1.48
CA ASP A 181 33.81 22.85 -0.84
C ASP A 181 33.05 24.10 -0.38
N LEU A 182 32.25 24.69 -1.26
CA LEU A 182 31.53 25.91 -0.91
C LEU A 182 30.52 25.65 0.22
N ALA A 183 29.80 24.54 0.15
CA ALA A 183 28.83 24.24 1.19
C ALA A 183 29.51 23.90 2.51
N ASP A 184 30.70 23.29 2.46
CA ASP A 184 31.45 23.06 3.68
C ASP A 184 31.88 24.38 4.31
N ILE A 185 32.31 25.33 3.47
CA ILE A 185 32.63 26.67 3.96
C ILE A 185 31.42 27.25 4.69
N TRP A 186 30.26 27.21 4.02
CA TRP A 186 29.05 27.77 4.61
C TRP A 186 28.73 27.10 5.94
N ARG A 187 28.74 25.77 5.97
CA ARG A 187 28.32 25.03 7.16
C ARG A 187 29.27 25.29 8.34
N VAL A 188 30.58 25.18 8.11
CA VAL A 188 31.50 25.31 9.23
C VAL A 188 31.58 26.77 9.69
N ILE A 189 31.49 27.73 8.78
CA ILE A 189 31.47 29.13 9.18
C ILE A 189 30.23 29.40 10.03
N ASN A 190 29.08 28.85 9.62
CA ASN A 190 27.86 29.02 10.41
C ASN A 190 27.99 28.36 11.78
N GLU A 191 28.59 27.16 11.84
CA GLU A 191 28.67 26.45 13.10
C GLU A 191 29.63 27.14 14.07
N VAL A 192 30.70 27.76 13.58
CA VAL A 192 31.57 28.52 14.46
C VAL A 192 30.88 29.80 14.91
N ASN A 193 30.24 30.50 13.98
CA ASN A 193 29.50 31.72 14.30
C ASN A 193 28.36 31.86 13.30
N THR A 194 27.15 32.11 13.81
CA THR A 194 25.96 32.11 12.96
C THR A 194 26.09 33.14 11.84
N ILE A 195 25.71 32.73 10.63
CA ILE A 195 25.74 33.58 9.45
C ILE A 195 24.41 33.40 8.70
N ASN A 196 24.28 34.09 7.58
CA ASN A 196 23.10 34.01 6.73
C ASN A 196 23.35 33.02 5.61
N LEU A 197 22.43 32.07 5.45
CA LEU A 197 22.60 31.03 4.44
C LEU A 197 21.65 31.25 3.27
N PRO A 198 22.07 30.92 2.05
CA PRO A 198 21.19 31.08 0.90
C PRO A 198 20.04 30.09 0.93
N THR A 199 18.91 30.51 0.35
CA THR A 199 17.73 29.67 0.25
C THR A 199 17.59 29.18 -1.19
N PHE A 200 17.42 27.87 -1.35
CA PHE A 200 17.26 27.24 -2.65
C PHE A 200 15.89 26.57 -2.67
N ALA A 201 14.98 27.11 -3.47
CA ALA A 201 13.61 26.63 -3.52
C ALA A 201 13.21 26.32 -4.97
N LEU A 202 12.54 25.20 -5.15
CA LEU A 202 11.96 24.81 -6.43
C LEU A 202 10.45 24.74 -6.27
N TYR A 203 9.72 25.35 -7.20
CA TYR A 203 8.26 25.34 -7.20
C TYR A 203 7.80 24.81 -8.55
N ASN A 204 7.30 23.58 -8.54
CA ASN A 204 6.94 22.87 -9.77
C ASN A 204 5.46 23.07 -10.08
N VAL A 205 4.98 22.34 -11.09
CA VAL A 205 3.55 22.26 -11.35
C VAL A 205 2.83 21.58 -10.20
N GLU A 206 3.52 20.69 -9.49
CA GLU A 206 2.91 19.93 -8.41
C GLU A 206 2.89 20.72 -7.10
N ARG A 207 2.44 21.98 -7.15
CA ARG A 207 2.28 22.79 -5.96
C ARG A 207 0.82 23.20 -5.76
N SER A 208 -0.09 22.53 -6.44
CA SER A 208 -1.53 22.82 -6.38
C SER A 208 -2.27 21.85 -5.45
N GLN A 209 -1.64 21.45 -4.35
CA GLN A 209 -2.29 20.55 -3.41
C GLN A 209 -3.50 21.25 -2.81
N PRO A 210 -4.58 20.51 -2.53
CA PRO A 210 -5.82 21.13 -2.05
C PRO A 210 -5.83 21.52 -0.58
N PHE A 211 -4.69 21.37 0.12
CA PHE A 211 -4.53 21.77 1.52
C PHE A 211 -5.31 20.86 2.46
N ASN A 212 -4.73 20.57 3.63
CA ASN A 212 -5.37 19.71 4.62
C ASN A 212 -5.62 20.51 5.88
N ARG A 213 -6.86 20.45 6.39
CA ARG A 213 -7.22 21.16 7.60
C ARG A 213 -6.52 20.59 8.83
N ASN A 214 -6.16 19.31 8.80
CA ASN A 214 -5.53 18.66 9.93
C ASN A 214 -4.01 18.77 9.82
N ILE A 215 -3.40 19.45 10.78
CA ILE A 215 -1.95 19.59 10.84
C ILE A 215 -1.46 18.98 12.15
N LYS A 216 -0.29 18.35 12.08
CA LYS A 216 0.28 17.71 13.26
C LYS A 216 0.66 18.75 14.31
N ASP A 217 0.55 18.35 15.57
CA ASP A 217 0.91 19.23 16.67
C ASP A 217 2.40 19.54 16.66
N ASN A 218 2.75 20.71 17.18
CA ASN A 218 4.12 21.22 17.12
C ASN A 218 5.00 20.40 18.06
N THR A 219 5.71 19.42 17.50
CA THR A 219 6.69 18.67 18.29
C THR A 219 7.97 19.46 18.49
N GLY A 220 8.36 20.27 17.51
CA GLY A 220 9.55 21.09 17.64
C GLY A 220 10.45 21.09 16.42
N ARG A 221 10.12 20.26 15.44
CA ARG A 221 10.95 20.13 14.23
C ARG A 221 10.78 21.30 13.28
N ARG A 222 9.69 22.06 13.38
CA ARG A 222 9.43 23.16 12.46
C ARG A 222 10.10 24.46 12.90
N GLU A 223 10.75 24.48 14.05
CA GLU A 223 11.44 25.66 14.54
C GLU A 223 12.96 25.57 14.44
N GLU A 224 13.48 24.41 14.06
CA GLU A 224 14.92 24.28 13.85
C GLU A 224 15.34 25.15 12.67
N ARG A 225 16.50 25.80 12.79
CA ARG A 225 16.96 26.67 11.73
C ARG A 225 17.19 25.90 10.44
N PHE A 226 17.69 24.67 10.55
CA PHE A 226 17.89 23.82 9.38
C PHE A 226 16.65 22.99 9.07
N ASP A 227 15.50 23.68 8.98
CA ASP A 227 14.27 23.10 8.49
C ASP A 227 13.79 23.75 7.20
N ALA A 228 14.34 24.92 6.83
CA ALA A 228 14.05 25.53 5.56
C ALA A 228 14.68 24.77 4.39
N TYR A 229 15.56 23.81 4.66
CA TYR A 229 16.15 22.96 3.64
C TYR A 229 15.42 21.63 3.49
N SER A 230 14.31 21.45 4.20
CA SER A 230 13.56 20.20 4.15
C SER A 230 12.54 20.26 3.01
N GLN A 231 12.72 19.39 2.02
CA GLN A 231 11.83 19.31 0.85
C GLN A 231 11.75 20.65 0.12
N THR A 232 12.82 21.42 0.15
CA THR A 232 12.81 22.73 -0.50
C THR A 232 12.91 22.58 -2.02
N LEU A 233 13.79 21.71 -2.49
CA LEU A 233 13.92 21.44 -3.93
C LEU A 233 13.15 20.18 -4.31
N GLY A 234 11.86 20.19 -4.03
CA GLY A 234 11.02 19.03 -4.27
C GLY A 234 9.69 19.32 -4.92
N GLY A 235 9.57 20.49 -5.56
CA GLY A 235 8.32 20.84 -6.20
C GLY A 235 7.42 21.65 -5.30
N ALA A 236 6.47 20.98 -4.64
CA ALA A 236 5.57 21.66 -3.73
C ALA A 236 6.33 22.19 -2.51
N GLY A 237 6.04 23.42 -2.13
CA GLY A 237 6.51 23.92 -0.85
C GLY A 237 5.72 23.32 0.31
N ARG A 238 6.34 23.27 1.47
CA ARG A 238 5.70 22.70 2.65
C ARG A 238 4.83 23.77 3.30
N PHE A 239 3.60 23.89 2.81
CA PHE A 239 2.67 24.87 3.36
C PHE A 239 2.11 24.42 4.72
N ASP A 240 1.95 23.13 4.93
CA ASP A 240 1.56 22.63 6.25
C ASP A 240 2.63 22.96 7.29
N HIS A 241 3.90 22.82 6.91
CA HIS A 241 4.99 23.23 7.79
C HIS A 241 4.90 24.72 8.10
N PHE A 242 4.57 25.53 7.09
CA PHE A 242 4.41 26.96 7.32
C PHE A 242 3.26 27.24 8.28
N VAL A 243 2.15 26.52 8.15
CA VAL A 243 1.01 26.74 9.03
C VAL A 243 1.37 26.37 10.46
N GLU A 244 2.06 25.25 10.65
CA GLU A 244 2.51 24.86 11.99
C GLU A 244 3.47 25.90 12.57
N TRP A 245 4.41 26.39 11.76
CA TRP A 245 5.37 27.39 12.23
C TRP A 245 4.68 28.70 12.58
N TYR A 246 3.69 29.11 11.77
CA TYR A 246 2.94 30.33 12.03
C TYR A 246 2.12 30.22 13.32
N ILE A 247 1.51 29.06 13.55
CA ILE A 247 0.75 28.86 14.78
C ILE A 247 1.69 28.84 15.99
N TYR A 248 2.88 28.25 15.83
CA TYR A 248 3.89 28.32 16.87
C TYR A 248 4.26 29.76 17.18
N LEU A 249 4.46 30.58 16.14
CA LEU A 249 4.80 31.98 16.35
C LEU A 249 3.68 32.71 17.07
N HIS A 250 2.43 32.45 16.69
CA HIS A 250 1.31 33.10 17.35
C HIS A 250 1.23 32.71 18.82
N LYS A 251 1.40 31.42 19.12
CA LYS A 251 1.33 30.95 20.51
C LYS A 251 2.44 31.57 21.34
N ARG A 252 3.67 31.59 20.81
CA ARG A 252 4.79 32.14 21.57
C ARG A 252 4.78 33.66 21.63
N THR A 253 4.06 34.32 20.73
CA THR A 253 3.85 35.76 20.85
C THR A 253 2.81 36.09 21.90
N VAL A 254 1.73 35.31 21.96
CA VAL A 254 0.68 35.57 22.95
C VAL A 254 1.01 35.00 24.32
N SER A 255 2.04 34.16 24.42
CA SER A 255 2.47 33.62 25.70
C SER A 255 3.77 34.24 26.18
N ASP A 256 4.79 34.30 25.32
CA ASP A 256 6.09 34.90 25.62
C ASP A 256 6.84 34.12 26.72
N ILE A 257 8.11 34.43 26.92
CA ILE A 257 8.92 33.74 27.93
C ILE A 257 9.00 34.53 29.23
N SER A 258 8.84 35.85 29.17
CA SER A 258 8.89 36.65 30.40
C SER A 258 7.71 36.39 31.31
N SER A 259 6.63 35.82 30.79
CA SER A 259 5.46 35.46 31.59
C SER A 259 5.47 34.00 32.02
N SER A 260 6.56 33.29 31.78
CA SER A 260 6.69 31.90 32.20
C SER A 260 7.94 31.63 33.03
N ILE A 261 9.06 32.29 32.69
CA ILE A 261 10.29 32.07 33.45
C ILE A 261 10.16 32.65 34.86
N LYS A 262 9.50 33.81 34.98
CA LYS A 262 9.29 34.40 36.30
C LYS A 262 8.38 33.55 37.16
N GLU A 263 7.36 32.95 36.54
CA GLU A 263 6.47 32.05 37.28
C GLU A 263 7.22 30.81 37.74
N LEU A 264 8.11 30.28 36.90
CA LEU A 264 8.93 29.14 37.31
C LEU A 264 9.83 29.52 38.47
N GLU A 265 10.45 30.70 38.42
CA GLU A 265 11.29 31.15 39.53
C GLU A 265 10.47 31.32 40.81
N GLN A 266 9.26 31.86 40.69
CA GLN A 266 8.40 32.02 41.86
C GLN A 266 8.02 30.67 42.46
N GLN A 267 7.68 29.70 41.60
CA GLN A 267 7.34 28.37 42.09
C GLN A 267 8.53 27.72 42.78
N VAL A 268 9.73 27.86 42.20
CA VAL A 268 10.92 27.31 42.83
C VAL A 268 11.18 27.96 44.17
N ASN A 269 11.03 29.28 44.26
CA ASN A 269 11.24 29.99 45.52
C ASN A 269 10.25 29.52 46.59
N ASP A 270 8.98 29.37 46.20
CA ASP A 270 7.97 28.92 47.14
C ASP A 270 8.25 27.49 47.61
N LEU A 271 8.56 26.58 46.68
CA LEU A 271 8.74 25.18 47.04
C LEU A 271 10.01 24.97 47.86
N GLN A 272 11.11 25.65 47.51
CA GLN A 272 12.35 25.48 48.26
C GLN A 272 12.19 25.95 49.69
N ARG A 273 11.50 27.07 49.90
CA ARG A 273 11.20 27.49 51.27
C ARG A 273 10.26 26.51 51.96
N THR A 274 9.31 25.92 51.21
CA THR A 274 8.39 24.94 51.79
C THR A 274 9.12 23.67 52.22
N VAL A 275 10.13 23.25 51.47
CA VAL A 275 10.86 22.02 51.76
C VAL A 275 12.08 22.32 52.61
N ASP A 276 12.19 23.56 53.08
CA ASP A 276 13.36 23.95 53.87
C ASP A 276 13.45 23.15 55.16
N GLY A 277 12.33 23.00 55.87
CA GLY A 277 12.36 22.24 57.11
C GLY A 277 12.65 20.77 56.90
N GLY A 278 12.07 20.16 55.88
CA GLY A 278 12.29 18.74 55.63
C GLY A 278 11.16 18.20 54.76
N MET A 279 10.93 16.89 54.90
CA MET A 279 9.91 16.18 54.13
C MET A 279 9.95 16.54 52.64
N VAL A 280 11.06 16.18 52.03
CA VAL A 280 11.32 16.58 50.64
C VAL A 280 10.51 15.73 49.66
N SER A 281 9.59 14.93 50.19
CA SER A 281 8.71 14.15 49.32
C SER A 281 7.83 15.02 48.44
N VAL A 282 7.53 16.26 48.87
CA VAL A 282 6.76 17.18 48.05
C VAL A 282 7.61 17.84 46.97
N LYS A 283 8.89 17.48 46.87
CA LYS A 283 9.77 17.99 45.83
C LYS A 283 10.47 16.90 45.05
N SER A 284 10.58 15.68 45.57
CA SER A 284 11.27 14.62 44.86
C SER A 284 10.58 14.29 43.54
N LEU A 285 9.26 14.17 43.56
CA LEU A 285 8.50 13.97 42.33
C LEU A 285 8.03 15.28 41.70
N LEU A 286 8.25 16.41 42.37
CA LEU A 286 8.10 17.72 41.77
C LEU A 286 9.42 18.27 41.24
N GLU A 287 10.51 17.51 41.36
CA GLU A 287 11.79 17.94 40.81
C GLU A 287 11.77 17.95 39.28
N GLN A 288 10.79 17.28 38.68
CA GLN A 288 10.70 17.27 37.22
C GLN A 288 10.52 18.67 36.66
N MET A 289 9.62 19.46 37.25
CA MET A 289 9.42 20.82 36.77
C MET A 289 10.62 21.72 37.09
N LYS A 290 11.30 21.47 38.21
CA LYS A 290 12.49 22.25 38.52
C LYS A 290 13.60 21.99 37.51
N PHE A 291 13.74 20.74 37.06
CA PHE A 291 14.70 20.45 36.00
C PHE A 291 14.22 20.97 34.65
N LYS A 292 12.91 20.93 34.39
CA LYS A 292 12.38 21.53 33.17
C LYS A 292 12.61 23.03 33.15
N LEU A 293 12.75 23.66 34.32
CA LEU A 293 13.14 25.07 34.37
C LEU A 293 14.50 25.28 33.71
N SER A 294 15.48 24.46 34.09
CA SER A 294 16.79 24.54 33.46
C SER A 294 16.74 24.14 32.00
N GLU A 295 15.87 23.18 31.66
CA GLU A 295 15.69 22.80 30.26
C GLU A 295 15.17 23.99 29.44
N ALA A 296 14.22 24.75 30.00
CA ALA A 296 13.71 25.93 29.33
C ALA A 296 14.76 27.04 29.30
N ILE A 297 15.66 27.07 30.27
CA ILE A 297 16.81 27.97 30.18
C ILE A 297 17.64 27.63 28.95
N GLU A 298 17.86 26.34 28.70
CA GLU A 298 18.44 25.91 27.44
C GLU A 298 17.41 26.07 26.33
N ARG A 299 17.90 26.10 25.09
CA ARG A 299 17.09 26.30 23.90
C ARG A 299 16.52 27.73 23.88
N ASN A 300 16.76 28.50 24.92
CA ASN A 300 16.41 29.91 24.99
C ASN A 300 17.61 30.82 24.82
N ASP A 301 18.77 30.40 25.31
CA ASP A 301 20.01 31.13 25.02
C ASP A 301 20.34 31.05 23.53
N ALA A 302 20.00 29.94 22.88
CA ALA A 302 20.18 29.84 21.44
C ALA A 302 19.36 30.88 20.69
N ALA A 303 18.26 31.33 21.28
CA ALA A 303 17.49 32.42 20.72
C ALA A 303 18.10 33.79 21.00
N VAL A 304 19.15 33.84 21.82
CA VAL A 304 19.82 35.09 22.14
C VAL A 304 21.26 35.05 21.62
N SER A 305 21.83 33.85 21.54
CA SER A 305 23.21 33.67 21.09
C SER A 305 23.32 33.62 19.57
N SER A 306 22.28 33.15 18.89
CA SER A 306 22.30 33.08 17.43
C SER A 306 21.76 34.34 16.77
N ARG A 307 21.40 35.35 17.56
CA ARG A 307 20.89 36.63 17.06
C ARG A 307 19.63 36.44 16.21
N VAL A 308 18.82 35.43 16.54
CA VAL A 308 17.58 35.21 15.81
C VAL A 308 16.61 36.35 16.13
N LEU A 309 15.73 36.64 15.18
CA LEU A 309 14.76 37.70 15.37
C LEU A 309 13.69 37.29 16.38
N THR A 310 13.06 38.29 16.99
CA THR A 310 11.95 38.04 17.90
C THR A 310 10.80 37.37 17.16
N GLU A 311 10.10 36.48 17.84
CA GLU A 311 9.01 35.73 17.21
C GLU A 311 7.93 36.67 16.71
N SER A 312 7.63 37.73 17.46
CA SER A 312 6.68 38.73 16.98
C SER A 312 7.21 39.43 15.74
N VAL A 313 8.50 39.74 15.71
CA VAL A 313 9.10 40.38 14.55
C VAL A 313 9.03 39.46 13.34
N GLN A 314 9.34 38.17 13.52
CA GLN A 314 9.23 37.22 12.43
C GLN A 314 7.80 37.12 11.92
N LYS A 315 6.84 37.09 12.85
CA LYS A 315 5.43 37.05 12.45
C LYS A 315 5.05 38.28 11.64
N SER A 316 5.49 39.46 12.08
CA SER A 316 5.17 40.69 11.36
C SER A 316 5.80 40.70 9.98
N ILE A 317 7.05 40.26 9.87
CA ILE A 317 7.72 40.23 8.57
C ILE A 317 7.01 39.29 7.61
N VAL A 318 6.67 38.09 8.09
CA VAL A 318 5.98 37.13 7.23
C VAL A 318 4.61 37.66 6.83
N GLU A 319 3.88 38.28 7.76
CA GLU A 319 2.56 38.81 7.45
C GLU A 319 2.64 39.91 6.40
N LYS A 320 3.59 40.84 6.57
CA LYS A 320 3.70 41.94 5.60
C LYS A 320 4.23 41.45 4.26
N ALA A 321 5.01 40.36 4.25
CA ALA A 321 5.41 39.76 2.98
C ALA A 321 4.21 39.13 2.28
N ILE A 322 3.35 38.45 3.04
CA ILE A 322 2.20 37.78 2.45
C ILE A 322 1.20 38.79 1.91
N CYS A 323 0.87 39.81 2.71
CA CYS A 323 -0.18 40.74 2.31
C CYS A 323 0.25 41.64 1.16
N SER A 324 1.53 42.03 1.10
CA SER A 324 1.99 42.95 0.08
C SER A 324 2.22 42.30 -1.27
N VAL A 325 2.22 40.96 -1.33
CA VAL A 325 2.45 40.25 -2.58
C VAL A 325 1.16 39.67 -3.15
N VAL A 326 0.39 38.97 -2.32
CA VAL A 326 -0.89 38.42 -2.75
C VAL A 326 -1.91 39.56 -2.79
N PRO A 327 -2.55 39.80 -3.94
CA PRO A 327 -3.45 40.97 -4.03
C PRO A 327 -4.70 40.85 -3.18
N SER A 328 -5.31 39.68 -3.11
CA SER A 328 -6.59 39.54 -2.41
C SER A 328 -6.42 39.55 -0.90
N ILE A 329 -5.26 39.12 -0.39
CA ILE A 329 -5.07 39.00 1.05
C ILE A 329 -4.77 40.38 1.63
N SER A 330 -5.50 40.76 2.68
CA SER A 330 -5.29 42.01 3.39
C SER A 330 -4.53 41.81 4.70
N ASN A 331 -4.92 40.81 5.49
CA ASN A 331 -4.19 40.46 6.70
C ASN A 331 -4.45 39.00 7.04
N ILE A 332 -3.55 38.43 7.84
CA ILE A 332 -3.57 37.02 8.19
C ILE A 332 -3.26 36.88 9.67
N TRP A 333 -4.00 36.01 10.36
CA TRP A 333 -3.85 35.86 11.80
C TRP A 333 -4.37 34.48 12.20
N VAL A 334 -4.26 34.17 13.49
CA VAL A 334 -4.64 32.87 14.05
C VAL A 334 -5.68 33.09 15.14
N GLU A 335 -6.73 32.26 15.12
CA GLU A 335 -7.77 32.32 16.14
C GLU A 335 -7.94 30.96 16.81
N MET A 336 -8.38 31.00 18.06
CA MET A 336 -8.67 29.79 18.85
C MET A 336 -10.17 29.52 18.76
N ILE A 337 -10.57 28.93 17.64
CA ILE A 337 -11.97 28.58 17.41
C ILE A 337 -12.18 27.14 17.84
N THR A 338 -13.09 26.95 18.81
CA THR A 338 -13.37 25.63 19.38
C THR A 338 -12.11 24.95 19.89
N GLY A 339 -11.26 25.72 20.53
CA GLY A 339 -10.01 25.20 21.10
C GLY A 339 -8.81 25.16 20.17
N SER A 340 -8.98 24.57 18.99
CA SER A 340 -7.86 24.45 18.06
C SER A 340 -7.55 25.79 17.41
N ASP A 341 -6.26 26.04 17.18
CA ASP A 341 -5.81 27.26 16.53
C ASP A 341 -5.76 27.05 15.02
N LEU A 342 -6.45 27.92 14.28
CA LEU A 342 -6.52 27.84 12.83
C LEU A 342 -6.25 29.21 12.22
N VAL A 343 -5.66 29.21 11.04
CA VAL A 343 -5.21 30.43 10.38
C VAL A 343 -6.34 30.97 9.51
N LYS A 344 -6.60 32.26 9.63
CA LYS A 344 -7.62 32.94 8.84
C LYS A 344 -6.99 34.10 8.07
N VAL A 345 -7.53 34.37 6.89
CA VAL A 345 -7.04 35.46 6.04
C VAL A 345 -8.18 36.42 5.74
N THR A 346 -7.89 37.48 4.99
CA THR A 346 -8.90 38.46 4.59
C THR A 346 -8.86 38.62 3.07
N ASN A 347 -9.87 38.05 2.41
CA ASN A 347 -9.99 38.11 0.95
C ASN A 347 -11.10 39.07 0.56
N ASP A 348 -10.73 40.17 -0.08
CA ASP A 348 -11.68 41.16 -0.59
C ASP A 348 -12.61 41.65 0.52
N GLY A 349 -12.04 41.88 1.70
CA GLY A 349 -12.80 42.38 2.83
C GLY A 349 -13.55 41.32 3.62
N HIS A 350 -13.46 40.06 3.24
CA HIS A 350 -14.12 38.98 3.96
C HIS A 350 -13.08 38.12 4.66
N ASP A 351 -13.53 37.38 5.68
CA ASP A 351 -12.62 36.75 6.63
C ASP A 351 -12.67 35.22 6.54
N VAL A 352 -12.61 34.69 5.31
CA VAL A 352 -12.60 33.25 5.10
C VAL A 352 -11.32 32.64 5.66
N THR A 353 -11.31 31.32 5.82
CA THR A 353 -10.13 30.61 6.27
C THR A 353 -9.28 30.19 5.07
N ILE A 354 -8.20 29.45 5.33
CA ILE A 354 -7.33 29.01 4.25
C ILE A 354 -8.02 27.96 3.39
N ASP A 355 -8.76 27.05 4.01
CA ASP A 355 -9.43 25.98 3.26
C ASP A 355 -10.52 26.53 2.34
N GLN A 356 -11.06 27.71 2.63
CA GLN A 356 -12.05 28.35 1.78
C GLN A 356 -11.44 29.17 0.66
N LEU A 357 -10.11 29.29 0.64
CA LEU A 357 -9.44 30.05 -0.41
C LEU A 357 -9.54 29.34 -1.75
N SER A 358 -9.63 30.13 -2.81
CA SER A 358 -9.63 29.56 -4.15
C SER A 358 -8.25 29.03 -4.50
N ASP A 359 -8.20 28.16 -5.51
CA ASP A 359 -6.95 27.52 -5.90
C ASP A 359 -5.94 28.55 -6.42
N GLY A 360 -6.41 29.59 -7.10
CA GLY A 360 -5.49 30.61 -7.60
C GLY A 360 -4.82 31.40 -6.49
N GLN A 361 -5.59 31.80 -5.47
CA GLN A 361 -5.03 32.54 -4.36
C GLN A 361 -4.25 31.64 -3.41
N ARG A 362 -4.73 30.41 -3.20
CA ARG A 362 -4.10 29.53 -2.21
C ARG A 362 -2.71 29.09 -2.65
N VAL A 363 -2.53 28.81 -3.95
CA VAL A 363 -1.23 28.34 -4.43
C VAL A 363 -0.19 29.45 -4.33
N PHE A 364 -0.56 30.66 -4.77
CA PHE A 364 0.35 31.79 -4.68
C PHE A 364 0.66 32.13 -3.23
N LEU A 365 -0.37 32.06 -2.37
CA LEU A 365 -0.16 32.28 -0.94
C LEU A 365 0.82 31.26 -0.36
N SER A 366 0.66 29.99 -0.72
CA SER A 366 1.56 28.96 -0.22
C SER A 366 2.98 29.20 -0.69
N LEU A 367 3.15 29.57 -1.97
CA LEU A 367 4.49 29.85 -2.48
C LEU A 367 5.15 30.99 -1.72
N VAL A 368 4.46 32.12 -1.61
CA VAL A 368 5.07 33.28 -0.96
C VAL A 368 5.29 33.02 0.52
N ALA A 369 4.37 32.31 1.17
CA ALA A 369 4.51 32.02 2.59
C ALA A 369 5.69 31.10 2.86
N ASP A 370 5.84 30.03 2.05
CA ASP A 370 6.97 29.13 2.23
C ASP A 370 8.29 29.85 1.98
N LEU A 371 8.35 30.67 0.93
CA LEU A 371 9.57 31.40 0.65
C LEU A 371 9.91 32.37 1.77
N ALA A 372 8.90 33.10 2.28
CA ALA A 372 9.15 34.04 3.36
C ALA A 372 9.59 33.33 4.64
N ARG A 373 8.96 32.19 4.95
CA ARG A 373 9.37 31.43 6.13
C ARG A 373 10.81 30.96 6.00
N ARG A 374 11.16 30.41 4.83
CA ARG A 374 12.53 29.93 4.64
C ARG A 374 13.56 31.06 4.72
N MET A 375 13.25 32.21 4.12
CA MET A 375 14.16 33.37 4.21
C MET A 375 14.29 33.88 5.63
N VAL A 376 13.19 33.95 6.39
CA VAL A 376 13.26 34.43 7.76
C VAL A 376 14.07 33.47 8.61
N MET A 377 13.87 32.16 8.42
CA MET A 377 14.58 31.18 9.23
C MET A 377 16.05 31.10 8.86
N LEU A 378 16.40 31.30 7.59
CA LEU A 378 17.78 31.18 7.15
C LEU A 378 18.57 32.48 7.23
N ASN A 379 17.92 33.62 7.50
CA ASN A 379 18.58 34.92 7.55
C ASN A 379 18.24 35.62 8.85
N PRO A 380 18.84 35.18 9.97
CA PRO A 380 18.53 35.80 11.26
C PRO A 380 19.32 37.06 11.56
N LEU A 381 20.33 37.40 10.76
CA LEU A 381 21.21 38.52 11.04
C LEU A 381 20.88 39.76 10.22
N LEU A 382 19.77 39.76 9.49
CA LEU A 382 19.37 40.91 8.69
C LEU A 382 18.18 41.62 9.33
N GLU A 383 18.14 42.94 9.15
CA GLU A 383 16.96 43.69 9.56
C GLU A 383 15.73 43.26 8.78
N ASN A 384 15.89 43.04 7.47
CA ASN A 384 14.86 42.45 6.63
C ASN A 384 15.38 41.13 6.08
N PRO A 385 14.98 39.99 6.64
CA PRO A 385 15.51 38.71 6.15
C PRO A 385 15.15 38.41 4.71
N LEU A 386 14.12 39.07 4.15
CA LEU A 386 13.73 38.81 2.77
C LEU A 386 14.76 39.30 1.78
N GLU A 387 15.67 40.19 2.19
CA GLU A 387 16.74 40.68 1.31
C GLU A 387 17.99 39.83 1.43
N GLY A 388 17.83 38.50 1.28
CA GLY A 388 18.92 37.58 1.41
C GLY A 388 19.22 36.87 0.09
N ARG A 389 20.38 36.21 0.07
CA ARG A 389 20.83 35.50 -1.11
C ARG A 389 19.99 34.24 -1.32
N GLY A 390 19.95 33.77 -2.56
CA GLY A 390 19.28 32.54 -2.87
C GLY A 390 18.94 32.44 -4.34
N ILE A 391 18.55 31.22 -4.73
CA ILE A 391 18.11 30.93 -6.09
C ILE A 391 16.78 30.19 -5.99
N VAL A 392 15.74 30.75 -6.59
CA VAL A 392 14.39 30.19 -6.53
C VAL A 392 13.94 29.88 -7.96
N LEU A 393 13.49 28.64 -8.17
CA LEU A 393 13.01 28.18 -9.47
C LEU A 393 11.50 28.02 -9.39
N ILE A 394 10.79 28.69 -10.29
CA ILE A 394 9.33 28.61 -10.36
C ILE A 394 8.94 28.17 -11.76
N ASP A 395 8.11 27.14 -11.85
CA ASP A 395 7.60 26.65 -13.12
C ASP A 395 6.16 27.12 -13.28
N GLU A 396 5.87 27.78 -14.40
CA GLU A 396 4.54 28.32 -14.70
C GLU A 396 4.11 29.30 -13.60
N ILE A 397 4.84 30.42 -13.56
CA ILE A 397 4.60 31.45 -12.55
C ILE A 397 3.17 31.97 -12.60
N GLU A 398 2.54 31.96 -13.77
CA GLU A 398 1.19 32.46 -13.94
C GLU A 398 0.12 31.42 -13.67
N LEU A 399 0.49 30.29 -13.07
CA LEU A 399 -0.45 29.21 -12.83
C LEU A 399 -1.62 29.66 -11.97
N HIS A 400 -2.83 29.34 -12.42
CA HIS A 400 -4.07 29.63 -11.70
C HIS A 400 -4.29 31.12 -11.47
N LEU A 401 -3.62 31.97 -12.24
CA LEU A 401 -3.67 33.42 -12.03
C LEU A 401 -4.49 34.08 -13.12
N HIS A 402 -5.38 34.98 -12.72
CA HIS A 402 -6.14 35.79 -13.66
C HIS A 402 -5.19 36.74 -14.39
N PRO A 403 -5.52 37.12 -15.62
CA PRO A 403 -4.68 38.08 -16.35
C PRO A 403 -4.44 39.39 -15.60
N LYS A 404 -5.39 39.83 -14.77
CA LYS A 404 -5.17 41.02 -13.97
C LYS A 404 -4.04 40.81 -12.97
N TRP A 405 -3.96 39.62 -12.39
CA TRP A 405 -2.89 39.32 -11.43
C TRP A 405 -1.54 39.09 -12.11
N GLN A 406 -1.54 38.64 -13.36
CA GLN A 406 -0.28 38.41 -14.07
C GLN A 406 0.47 39.70 -14.35
N GLN A 407 -0.22 40.83 -14.40
CA GLN A 407 0.43 42.11 -14.63
C GLN A 407 1.25 42.59 -13.44
N GLU A 408 1.11 41.95 -12.28
CA GLU A 408 1.77 42.42 -11.07
C GLU A 408 2.37 41.28 -10.26
N VAL A 409 2.62 40.12 -10.89
CA VAL A 409 3.15 38.99 -10.16
C VAL A 409 4.67 39.01 -10.16
N ILE A 410 5.27 39.61 -11.18
CA ILE A 410 6.73 39.70 -11.25
C ILE A 410 7.23 40.88 -10.43
N LEU A 411 6.57 42.03 -10.53
CA LEU A 411 7.01 43.21 -9.80
C LEU A 411 6.90 43.00 -8.30
N ASN A 412 5.81 42.37 -7.84
CA ASN A 412 5.65 42.11 -6.42
C ASN A 412 6.72 41.16 -5.90
N LEU A 413 7.02 40.10 -6.65
CA LEU A 413 8.03 39.15 -6.22
C LEU A 413 9.41 39.80 -6.19
N ARG A 414 9.73 40.63 -7.19
CA ARG A 414 11.01 41.31 -7.21
C ARG A 414 11.13 42.31 -6.06
N SER A 415 10.05 43.03 -5.74
CA SER A 415 10.10 43.99 -4.65
C SER A 415 10.22 43.29 -3.30
N ALA A 416 9.53 42.16 -3.12
CA ALA A 416 9.56 41.47 -1.83
C ALA A 416 10.88 40.76 -1.61
N PHE A 417 11.47 40.21 -2.66
CA PHE A 417 12.72 39.44 -2.57
C PHE A 417 13.73 40.03 -3.55
N PRO A 418 14.43 41.08 -3.15
CA PRO A 418 15.30 41.77 -4.11
C PRO A 418 16.57 41.01 -4.47
N ASN A 419 17.12 40.22 -3.57
CA ASN A 419 18.43 39.61 -3.76
C ASN A 419 18.36 38.15 -4.20
N ILE A 420 17.19 37.65 -4.55
CA ILE A 420 17.05 36.28 -5.03
C ILE A 420 17.11 36.27 -6.55
N GLN A 421 17.90 35.34 -7.10
CA GLN A 421 17.93 35.11 -8.53
C GLN A 421 16.75 34.24 -8.91
N PHE A 422 15.77 34.81 -9.61
CA PHE A 422 14.57 34.10 -10.02
C PHE A 422 14.76 33.54 -11.42
N ILE A 423 14.61 32.22 -11.55
CA ILE A 423 14.61 31.55 -12.84
C ILE A 423 13.22 30.93 -13.02
N ILE A 424 12.45 31.47 -13.95
CA ILE A 424 11.04 31.12 -14.09
C ILE A 424 10.75 30.74 -15.53
N THR A 425 9.63 30.03 -15.72
CA THR A 425 9.09 29.72 -17.02
C THR A 425 7.64 30.19 -17.06
N THR A 426 7.20 30.66 -18.22
CA THR A 426 5.86 31.21 -18.36
C THR A 426 5.28 30.87 -19.73
N HIS A 427 3.95 30.89 -19.79
CA HIS A 427 3.22 30.71 -21.04
C HIS A 427 2.39 31.93 -21.41
N SER A 428 2.47 33.02 -20.64
CA SER A 428 1.59 34.14 -20.88
C SER A 428 2.36 35.36 -21.34
N PRO A 429 1.86 36.10 -22.33
CA PRO A 429 2.53 37.33 -22.75
C PRO A 429 2.24 38.50 -21.84
N ILE A 430 1.20 38.43 -21.01
CA ILE A 430 0.92 39.50 -20.06
C ILE A 430 2.05 39.59 -19.02
N VAL A 431 2.56 38.44 -18.58
CA VAL A 431 3.72 38.45 -17.69
C VAL A 431 4.94 38.99 -18.42
N LEU A 432 5.11 38.60 -19.70
CA LEU A 432 6.26 39.05 -20.47
C LEU A 432 6.23 40.56 -20.71
N SER A 433 5.04 41.16 -20.69
CA SER A 433 4.94 42.61 -20.87
C SER A 433 5.56 43.38 -19.71
N THR A 434 5.79 42.73 -18.57
CA THR A 434 6.39 43.35 -17.40
C THR A 434 7.85 42.94 -17.21
N ILE A 435 8.46 42.31 -18.21
CA ILE A 435 9.80 41.75 -18.10
C ILE A 435 10.67 42.32 -19.20
N GLU A 436 11.91 42.68 -18.85
CA GLU A 436 12.86 43.17 -19.83
C GLU A 436 13.15 42.10 -20.88
N LYS A 437 13.45 42.56 -22.10
CA LYS A 437 13.77 41.65 -23.18
C LYS A 437 15.04 40.87 -22.90
N ARG A 438 16.01 41.48 -22.20
CA ARG A 438 17.27 40.81 -21.88
C ARG A 438 17.08 39.63 -20.94
N CYS A 439 15.97 39.58 -20.20
CA CYS A 439 15.75 38.56 -19.20
C CYS A 439 15.02 37.33 -19.74
N ILE A 440 14.76 37.28 -21.03
CA ILE A 440 13.93 36.24 -21.63
C ILE A 440 14.79 35.34 -22.51
N ARG A 441 14.67 34.03 -22.31
CA ARG A 441 15.25 33.02 -23.18
C ARG A 441 14.12 32.27 -23.87
N GLU A 442 14.21 32.13 -25.19
CA GLU A 442 13.12 31.59 -25.98
C GLU A 442 13.56 30.36 -26.76
N PHE A 443 12.62 29.43 -26.92
CA PHE A 443 12.79 28.26 -27.77
C PHE A 443 12.13 28.54 -29.11
N GLU A 444 12.85 28.30 -30.20
CA GLU A 444 12.30 28.52 -31.53
C GLU A 444 11.21 27.51 -31.83
N PRO A 445 10.18 27.90 -32.58
CA PRO A 445 9.12 26.94 -32.94
C PRO A 445 9.64 25.74 -33.72
N ASN A 446 10.65 25.92 -34.55
CA ASN A 446 11.28 24.82 -35.29
C ASN A 446 12.57 24.45 -34.55
N ASP A 447 12.42 23.63 -33.51
CA ASP A 447 13.55 23.26 -32.66
C ASP A 447 13.30 21.85 -32.14
N ASP A 448 14.15 20.91 -32.55
CA ASP A 448 14.09 19.54 -32.08
C ASP A 448 15.19 19.23 -31.07
N GLY A 449 15.89 20.24 -30.57
CA GLY A 449 16.94 20.06 -29.60
C GLY A 449 18.35 20.11 -30.15
N ASP A 450 18.51 20.34 -31.45
CA ASP A 450 19.84 20.42 -32.05
C ASP A 450 20.51 21.78 -31.86
N GLN A 451 19.77 22.78 -31.38
CA GLN A 451 20.35 24.10 -31.16
C GLN A 451 21.31 24.06 -29.97
N SER A 452 22.12 25.12 -29.86
CA SER A 452 23.17 25.18 -28.86
C SER A 452 23.07 26.37 -27.91
N PHE A 453 22.22 27.35 -28.19
CA PHE A 453 22.12 28.54 -27.35
C PHE A 453 20.70 29.07 -27.37
N LEU A 454 20.28 29.64 -26.24
CA LEU A 454 18.97 30.25 -26.11
C LEU A 454 19.12 31.76 -26.26
N ASP A 455 18.50 32.31 -27.29
CA ASP A 455 18.60 33.74 -27.59
C ASP A 455 17.46 34.51 -26.94
N SER A 456 17.67 35.82 -26.79
CA SER A 456 16.61 36.70 -26.37
C SER A 456 15.77 37.11 -27.57
N PRO A 457 14.51 37.50 -27.35
CA PRO A 457 13.69 37.96 -28.47
C PRO A 457 14.22 39.27 -29.05
N ASP A 458 13.88 39.50 -30.32
CA ASP A 458 14.34 40.71 -30.98
C ASP A 458 13.55 41.94 -30.54
N MET A 459 12.29 41.78 -30.22
CA MET A 459 11.45 42.90 -29.80
C MET A 459 11.54 43.10 -28.29
N GLN A 460 11.46 44.36 -27.87
CA GLN A 460 11.45 44.69 -26.45
C GLN A 460 10.08 44.40 -25.88
N THR A 461 9.98 43.40 -25.00
CA THR A 461 8.70 42.99 -24.46
C THR A 461 8.18 43.93 -23.38
N LYS A 462 9.08 44.58 -22.64
CA LYS A 462 8.67 45.42 -21.52
C LYS A 462 7.90 46.63 -22.03
N GLY A 463 6.68 46.80 -21.52
CA GLY A 463 5.85 47.92 -21.91
C GLY A 463 5.19 47.80 -23.27
N SER A 464 5.19 46.61 -23.87
CA SER A 464 4.65 46.40 -25.19
C SER A 464 3.21 45.91 -25.12
N GLU A 465 2.54 45.96 -26.27
CA GLU A 465 1.16 45.48 -26.36
C GLU A 465 1.11 43.96 -26.25
N ASN A 466 -0.02 43.47 -25.74
CA ASN A 466 -0.21 42.02 -25.63
C ASN A 466 -0.23 41.36 -27.00
N ALA A 467 -0.88 42.00 -27.98
CA ALA A 467 -0.94 41.44 -29.32
C ALA A 467 0.45 41.37 -29.95
N GLN A 468 1.26 42.40 -29.75
CA GLN A 468 2.60 42.41 -30.33
C GLN A 468 3.46 41.29 -29.74
N ILE A 469 3.37 41.08 -28.43
CA ILE A 469 4.13 40.01 -27.80
C ILE A 469 3.61 38.65 -28.25
N LEU A 470 2.30 38.53 -28.44
CA LEU A 470 1.74 37.28 -28.94
C LEU A 470 2.24 36.99 -30.35
N GLU A 471 2.34 38.01 -31.20
CA GLU A 471 2.71 37.79 -32.60
C GLU A 471 4.21 37.59 -32.76
N GLN A 472 5.02 38.60 -32.39
CA GLN A 472 6.45 38.52 -32.65
C GLN A 472 7.13 37.49 -31.76
N VAL A 473 6.76 37.42 -30.49
CA VAL A 473 7.49 36.60 -29.52
C VAL A 473 6.96 35.17 -29.50
N MET A 474 5.66 34.99 -29.30
CA MET A 474 5.08 33.66 -29.19
C MET A 474 4.53 33.11 -30.51
N ASN A 475 4.62 33.88 -31.60
CA ASN A 475 4.22 33.41 -32.93
C ASN A 475 2.76 32.96 -32.94
N VAL A 476 1.90 33.72 -32.27
CA VAL A 476 0.47 33.42 -32.18
C VAL A 476 -0.29 34.55 -32.85
N HIS A 477 -1.18 34.21 -33.77
CA HIS A 477 -2.01 35.20 -34.44
C HIS A 477 -2.96 35.84 -33.44
N SER A 478 -3.27 37.12 -33.65
CA SER A 478 -4.20 37.83 -32.78
C SER A 478 -5.59 37.20 -32.83
N THR A 479 -6.04 36.83 -34.02
CA THR A 479 -7.32 36.18 -34.23
C THR A 479 -7.14 34.68 -34.42
N PRO A 480 -8.10 33.86 -33.99
CA PRO A 480 -7.96 32.41 -34.12
C PRO A 480 -8.02 31.97 -35.58
N PRO A 481 -7.02 31.23 -36.05
CA PRO A 481 -7.05 30.77 -37.44
C PRO A 481 -8.15 29.76 -37.73
N GLY A 482 -8.57 28.99 -36.73
CA GLY A 482 -9.58 27.97 -36.91
C GLY A 482 -11.00 28.47 -36.96
N ILE A 483 -11.22 29.77 -36.77
CA ILE A 483 -12.55 30.37 -36.83
C ILE A 483 -12.70 31.09 -38.15
N ALA A 484 -13.78 30.77 -38.88
CA ALA A 484 -13.99 31.37 -40.19
C ALA A 484 -14.23 32.88 -40.10
N GLU A 485 -14.93 33.33 -39.06
CA GLU A 485 -15.25 34.74 -38.90
C GLU A 485 -14.03 35.61 -38.65
N SER A 486 -12.88 35.01 -38.31
CA SER A 486 -11.68 35.79 -38.01
C SER A 486 -10.95 36.25 -39.27
N HIS A 487 -11.26 35.69 -40.43
CA HIS A 487 -10.62 36.07 -41.68
C HIS A 487 -11.45 37.05 -42.50
N TRP A 488 -12.57 37.53 -41.96
CA TRP A 488 -13.47 38.38 -42.75
C TRP A 488 -12.87 39.74 -43.03
N LEU A 489 -12.12 40.30 -42.06
CA LEU A 489 -11.53 41.62 -42.27
C LEU A 489 -10.48 41.59 -43.37
N GLY A 490 -9.60 40.59 -43.35
CA GLY A 490 -8.61 40.48 -44.40
C GLY A 490 -9.22 40.20 -45.77
N ASN A 491 -10.26 39.36 -45.80
CA ASN A 491 -10.95 39.10 -47.06
C ASN A 491 -11.60 40.37 -47.59
N PHE A 492 -12.20 41.17 -46.71
CA PHE A 492 -12.78 42.44 -47.13
C PHE A 492 -11.71 43.38 -47.66
N GLU A 493 -10.56 43.43 -46.98
CA GLU A 493 -9.47 44.29 -47.44
C GLU A 493 -9.00 43.88 -48.84
N LEU A 494 -8.82 42.58 -49.06
CA LEU A 494 -8.38 42.10 -50.37
C LEU A 494 -9.43 42.37 -51.44
N LEU A 495 -10.70 42.11 -51.13
CA LEU A 495 -11.76 42.29 -52.11
C LEU A 495 -12.04 43.76 -52.39
N LEU A 496 -11.65 44.66 -51.49
CA LEU A 496 -11.69 46.09 -51.76
C LEU A 496 -10.45 46.58 -52.50
N LEU A 497 -9.32 45.92 -52.28
CA LEU A 497 -8.09 46.32 -52.97
C LEU A 497 -8.12 45.92 -54.44
N ASP A 498 -8.56 44.69 -54.74
CA ASP A 498 -8.57 44.25 -56.14
C ASP A 498 -9.58 45.04 -56.97
N ASN A 499 -10.70 45.43 -56.37
CA ASN A 499 -11.71 46.20 -57.06
C ASN A 499 -11.25 47.66 -57.18
N SER A 500 -12.04 48.45 -57.89
CA SER A 500 -11.73 49.86 -58.08
C SER A 500 -11.86 50.66 -56.79
N GLY A 501 -12.47 50.09 -55.74
CA GLY A 501 -12.67 50.79 -54.47
C GLY A 501 -14.13 50.94 -54.10
N GLU A 502 -15.01 51.02 -55.10
CA GLU A 502 -16.43 51.11 -54.83
C GLU A 502 -16.95 49.83 -54.20
N LEU A 503 -17.90 49.96 -53.29
CA LEU A 503 -18.49 48.81 -52.63
C LEU A 503 -19.44 48.06 -53.55
N ASP A 504 -18.92 47.09 -54.28
CA ASP A 504 -19.74 46.25 -55.14
C ASP A 504 -20.53 45.26 -54.30
N ASN A 505 -21.31 44.41 -54.96
CA ASN A 505 -22.14 43.44 -54.26
C ASN A 505 -21.31 42.47 -53.45
N HIS A 506 -20.19 42.00 -54.01
CA HIS A 506 -19.33 41.06 -53.29
C HIS A 506 -18.77 41.67 -52.01
N SER A 507 -18.35 42.93 -52.06
CA SER A 507 -17.87 43.59 -50.85
C SER A 507 -19.04 43.97 -49.94
N GLN A 508 -20.18 44.34 -50.51
CA GLN A 508 -21.32 44.78 -49.71
C GLN A 508 -21.85 43.65 -48.85
N VAL A 509 -21.98 42.44 -49.41
CA VAL A 509 -22.51 41.33 -48.63
C VAL A 509 -21.56 40.97 -47.49
N LEU A 510 -20.25 40.98 -47.75
CA LEU A 510 -19.28 40.68 -46.70
C LEU A 510 -19.31 41.74 -45.61
N TYR A 511 -19.42 43.02 -46.00
CA TYR A 511 -19.54 44.09 -45.02
C TYR A 511 -20.81 43.91 -44.18
N ASP A 512 -21.91 43.54 -44.82
CA ASP A 512 -23.17 43.35 -44.10
C ASP A 512 -23.07 42.21 -43.10
N GLN A 513 -22.46 41.08 -43.48
CA GLN A 513 -22.35 39.99 -42.52
C GLN A 513 -21.34 40.30 -41.42
N ILE A 514 -20.31 41.08 -41.72
CA ILE A 514 -19.40 41.54 -40.68
C ILE A 514 -20.14 42.41 -39.68
N LYS A 515 -20.98 43.33 -40.17
CA LYS A 515 -21.79 44.16 -39.29
C LYS A 515 -22.75 43.33 -38.46
N ALA A 516 -23.39 42.32 -39.07
CA ALA A 516 -24.36 41.50 -38.35
C ALA A 516 -23.67 40.66 -37.28
N HIS A 517 -22.49 40.12 -37.57
CA HIS A 517 -21.81 39.24 -36.63
C HIS A 517 -21.14 40.03 -35.49
N PHE A 518 -20.19 40.89 -35.84
CA PHE A 518 -19.36 41.53 -34.81
C PHE A 518 -20.14 42.63 -34.07
N GLY A 519 -20.90 43.44 -34.79
CA GLY A 519 -21.71 44.47 -34.18
C GLY A 519 -21.58 45.81 -34.87
N ILE A 520 -22.38 46.75 -34.39
CA ILE A 520 -22.46 48.07 -35.03
C ILE A 520 -21.18 48.89 -34.77
N ASP A 521 -20.61 48.80 -33.57
CA ASP A 521 -19.38 49.52 -33.25
C ASP A 521 -18.29 48.58 -32.79
N SER A 522 -18.16 47.44 -33.46
CA SER A 522 -17.02 46.58 -33.21
C SER A 522 -15.76 47.19 -33.83
N ILE A 523 -14.60 46.71 -33.38
CA ILE A 523 -13.35 47.18 -33.96
C ILE A 523 -13.25 46.77 -35.44
N GLU A 524 -13.80 45.61 -35.79
CA GLU A 524 -13.76 45.15 -37.17
C GLU A 524 -14.52 46.09 -38.09
N LEU A 525 -15.71 46.53 -37.67
CA LEU A 525 -16.50 47.43 -38.51
C LEU A 525 -15.82 48.79 -38.65
N LYS A 526 -15.23 49.30 -37.56
CA LYS A 526 -14.51 50.57 -37.64
C LYS A 526 -13.31 50.46 -38.56
N LYS A 527 -12.58 49.34 -38.50
CA LYS A 527 -11.44 49.14 -39.40
C LYS A 527 -11.89 49.05 -40.85
N ALA A 528 -13.01 48.36 -41.10
CA ALA A 528 -13.53 48.28 -42.46
C ALA A 528 -13.95 49.66 -42.97
N ASP A 529 -14.60 50.45 -42.11
CA ASP A 529 -14.98 51.81 -42.50
C ASP A 529 -13.74 52.65 -42.81
N SER A 530 -12.70 52.53 -42.00
CA SER A 530 -11.47 53.29 -42.24
C SER A 530 -10.83 52.87 -43.57
N LEU A 531 -10.84 51.57 -43.87
CA LEU A 531 -10.33 51.10 -45.16
C LEU A 531 -11.13 51.68 -46.31
N ILE A 532 -12.46 51.73 -46.15
CA ILE A 532 -13.31 52.35 -47.17
C ILE A 532 -12.94 53.82 -47.35
N ARG A 533 -12.72 54.52 -46.24
CA ARG A 533 -12.37 55.94 -46.30
C ARG A 533 -11.07 56.14 -47.06
N ILE A 534 -10.05 55.36 -46.72
CA ILE A 534 -8.73 55.56 -47.33
C ILE A 534 -8.76 55.17 -48.80
N ASN A 535 -9.51 54.12 -49.15
CA ASN A 535 -9.62 53.74 -50.56
C ASN A 535 -10.36 54.79 -51.36
N LYS A 536 -11.43 55.36 -50.79
CA LYS A 536 -12.14 56.44 -51.48
C LYS A 536 -11.25 57.65 -51.70
N MET A 537 -10.48 58.03 -50.67
CA MET A 537 -9.58 59.18 -50.82
C MET A 537 -8.47 58.90 -51.83
N LYS A 538 -7.94 57.68 -51.83
CA LYS A 538 -6.91 57.34 -52.82
C LYS A 538 -7.47 57.40 -54.23
N ASN A 539 -8.70 56.92 -54.42
CA ASN A 539 -9.35 57.03 -55.72
C ASN A 539 -9.57 58.49 -56.11
N LYS A 540 -9.94 59.33 -55.13
CA LYS A 540 -10.10 60.76 -55.42
C LYS A 540 -8.77 61.39 -55.84
N LEU A 541 -7.68 61.03 -55.16
CA LEU A 541 -6.37 61.55 -55.53
C LEU A 541 -5.97 61.09 -56.93
N ASN A 542 -6.24 59.82 -57.26
CA ASN A 542 -5.93 59.34 -58.60
C ASN A 542 -6.75 60.06 -59.65
N LYS A 543 -8.04 60.30 -59.37
CA LYS A 543 -8.88 61.05 -60.31
C LYS A 543 -8.37 62.47 -60.49
N ILE A 544 -7.94 63.11 -59.40
CA ILE A 544 -7.39 64.47 -59.49
C ILE A 544 -6.12 64.48 -60.33
N ARG A 545 -5.25 63.49 -60.11
CA ARG A 545 -4.01 63.40 -60.89
C ARG A 545 -4.31 63.19 -62.37
N ALA A 546 -5.30 62.35 -62.68
CA ALA A 546 -5.68 62.13 -64.07
C ALA A 546 -6.26 63.41 -64.69
N GLU A 547 -7.06 64.15 -63.93
CA GLU A 547 -7.64 65.39 -64.43
C GLU A 547 -6.62 66.51 -64.57
N LYS A 548 -5.51 66.43 -63.84
CA LYS A 548 -4.50 67.50 -63.93
C LYS A 548 -3.90 67.58 -65.33
N GLY A 549 -3.63 66.44 -65.94
CA GLY A 549 -3.05 66.43 -67.27
C GLY A 549 -2.92 65.01 -67.79
N LYS A 550 -2.56 64.92 -69.07
CA LYS A 550 -2.39 63.63 -69.73
C LYS A 550 -0.97 63.45 -70.22
N MET B 1 -53.31 6.64 -11.19
CA MET B 1 -54.02 5.41 -11.50
C MET B 1 -53.64 4.98 -12.91
N THR B 2 -54.02 3.76 -13.30
CA THR B 2 -53.61 3.22 -14.58
C THR B 2 -54.13 4.06 -15.75
N LYS B 3 -55.37 4.54 -15.66
CA LYS B 3 -55.95 5.30 -16.77
C LYS B 3 -55.20 6.63 -16.97
N GLN B 4 -54.95 7.36 -15.89
CA GLN B 4 -54.24 8.63 -16.00
C GLN B 4 -52.81 8.42 -16.49
N TYR B 5 -52.15 7.38 -15.99
CA TYR B 5 -50.78 7.09 -16.42
C TYR B 5 -50.75 6.71 -17.89
N GLU B 6 -51.76 5.97 -18.36
CA GLU B 6 -51.83 5.64 -19.77
C GLU B 6 -52.08 6.88 -20.63
N ARG B 7 -52.95 7.78 -20.17
CA ARG B 7 -53.20 9.01 -20.91
C ARG B 7 -51.94 9.86 -21.01
N LYS B 8 -51.18 9.94 -19.92
CA LYS B 8 -49.95 10.74 -19.95
C LYS B 8 -48.86 10.06 -20.76
N ALA B 9 -48.78 8.73 -20.67
CA ALA B 9 -47.69 8.01 -21.34
C ALA B 9 -47.88 7.99 -22.85
N LYS B 10 -49.11 7.81 -23.32
CA LYS B 10 -49.36 7.86 -24.75
C LYS B 10 -49.14 9.25 -25.33
N GLY B 11 -49.13 10.28 -24.49
CA GLY B 11 -48.80 11.62 -24.93
C GLY B 11 -47.33 11.92 -25.03
N GLY B 12 -46.48 11.02 -24.55
CA GLY B 12 -45.04 11.19 -24.61
C GLY B 12 -44.34 11.29 -23.27
N ASN B 13 -45.06 11.27 -22.15
CA ASN B 13 -44.41 11.35 -20.85
C ASN B 13 -43.66 10.05 -20.55
N LEU B 14 -42.41 10.19 -20.10
CA LEU B 14 -41.57 9.03 -19.82
C LEU B 14 -41.79 8.47 -18.42
N LEU B 15 -42.03 9.34 -17.44
CA LEU B 15 -42.25 8.87 -16.07
C LEU B 15 -43.51 8.02 -15.98
N SER B 16 -44.60 8.46 -16.63
CA SER B 16 -45.83 7.68 -16.63
C SER B 16 -45.64 6.33 -17.33
N ALA B 17 -44.92 6.32 -18.44
CA ALA B 17 -44.65 5.07 -19.13
C ALA B 17 -43.85 4.12 -18.27
N PHE B 18 -42.84 4.63 -17.56
CA PHE B 18 -42.06 3.77 -16.68
C PHE B 18 -42.90 3.26 -15.51
N GLU B 19 -43.78 4.11 -14.98
CA GLU B 19 -44.67 3.66 -13.91
C GLU B 19 -45.59 2.55 -14.38
N LEU B 20 -46.15 2.70 -15.58
CA LEU B 20 -47.00 1.64 -16.15
C LEU B 20 -46.20 0.36 -16.36
N TYR B 21 -44.98 0.48 -16.87
CA TYR B 21 -44.14 -0.70 -17.08
C TYR B 21 -43.84 -1.41 -15.77
N GLN B 22 -43.52 -0.64 -14.72
CA GLN B 22 -43.24 -1.25 -13.42
C GLN B 22 -44.46 -1.93 -12.84
N ARG B 23 -45.62 -1.28 -12.90
CA ARG B 23 -46.83 -1.88 -12.36
C ARG B 23 -47.28 -3.10 -13.17
N ASN B 24 -46.95 -3.15 -14.46
CA ASN B 24 -47.23 -4.36 -15.23
C ASN B 24 -46.25 -5.47 -14.89
N SER B 25 -44.96 -5.14 -14.76
CA SER B 25 -43.94 -6.16 -14.56
C SER B 25 -44.05 -6.79 -13.17
N ASP B 26 -44.26 -5.99 -12.13
CA ASP B 26 -44.36 -6.56 -10.79
C ASP B 26 -45.67 -7.31 -10.57
N LYS B 27 -46.61 -7.22 -11.49
CA LYS B 27 -47.87 -7.96 -11.41
C LYS B 27 -47.66 -9.38 -11.93
N ALA B 28 -48.77 -10.08 -12.17
CA ALA B 28 -48.71 -11.44 -12.68
C ALA B 28 -48.11 -11.44 -14.09
N PRO B 29 -47.52 -12.58 -14.50
CA PRO B 29 -46.91 -12.63 -15.84
C PRO B 29 -47.91 -12.48 -16.99
N GLY B 30 -49.21 -12.43 -16.71
CA GLY B 30 -50.18 -12.19 -17.77
C GLY B 30 -49.98 -10.84 -18.45
N LEU B 31 -49.58 -9.84 -17.67
CA LEU B 31 -49.28 -8.51 -18.22
C LEU B 31 -47.83 -8.11 -18.02
N GLY B 32 -47.05 -8.85 -17.25
CA GLY B 32 -45.66 -8.51 -17.01
C GLY B 32 -44.69 -9.54 -17.54
N GLU B 33 -43.93 -9.16 -18.58
CA GLU B 33 -42.87 -10.01 -19.12
C GLU B 33 -41.49 -9.41 -18.93
N MET B 34 -41.39 -8.30 -18.19
CA MET B 34 -40.16 -7.55 -17.95
C MET B 34 -39.73 -6.81 -19.20
N LEU B 35 -40.37 -7.10 -20.33
CA LEU B 35 -40.08 -6.46 -21.62
C LEU B 35 -41.12 -6.94 -22.62
N VAL B 36 -40.95 -6.54 -23.88
CA VAL B 36 -41.84 -6.89 -24.99
C VAL B 36 -43.23 -6.39 -24.61
N GLY B 37 -43.26 -5.25 -23.92
CA GLY B 37 -44.49 -4.57 -23.61
C GLY B 37 -44.53 -3.20 -24.24
N GLU B 38 -45.73 -2.62 -24.34
CA GLU B 38 -45.86 -1.30 -24.96
C GLU B 38 -45.10 -0.24 -24.18
N TRP B 39 -45.19 -0.28 -22.85
CA TRP B 39 -44.57 0.77 -22.04
C TRP B 39 -43.05 0.62 -21.98
N PHE B 40 -42.55 -0.62 -21.87
CA PHE B 40 -41.11 -0.82 -21.90
C PHE B 40 -40.52 -0.38 -23.24
N GLU B 41 -41.19 -0.73 -24.34
CA GLU B 41 -40.73 -0.29 -25.65
C GLU B 41 -40.80 1.23 -25.76
N MET B 42 -41.83 1.85 -25.20
CA MET B 42 -41.92 3.31 -25.21
C MET B 42 -40.73 3.92 -24.48
N CYS B 43 -40.41 3.41 -23.29
CA CYS B 43 -39.30 3.95 -22.51
C CYS B 43 -37.97 3.75 -23.23
N ARG B 44 -37.74 2.56 -23.78
CA ARG B 44 -36.46 2.29 -24.42
C ARG B 44 -36.32 3.07 -25.73
N ASP B 45 -37.43 3.27 -26.45
CA ASP B 45 -37.39 4.13 -27.63
C ASP B 45 -37.11 5.57 -27.25
N TYR B 46 -37.74 6.05 -26.17
CA TYR B 46 -37.47 7.41 -25.71
C TYR B 46 -36.00 7.59 -25.37
N ILE B 47 -35.40 6.61 -24.70
CA ILE B 47 -33.99 6.71 -24.37
C ILE B 47 -33.12 6.59 -25.61
N GLN B 48 -33.48 5.70 -26.54
CA GLN B 48 -32.59 5.29 -27.62
C GLN B 48 -32.87 5.97 -28.96
N ASP B 49 -33.97 6.70 -29.10
CA ASP B 49 -34.30 7.30 -30.38
C ASP B 49 -33.28 8.37 -30.77
N GLY B 50 -33.00 8.46 -32.06
CA GLY B 50 -32.08 9.46 -32.57
C GLY B 50 -32.01 9.35 -34.07
N HIS B 51 -31.28 10.30 -34.66
CA HIS B 51 -31.12 10.34 -36.11
C HIS B 51 -29.80 11.01 -36.45
N VAL B 52 -29.21 10.58 -37.56
CA VAL B 52 -27.98 11.17 -38.05
C VAL B 52 -28.32 12.43 -38.84
N ASP B 53 -27.77 13.56 -38.42
CA ASP B 53 -28.10 14.84 -39.02
C ASP B 53 -27.38 15.00 -40.35
N GLU B 54 -27.47 16.19 -40.95
CA GLU B 54 -26.88 16.42 -42.26
C GLU B 54 -25.35 16.36 -42.24
N SER B 55 -24.72 16.55 -41.09
CA SER B 55 -23.27 16.53 -40.98
C SER B 55 -22.71 15.16 -40.62
N GLY B 56 -23.56 14.16 -40.42
CA GLY B 56 -23.11 12.82 -40.11
C GLY B 56 -22.98 12.49 -38.65
N ILE B 57 -23.45 13.36 -37.76
CA ILE B 57 -23.36 13.15 -36.32
C ILE B 57 -24.69 12.64 -35.81
N PHE B 58 -24.66 11.59 -35.00
CA PHE B 58 -25.88 11.07 -34.39
C PHE B 58 -26.41 12.07 -33.37
N ARG B 59 -27.66 12.51 -33.56
CA ARG B 59 -28.30 13.44 -32.64
C ARG B 59 -29.46 12.74 -31.95
N PRO B 60 -29.41 12.55 -30.63
CA PRO B 60 -30.53 11.90 -29.94
C PRO B 60 -31.80 12.74 -30.02
N ASP B 61 -32.93 12.05 -30.05
CA ASP B 61 -34.22 12.73 -30.10
C ASP B 61 -34.46 13.57 -28.85
N ASN B 62 -34.09 13.03 -27.69
CA ASN B 62 -34.30 13.69 -26.40
C ASN B 62 -32.95 13.97 -25.77
N ALA B 63 -32.44 15.18 -25.91
CA ALA B 63 -31.15 15.53 -25.34
C ALA B 63 -31.24 15.67 -23.82
N PHE B 64 -30.10 15.42 -23.15
CA PHE B 64 -30.01 15.54 -21.70
C PHE B 64 -28.98 16.61 -21.37
N TYR B 65 -29.40 17.62 -20.59
CA TYR B 65 -28.50 18.69 -20.18
C TYR B 65 -29.09 19.38 -18.97
N LEU B 66 -28.29 20.24 -18.35
CA LEU B 66 -28.68 21.00 -17.18
C LEU B 66 -29.17 22.39 -17.62
N ARG B 67 -30.34 22.78 -17.12
CA ARG B 67 -30.96 24.03 -17.54
C ARG B 67 -30.61 25.19 -16.60
N ARG B 68 -30.94 25.06 -15.32
CA ARG B 68 -30.73 26.12 -14.35
C ARG B 68 -29.96 25.60 -13.14
N LEU B 69 -29.22 26.51 -12.51
CA LEU B 69 -28.53 26.22 -11.26
C LEU B 69 -28.73 27.41 -10.33
N THR B 70 -29.24 27.15 -9.14
CA THR B 70 -29.48 28.19 -8.14
C THR B 70 -28.62 27.92 -6.93
N LEU B 71 -27.92 28.94 -6.46
CA LEU B 71 -27.02 28.84 -5.31
C LEU B 71 -27.51 29.81 -4.24
N LYS B 72 -28.10 29.27 -3.17
CA LYS B 72 -28.63 30.07 -2.08
C LYS B 72 -27.72 29.91 -0.86
N ASP B 73 -27.08 31.01 -0.46
CA ASP B 73 -26.18 31.04 0.68
C ASP B 73 -25.06 30.01 0.55
N PHE B 74 -24.61 29.76 -0.68
CA PHE B 74 -23.59 28.77 -0.96
C PHE B 74 -22.27 29.49 -1.20
N ARG B 75 -21.31 29.29 -0.29
CA ARG B 75 -19.98 29.89 -0.35
C ARG B 75 -20.16 31.41 -0.39
N ARG B 76 -19.73 32.10 -1.44
CA ARG B 76 -19.81 33.56 -1.46
C ARG B 76 -21.10 34.08 -2.07
N PHE B 77 -22.01 33.21 -2.50
CA PHE B 77 -23.23 33.62 -3.18
C PHE B 77 -24.39 33.64 -2.21
N SER B 78 -24.99 34.82 -2.02
CA SER B 78 -26.23 34.90 -1.25
C SER B 78 -27.39 34.27 -2.01
N LEU B 79 -27.53 34.61 -3.29
CA LEU B 79 -28.54 34.00 -4.15
C LEU B 79 -28.11 34.25 -5.59
N LEU B 80 -27.78 33.19 -6.30
CA LEU B 80 -27.29 33.29 -7.67
C LEU B 80 -28.05 32.31 -8.56
N GLU B 81 -28.27 32.72 -9.80
CA GLU B 81 -28.93 31.88 -10.79
C GLU B 81 -28.09 31.86 -12.07
N ILE B 82 -28.06 30.71 -12.73
CA ILE B 82 -27.31 30.55 -13.98
C ILE B 82 -28.23 29.87 -15.00
N LYS B 83 -27.93 30.09 -16.28
CA LYS B 83 -28.79 29.67 -17.38
C LYS B 83 -27.97 28.81 -18.33
N LEU B 84 -27.33 27.76 -17.79
CA LEU B 84 -26.42 26.90 -18.53
C LEU B 84 -26.90 26.62 -19.94
N GLU B 85 -26.00 26.73 -20.90
CA GLU B 85 -26.32 26.51 -22.31
C GLU B 85 -26.46 25.02 -22.60
N GLU B 86 -27.07 24.72 -23.74
CA GLU B 86 -27.32 23.33 -24.12
C GLU B 86 -26.07 22.61 -24.58
N ASP B 87 -25.12 23.33 -25.17
CA ASP B 87 -23.92 22.72 -25.74
C ASP B 87 -22.63 23.12 -25.03
N LEU B 88 -22.40 24.41 -24.82
CA LEU B 88 -21.16 24.89 -24.21
C LEU B 88 -21.46 26.14 -23.40
N THR B 89 -21.00 26.13 -22.15
CA THR B 89 -21.12 27.29 -21.26
C THR B 89 -19.74 27.61 -20.70
N VAL B 90 -19.37 28.88 -20.74
CA VAL B 90 -18.07 29.34 -20.26
C VAL B 90 -18.30 30.33 -19.12
N ILE B 91 -17.65 30.09 -18.00
CA ILE B 91 -17.74 30.96 -16.83
C ILE B 91 -16.39 31.64 -16.66
N ILE B 92 -16.40 32.97 -16.62
CA ILE B 92 -15.18 33.76 -16.54
C ILE B 92 -15.30 34.76 -15.40
N GLY B 93 -14.15 35.20 -14.91
CA GLY B 93 -14.10 36.16 -13.83
C GLY B 93 -12.73 36.18 -13.21
N ASN B 94 -12.60 37.05 -12.21
CA ASN B 94 -11.34 37.18 -11.49
C ASN B 94 -11.14 35.98 -10.56
N ASN B 95 -10.06 36.00 -9.81
CA ASN B 95 -9.83 34.97 -8.81
C ASN B 95 -10.77 35.17 -7.62
N GLY B 96 -11.26 34.06 -7.08
CA GLY B 96 -12.20 34.12 -5.97
C GLY B 96 -13.54 34.73 -6.30
N LYS B 97 -14.11 34.37 -7.46
CA LYS B 97 -15.45 34.81 -7.82
C LYS B 97 -16.49 33.71 -7.74
N GLY B 98 -16.09 32.45 -7.71
CA GLY B 98 -17.03 31.36 -7.52
C GLY B 98 -17.21 30.42 -8.70
N LYS B 99 -16.36 30.49 -9.71
CA LYS B 99 -16.47 29.57 -10.85
C LYS B 99 -16.19 28.13 -10.41
N THR B 100 -15.12 27.93 -9.66
CA THR B 100 -14.83 26.60 -9.11
C THR B 100 -15.95 26.16 -8.19
N SER B 101 -16.54 27.09 -7.44
CA SER B 101 -17.68 26.76 -6.58
C SER B 101 -18.86 26.29 -7.41
N ILE B 102 -19.13 26.95 -8.54
CA ILE B 102 -20.24 26.55 -9.40
C ILE B 102 -20.00 25.15 -9.95
N LEU B 103 -18.78 24.89 -10.43
CA LEU B 103 -18.47 23.56 -10.94
C LEU B 103 -18.57 22.50 -9.86
N TYR B 104 -18.12 22.83 -8.65
CA TYR B 104 -18.21 21.91 -7.52
C TYR B 104 -19.66 21.59 -7.18
N ALA B 105 -20.53 22.60 -7.18
CA ALA B 105 -21.94 22.37 -6.91
C ALA B 105 -22.57 21.49 -7.99
N ILE B 106 -22.24 21.75 -9.26
CA ILE B 106 -22.79 20.94 -10.34
C ILE B 106 -22.32 19.49 -10.22
N ALA B 107 -21.04 19.29 -9.87
CA ALA B 107 -20.53 17.94 -9.69
C ALA B 107 -21.22 17.23 -8.53
N LYS B 108 -21.46 17.95 -7.42
CA LYS B 108 -22.18 17.36 -6.31
C LYS B 108 -23.60 16.97 -6.72
N THR B 109 -24.23 17.79 -7.55
CA THR B 109 -25.56 17.44 -8.04
C THR B 109 -25.53 16.19 -8.92
N LEU B 110 -24.56 16.11 -9.82
CA LEU B 110 -24.45 14.97 -10.73
C LEU B 110 -24.05 13.68 -10.01
N SER B 111 -23.43 13.80 -8.83
CA SER B 111 -23.04 12.61 -8.10
C SER B 111 -24.24 11.75 -7.74
N TRP B 112 -25.40 12.36 -7.48
CA TRP B 112 -26.59 11.58 -7.16
C TRP B 112 -27.07 10.79 -8.38
N PHE B 113 -27.05 11.41 -9.56
CA PHE B 113 -27.37 10.67 -10.78
C PHE B 113 -26.43 9.49 -10.97
N VAL B 114 -25.13 9.72 -10.78
CA VAL B 114 -24.16 8.64 -10.96
C VAL B 114 -24.41 7.52 -9.96
N ALA B 115 -24.63 7.87 -8.69
CA ALA B 115 -24.80 6.87 -7.64
C ALA B 115 -26.06 6.05 -7.86
N ASN B 116 -27.16 6.69 -8.25
CA ASN B 116 -28.39 5.95 -8.46
C ASN B 116 -28.41 5.21 -9.79
N ILE B 117 -27.55 5.58 -10.74
CA ILE B 117 -27.34 4.73 -11.90
C ILE B 117 -26.58 3.47 -11.51
N LEU B 118 -25.53 3.62 -10.69
CA LEU B 118 -24.75 2.47 -10.28
C LEU B 118 -25.51 1.59 -9.29
N LYS B 119 -26.28 2.20 -8.40
CA LYS B 119 -26.76 1.52 -7.20
C LYS B 119 -28.14 2.07 -6.83
N GLU B 120 -29.12 1.17 -6.73
CA GLU B 120 -30.49 1.58 -6.49
C GLU B 120 -30.61 2.34 -5.18
N GLY B 121 -31.26 3.50 -5.22
CA GLY B 121 -31.35 4.32 -4.02
C GLY B 121 -30.01 4.71 -3.45
N GLY B 122 -28.98 4.80 -4.29
CA GLY B 122 -27.65 5.12 -3.80
C GLY B 122 -27.56 6.55 -3.32
N SER B 123 -26.58 6.77 -2.45
CA SER B 123 -26.35 8.07 -1.84
C SER B 123 -25.19 8.76 -2.55
N GLY B 124 -25.45 9.96 -3.07
CA GLY B 124 -24.42 10.76 -3.69
C GLY B 124 -23.71 11.64 -2.68
N GLN B 125 -22.90 12.55 -3.20
CA GLN B 125 -22.17 13.47 -2.35
C GLN B 125 -23.09 14.55 -1.79
N ARG B 126 -22.67 15.15 -0.68
CA ARG B 126 -23.46 16.14 0.02
C ARG B 126 -22.61 17.37 0.28
N LEU B 127 -23.29 18.50 0.46
CA LEU B 127 -22.61 19.76 0.74
C LEU B 127 -21.92 19.70 2.10
N SER B 128 -20.75 20.31 2.18
CA SER B 128 -20.00 20.35 3.43
C SER B 128 -20.65 21.32 4.41
N GLU B 129 -20.81 20.88 5.65
CA GLU B 129 -21.38 21.72 6.70
C GLU B 129 -20.34 22.59 7.39
N MET B 130 -19.09 22.54 6.94
CA MET B 130 -18.00 23.29 7.54
C MET B 130 -17.50 24.45 6.68
N THR B 131 -17.62 24.36 5.36
CA THR B 131 -17.02 25.35 4.48
C THR B 131 -17.98 25.87 3.43
N ASP B 132 -18.98 25.06 3.05
CA ASP B 132 -19.83 25.42 1.92
C ASP B 132 -20.84 26.50 2.27
N ILE B 133 -21.34 26.53 3.50
CA ILE B 133 -22.30 27.56 3.89
C ILE B 133 -21.59 28.91 3.99
N LYS B 134 -22.29 29.96 3.54
CA LYS B 134 -21.72 31.30 3.58
C LYS B 134 -21.35 31.69 5.00
N ASN B 135 -20.19 32.34 5.14
CA ASN B 135 -19.69 32.68 6.46
C ASN B 135 -20.60 33.67 7.16
N ASP B 136 -21.13 34.66 6.43
CA ASP B 136 -22.02 35.63 7.04
C ASP B 136 -23.40 35.02 7.28
N ALA B 137 -24.10 34.69 6.20
CA ALA B 137 -25.37 33.98 6.23
C ALA B 137 -26.44 34.73 7.02
N GLU B 138 -27.68 34.23 6.97
CA GLU B 138 -28.73 34.72 7.84
C GLU B 138 -29.47 33.56 8.50
N ASP B 139 -29.52 32.42 7.82
CA ASP B 139 -30.15 31.22 8.36
C ASP B 139 -29.18 30.08 8.60
N ARG B 140 -27.90 30.24 8.26
CA ARG B 140 -26.87 29.22 8.47
C ARG B 140 -27.22 27.91 7.77
N TYR B 141 -27.70 28.01 6.54
CA TYR B 141 -27.86 26.85 5.68
C TYR B 141 -27.67 27.28 4.23
N SER B 142 -27.38 26.31 3.37
CA SER B 142 -27.13 26.57 1.96
C SER B 142 -27.94 25.60 1.11
N ASP B 143 -28.41 26.09 -0.04
CA ASP B 143 -29.17 25.29 -0.99
C ASP B 143 -28.52 25.39 -2.36
N VAL B 144 -28.58 24.27 -3.10
CA VAL B 144 -28.09 24.20 -4.48
C VAL B 144 -29.18 23.53 -5.30
N SER B 145 -29.95 24.32 -6.02
CA SER B 145 -31.08 23.83 -6.81
C SER B 145 -30.66 23.67 -8.26
N SER B 146 -31.00 22.54 -8.86
CA SER B 146 -30.69 22.26 -10.25
C SER B 146 -31.91 21.70 -10.96
N THR B 147 -32.04 22.05 -12.24
CA THR B 147 -33.11 21.54 -13.08
C THR B 147 -32.50 20.95 -14.35
N PHE B 148 -32.90 19.73 -14.69
CA PHE B 148 -32.35 19.01 -15.83
C PHE B 148 -33.43 18.78 -16.88
N PHE B 149 -33.00 18.71 -18.13
CA PHE B 149 -33.88 18.51 -19.27
C PHE B 149 -33.55 17.17 -19.92
N PHE B 150 -34.56 16.34 -20.14
CA PHE B 150 -34.40 15.05 -20.78
C PHE B 150 -35.45 14.85 -21.86
N GLY B 151 -35.62 15.85 -22.72
CA GLY B 151 -36.59 15.78 -23.79
C GLY B 151 -37.95 16.33 -23.41
N LYS B 152 -38.84 16.36 -24.39
CA LYS B 152 -40.19 16.87 -24.16
C LYS B 152 -40.99 15.99 -23.22
N GLY B 153 -40.63 14.72 -23.07
CA GLY B 153 -41.30 13.86 -22.12
C GLY B 153 -40.91 14.10 -20.67
N LEU B 154 -39.72 14.67 -20.45
CA LEU B 154 -39.25 15.03 -19.11
C LEU B 154 -38.57 16.39 -19.23
N LYS B 155 -39.36 17.45 -19.08
CA LYS B 155 -38.86 18.80 -19.28
C LYS B 155 -38.16 19.37 -18.06
N SER B 156 -38.32 18.77 -16.88
CA SER B 156 -37.70 19.29 -15.67
C SER B 156 -37.44 18.16 -14.71
N VAL B 157 -36.23 18.10 -14.17
CA VAL B 157 -35.85 17.14 -13.14
C VAL B 157 -35.26 17.92 -11.98
N PRO B 158 -36.08 18.49 -11.09
CA PRO B 158 -35.57 19.36 -10.03
C PRO B 158 -34.91 18.56 -8.92
N ILE B 159 -33.64 18.87 -8.63
CA ILE B 159 -32.89 18.27 -7.54
C ILE B 159 -32.25 19.39 -6.73
N ARG B 160 -32.40 19.33 -5.42
CA ARG B 160 -31.86 20.35 -4.53
C ARG B 160 -30.99 19.71 -3.46
N LEU B 161 -29.77 20.20 -3.32
CA LEU B 161 -28.87 19.78 -2.26
C LEU B 161 -28.85 20.84 -1.18
N SER B 162 -29.13 20.44 0.06
CA SER B 162 -29.20 21.37 1.18
C SER B 162 -28.38 20.85 2.35
N ARG B 163 -27.78 21.78 3.08
CA ARG B 163 -27.00 21.45 4.25
C ARG B 163 -27.06 22.60 5.24
N SER B 164 -27.08 22.28 6.52
CA SER B 164 -27.10 23.26 7.59
C SER B 164 -25.75 23.30 8.27
N ALA B 165 -25.41 24.45 8.83
CA ALA B 165 -24.10 24.64 9.44
C ALA B 165 -23.98 23.86 10.74
N LEU B 166 -22.74 23.70 11.21
CA LEU B 166 -22.50 23.01 12.47
C LEU B 166 -23.16 23.74 13.63
N GLY B 167 -23.68 22.97 14.57
CA GLY B 167 -24.32 23.54 15.74
C GLY B 167 -25.61 24.29 15.44
N THR B 168 -26.43 23.76 14.55
CA THR B 168 -27.73 24.33 14.23
C THR B 168 -28.81 23.33 14.62
N ALA B 169 -29.79 23.77 15.40
CA ALA B 169 -30.84 22.88 15.87
C ALA B 169 -31.68 22.34 14.71
N GLU B 170 -32.01 23.20 13.75
CA GLU B 170 -32.85 22.83 12.63
C GLU B 170 -31.96 22.45 11.45
N ARG B 171 -32.11 21.22 10.97
CA ARG B 171 -31.35 20.71 9.84
C ARG B 171 -32.22 20.70 8.59
N ARG B 172 -31.67 21.19 7.48
CA ARG B 172 -32.40 21.22 6.22
C ARG B 172 -32.10 19.96 5.41
N ASP B 173 -33.13 19.41 4.78
CA ASP B 173 -33.02 18.18 4.02
C ASP B 173 -32.89 18.47 2.53
N SER B 174 -32.45 17.46 1.79
CA SER B 174 -32.24 17.55 0.35
C SER B 174 -33.39 16.89 -0.39
N GLU B 175 -33.74 17.45 -1.54
CA GLU B 175 -34.81 16.92 -2.39
C GLU B 175 -34.16 16.30 -3.62
N VAL B 176 -33.79 15.03 -3.51
CA VAL B 176 -33.05 14.33 -4.55
C VAL B 176 -33.86 13.21 -5.18
N LYS B 177 -35.16 13.15 -4.91
CA LYS B 177 -35.99 12.05 -5.40
C LYS B 177 -36.10 12.00 -6.93
N PRO B 178 -36.34 13.11 -7.64
CA PRO B 178 -36.46 13.00 -9.11
C PRO B 178 -35.20 12.48 -9.79
N ALA B 179 -34.02 12.84 -9.28
CA ALA B 179 -32.79 12.28 -9.83
C ALA B 179 -32.75 10.77 -9.64
N LYS B 180 -33.16 10.30 -8.45
CA LYS B 180 -33.23 8.87 -8.22
C LYS B 180 -34.21 8.20 -9.16
N ASP B 181 -35.34 8.85 -9.44
CA ASP B 181 -36.32 8.27 -10.36
C ASP B 181 -35.76 8.15 -11.76
N LEU B 182 -35.11 9.21 -12.26
CA LEU B 182 -34.55 9.17 -13.61
C LEU B 182 -33.44 8.12 -13.71
N ALA B 183 -32.57 8.07 -12.71
CA ALA B 183 -31.50 7.07 -12.73
C ALA B 183 -32.05 5.66 -12.59
N ASP B 184 -33.15 5.49 -11.84
CA ASP B 184 -33.81 4.20 -11.77
C ASP B 184 -34.35 3.79 -13.14
N ILE B 185 -34.95 4.73 -13.86
CA ILE B 185 -35.39 4.44 -15.23
C ILE B 185 -34.22 3.97 -16.06
N TRP B 186 -33.12 4.73 -16.03
CA TRP B 186 -31.94 4.37 -16.83
C TRP B 186 -31.45 2.97 -16.46
N ARG B 187 -31.28 2.71 -15.17
CA ARG B 187 -30.68 1.45 -14.71
C ARG B 187 -31.59 0.26 -15.03
N VAL B 188 -32.89 0.37 -14.76
CA VAL B 188 -33.80 -0.73 -15.02
C VAL B 188 -33.88 -1.02 -16.51
N ILE B 189 -34.06 0.01 -17.32
CA ILE B 189 -34.13 -0.21 -18.77
C ILE B 189 -32.84 -0.81 -19.28
N ASN B 190 -31.70 -0.33 -18.78
CA ASN B 190 -30.41 -0.87 -19.21
C ASN B 190 -30.26 -2.35 -18.85
N GLU B 191 -30.66 -2.74 -17.64
CA GLU B 191 -30.49 -4.15 -17.28
C GLU B 191 -31.44 -5.03 -18.08
N VAL B 192 -32.67 -4.58 -18.33
CA VAL B 192 -33.58 -5.37 -19.14
C VAL B 192 -33.07 -5.48 -20.57
N ASN B 193 -32.67 -4.35 -21.17
CA ASN B 193 -32.14 -4.32 -22.52
C ASN B 193 -31.09 -3.22 -22.60
N THR B 194 -29.90 -3.58 -23.07
CA THR B 194 -28.77 -2.65 -23.05
C THR B 194 -29.12 -1.35 -23.75
N ILE B 195 -28.81 -0.23 -23.11
CA ILE B 195 -29.02 1.10 -23.65
C ILE B 195 -27.74 1.90 -23.47
N ASN B 196 -27.71 3.08 -24.09
CA ASN B 196 -26.57 3.99 -23.96
C ASN B 196 -26.74 4.85 -22.72
N LEU B 197 -25.71 4.88 -21.87
CA LEU B 197 -25.78 5.58 -20.60
C LEU B 197 -25.08 6.92 -20.68
N PRO B 198 -25.56 7.93 -19.96
CA PRO B 198 -24.93 9.25 -19.99
C PRO B 198 -23.59 9.25 -19.26
N THR B 199 -22.76 10.22 -19.63
CA THR B 199 -21.42 10.37 -19.05
C THR B 199 -21.39 11.62 -18.20
N PHE B 200 -20.96 11.47 -16.94
CA PHE B 200 -20.82 12.59 -16.02
C PHE B 200 -19.39 12.62 -15.52
N ALA B 201 -18.63 13.64 -15.91
CA ALA B 201 -17.22 13.74 -15.56
C ALA B 201 -16.92 15.14 -15.05
N LEU B 202 -16.01 15.21 -14.08
CA LEU B 202 -15.50 16.47 -13.55
C LEU B 202 -13.99 16.46 -13.61
N TYR B 203 -13.41 17.47 -14.24
CA TYR B 203 -11.96 17.61 -14.39
C TYR B 203 -11.56 18.91 -13.71
N ASN B 204 -11.31 18.84 -12.40
CA ASN B 204 -10.97 20.01 -11.60
C ASN B 204 -9.44 20.16 -11.54
N VAL B 205 -8.98 21.01 -10.62
CA VAL B 205 -7.55 21.27 -10.48
C VAL B 205 -6.80 20.06 -9.94
N GLU B 206 -7.50 19.09 -9.32
CA GLU B 206 -6.82 17.90 -8.83
C GLU B 206 -6.23 17.06 -9.94
N ARG B 207 -6.52 17.36 -11.20
CA ARG B 207 -5.82 16.78 -12.33
C ARG B 207 -4.39 17.33 -12.35
N SER B 208 -3.64 16.96 -13.38
CA SER B 208 -2.24 17.36 -13.56
C SER B 208 -1.34 16.80 -12.47
N GLN B 209 -1.79 15.78 -11.75
CA GLN B 209 -0.95 15.12 -10.78
C GLN B 209 0.17 14.35 -11.49
N PRO B 210 1.34 14.25 -10.86
CA PRO B 210 2.47 13.57 -11.52
C PRO B 210 2.26 12.07 -11.59
N PHE B 211 3.10 11.43 -12.39
CA PHE B 211 3.18 9.98 -12.52
C PHE B 211 1.91 9.38 -13.12
N ASN B 212 1.96 8.08 -13.43
CA ASN B 212 0.82 7.36 -13.95
C ASN B 212 0.96 5.90 -13.56
N ARG B 213 -0.19 5.25 -13.32
CA ARG B 213 -0.24 3.86 -12.88
C ARG B 213 0.65 3.66 -11.64
N ASN B 214 0.25 4.34 -10.56
CA ASN B 214 1.05 4.30 -9.34
C ASN B 214 1.06 2.90 -8.74
N ILE B 215 -0.11 2.26 -8.63
CA ILE B 215 -0.26 0.97 -7.99
C ILE B 215 -1.06 0.07 -8.93
N LYS B 216 -1.01 -1.24 -8.65
CA LYS B 216 -1.81 -2.19 -9.42
C LYS B 216 -3.29 -1.87 -9.35
N ASP B 217 -3.73 -1.22 -8.28
CA ASP B 217 -5.09 -0.67 -8.16
C ASP B 217 -6.15 -1.77 -8.30
N ASN B 218 -6.15 -2.67 -7.33
CA ASN B 218 -7.19 -3.69 -7.25
C ASN B 218 -8.51 -3.03 -6.89
N THR B 219 -9.31 -2.66 -7.91
CA THR B 219 -10.40 -1.73 -7.70
C THR B 219 -11.70 -2.15 -8.40
N GLY B 220 -11.74 -3.28 -9.10
CA GLY B 220 -12.99 -3.66 -9.71
C GLY B 220 -13.05 -3.91 -11.21
N ARG B 221 -11.98 -4.43 -11.80
CA ARG B 221 -12.05 -5.01 -13.15
C ARG B 221 -12.47 -3.98 -14.20
N ARG B 222 -11.52 -3.09 -14.51
CA ARG B 222 -11.71 -2.00 -15.46
C ARG B 222 -12.46 -2.40 -16.73
N GLU B 223 -12.39 -3.69 -17.09
CA GLU B 223 -13.06 -4.17 -18.30
C GLU B 223 -14.58 -4.04 -18.21
N GLU B 224 -15.17 -4.21 -17.03
CA GLU B 224 -16.62 -4.23 -16.94
C GLU B 224 -17.19 -2.82 -17.13
N ARG B 225 -18.41 -2.77 -17.68
CA ARG B 225 -18.95 -1.54 -18.22
C ARG B 225 -19.11 -0.46 -17.14
N PHE B 226 -19.63 -0.83 -15.98
CA PHE B 226 -19.92 0.15 -14.94
C PHE B 226 -18.68 0.63 -14.19
N ASP B 227 -17.49 0.31 -14.68
CA ASP B 227 -16.27 0.91 -14.15
C ASP B 227 -16.06 2.32 -14.69
N ALA B 228 -16.84 2.75 -15.67
CA ALA B 228 -16.74 4.10 -16.20
C ALA B 228 -17.35 5.14 -15.27
N TYR B 229 -18.09 4.72 -14.26
CA TYR B 229 -18.66 5.63 -13.27
C TYR B 229 -17.84 5.70 -11.99
N SER B 230 -16.69 5.05 -11.95
CA SER B 230 -15.86 5.00 -10.76
C SER B 230 -14.94 6.21 -10.73
N GLN B 231 -15.07 7.04 -9.68
CA GLN B 231 -14.28 8.25 -9.52
C GLN B 231 -14.43 9.19 -10.72
N THR B 232 -15.62 9.19 -11.33
CA THR B 232 -15.82 9.98 -12.53
C THR B 232 -15.97 11.48 -12.20
N LEU B 233 -16.46 11.80 -11.00
CA LEU B 233 -16.62 13.18 -10.56
C LEU B 233 -15.65 13.55 -9.45
N GLY B 234 -14.50 12.86 -9.37
CA GLY B 234 -13.54 13.14 -8.33
C GLY B 234 -12.70 14.38 -8.55
N GLY B 235 -12.62 14.85 -9.79
CA GLY B 235 -11.82 16.02 -10.09
C GLY B 235 -10.62 15.68 -10.95
N ALA B 236 -9.99 14.54 -10.68
CA ALA B 236 -8.86 14.05 -11.45
C ALA B 236 -9.27 12.75 -12.13
N GLY B 237 -9.15 12.72 -13.45
CA GLY B 237 -9.49 11.51 -14.19
C GLY B 237 -8.53 10.37 -13.85
N ARG B 238 -9.08 9.17 -13.76
CA ARG B 238 -8.29 7.98 -13.47
C ARG B 238 -7.56 7.56 -14.73
N PHE B 239 -6.39 8.17 -14.95
CA PHE B 239 -5.59 7.83 -16.13
C PHE B 239 -4.92 6.48 -15.98
N ASP B 240 -4.63 6.06 -14.75
CA ASP B 240 -4.15 4.70 -14.52
C ASP B 240 -5.19 3.68 -14.95
N HIS B 241 -6.47 3.96 -14.67
CA HIS B 241 -7.55 3.11 -15.15
C HIS B 241 -7.57 3.05 -16.67
N PHE B 242 -7.37 4.20 -17.32
CA PHE B 242 -7.33 4.21 -18.77
C PHE B 242 -6.17 3.39 -19.31
N VAL B 243 -4.99 3.50 -18.69
CA VAL B 243 -3.83 2.74 -19.17
C VAL B 243 -4.07 1.25 -19.00
N GLU B 244 -4.62 0.85 -17.85
CA GLU B 244 -4.93 -0.56 -17.64
C GLU B 244 -5.95 -1.06 -18.66
N TRP B 245 -6.99 -0.27 -18.92
CA TRP B 245 -8.00 -0.67 -19.90
C TRP B 245 -7.43 -0.74 -21.30
N TYR B 246 -6.53 0.19 -21.64
CA TYR B 246 -5.90 0.19 -22.97
C TYR B 246 -5.00 -1.03 -23.15
N ILE B 247 -4.24 -1.40 -22.11
CA ILE B 247 -3.42 -2.60 -22.19
C ILE B 247 -4.30 -3.84 -22.27
N TYR B 248 -5.43 -3.84 -21.55
CA TYR B 248 -6.41 -4.91 -21.67
C TYR B 248 -6.89 -5.05 -23.11
N LEU B 249 -7.24 -3.93 -23.74
CA LEU B 249 -7.70 -3.96 -25.12
C LEU B 249 -6.61 -4.47 -26.06
N HIS B 250 -5.38 -4.03 -25.85
CA HIS B 250 -4.28 -4.49 -26.70
C HIS B 250 -4.08 -5.99 -26.56
N LYS B 251 -4.13 -6.51 -25.33
CA LYS B 251 -4.00 -7.95 -25.12
C LYS B 251 -5.13 -8.72 -25.80
N ARG B 252 -6.37 -8.23 -25.66
CA ARG B 252 -7.49 -8.90 -26.31
C ARG B 252 -7.36 -8.88 -27.82
N THR B 253 -6.87 -7.76 -28.37
CA THR B 253 -6.74 -7.65 -29.82
C THR B 253 -5.65 -8.58 -30.35
N VAL B 254 -4.46 -8.56 -29.73
CA VAL B 254 -3.35 -9.34 -30.25
C VAL B 254 -3.39 -10.80 -29.84
N SER B 255 -4.30 -11.18 -28.94
CA SER B 255 -4.39 -12.57 -28.48
C SER B 255 -5.51 -13.34 -29.16
N ASP B 256 -6.17 -12.75 -30.15
CA ASP B 256 -7.19 -13.44 -30.92
C ASP B 256 -6.63 -13.83 -32.28
N ILE B 257 -6.75 -15.13 -32.62
CA ILE B 257 -6.24 -15.60 -33.89
C ILE B 257 -6.95 -14.93 -35.04
N SER B 258 -8.27 -14.74 -34.92
CA SER B 258 -9.01 -14.01 -35.94
C SER B 258 -8.54 -12.57 -36.05
N SER B 259 -8.26 -11.93 -34.91
CA SER B 259 -7.78 -10.56 -34.90
C SER B 259 -6.28 -10.45 -35.14
N SER B 260 -5.57 -11.57 -35.25
CA SER B 260 -4.16 -11.58 -35.58
C SER B 260 -3.85 -12.05 -36.99
N ILE B 261 -4.69 -12.92 -37.55
CA ILE B 261 -4.49 -13.37 -38.93
C ILE B 261 -4.75 -12.22 -39.90
N LYS B 262 -5.62 -11.28 -39.54
CA LYS B 262 -5.87 -10.13 -40.40
C LYS B 262 -4.62 -9.29 -40.57
N GLU B 263 -3.90 -9.03 -39.48
CA GLU B 263 -2.66 -8.29 -39.57
C GLU B 263 -1.54 -9.14 -40.14
N LEU B 264 -1.55 -10.45 -39.86
CA LEU B 264 -0.57 -11.35 -40.47
C LEU B 264 -0.70 -11.36 -41.98
N GLU B 265 -1.94 -11.42 -42.50
CA GLU B 265 -2.13 -11.39 -43.94
C GLU B 265 -1.67 -10.07 -44.54
N GLN B 266 -2.00 -8.95 -43.89
CA GLN B 266 -1.59 -7.65 -44.39
C GLN B 266 -0.07 -7.46 -44.27
N GLN B 267 0.51 -7.92 -43.17
CA GLN B 267 1.96 -7.79 -42.98
C GLN B 267 2.71 -8.61 -44.01
N VAL B 268 2.23 -9.81 -44.32
CA VAL B 268 2.85 -10.62 -45.37
C VAL B 268 2.74 -9.92 -46.71
N ASN B 269 1.58 -9.35 -47.02
CA ASN B 269 1.41 -8.61 -48.27
C ASN B 269 1.87 -7.16 -48.10
N ASP B 270 3.04 -6.98 -47.53
CA ASP B 270 3.77 -5.73 -47.50
C ASP B 270 5.22 -5.89 -47.90
N LEU B 271 5.84 -7.02 -47.53
CA LEU B 271 7.19 -7.32 -48.00
C LEU B 271 7.21 -7.50 -49.51
N GLN B 272 6.16 -8.10 -50.07
CA GLN B 272 6.08 -8.24 -51.53
C GLN B 272 6.16 -6.88 -52.21
N ARG B 273 5.56 -5.86 -51.59
CA ARG B 273 5.69 -4.49 -52.08
C ARG B 273 7.09 -3.91 -51.86
N THR B 274 7.93 -4.59 -51.07
CA THR B 274 9.25 -4.09 -50.72
C THR B 274 10.38 -5.00 -51.20
N VAL B 275 10.31 -6.30 -50.93
CA VAL B 275 11.38 -7.20 -51.30
C VAL B 275 11.47 -7.38 -52.81
N ASP B 276 10.38 -7.13 -53.54
CA ASP B 276 10.44 -7.23 -54.99
C ASP B 276 11.33 -6.14 -55.57
N GLY B 277 11.26 -4.93 -55.01
CA GLY B 277 12.14 -3.86 -55.48
C GLY B 277 13.60 -4.13 -55.23
N GLY B 278 13.92 -4.82 -54.15
CA GLY B 278 15.30 -5.12 -53.81
C GLY B 278 15.42 -5.46 -52.33
N MET B 279 16.58 -5.13 -51.78
CA MET B 279 16.88 -5.31 -50.35
C MET B 279 16.71 -6.77 -49.93
N VAL B 280 17.61 -7.60 -50.49
CA VAL B 280 17.58 -9.03 -50.22
C VAL B 280 17.85 -9.37 -48.75
N SER B 281 18.16 -8.37 -47.92
CA SER B 281 18.42 -8.58 -46.51
C SER B 281 17.20 -8.38 -45.63
N VAL B 282 16.04 -8.04 -46.21
CA VAL B 282 14.83 -7.82 -45.43
C VAL B 282 13.86 -8.98 -45.66
N LYS B 283 14.41 -10.14 -46.03
CA LYS B 283 13.59 -11.32 -46.27
C LYS B 283 13.99 -12.53 -45.43
N SER B 284 15.22 -12.58 -44.91
CA SER B 284 15.68 -13.76 -44.19
C SER B 284 14.82 -14.02 -42.95
N LEU B 285 14.61 -12.99 -42.14
CA LEU B 285 13.78 -13.11 -40.94
C LEU B 285 12.41 -12.47 -41.12
N LEU B 286 12.01 -12.22 -42.36
CA LEU B 286 10.71 -11.63 -42.64
C LEU B 286 9.81 -12.52 -43.51
N GLU B 287 10.39 -13.28 -44.44
CA GLU B 287 9.60 -14.30 -45.12
C GLU B 287 9.35 -15.50 -44.23
N GLN B 288 10.12 -15.64 -43.13
CA GLN B 288 9.78 -16.63 -42.12
C GLN B 288 8.43 -16.34 -41.48
N MET B 289 8.03 -15.07 -41.44
CA MET B 289 6.73 -14.70 -40.92
C MET B 289 5.61 -15.13 -41.85
N LYS B 290 5.90 -15.38 -43.13
CA LYS B 290 4.93 -15.98 -44.02
C LYS B 290 4.54 -17.38 -43.55
N PHE B 291 5.52 -18.13 -43.01
CA PHE B 291 5.21 -19.43 -42.43
C PHE B 291 4.27 -19.30 -41.24
N LYS B 292 4.39 -18.20 -40.49
CA LYS B 292 3.46 -17.95 -39.39
C LYS B 292 2.04 -17.74 -39.92
N LEU B 293 1.90 -17.00 -41.02
CA LEU B 293 0.58 -16.83 -41.63
C LEU B 293 0.03 -18.16 -42.12
N SER B 294 0.89 -19.01 -42.69
CA SER B 294 0.47 -20.35 -43.08
C SER B 294 0.05 -21.16 -41.85
N GLU B 295 0.80 -21.03 -40.75
CA GLU B 295 0.42 -21.69 -39.51
C GLU B 295 -0.91 -21.16 -38.98
N ALA B 296 -1.21 -19.89 -39.24
CA ALA B 296 -2.48 -19.31 -38.80
C ALA B 296 -3.67 -19.96 -39.48
N ILE B 297 -3.47 -20.58 -40.64
CA ILE B 297 -4.56 -21.30 -41.30
C ILE B 297 -5.00 -22.48 -40.46
N GLU B 298 -4.04 -23.25 -39.94
CA GLU B 298 -4.35 -24.37 -39.05
C GLU B 298 -4.68 -23.92 -37.64
N ARG B 299 -4.36 -22.68 -37.28
CA ARG B 299 -4.75 -22.09 -36.02
C ARG B 299 -6.14 -21.46 -36.09
N ASN B 300 -6.87 -21.71 -37.17
CA ASN B 300 -8.11 -21.03 -37.48
C ASN B 300 -9.01 -22.01 -38.22
N ASP B 301 -9.98 -21.48 -38.96
CA ASP B 301 -11.08 -22.20 -39.58
C ASP B 301 -12.14 -22.54 -38.54
N ALA B 302 -12.16 -21.77 -37.44
CA ALA B 302 -13.21 -21.82 -36.45
C ALA B 302 -14.09 -20.58 -36.49
N ALA B 303 -13.59 -19.46 -37.01
CA ALA B 303 -14.38 -18.24 -37.16
C ALA B 303 -14.89 -18.06 -38.57
N VAL B 304 -14.01 -18.20 -39.57
CA VAL B 304 -14.33 -18.15 -40.99
C VAL B 304 -14.91 -16.78 -41.37
N SER B 305 -16.06 -16.45 -40.82
CA SER B 305 -16.74 -15.18 -41.07
C SER B 305 -16.50 -14.23 -39.90
N SER B 306 -17.13 -13.05 -39.97
CA SER B 306 -17.02 -12.01 -38.97
C SER B 306 -15.57 -11.61 -38.73
N ARG B 307 -15.02 -12.04 -37.59
CA ARG B 307 -13.65 -11.71 -37.20
C ARG B 307 -13.47 -10.22 -37.02
N VAL B 308 -14.49 -9.55 -36.49
CA VAL B 308 -14.43 -8.12 -36.19
C VAL B 308 -14.56 -7.98 -34.69
N LEU B 309 -13.43 -7.84 -34.00
CA LEU B 309 -13.44 -7.76 -32.54
C LEU B 309 -13.99 -6.43 -32.08
N THR B 310 -14.88 -6.47 -31.09
CA THR B 310 -15.40 -5.23 -30.49
C THR B 310 -14.29 -4.48 -29.77
N GLU B 311 -13.40 -5.20 -29.09
CA GLU B 311 -12.30 -4.54 -28.38
C GLU B 311 -11.39 -3.80 -29.36
N SER B 312 -11.16 -4.37 -30.53
CA SER B 312 -10.36 -3.68 -31.54
C SER B 312 -11.02 -2.39 -31.99
N VAL B 313 -12.35 -2.40 -32.17
CA VAL B 313 -13.06 -1.19 -32.56
C VAL B 313 -12.96 -0.15 -31.45
N GLN B 314 -13.11 -0.56 -30.20
CA GLN B 314 -12.97 0.37 -29.09
C GLN B 314 -11.58 0.99 -29.06
N LYS B 315 -10.54 0.15 -29.23
CA LYS B 315 -9.18 0.65 -29.23
C LYS B 315 -8.95 1.64 -30.36
N SER B 316 -9.44 1.33 -31.56
CA SER B 316 -9.27 2.23 -32.70
C SER B 316 -10.00 3.55 -32.45
N ILE B 317 -11.20 3.50 -31.89
CA ILE B 317 -11.95 4.72 -31.63
C ILE B 317 -11.22 5.60 -30.63
N VAL B 318 -10.73 4.99 -29.54
CA VAL B 318 -10.03 5.77 -28.53
C VAL B 318 -8.74 6.36 -29.09
N GLU B 319 -8.00 5.58 -29.88
CA GLU B 319 -6.78 6.07 -30.48
C GLU B 319 -7.06 7.24 -31.42
N LYS B 320 -8.09 7.11 -32.25
CA LYS B 320 -8.44 8.18 -33.18
C LYS B 320 -8.84 9.45 -32.42
N ALA B 321 -9.62 9.31 -31.36
CA ALA B 321 -10.00 10.47 -30.57
C ALA B 321 -8.78 11.14 -29.95
N ILE B 322 -7.88 10.34 -29.38
CA ILE B 322 -6.70 10.89 -28.73
C ILE B 322 -5.83 11.62 -29.74
N CYS B 323 -5.62 11.02 -30.91
CA CYS B 323 -4.78 11.65 -31.93
C CYS B 323 -5.43 12.90 -32.51
N SER B 324 -6.76 12.90 -32.64
CA SER B 324 -7.43 14.06 -33.24
C SER B 324 -7.48 15.24 -32.29
N VAL B 325 -7.74 14.99 -31.00
CA VAL B 325 -7.91 16.10 -30.07
C VAL B 325 -6.56 16.67 -29.65
N VAL B 326 -5.65 15.82 -29.20
CA VAL B 326 -4.34 16.30 -28.75
C VAL B 326 -3.50 16.67 -29.97
N PRO B 327 -2.98 17.90 -30.04
CA PRO B 327 -2.29 18.32 -31.28
C PRO B 327 -0.95 17.64 -31.49
N SER B 328 -0.14 17.52 -30.44
CA SER B 328 1.22 17.00 -30.62
C SER B 328 1.25 15.49 -30.82
N ILE B 329 0.31 14.76 -30.23
CA ILE B 329 0.32 13.31 -30.30
C ILE B 329 -0.19 12.86 -31.67
N SER B 330 0.59 12.02 -32.34
CA SER B 330 0.22 11.49 -33.65
C SER B 330 -0.21 10.02 -33.60
N ASN B 331 0.29 9.25 -32.63
CA ASN B 331 -0.07 7.84 -32.51
C ASN B 331 0.14 7.41 -31.06
N ILE B 332 -0.52 6.32 -30.69
CA ILE B 332 -0.40 5.76 -29.35
C ILE B 332 -0.64 4.25 -29.45
N TRP B 333 0.19 3.48 -28.74
CA TRP B 333 0.13 2.03 -28.81
C TRP B 333 0.77 1.46 -27.55
N VAL B 334 0.77 0.13 -27.45
CA VAL B 334 1.30 -0.60 -26.29
C VAL B 334 2.38 -1.54 -26.77
N GLU B 335 3.53 -1.51 -26.09
CA GLU B 335 4.63 -2.44 -26.36
C GLU B 335 4.69 -3.50 -25.27
N MET B 336 4.89 -4.76 -25.67
CA MET B 336 5.05 -5.86 -24.72
C MET B 336 6.48 -6.34 -24.59
N ILE B 337 7.30 -6.19 -25.65
CA ILE B 337 8.72 -6.52 -25.52
C ILE B 337 9.32 -5.63 -24.44
N THR B 338 10.42 -6.11 -23.84
CA THR B 338 10.92 -5.54 -22.59
C THR B 338 9.81 -5.61 -21.53
N GLY B 339 9.57 -6.84 -21.08
CA GLY B 339 8.24 -7.34 -20.75
C GLY B 339 7.49 -6.72 -19.60
N SER B 340 7.78 -5.47 -19.29
CA SER B 340 6.84 -4.61 -18.59
C SER B 340 5.92 -3.95 -19.61
N ASP B 341 4.63 -3.93 -19.31
CA ASP B 341 3.67 -3.33 -20.21
C ASP B 341 3.78 -1.81 -20.10
N LEU B 342 3.99 -1.15 -21.24
CA LEU B 342 4.16 0.30 -21.27
C LEU B 342 3.50 0.86 -22.51
N VAL B 343 3.01 2.09 -22.41
CA VAL B 343 2.29 2.76 -23.48
C VAL B 343 3.18 3.85 -24.06
N LYS B 344 3.29 3.88 -25.38
CA LYS B 344 4.14 4.83 -26.08
C LYS B 344 3.30 5.73 -26.99
N VAL B 345 3.72 6.99 -27.10
CA VAL B 345 3.08 7.96 -27.97
C VAL B 345 4.14 8.53 -28.92
N THR B 346 3.69 9.31 -29.88
CA THR B 346 4.55 9.97 -30.86
C THR B 346 4.32 11.47 -30.76
N ASN B 347 5.29 12.18 -30.18
CA ASN B 347 5.23 13.63 -30.05
C ASN B 347 6.17 14.27 -31.07
N ASP B 348 5.60 15.06 -31.97
CA ASP B 348 6.37 15.81 -32.96
C ASP B 348 7.28 14.89 -33.77
N GLY B 349 6.79 13.70 -34.09
CA GLY B 349 7.53 12.73 -34.87
C GLY B 349 8.50 11.87 -34.09
N HIS B 350 8.55 12.00 -32.78
CA HIS B 350 9.46 11.22 -31.94
C HIS B 350 8.66 10.26 -31.06
N ASP B 351 9.02 8.98 -31.13
CA ASP B 351 8.35 7.96 -30.33
C ASP B 351 8.86 8.05 -28.90
N VAL B 352 7.99 8.45 -27.98
CA VAL B 352 8.33 8.63 -26.59
C VAL B 352 7.33 7.89 -25.72
N THR B 353 7.77 7.44 -24.56
CA THR B 353 6.91 6.70 -23.65
C THR B 353 6.00 7.67 -22.88
N ILE B 354 5.04 7.09 -22.16
CA ILE B 354 3.98 7.88 -21.53
C ILE B 354 4.50 8.71 -20.37
N ASP B 355 5.58 8.29 -19.73
CA ASP B 355 6.07 8.97 -18.52
C ASP B 355 7.00 10.14 -18.82
N GLN B 356 7.45 10.30 -20.06
CA GLN B 356 8.31 11.41 -20.44
C GLN B 356 7.53 12.55 -21.11
N LEU B 357 6.20 12.52 -21.02
CA LEU B 357 5.39 13.63 -21.48
C LEU B 357 5.60 14.85 -20.59
N SER B 358 5.31 16.02 -21.16
CA SER B 358 5.36 17.26 -20.40
C SER B 358 4.00 17.53 -19.74
N ASP B 359 4.01 18.44 -18.78
CA ASP B 359 2.77 18.89 -18.14
C ASP B 359 2.07 19.87 -19.09
N GLY B 360 0.97 19.43 -19.68
CA GLY B 360 0.28 20.20 -20.69
C GLY B 360 -0.06 19.34 -21.88
N GLN B 361 0.82 18.41 -22.22
CA GLN B 361 0.50 17.36 -23.17
C GLN B 361 0.08 16.07 -22.49
N ARG B 362 0.50 15.85 -21.24
CA ARG B 362 0.08 14.69 -20.47
C ARG B 362 -1.25 14.94 -19.77
N VAL B 363 -1.48 16.15 -19.29
CA VAL B 363 -2.74 16.47 -18.61
C VAL B 363 -3.89 16.48 -19.61
N PHE B 364 -3.70 17.14 -20.74
CA PHE B 364 -4.73 17.18 -21.78
C PHE B 364 -4.99 15.77 -22.33
N LEU B 365 -3.92 15.00 -22.55
CA LEU B 365 -4.09 13.62 -23.01
C LEU B 365 -4.84 12.79 -21.97
N SER B 366 -4.54 13.01 -20.69
CA SER B 366 -5.25 12.28 -19.64
C SER B 366 -6.74 12.59 -19.67
N LEU B 367 -7.09 13.88 -19.79
CA LEU B 367 -8.49 14.27 -19.87
C LEU B 367 -9.17 13.63 -21.07
N VAL B 368 -8.55 13.76 -22.25
CA VAL B 368 -9.17 13.26 -23.48
C VAL B 368 -9.31 11.75 -23.44
N ALA B 369 -8.26 11.06 -22.97
CA ALA B 369 -8.29 9.60 -22.92
C ALA B 369 -9.33 9.10 -21.93
N ASP B 370 -9.43 9.72 -20.75
CA ASP B 370 -10.44 9.29 -19.79
C ASP B 370 -11.84 9.53 -20.33
N LEU B 371 -12.08 10.70 -20.93
CA LEU B 371 -13.40 10.97 -21.48
C LEU B 371 -13.74 10.01 -22.60
N ALA B 372 -12.78 9.71 -23.48
CA ALA B 372 -13.03 8.79 -24.58
C ALA B 372 -13.31 7.38 -24.06
N ARG B 373 -12.57 6.95 -23.04
CA ARG B 373 -12.80 5.63 -22.45
C ARG B 373 -14.20 5.54 -21.87
N ARG B 374 -14.62 6.56 -21.11
CA ARG B 374 -15.94 6.51 -20.51
C ARG B 374 -17.04 6.56 -21.57
N MET B 375 -16.87 7.39 -22.61
CA MET B 375 -17.83 7.44 -23.69
C MET B 375 -17.94 6.10 -24.41
N VAL B 376 -16.80 5.47 -24.69
CA VAL B 376 -16.80 4.18 -25.39
C VAL B 376 -17.46 3.11 -24.54
N MET B 377 -17.15 3.09 -23.24
CA MET B 377 -17.68 2.04 -22.37
C MET B 377 -19.17 2.22 -22.11
N LEU B 378 -19.65 3.47 -22.06
CA LEU B 378 -21.05 3.73 -21.76
C LEU B 378 -21.94 3.78 -22.99
N ASN B 379 -21.38 3.74 -24.19
CA ASN B 379 -22.15 3.81 -25.44
C ASN B 379 -21.75 2.67 -26.34
N PRO B 380 -22.27 1.46 -26.09
CA PRO B 380 -21.89 0.31 -26.92
C PRO B 380 -22.77 0.14 -28.15
N LEU B 381 -23.92 0.82 -28.16
CA LEU B 381 -24.89 0.69 -29.25
C LEU B 381 -24.79 1.82 -30.26
N LEU B 382 -23.77 2.67 -30.15
CA LEU B 382 -23.58 3.79 -31.06
C LEU B 382 -22.46 3.46 -32.04
N GLU B 383 -22.65 3.85 -33.30
CA GLU B 383 -21.59 3.69 -34.29
C GLU B 383 -20.36 4.51 -33.90
N ASN B 384 -20.58 5.73 -33.41
CA ASN B 384 -19.52 6.55 -32.82
C ASN B 384 -19.88 6.78 -31.36
N PRO B 385 -19.26 6.05 -30.43
CA PRO B 385 -19.63 6.21 -29.01
C PRO B 385 -19.40 7.60 -28.47
N LEU B 386 -18.48 8.37 -29.05
CA LEU B 386 -18.21 9.72 -28.59
C LEU B 386 -19.37 10.67 -28.86
N GLU B 387 -20.34 10.28 -29.68
CA GLU B 387 -21.52 11.08 -29.93
C GLU B 387 -22.62 10.84 -28.91
N GLY B 388 -22.32 10.15 -27.82
CA GLY B 388 -23.30 9.97 -26.77
C GLY B 388 -23.50 11.23 -25.96
N ARG B 389 -24.58 11.23 -25.18
CA ARG B 389 -24.96 12.39 -24.38
C ARG B 389 -24.33 12.32 -23.00
N GLY B 390 -24.20 13.49 -22.38
CA GLY B 390 -23.63 13.56 -21.05
C GLY B 390 -23.25 14.99 -20.70
N ILE B 391 -22.76 15.15 -19.48
CA ILE B 391 -22.33 16.44 -18.95
C ILE B 391 -20.90 16.30 -18.45
N VAL B 392 -20.02 17.19 -18.90
CA VAL B 392 -18.61 17.16 -18.52
C VAL B 392 -18.23 18.53 -17.97
N LEU B 393 -17.60 18.54 -16.79
CA LEU B 393 -17.18 19.76 -16.13
C LEU B 393 -15.67 19.86 -16.21
N ILE B 394 -15.17 20.96 -16.78
CA ILE B 394 -13.74 21.21 -16.91
C ILE B 394 -13.43 22.54 -16.25
N ASP B 395 -12.45 22.53 -15.35
CA ASP B 395 -12.03 23.72 -14.63
C ASP B 395 -10.66 24.16 -15.15
N GLU B 396 -10.58 25.41 -15.61
CA GLU B 396 -9.34 25.98 -16.14
C GLU B 396 -8.81 25.15 -17.31
N ILE B 397 -9.60 25.15 -18.38
CA ILE B 397 -9.29 24.32 -19.55
C ILE B 397 -7.94 24.68 -20.15
N GLU B 398 -7.48 25.91 -19.98
CA GLU B 398 -6.21 26.36 -20.53
C GLU B 398 -5.03 25.96 -19.66
N LEU B 399 -5.22 25.01 -18.75
CA LEU B 399 -4.17 24.62 -17.82
C LEU B 399 -2.97 24.06 -18.57
N HIS B 400 -1.81 24.71 -18.37
CA HIS B 400 -0.52 24.26 -18.91
C HIS B 400 -0.50 24.23 -20.42
N LEU B 401 -1.39 24.97 -21.07
CA LEU B 401 -1.50 25.00 -22.52
C LEU B 401 -0.89 26.28 -23.07
N HIS B 402 -0.04 26.14 -24.08
CA HIS B 402 0.51 27.30 -24.75
C HIS B 402 -0.60 28.05 -25.49
N PRO B 403 -0.44 29.36 -25.71
CA PRO B 403 -1.45 30.10 -26.48
C PRO B 403 -1.78 29.49 -27.83
N LYS B 404 -0.82 28.78 -28.45
CA LYS B 404 -1.13 28.08 -29.69
C LYS B 404 -2.14 26.96 -29.46
N TRP B 405 -2.00 26.22 -28.35
CA TRP B 405 -2.95 25.16 -28.05
C TRP B 405 -4.30 25.70 -27.64
N GLN B 406 -4.34 26.86 -26.97
CA GLN B 406 -5.59 27.43 -26.53
C GLN B 406 -6.49 27.87 -27.69
N GLN B 407 -5.91 28.09 -28.87
CA GLN B 407 -6.68 28.50 -30.04
C GLN B 407 -7.52 27.37 -30.63
N GLU B 408 -7.30 26.13 -30.21
CA GLU B 408 -7.98 25.01 -30.84
C GLU B 408 -8.51 23.97 -29.87
N VAL B 409 -8.32 24.14 -28.56
CA VAL B 409 -8.77 23.12 -27.61
C VAL B 409 -10.29 23.01 -27.59
N ILE B 410 -10.98 24.16 -27.58
CA ILE B 410 -12.43 24.15 -27.54
C ILE B 410 -13.01 23.53 -28.81
N LEU B 411 -12.46 23.91 -29.97
CA LEU B 411 -12.96 23.37 -31.23
C LEU B 411 -12.74 21.87 -31.31
N ASN B 412 -11.56 21.39 -30.90
CA ASN B 412 -11.28 19.96 -30.94
C ASN B 412 -12.19 19.20 -29.99
N LEU B 413 -12.41 19.72 -28.78
CA LEU B 413 -13.28 19.05 -27.83
C LEU B 413 -14.72 19.00 -28.34
N ARG B 414 -15.20 20.10 -28.91
CA ARG B 414 -16.57 20.12 -29.43
C ARG B 414 -16.73 19.22 -30.65
N SER B 415 -15.67 19.07 -31.45
CA SER B 415 -15.75 18.21 -32.62
C SER B 415 -15.72 16.74 -32.22
N ALA B 416 -14.87 16.37 -31.26
CA ALA B 416 -14.77 14.97 -30.86
C ALA B 416 -16.02 14.51 -30.12
N PHE B 417 -16.56 15.35 -29.24
CA PHE B 417 -17.73 15.03 -28.42
C PHE B 417 -18.81 16.06 -28.72
N PRO B 418 -19.65 15.81 -29.73
CA PRO B 418 -20.62 16.84 -30.14
C PRO B 418 -21.89 16.88 -29.30
N ASN B 419 -22.24 15.80 -28.60
CA ASN B 419 -23.46 15.75 -27.81
C ASN B 419 -23.23 15.96 -26.33
N ILE B 420 -22.00 16.25 -25.93
CA ILE B 420 -21.66 16.48 -24.53
C ILE B 420 -21.89 17.95 -24.20
N GLN B 421 -22.54 18.21 -23.07
CA GLN B 421 -22.72 19.58 -22.57
C GLN B 421 -21.48 19.95 -21.78
N PHE B 422 -20.66 20.84 -22.33
CA PHE B 422 -19.42 21.25 -21.69
C PHE B 422 -19.66 22.51 -20.86
N ILE B 423 -19.34 22.44 -19.57
CA ILE B 423 -19.39 23.59 -18.69
C ILE B 423 -17.96 23.85 -18.23
N ILE B 424 -17.43 25.01 -18.60
CA ILE B 424 -15.99 25.25 -18.56
C ILE B 424 -15.72 26.63 -17.97
N THR B 425 -14.66 26.72 -17.15
CA THR B 425 -14.16 27.99 -16.65
C THR B 425 -12.76 28.21 -17.20
N THR B 426 -12.40 29.48 -17.39
CA THR B 426 -11.12 29.80 -18.01
C THR B 426 -10.67 31.20 -17.60
N HIS B 427 -9.35 31.42 -17.65
CA HIS B 427 -8.75 32.74 -17.56
C HIS B 427 -7.87 32.91 -18.79
N SER B 428 -8.48 33.26 -19.92
CA SER B 428 -7.74 33.49 -21.15
C SER B 428 -8.62 34.13 -22.21
N PRO B 429 -8.16 35.22 -22.84
CA PRO B 429 -8.89 35.74 -24.01
C PRO B 429 -8.68 34.90 -25.25
N ILE B 430 -7.60 34.13 -25.32
CA ILE B 430 -7.30 33.31 -26.49
C ILE B 430 -8.36 32.22 -26.65
N VAL B 431 -8.75 31.58 -25.55
CA VAL B 431 -9.81 30.59 -25.62
C VAL B 431 -11.15 31.25 -25.93
N LEU B 432 -11.41 32.42 -25.34
CA LEU B 432 -12.66 33.13 -25.56
C LEU B 432 -12.81 33.57 -27.01
N SER B 433 -11.70 33.78 -27.72
CA SER B 433 -11.77 34.18 -29.12
C SER B 433 -12.40 33.11 -30.00
N THR B 434 -12.44 31.86 -29.54
CA THR B 434 -13.03 30.76 -30.29
C THR B 434 -14.41 30.37 -29.78
N ILE B 435 -15.00 31.17 -28.90
CA ILE B 435 -16.27 30.84 -28.26
C ILE B 435 -17.27 31.97 -28.53
N GLU B 436 -18.50 31.60 -28.84
CA GLU B 436 -19.55 32.58 -29.11
C GLU B 436 -19.87 33.39 -27.86
N LYS B 437 -20.34 34.61 -28.07
CA LYS B 437 -20.68 35.49 -26.96
C LYS B 437 -21.81 34.93 -26.11
N ARG B 438 -22.77 34.25 -26.74
CA ARG B 438 -23.91 33.71 -26.02
C ARG B 438 -23.53 32.61 -25.04
N CYS B 439 -22.37 31.98 -25.22
CA CYS B 439 -21.96 30.86 -24.39
C CYS B 439 -21.15 31.29 -23.17
N ILE B 440 -20.93 32.59 -22.97
CA ILE B 440 -20.08 33.09 -21.90
C ILE B 440 -20.96 33.66 -20.80
N ARG B 441 -20.67 33.29 -19.56
CA ARG B 441 -21.31 33.84 -18.37
C ARG B 441 -20.23 34.53 -17.54
N GLU B 442 -20.33 35.84 -17.41
CA GLU B 442 -19.28 36.65 -16.80
C GLU B 442 -19.70 37.14 -15.42
N PHE B 443 -18.69 37.40 -14.58
CA PHE B 443 -18.89 37.97 -13.27
C PHE B 443 -18.53 39.45 -13.32
N GLU B 444 -19.38 40.28 -12.74
CA GLU B 444 -19.08 41.71 -12.68
C GLU B 444 -17.82 41.94 -11.84
N PRO B 445 -16.91 42.80 -12.28
CA PRO B 445 -15.65 42.99 -11.52
C PRO B 445 -15.88 43.48 -10.10
N ASN B 446 -16.86 44.36 -9.90
CA ASN B 446 -17.18 44.86 -8.55
C ASN B 446 -18.40 44.10 -8.03
N ASP B 447 -18.14 42.85 -7.62
CA ASP B 447 -19.18 41.98 -7.11
C ASP B 447 -18.72 41.37 -5.79
N ASP B 448 -19.63 41.30 -4.82
CA ASP B 448 -19.35 40.72 -3.52
C ASP B 448 -20.23 39.51 -3.21
N GLY B 449 -20.99 39.02 -4.20
CA GLY B 449 -21.85 37.87 -4.00
C GLY B 449 -23.34 38.17 -3.97
N ASP B 450 -23.73 39.45 -3.94
CA ASP B 450 -25.14 39.80 -3.94
C ASP B 450 -25.75 39.86 -5.34
N GLN B 451 -24.92 39.79 -6.38
CA GLN B 451 -25.42 39.79 -7.75
C GLN B 451 -26.14 38.48 -8.04
N SER B 452 -27.18 38.57 -8.87
CA SER B 452 -28.00 37.42 -9.23
C SER B 452 -28.09 37.30 -10.74
N PHE B 453 -28.22 36.05 -11.19
CA PHE B 453 -28.60 35.71 -12.56
C PHE B 453 -27.61 36.31 -13.57
N LEU B 454 -26.41 35.71 -13.57
CA LEU B 454 -25.30 36.18 -14.39
C LEU B 454 -25.69 36.43 -15.84
N ASP B 455 -24.94 37.31 -16.51
CA ASP B 455 -25.21 37.74 -17.87
C ASP B 455 -24.02 37.46 -18.78
N SER B 456 -24.31 37.39 -20.07
CA SER B 456 -23.31 37.28 -21.11
C SER B 456 -22.71 38.64 -21.42
N PRO B 457 -21.49 38.68 -21.95
CA PRO B 457 -20.86 39.96 -22.29
C PRO B 457 -21.57 40.63 -23.46
N ASP B 458 -21.15 41.86 -23.73
CA ASP B 458 -21.73 42.67 -24.80
C ASP B 458 -20.99 42.46 -26.12
N MET B 459 -19.66 42.39 -26.09
CA MET B 459 -18.86 42.31 -27.30
C MET B 459 -18.74 40.88 -27.77
N GLN B 460 -18.85 40.67 -29.08
CA GLN B 460 -18.84 39.34 -29.68
C GLN B 460 -17.42 38.79 -29.67
N THR B 461 -17.15 37.82 -28.79
CA THR B 461 -15.79 37.34 -28.61
C THR B 461 -15.32 36.43 -29.74
N LYS B 462 -16.23 35.74 -30.42
CA LYS B 462 -15.84 34.77 -31.43
C LYS B 462 -15.23 35.48 -32.64
N GLY B 463 -13.99 35.14 -32.97
CA GLY B 463 -13.28 35.75 -34.07
C GLY B 463 -12.70 37.11 -33.79
N SER B 464 -12.79 37.60 -32.55
CA SER B 464 -12.30 38.93 -32.20
C SER B 464 -10.82 38.90 -31.86
N GLU B 465 -10.24 40.09 -31.79
CA GLU B 465 -8.85 40.22 -31.39
C GLU B 465 -8.68 39.87 -29.92
N ASN B 466 -7.55 39.23 -29.60
CA ASN B 466 -7.27 38.87 -28.21
C ASN B 466 -7.13 40.12 -27.34
N ALA B 467 -6.47 41.15 -27.88
CA ALA B 467 -6.33 42.40 -27.14
C ALA B 467 -7.67 43.04 -26.88
N GLN B 468 -8.57 43.00 -27.86
CA GLN B 468 -9.90 43.57 -27.67
C GLN B 468 -10.68 42.81 -26.60
N ILE B 469 -10.54 41.47 -26.58
CA ILE B 469 -11.20 40.69 -25.55
C ILE B 469 -10.63 41.01 -24.18
N LEU B 470 -9.32 41.20 -24.09
CA LEU B 470 -8.72 41.62 -22.82
C LEU B 470 -9.25 42.98 -22.38
N GLU B 471 -9.39 43.92 -23.33
CA GLU B 471 -9.89 45.24 -23.00
C GLU B 471 -11.34 45.20 -22.51
N GLN B 472 -12.21 44.53 -23.26
CA GLN B 472 -13.65 44.67 -23.03
C GLN B 472 -14.24 43.55 -22.19
N VAL B 473 -13.69 42.34 -22.26
CA VAL B 473 -14.26 41.19 -21.57
C VAL B 473 -13.50 40.87 -20.28
N MET B 474 -12.17 40.76 -20.37
CA MET B 474 -11.37 40.47 -19.19
C MET B 474 -11.17 41.67 -18.28
N ASN B 475 -11.53 42.88 -18.72
CA ASN B 475 -11.39 44.10 -17.92
C ASN B 475 -9.93 44.32 -17.51
N VAL B 476 -9.04 44.15 -18.48
CA VAL B 476 -7.59 44.22 -18.25
C VAL B 476 -6.97 45.05 -19.37
N HIS B 477 -6.01 45.90 -19.00
CA HIS B 477 -5.26 46.66 -20.00
C HIS B 477 -4.45 45.73 -20.89
N SER B 478 -4.34 46.09 -22.17
CA SER B 478 -3.43 45.38 -23.05
C SER B 478 -1.98 45.76 -22.80
N THR B 479 -1.74 46.90 -22.17
CA THR B 479 -0.42 47.38 -21.82
C THR B 479 -0.33 47.54 -20.31
N PRO B 480 0.67 46.96 -19.64
CA PRO B 480 0.71 46.98 -18.17
C PRO B 480 0.75 48.40 -17.63
N PRO B 481 -0.01 48.68 -16.57
CA PRO B 481 -0.04 50.03 -16.02
C PRO B 481 1.07 50.31 -15.02
N GLY B 482 1.62 49.25 -14.44
CA GLY B 482 2.68 49.39 -13.45
C GLY B 482 4.07 49.58 -14.02
N ILE B 483 4.20 49.62 -15.35
CA ILE B 483 5.48 49.79 -16.01
C ILE B 483 5.60 51.24 -16.46
N ALA B 484 6.71 51.88 -16.10
CA ALA B 484 6.90 53.28 -16.46
C ALA B 484 7.01 53.47 -17.96
N GLU B 485 7.58 52.49 -18.66
CA GLU B 485 7.76 52.58 -20.11
C GLU B 485 6.45 52.54 -20.87
N SER B 486 5.34 52.17 -20.22
CA SER B 486 4.07 52.06 -20.92
C SER B 486 3.43 53.42 -21.19
N HIS B 487 3.69 54.41 -20.34
CA HIS B 487 3.11 55.74 -20.48
C HIS B 487 4.00 56.68 -21.28
N TRP B 488 5.07 56.17 -21.90
CA TRP B 488 6.00 57.04 -22.62
C TRP B 488 5.34 57.65 -23.84
N LEU B 489 4.48 56.89 -24.53
CA LEU B 489 3.79 57.45 -25.70
C LEU B 489 2.84 58.58 -25.30
N GLY B 490 2.11 58.42 -24.21
CA GLY B 490 1.26 59.50 -23.73
C GLY B 490 2.06 60.70 -23.28
N ASN B 491 3.18 60.47 -22.61
CA ASN B 491 4.04 61.58 -22.21
C ASN B 491 4.58 62.31 -23.43
N PHE B 492 4.95 61.56 -24.48
CA PHE B 492 5.39 62.19 -25.72
C PHE B 492 4.27 63.00 -26.35
N GLU B 493 3.03 62.47 -26.30
CA GLU B 493 1.88 63.23 -26.76
C GLU B 493 1.78 64.57 -26.06
N LEU B 494 1.88 64.56 -24.72
CA LEU B 494 1.78 65.81 -23.96
C LEU B 494 2.93 66.76 -24.31
N LEU B 495 4.17 66.28 -24.23
CA LEU B 495 5.31 67.15 -24.47
C LEU B 495 5.43 67.57 -25.93
N LEU B 496 4.70 66.94 -26.84
CA LEU B 496 4.69 67.39 -28.23
C LEU B 496 3.58 68.40 -28.49
N LEU B 497 2.39 68.17 -27.94
CA LEU B 497 1.29 69.11 -28.15
C LEU B 497 1.43 70.40 -27.36
N ASP B 498 2.42 70.48 -26.46
CA ASP B 498 2.47 71.60 -25.51
C ASP B 498 2.67 72.94 -26.20
N ASN B 499 3.70 73.06 -27.04
CA ASN B 499 4.02 74.36 -27.65
C ASN B 499 3.20 74.60 -28.91
N SER B 500 3.49 73.83 -29.98
CA SER B 500 2.71 73.93 -31.20
C SER B 500 2.56 72.61 -31.93
N GLY B 501 3.03 71.50 -31.36
CA GLY B 501 3.19 70.27 -32.12
C GLY B 501 4.58 70.04 -32.66
N GLU B 502 5.58 70.77 -32.18
CA GLU B 502 6.94 70.65 -32.63
C GLU B 502 7.82 70.11 -31.51
N LEU B 503 8.95 69.51 -31.89
CA LEU B 503 9.89 68.95 -30.93
C LEU B 503 10.70 70.05 -30.25
N ASP B 504 11.20 69.73 -29.06
CA ASP B 504 12.14 70.58 -28.35
C ASP B 504 13.05 69.67 -27.53
N ASN B 505 13.75 70.26 -26.54
CA ASN B 505 14.79 69.51 -25.84
C ASN B 505 14.23 68.30 -25.10
N HIS B 506 13.20 68.52 -24.27
CA HIS B 506 12.67 67.40 -23.49
C HIS B 506 11.90 66.43 -24.37
N SER B 507 11.19 66.93 -25.38
CA SER B 507 10.52 66.04 -26.32
C SER B 507 11.52 65.19 -27.08
N GLN B 508 12.64 65.78 -27.49
CA GLN B 508 13.68 65.01 -28.18
C GLN B 508 14.31 63.98 -27.24
N VAL B 509 14.50 64.34 -25.97
CA VAL B 509 15.04 63.38 -25.00
C VAL B 509 14.09 62.20 -24.83
N LEU B 510 12.79 62.48 -24.72
CA LEU B 510 11.81 61.39 -24.59
C LEU B 510 11.77 60.54 -25.84
N TYR B 511 11.87 61.17 -27.02
CA TYR B 511 11.91 60.41 -28.26
C TYR B 511 13.14 59.50 -28.31
N ASP B 512 14.29 60.01 -27.87
CA ASP B 512 15.50 59.20 -27.83
C ASP B 512 15.34 58.03 -26.87
N GLN B 513 14.71 58.27 -25.72
CA GLN B 513 14.47 57.18 -24.77
C GLN B 513 13.56 56.12 -25.38
N ILE B 514 12.50 56.55 -26.08
CA ILE B 514 11.59 55.62 -26.72
C ILE B 514 12.32 54.80 -27.78
N LYS B 515 13.15 55.47 -28.59
CA LYS B 515 13.90 54.79 -29.64
C LYS B 515 14.89 53.79 -29.06
N ALA B 516 15.58 54.17 -27.97
CA ALA B 516 16.58 53.27 -27.40
C ALA B 516 15.95 52.08 -26.70
N HIS B 517 14.82 52.29 -26.01
CA HIS B 517 14.19 51.21 -25.27
C HIS B 517 13.43 50.26 -26.19
N PHE B 518 12.43 50.78 -26.90
CA PHE B 518 11.57 49.91 -27.69
C PHE B 518 12.26 49.42 -28.97
N GLY B 519 13.16 50.22 -29.52
CA GLY B 519 13.89 49.83 -30.71
C GLY B 519 13.50 50.66 -31.93
N ILE B 520 14.11 50.30 -33.05
CA ILE B 520 13.87 51.01 -34.30
C ILE B 520 12.61 50.50 -34.98
N ASP B 521 12.46 49.19 -35.09
CA ASP B 521 11.34 48.58 -35.79
C ASP B 521 10.10 48.43 -34.92
N SER B 522 10.16 48.82 -33.66
CA SER B 522 9.00 48.69 -32.78
C SER B 522 7.87 49.60 -33.24
N ILE B 523 6.63 49.13 -33.03
CA ILE B 523 5.47 49.92 -33.41
C ILE B 523 5.34 51.18 -32.54
N GLU B 524 5.96 51.18 -31.36
CA GLU B 524 5.93 52.37 -30.52
C GLU B 524 6.66 53.53 -31.19
N LEU B 525 7.86 53.26 -31.71
CA LEU B 525 8.60 54.31 -32.41
C LEU B 525 7.91 54.69 -33.72
N LYS B 526 7.28 53.73 -34.39
CA LYS B 526 6.52 54.04 -35.60
C LYS B 526 5.38 55.00 -35.29
N LYS B 527 4.63 54.74 -34.21
CA LYS B 527 3.58 55.65 -33.80
C LYS B 527 4.13 57.01 -33.42
N ALA B 528 5.27 57.04 -32.71
CA ALA B 528 5.86 58.30 -32.30
C ALA B 528 6.27 59.14 -33.52
N ASP B 529 6.92 58.52 -34.51
CA ASP B 529 7.37 59.28 -35.67
C ASP B 529 6.20 59.69 -36.56
N SER B 530 5.17 58.84 -36.67
CA SER B 530 3.97 59.25 -37.39
C SER B 530 3.31 60.43 -36.70
N LEU B 531 3.28 60.41 -35.36
CA LEU B 531 2.74 61.53 -34.61
C LEU B 531 3.54 62.81 -34.87
N ILE B 532 4.88 62.70 -34.88
CA ILE B 532 5.73 63.86 -35.14
C ILE B 532 5.45 64.41 -36.53
N ARG B 533 5.39 63.53 -37.54
CA ARG B 533 5.15 63.98 -38.90
C ARG B 533 3.79 64.67 -39.03
N ILE B 534 2.77 64.08 -38.41
CA ILE B 534 1.43 64.66 -38.47
C ILE B 534 1.42 66.03 -37.81
N ASN B 535 2.03 66.15 -36.63
CA ASN B 535 1.95 67.40 -35.88
C ASN B 535 2.75 68.52 -36.54
N LYS B 536 3.93 68.20 -37.09
CA LYS B 536 4.75 69.24 -37.71
C LYS B 536 4.02 69.89 -38.88
N MET B 537 3.46 69.06 -39.77
CA MET B 537 2.73 69.60 -40.92
C MET B 537 1.34 70.14 -40.56
N LYS B 538 0.73 69.66 -39.47
CA LYS B 538 -0.46 70.35 -38.95
C LYS B 538 -0.11 71.77 -38.51
N ASN B 539 1.02 71.93 -37.81
CA ASN B 539 1.45 73.26 -37.41
C ASN B 539 1.75 74.13 -38.63
N LYS B 540 2.40 73.56 -39.64
CA LYS B 540 2.69 74.32 -40.85
C LYS B 540 1.40 74.80 -41.52
N LEU B 541 0.41 73.92 -41.64
CA LEU B 541 -0.85 74.31 -42.26
C LEU B 541 -1.60 75.33 -41.41
N ASN B 542 -1.51 75.19 -40.08
CA ASN B 542 -2.14 76.17 -39.19
C ASN B 542 -1.52 77.54 -39.37
N LYS B 543 -0.19 77.61 -39.47
CA LYS B 543 0.47 78.89 -39.73
C LYS B 543 0.06 79.44 -41.09
N ILE B 544 -0.02 78.58 -42.10
CA ILE B 544 -0.42 79.03 -43.43
C ILE B 544 -1.82 79.64 -43.40
N ARG B 545 -2.76 78.97 -42.72
CA ARG B 545 -4.11 79.48 -42.63
C ARG B 545 -4.17 80.78 -41.82
N ALA B 546 -3.42 80.85 -40.72
CA ALA B 546 -3.42 82.05 -39.91
C ALA B 546 -2.78 83.24 -40.62
N GLU B 547 -1.91 82.98 -41.58
CA GLU B 547 -1.31 84.07 -42.36
C GLU B 547 -2.38 84.83 -43.14
N LYS B 548 -3.28 84.11 -43.80
CA LYS B 548 -4.33 84.75 -44.58
C LYS B 548 -5.54 85.16 -43.76
N GLY B 549 -5.65 84.66 -42.52
CA GLY B 549 -6.77 85.00 -41.67
C GLY B 549 -6.63 86.28 -40.87
N LYS B 550 -5.52 87.00 -41.02
CA LYS B 550 -5.31 88.23 -40.29
C LYS B 550 -6.01 89.41 -40.97
N MET C 1 -49.85 -6.34 22.76
CA MET C 1 -48.58 -5.64 22.63
C MET C 1 -47.74 -5.82 23.90
N THR C 2 -48.00 -4.96 24.89
CA THR C 2 -47.29 -5.08 26.16
C THR C 2 -47.71 -6.33 26.92
N LYS C 3 -49.01 -6.65 26.92
CA LYS C 3 -49.49 -7.85 27.61
C LYS C 3 -48.92 -9.11 26.97
N GLN C 4 -48.89 -9.16 25.63
CA GLN C 4 -48.31 -10.31 24.95
C GLN C 4 -46.83 -10.45 25.26
N TYR C 5 -46.11 -9.32 25.30
CA TYR C 5 -44.69 -9.36 25.64
C TYR C 5 -44.47 -9.87 27.06
N GLU C 6 -45.31 -9.42 28.00
CA GLU C 6 -45.19 -9.91 29.38
C GLU C 6 -45.49 -11.40 29.45
N ARG C 7 -46.52 -11.86 28.73
CA ARG C 7 -46.84 -13.28 28.72
C ARG C 7 -45.70 -14.11 28.16
N LYS C 8 -45.08 -13.64 27.07
CA LYS C 8 -43.94 -14.35 26.49
C LYS C 8 -42.74 -14.35 27.44
N ALA C 9 -42.51 -13.23 28.11
CA ALA C 9 -41.35 -13.12 28.99
C ALA C 9 -41.52 -13.95 30.26
N LYS C 10 -42.76 -14.13 30.73
CA LYS C 10 -42.97 -14.95 31.92
C LYS C 10 -42.52 -16.39 31.70
N GLY C 11 -42.82 -16.95 30.53
CA GLY C 11 -42.38 -18.29 30.19
C GLY C 11 -40.97 -18.40 29.68
N GLY C 12 -40.28 -17.28 29.51
CA GLY C 12 -38.90 -17.30 29.04
C GLY C 12 -38.75 -16.75 27.64
N ASN C 13 -38.34 -15.49 27.53
CA ASN C 13 -38.12 -14.85 26.24
C ASN C 13 -37.23 -13.64 26.46
N LEU C 14 -36.03 -13.66 25.87
CA LEU C 14 -35.09 -12.57 26.09
C LEU C 14 -35.49 -11.31 25.33
N LEU C 15 -35.96 -11.47 24.09
CA LEU C 15 -36.29 -10.31 23.28
C LEU C 15 -37.46 -9.52 23.87
N SER C 16 -38.53 -10.22 24.26
CA SER C 16 -39.69 -9.54 24.83
C SER C 16 -39.35 -8.87 26.15
N ALA C 17 -38.56 -9.55 26.99
CA ALA C 17 -38.16 -8.98 28.26
C ALA C 17 -37.31 -7.73 28.07
N PHE C 18 -36.36 -7.78 27.12
CA PHE C 18 -35.55 -6.60 26.85
C PHE C 18 -36.40 -5.46 26.29
N GLU C 19 -37.37 -5.79 25.44
CA GLU C 19 -38.26 -4.75 24.91
C GLU C 19 -39.06 -4.09 26.02
N LEU C 20 -39.58 -4.89 26.95
CA LEU C 20 -40.31 -4.33 28.09
C LEU C 20 -39.40 -3.46 28.95
N TYR C 21 -38.17 -3.93 29.20
CA TYR C 21 -37.23 -3.16 30.01
C TYR C 21 -36.90 -1.83 29.34
N GLN C 22 -36.69 -1.85 28.02
CA GLN C 22 -36.38 -0.61 27.30
C GLN C 22 -37.58 0.32 27.27
N ARG C 23 -38.80 -0.22 27.12
CA ARG C 23 -39.97 0.64 27.01
C ARG C 23 -40.35 1.26 28.34
N ASN C 24 -40.13 0.56 29.46
CA ASN C 24 -40.43 1.15 30.75
C ASN C 24 -39.23 1.83 31.40
N SER C 25 -38.03 1.73 30.79
CA SER C 25 -36.89 2.46 31.29
C SER C 25 -36.97 3.95 30.95
N ASP C 26 -37.60 4.28 29.82
CA ASP C 26 -37.76 5.68 29.42
C ASP C 26 -38.75 6.42 30.29
N LYS C 27 -39.51 5.72 31.13
CA LYS C 27 -40.47 6.38 32.00
C LYS C 27 -39.75 7.18 33.09
N ALA C 28 -40.49 8.09 33.70
CA ALA C 28 -39.94 8.91 34.76
C ALA C 28 -39.55 8.02 35.95
N PRO C 29 -38.48 8.34 36.65
CA PRO C 29 -38.06 7.52 37.80
C PRO C 29 -39.12 7.50 38.89
N GLY C 30 -39.24 6.35 39.54
CA GLY C 30 -40.15 6.19 40.67
C GLY C 30 -41.57 5.80 40.34
N LEU C 31 -41.87 5.51 39.06
CA LEU C 31 -43.24 5.16 38.70
C LEU C 31 -43.58 3.74 39.14
N GLY C 32 -42.84 2.75 38.65
CA GLY C 32 -43.10 1.37 39.03
C GLY C 32 -42.35 0.94 40.26
N GLU C 33 -41.06 1.32 40.33
CA GLU C 33 -40.15 1.06 41.44
C GLU C 33 -39.74 -0.40 41.52
N MET C 34 -40.39 -1.27 40.75
CA MET C 34 -39.98 -2.66 40.59
C MET C 34 -40.15 -3.11 39.15
N LEU C 35 -40.88 -2.34 38.33
CA LEU C 35 -41.23 -2.75 36.98
C LEU C 35 -40.00 -2.89 36.10
N VAL C 36 -39.17 -1.86 36.06
CA VAL C 36 -37.95 -1.93 35.26
C VAL C 36 -36.99 -2.95 35.87
N GLY C 37 -36.95 -3.01 37.20
CA GLY C 37 -35.99 -3.88 37.87
C GLY C 37 -36.23 -5.35 37.59
N GLU C 38 -37.48 -5.78 37.59
CA GLU C 38 -37.75 -7.20 37.37
C GLU C 38 -37.34 -7.63 35.96
N TRP C 39 -37.65 -6.82 34.94
CA TRP C 39 -37.26 -7.16 33.59
C TRP C 39 -35.75 -7.14 33.43
N PHE C 40 -35.08 -6.15 34.01
CA PHE C 40 -33.61 -6.12 33.93
C PHE C 40 -33.00 -7.33 34.61
N GLU C 41 -33.48 -7.68 35.80
CA GLU C 41 -32.93 -8.82 36.51
C GLU C 41 -33.18 -10.12 35.77
N MET C 42 -34.34 -10.27 35.14
CA MET C 42 -34.61 -11.51 34.43
C MET C 42 -33.78 -11.61 33.15
N CYS C 43 -33.57 -10.49 32.45
CA CYS C 43 -32.66 -10.50 31.30
C CYS C 43 -31.25 -10.85 31.71
N ARG C 44 -30.75 -10.21 32.78
CA ARG C 44 -29.40 -10.47 33.23
C ARG C 44 -29.24 -11.90 33.74
N ASP C 45 -30.29 -12.45 34.34
CA ASP C 45 -30.23 -13.85 34.76
C ASP C 45 -30.21 -14.79 33.56
N TYR C 46 -31.05 -14.52 32.55
CA TYR C 46 -31.01 -15.32 31.32
C TYR C 46 -29.61 -15.30 30.72
N ILE C 47 -28.94 -14.15 30.76
CA ILE C 47 -27.57 -14.10 30.25
C ILE C 47 -26.62 -14.86 31.17
N GLN C 48 -26.78 -14.71 32.48
CA GLN C 48 -25.78 -15.14 33.45
C GLN C 48 -26.04 -16.50 34.10
N ASP C 49 -27.21 -17.11 33.86
CA ASP C 49 -27.51 -18.38 34.51
C ASP C 49 -26.58 -19.49 34.02
N GLY C 50 -26.26 -20.40 34.92
CA GLY C 50 -25.43 -21.54 34.60
C GLY C 50 -25.30 -22.43 35.81
N HIS C 51 -24.79 -23.64 35.56
CA HIS C 51 -24.62 -24.63 36.61
C HIS C 51 -23.31 -25.38 36.39
N VAL C 52 -22.75 -25.87 37.49
CA VAL C 52 -21.52 -26.66 37.45
C VAL C 52 -21.91 -28.13 37.34
N ASP C 53 -21.43 -28.78 36.29
CA ASP C 53 -21.80 -30.16 36.00
C ASP C 53 -20.97 -31.10 36.86
N GLU C 54 -21.05 -32.40 36.55
CA GLU C 54 -20.32 -33.41 37.32
C GLU C 54 -18.80 -33.29 37.16
N SER C 55 -18.33 -32.64 36.10
CA SER C 55 -16.90 -32.49 35.86
C SER C 55 -16.33 -31.20 36.44
N GLY C 56 -17.14 -30.43 37.16
CA GLY C 56 -16.66 -29.18 37.72
C GLY C 56 -16.54 -28.05 36.72
N ILE C 57 -17.19 -28.16 35.57
CA ILE C 57 -17.12 -27.16 34.51
C ILE C 57 -18.41 -26.35 34.51
N PHE C 58 -18.28 -25.03 34.46
CA PHE C 58 -19.45 -24.17 34.42
C PHE C 58 -20.13 -24.26 33.07
N ARG C 59 -21.36 -24.77 33.05
CA ARG C 59 -22.13 -24.88 31.81
C ARG C 59 -23.25 -23.85 31.82
N PRO C 60 -23.24 -22.87 30.93
CA PRO C 60 -24.35 -21.90 30.89
C PRO C 60 -25.66 -22.57 30.54
N ASP C 61 -26.74 -22.05 31.14
CA ASP C 61 -28.07 -22.57 30.82
C ASP C 61 -28.43 -22.27 29.36
N ASN C 62 -28.07 -21.09 28.88
CA ASN C 62 -28.31 -20.68 27.49
C ASN C 62 -26.96 -20.58 26.79
N ALA C 63 -26.73 -21.45 25.83
CA ALA C 63 -25.47 -21.48 25.09
C ALA C 63 -25.60 -20.74 23.77
N PHE C 64 -24.50 -20.10 23.36
CA PHE C 64 -24.46 -19.34 22.12
C PHE C 64 -23.53 -20.03 21.14
N TYR C 65 -24.06 -20.38 19.97
CA TYR C 65 -23.26 -20.98 18.92
C TYR C 65 -23.96 -20.78 17.58
N LEU C 66 -23.22 -21.01 16.51
CA LEU C 66 -23.75 -20.88 15.16
C LEU C 66 -24.29 -22.23 14.70
N ARG C 67 -25.51 -22.21 14.14
CA ARG C 67 -26.20 -23.42 13.74
C ARG C 67 -26.02 -23.74 12.26
N ARG C 68 -26.41 -22.82 11.39
CA ARG C 68 -26.38 -23.04 9.95
C ARG C 68 -25.64 -21.92 9.26
N LEU C 69 -24.91 -22.26 8.20
CA LEU C 69 -24.28 -21.30 7.32
C LEU C 69 -24.65 -21.63 5.88
N THR C 70 -25.13 -20.63 5.14
CA THR C 70 -25.52 -20.81 3.75
C THR C 70 -24.77 -19.80 2.90
N LEU C 71 -24.16 -20.27 1.81
CA LEU C 71 -23.41 -19.43 0.89
C LEU C 71 -24.03 -19.57 -0.49
N LYS C 72 -24.74 -18.54 -0.94
CA LYS C 72 -25.41 -18.54 -2.23
C LYS C 72 -24.66 -17.58 -3.16
N ASP C 73 -24.16 -18.11 -4.28
CA ASP C 73 -23.43 -17.33 -5.27
C ASP C 73 -22.22 -16.62 -4.66
N PHE C 74 -21.64 -17.23 -3.63
CA PHE C 74 -20.50 -16.66 -2.92
C PHE C 74 -19.22 -17.30 -3.43
N ARG C 75 -18.30 -16.46 -3.94
CA ARG C 75 -17.04 -16.92 -4.49
C ARG C 75 -17.27 -17.95 -5.61
N ARG C 76 -17.11 -19.23 -5.28
CA ARG C 76 -17.34 -20.30 -6.24
C ARG C 76 -18.55 -21.16 -5.90
N PHE C 77 -19.21 -20.92 -4.77
CA PHE C 77 -20.31 -21.75 -4.32
C PHE C 77 -21.63 -21.19 -4.85
N SER C 78 -22.32 -21.96 -5.70
CA SER C 78 -23.64 -21.57 -6.14
C SER C 78 -24.63 -21.60 -4.98
N LEU C 79 -24.64 -22.70 -4.22
CA LEU C 79 -25.45 -22.79 -3.02
C LEU C 79 -24.83 -23.87 -2.13
N LEU C 80 -24.16 -23.46 -1.05
CA LEU C 80 -23.53 -24.37 -0.12
C LEU C 80 -24.14 -24.18 1.26
N GLU C 81 -24.61 -25.27 1.86
CA GLU C 81 -25.21 -25.26 3.17
C GLU C 81 -24.34 -26.06 4.13
N ILE C 82 -24.06 -25.48 5.29
CA ILE C 82 -23.21 -26.09 6.31
C ILE C 82 -24.00 -26.17 7.61
N LYS C 83 -24.03 -27.35 8.21
CA LYS C 83 -24.59 -27.54 9.54
C LYS C 83 -23.44 -27.76 10.51
N LEU C 84 -23.34 -26.90 11.52
CA LEU C 84 -22.20 -26.86 12.41
C LEU C 84 -22.57 -27.42 13.78
N GLU C 85 -21.64 -28.18 14.37
CA GLU C 85 -21.86 -28.77 15.68
C GLU C 85 -21.70 -27.71 16.77
N GLU C 86 -22.37 -27.95 17.90
CA GLU C 86 -22.31 -27.02 19.01
C GLU C 86 -20.91 -26.96 19.63
N ASP C 87 -20.22 -28.09 19.68
CA ASP C 87 -18.94 -28.20 20.36
C ASP C 87 -17.73 -28.05 19.45
N LEU C 88 -17.65 -28.84 18.38
CA LEU C 88 -16.48 -28.84 17.51
C LEU C 88 -16.92 -29.21 16.11
N THR C 89 -16.42 -28.47 15.12
CA THR C 89 -16.67 -28.76 13.72
C THR C 89 -15.34 -28.69 12.97
N VAL C 90 -15.08 -29.69 12.14
CA VAL C 90 -13.84 -29.80 11.38
C VAL C 90 -14.19 -29.92 9.90
N ILE C 91 -13.56 -29.07 9.09
CA ILE C 91 -13.73 -29.10 7.65
C ILE C 91 -12.43 -29.61 7.03
N ILE C 92 -12.51 -30.73 6.32
CA ILE C 92 -11.34 -31.36 5.73
C ILE C 92 -11.47 -31.33 4.21
N GLY C 93 -10.35 -31.46 3.54
CA GLY C 93 -10.30 -31.41 2.10
C GLY C 93 -8.97 -30.85 1.63
N ASN C 94 -8.98 -30.33 0.41
CA ASN C 94 -7.77 -29.77 -0.17
C ASN C 94 -7.41 -28.44 0.49
N ASN C 95 -6.11 -28.18 0.58
CA ASN C 95 -5.64 -26.93 1.15
C ASN C 95 -5.85 -25.78 0.17
N GLY C 96 -5.95 -24.57 0.72
CA GLY C 96 -6.07 -23.37 -0.09
C GLY C 96 -7.46 -22.77 -0.06
N LYS C 97 -7.85 -22.15 -1.17
CA LYS C 97 -9.18 -21.54 -1.26
C LYS C 97 -10.25 -22.62 -1.15
N GLY C 98 -11.43 -22.22 -0.67
CA GLY C 98 -12.43 -23.18 -0.26
C GLY C 98 -12.82 -22.99 1.18
N LYS C 99 -12.37 -23.90 2.06
CA LYS C 99 -12.63 -23.78 3.49
C LYS C 99 -12.20 -22.42 4.03
N THR C 100 -11.13 -21.84 3.46
CA THR C 100 -10.72 -20.51 3.86
C THR C 100 -11.82 -19.49 3.61
N SER C 101 -12.52 -19.61 2.49
CA SER C 101 -13.64 -18.72 2.21
C SER C 101 -14.79 -18.93 3.18
N ILE C 102 -15.03 -20.17 3.60
CA ILE C 102 -16.07 -20.44 4.59
C ILE C 102 -15.73 -19.75 5.91
N LEU C 103 -14.48 -19.90 6.36
CA LEU C 103 -14.07 -19.23 7.60
C LEU C 103 -14.12 -17.72 7.44
N TYR C 104 -13.78 -17.21 6.27
CA TYR C 104 -13.87 -15.78 5.99
C TYR C 104 -15.30 -15.27 6.10
N ALA C 105 -16.26 -16.02 5.55
CA ALA C 105 -17.66 -15.64 5.66
C ALA C 105 -18.13 -15.67 7.10
N ILE C 106 -17.73 -16.71 7.85
CA ILE C 106 -18.12 -16.78 9.26
C ILE C 106 -17.54 -15.62 10.05
N ALA C 107 -16.28 -15.26 9.78
CA ALA C 107 -15.66 -14.13 10.47
C ALA C 107 -16.37 -12.82 10.13
N LYS C 108 -16.74 -12.64 8.88
CA LYS C 108 -17.50 -11.43 8.52
C LYS C 108 -18.84 -11.40 9.22
N THR C 109 -19.49 -12.56 9.37
CA THR C 109 -20.75 -12.61 10.09
C THR C 109 -20.55 -12.22 11.57
N LEU C 110 -19.51 -12.74 12.21
CA LEU C 110 -19.26 -12.43 13.61
C LEU C 110 -18.78 -11.00 13.81
N SER C 111 -18.25 -10.36 12.76
CA SER C 111 -17.81 -8.98 12.88
C SER C 111 -18.96 -8.06 13.25
N TRP C 112 -20.17 -8.34 12.78
CA TRP C 112 -21.32 -7.51 13.15
C TRP C 112 -21.63 -7.62 14.63
N PHE C 113 -21.60 -8.84 15.18
CA PHE C 113 -21.78 -9.00 16.62
C PHE C 113 -20.72 -8.24 17.40
N VAL C 114 -19.46 -8.34 16.96
CA VAL C 114 -18.38 -7.65 17.67
C VAL C 114 -18.60 -6.15 17.65
N ALA C 115 -18.89 -5.61 16.46
CA ALA C 115 -19.03 -4.17 16.30
C ALA C 115 -20.22 -3.63 17.09
N ASN C 116 -21.34 -4.35 17.08
CA ASN C 116 -22.51 -3.88 17.81
C ASN C 116 -22.40 -4.11 19.31
N ILE C 117 -21.54 -5.04 19.74
CA ILE C 117 -21.23 -5.12 21.16
C ILE C 117 -20.38 -3.92 21.58
N LEU C 118 -19.41 -3.54 20.75
CA LEU C 118 -18.53 -2.43 21.09
C LEU C 118 -19.29 -1.11 21.14
N LYS C 119 -20.07 -0.81 20.11
CA LYS C 119 -20.69 0.50 19.99
C LYS C 119 -22.14 0.35 19.55
N GLU C 120 -22.98 1.28 19.99
CA GLU C 120 -24.38 1.30 19.56
C GLU C 120 -24.48 1.71 18.10
N GLY C 121 -25.24 0.94 17.33
CA GLY C 121 -25.37 1.22 15.91
C GLY C 121 -24.13 0.96 15.11
N GLY C 122 -23.22 0.15 15.61
CA GLY C 122 -22.00 -0.15 14.88
C GLY C 122 -22.25 -1.02 13.67
N SER C 123 -21.27 -1.01 12.76
CA SER C 123 -21.35 -1.76 11.52
C SER C 123 -20.19 -2.74 11.42
N GLY C 124 -20.49 -3.94 10.95
CA GLY C 124 -19.47 -4.95 10.71
C GLY C 124 -18.95 -4.87 9.29
N GLN C 125 -18.21 -5.91 8.91
CA GLN C 125 -17.66 -5.98 7.56
C GLN C 125 -18.76 -6.26 6.54
N ARG C 126 -18.53 -5.79 5.31
CA ARG C 126 -19.49 -5.93 4.23
C ARG C 126 -18.90 -6.75 3.09
N LEU C 127 -19.76 -7.44 2.37
CA LEU C 127 -19.34 -8.19 1.20
C LEU C 127 -18.89 -7.25 0.09
N SER C 128 -17.90 -7.68 -0.67
CA SER C 128 -17.36 -6.91 -1.78
C SER C 128 -17.81 -7.53 -3.10
N GLU C 129 -18.31 -6.69 -4.00
CA GLU C 129 -18.78 -7.16 -5.29
C GLU C 129 -17.66 -7.49 -6.27
N MET C 130 -16.43 -7.09 -5.96
CA MET C 130 -15.30 -7.46 -6.82
C MET C 130 -14.91 -8.92 -6.62
N THR C 131 -14.96 -9.41 -5.38
CA THR C 131 -14.43 -10.73 -5.05
C THR C 131 -15.51 -11.71 -4.63
N ASP C 132 -16.42 -11.30 -3.74
CA ASP C 132 -17.37 -12.24 -3.15
C ASP C 132 -18.46 -12.67 -4.13
N ILE C 133 -18.87 -11.80 -5.05
CA ILE C 133 -19.91 -12.16 -6.00
C ILE C 133 -19.36 -13.18 -6.98
N LYS C 134 -20.12 -14.26 -7.18
CA LYS C 134 -19.72 -15.28 -8.14
C LYS C 134 -19.74 -14.72 -9.55
N ASN C 135 -18.70 -15.02 -10.32
CA ASN C 135 -18.59 -14.48 -11.67
C ASN C 135 -19.68 -15.03 -12.58
N ASP C 136 -20.01 -16.31 -12.45
CA ASP C 136 -20.99 -16.98 -13.29
C ASP C 136 -22.41 -16.85 -12.74
N ALA C 137 -22.62 -16.06 -11.70
CA ALA C 137 -23.94 -15.93 -11.10
C ALA C 137 -24.90 -15.27 -12.09
N GLU C 138 -26.06 -15.91 -12.30
CA GLU C 138 -27.08 -15.35 -13.16
C GLU C 138 -27.85 -14.22 -12.48
N ASP C 139 -28.02 -14.32 -11.16
CA ASP C 139 -28.73 -13.29 -10.40
C ASP C 139 -27.86 -12.07 -10.09
N ARG C 140 -26.54 -12.17 -10.27
CA ARG C 140 -25.62 -11.06 -10.07
C ARG C 140 -25.66 -10.52 -8.64
N TYR C 141 -25.89 -11.41 -7.67
CA TYR C 141 -25.80 -11.03 -6.27
C TYR C 141 -25.44 -12.27 -5.45
N SER C 142 -24.93 -12.02 -4.25
CA SER C 142 -24.55 -13.09 -3.33
C SER C 142 -25.05 -12.75 -1.94
N ASP C 143 -25.31 -13.79 -1.15
CA ASP C 143 -25.71 -13.62 0.24
C ASP C 143 -25.06 -14.69 1.09
N VAL C 144 -24.88 -14.37 2.37
CA VAL C 144 -24.27 -15.27 3.35
C VAL C 144 -25.25 -15.32 4.52
N SER C 145 -25.98 -16.42 4.65
CA SER C 145 -27.01 -16.57 5.66
C SER C 145 -26.47 -17.39 6.83
N SER C 146 -26.56 -16.83 8.03
CA SER C 146 -26.13 -17.50 9.25
C SER C 146 -27.27 -17.51 10.26
N THR C 147 -27.39 -18.61 10.98
CA THR C 147 -28.42 -18.77 12.01
C THR C 147 -27.73 -19.11 13.32
N PHE C 148 -27.97 -18.31 14.35
CA PHE C 148 -27.36 -18.48 15.65
C PHE C 148 -28.40 -18.93 16.67
N PHE C 149 -27.90 -19.51 17.75
CA PHE C 149 -28.75 -20.05 18.82
C PHE C 149 -28.29 -19.47 20.15
N PHE C 150 -29.24 -18.96 20.92
CA PHE C 150 -28.95 -18.39 22.23
C PHE C 150 -29.94 -18.88 23.27
N GLY C 151 -30.16 -20.20 23.31
CA GLY C 151 -31.03 -20.78 24.31
C GLY C 151 -32.45 -20.96 23.83
N LYS C 152 -33.28 -21.46 24.74
CA LYS C 152 -34.69 -21.69 24.42
C LYS C 152 -35.43 -20.37 24.20
N GLY C 153 -35.07 -19.32 24.94
CA GLY C 153 -35.73 -18.04 24.76
C GLY C 153 -35.52 -17.46 23.38
N LEU C 154 -34.30 -17.57 22.85
CA LEU C 154 -33.94 -17.06 21.53
C LEU C 154 -33.40 -18.23 20.71
N LYS C 155 -34.32 -18.95 20.04
CA LYS C 155 -33.93 -20.15 19.32
C LYS C 155 -33.13 -19.83 18.06
N SER C 156 -33.52 -18.78 17.33
CA SER C 156 -32.91 -18.46 16.05
C SER C 156 -32.55 -16.98 15.99
N VAL C 157 -31.35 -16.70 15.50
CA VAL C 157 -30.88 -15.33 15.28
C VAL C 157 -30.41 -15.23 13.83
N PRO C 158 -31.31 -15.09 12.86
CA PRO C 158 -30.90 -15.10 11.45
C PRO C 158 -30.23 -13.79 11.06
N ILE C 159 -29.02 -13.90 10.51
CA ILE C 159 -28.28 -12.76 9.98
C ILE C 159 -27.86 -13.11 8.56
N ARG C 160 -28.04 -12.17 7.64
CA ARG C 160 -27.72 -12.37 6.23
C ARG C 160 -26.85 -11.22 5.74
N LEU C 161 -25.72 -11.55 5.13
CA LEU C 161 -24.81 -10.58 4.55
C LEU C 161 -24.94 -10.67 3.03
N SER C 162 -25.41 -9.60 2.41
CA SER C 162 -25.73 -9.62 0.99
C SER C 162 -25.01 -8.50 0.26
N ARG C 163 -24.75 -8.74 -1.03
CA ARG C 163 -24.16 -7.76 -1.92
C ARG C 163 -24.69 -8.00 -3.32
N SER C 164 -24.70 -6.94 -4.12
CA SER C 164 -25.19 -7.01 -5.49
C SER C 164 -24.22 -6.29 -6.42
N ALA C 165 -24.24 -6.69 -7.68
CA ALA C 165 -23.35 -6.10 -8.68
C ALA C 165 -23.79 -4.69 -9.03
N LEU C 166 -22.89 -3.95 -9.65
CA LEU C 166 -23.19 -2.57 -10.05
C LEU C 166 -24.12 -2.57 -11.26
N GLY C 167 -25.14 -1.71 -11.20
CA GLY C 167 -26.08 -1.55 -12.29
C GLY C 167 -27.27 -2.48 -12.27
N THR C 168 -27.43 -3.29 -11.24
CA THR C 168 -28.61 -4.15 -11.14
C THR C 168 -29.83 -3.33 -10.75
N ALA C 169 -30.98 -3.67 -11.35
CA ALA C 169 -32.20 -2.90 -11.14
C ALA C 169 -32.66 -2.95 -9.70
N GLU C 170 -32.38 -4.04 -8.99
CA GLU C 170 -32.77 -4.17 -7.60
C GLU C 170 -31.55 -4.61 -6.77
N ARG C 171 -31.49 -4.12 -5.55
CA ARG C 171 -30.39 -4.41 -4.65
C ARG C 171 -30.66 -5.63 -3.81
N ARG C 172 -29.59 -6.17 -3.23
CA ARG C 172 -29.66 -7.19 -2.20
C ARG C 172 -28.96 -6.66 -0.96
N ASP C 173 -29.73 -6.49 0.12
CA ASP C 173 -29.25 -5.85 1.33
C ASP C 173 -29.07 -6.86 2.45
N SER C 174 -28.32 -6.46 3.46
CA SER C 174 -28.13 -7.29 4.63
C SER C 174 -29.39 -7.28 5.50
N GLU C 175 -29.46 -8.25 6.41
CA GLU C 175 -30.59 -8.41 7.33
C GLU C 175 -30.05 -8.64 8.75
N VAL C 176 -29.15 -7.76 9.17
CA VAL C 176 -28.36 -7.96 10.39
C VAL C 176 -29.12 -7.48 11.61
N LYS C 177 -30.41 -7.15 11.45
CA LYS C 177 -31.17 -6.60 12.56
C LYS C 177 -31.25 -7.52 13.77
N PRO C 178 -31.56 -8.82 13.64
CA PRO C 178 -31.55 -9.68 14.85
C PRO C 178 -30.20 -9.75 15.55
N ALA C 179 -29.10 -9.77 14.79
CA ALA C 179 -27.78 -9.75 15.39
C ALA C 179 -27.55 -8.45 16.15
N LYS C 180 -27.95 -7.32 15.56
CA LYS C 180 -27.83 -6.04 16.25
C LYS C 180 -28.69 -6.02 17.51
N ASP C 181 -29.87 -6.66 17.48
CA ASP C 181 -30.72 -6.71 18.66
C ASP C 181 -30.07 -7.51 19.77
N LEU C 182 -29.51 -8.68 19.44
CA LEU C 182 -28.85 -9.49 20.45
C LEU C 182 -27.63 -8.78 21.03
N ALA C 183 -26.83 -8.15 20.17
CA ALA C 183 -25.66 -7.43 20.66
C ALA C 183 -26.06 -6.19 21.45
N ASP C 184 -27.18 -5.56 21.10
CA ASP C 184 -27.68 -4.44 21.90
C ASP C 184 -28.10 -4.92 23.28
N ILE C 185 -28.76 -6.08 23.35
CA ILE C 185 -29.09 -6.66 24.65
C ILE C 185 -27.82 -6.86 25.48
N TRP C 186 -26.81 -7.49 24.87
CA TRP C 186 -25.56 -7.73 25.56
C TRP C 186 -24.95 -6.42 26.07
N ARG C 187 -24.83 -5.44 25.18
CA ARG C 187 -24.16 -4.19 25.52
C ARG C 187 -24.92 -3.42 26.60
N VAL C 188 -26.24 -3.31 26.48
CA VAL C 188 -27.02 -2.55 27.46
C VAL C 188 -26.99 -3.23 28.82
N ILE C 189 -27.18 -4.55 28.85
CA ILE C 189 -27.11 -5.27 30.11
C ILE C 189 -25.75 -5.10 30.76
N ASN C 190 -24.68 -5.18 29.97
CA ASN C 190 -23.34 -4.99 30.51
C ASN C 190 -23.14 -3.56 31.04
N GLU C 191 -23.67 -2.57 30.33
CA GLU C 191 -23.55 -1.18 30.79
C GLU C 191 -24.21 -1.00 32.14
N VAL C 192 -25.43 -1.52 32.30
CA VAL C 192 -26.11 -1.33 33.58
C VAL C 192 -25.45 -2.17 34.68
N ASN C 193 -25.11 -3.42 34.38
CA ASN C 193 -24.44 -4.28 35.34
C ASN C 193 -23.51 -5.23 34.60
N THR C 194 -22.28 -5.34 35.09
CA THR C 194 -21.26 -6.11 34.38
C THR C 194 -21.68 -7.56 34.21
N ILE C 195 -21.54 -8.07 32.98
CA ILE C 195 -21.88 -9.45 32.64
C ILE C 195 -20.76 -10.04 31.80
N ASN C 196 -20.77 -11.36 31.66
CA ASN C 196 -19.80 -12.05 30.82
C ASN C 196 -20.17 -11.89 29.35
N LEU C 197 -19.16 -11.67 28.51
CA LEU C 197 -19.39 -11.42 27.09
C LEU C 197 -18.78 -12.53 26.24
N PRO C 198 -19.38 -12.84 25.10
CA PRO C 198 -18.81 -13.88 24.23
C PRO C 198 -17.50 -13.44 23.59
N THR C 199 -16.69 -14.42 23.24
CA THR C 199 -15.37 -14.20 22.65
C THR C 199 -15.37 -14.72 21.22
N PHE C 200 -15.27 -13.81 20.26
CA PHE C 200 -15.20 -14.15 18.85
C PHE C 200 -13.78 -13.92 18.36
N ALA C 201 -13.15 -14.97 17.81
CA ALA C 201 -11.78 -14.87 17.35
C ALA C 201 -11.62 -15.65 16.05
N LEU C 202 -10.69 -15.21 15.21
CA LEU C 202 -10.35 -15.88 13.97
C LEU C 202 -8.83 -15.98 13.88
N TYR C 203 -8.33 -17.17 13.55
CA TYR C 203 -6.90 -17.43 13.45
C TYR C 203 -6.61 -18.03 12.08
N ASN C 204 -5.95 -17.26 11.23
CA ASN C 204 -5.62 -17.63 9.86
C ASN C 204 -4.21 -18.20 9.80
N VAL C 205 -3.71 -18.40 8.58
CA VAL C 205 -2.32 -18.82 8.40
C VAL C 205 -1.34 -17.66 8.56
N GLU C 206 -1.84 -16.42 8.63
CA GLU C 206 -1.02 -15.28 8.99
C GLU C 206 -0.65 -15.29 10.47
N ARG C 207 -1.21 -16.23 11.24
CA ARG C 207 -0.80 -16.42 12.63
C ARG C 207 0.69 -16.63 12.75
N SER C 208 1.31 -17.29 11.77
CA SER C 208 2.74 -17.57 11.79
C SER C 208 3.48 -16.35 11.28
N GLN C 209 3.88 -15.49 12.20
CA GLN C 209 4.65 -14.30 11.89
C GLN C 209 5.74 -14.13 12.94
N PRO C 210 6.88 -13.55 12.57
CA PRO C 210 7.98 -13.42 13.54
C PRO C 210 7.64 -12.45 14.66
N PHE C 211 8.27 -12.68 15.80
CA PHE C 211 8.12 -11.83 16.98
C PHE C 211 9.24 -10.80 16.99
N ASN C 212 8.87 -9.52 17.02
CA ASN C 212 9.83 -8.43 16.85
C ASN C 212 10.40 -7.95 18.19
N ARG C 213 10.87 -8.89 19.01
CA ARG C 213 11.59 -8.58 20.25
C ARG C 213 10.89 -7.56 21.13
N ASN C 214 11.33 -6.31 21.06
CA ASN C 214 10.78 -5.26 21.90
C ASN C 214 9.35 -4.93 21.50
N ILE C 215 8.60 -4.39 22.46
CA ILE C 215 7.19 -4.07 22.28
C ILE C 215 7.03 -2.55 22.41
N LYS C 216 6.20 -1.98 21.54
CA LYS C 216 5.91 -0.56 21.59
C LYS C 216 5.11 -0.24 22.85
N ASP C 217 5.64 0.66 23.68
CA ASP C 217 5.02 0.98 24.96
C ASP C 217 3.90 2.01 24.75
N ASN C 218 2.78 1.51 24.19
CA ASN C 218 1.59 2.33 24.01
C ASN C 218 0.63 2.12 25.19
N THR C 219 1.11 2.50 26.37
CA THR C 219 0.35 2.29 27.59
C THR C 219 -0.89 3.18 27.61
N GLY C 220 -2.01 2.60 28.05
CA GLY C 220 -3.25 3.33 28.15
C GLY C 220 -4.44 2.71 27.45
N ARG C 221 -4.24 1.62 26.71
CA ARG C 221 -5.34 1.00 25.97
C ARG C 221 -5.42 -0.52 26.10
N ARG C 222 -4.32 -1.20 26.42
CA ARG C 222 -4.37 -2.64 26.63
C ARG C 222 -5.11 -3.02 27.92
N GLU C 223 -5.45 -2.04 28.74
CA GLU C 223 -6.06 -2.29 30.04
C GLU C 223 -7.57 -2.35 29.99
N GLU C 224 -8.19 -1.60 29.07
CA GLU C 224 -9.64 -1.53 29.02
C GLU C 224 -10.24 -2.87 28.62
N ARG C 225 -11.43 -3.16 29.15
CA ARG C 225 -12.07 -4.45 28.93
C ARG C 225 -12.36 -4.68 27.45
N PHE C 226 -12.84 -3.67 26.76
CA PHE C 226 -13.24 -3.80 25.36
C PHE C 226 -12.04 -3.84 24.41
N ASP C 227 -10.82 -3.87 24.92
CA ASP C 227 -9.67 -4.08 24.06
C ASP C 227 -9.52 -5.54 23.64
N ALA C 228 -10.26 -6.45 24.27
CA ALA C 228 -10.26 -7.85 23.85
C ALA C 228 -10.91 -8.04 22.49
N TYR C 229 -11.67 -7.06 22.01
CA TYR C 229 -12.28 -7.12 20.68
C TYR C 229 -11.45 -6.42 19.62
N SER C 230 -10.28 -5.90 19.97
CA SER C 230 -9.43 -5.18 19.03
C SER C 230 -8.72 -6.17 18.12
N GLN C 231 -9.02 -6.11 16.82
CA GLN C 231 -8.41 -6.99 15.82
C GLN C 231 -8.60 -8.46 16.18
N THR C 232 -9.77 -8.78 16.72
CA THR C 232 -10.03 -10.15 17.16
C THR C 232 -10.36 -11.07 15.99
N LEU C 233 -10.80 -10.53 14.85
CA LEU C 233 -11.13 -11.32 13.68
C LEU C 233 -10.23 -11.00 12.49
N GLY C 234 -9.03 -10.46 12.76
CA GLY C 234 -8.11 -10.14 11.68
C GLY C 234 -7.39 -11.32 11.07
N GLY C 235 -7.44 -12.47 11.73
CA GLY C 235 -6.77 -13.68 11.29
C GLY C 235 -5.47 -13.96 12.02
N ALA C 236 -4.83 -12.95 12.56
CA ALA C 236 -3.62 -13.13 13.35
C ALA C 236 -3.85 -12.55 14.74
N GLY C 237 -3.57 -13.35 15.76
CA GLY C 237 -3.74 -12.88 17.13
C GLY C 237 -2.75 -11.78 17.46
N ARG C 238 -3.22 -10.79 18.23
CA ARG C 238 -2.39 -9.68 18.66
C ARG C 238 -1.54 -10.14 19.85
N PHE C 239 -0.42 -10.81 19.52
CA PHE C 239 0.47 -11.32 20.56
C PHE C 239 1.26 -10.20 21.22
N ASP C 240 1.58 -9.14 20.48
CA ASP C 240 2.22 -7.98 21.09
C ASP C 240 1.31 -7.33 22.13
N HIS C 241 0.01 -7.26 21.83
CA HIS C 241 -0.94 -6.78 22.83
C HIS C 241 -0.92 -7.67 24.06
N PHE C 242 -0.83 -8.98 23.86
CA PHE C 242 -0.76 -9.90 25.00
C PHE C 242 0.49 -9.65 25.83
N VAL C 243 1.62 -9.43 25.18
CA VAL C 243 2.86 -9.19 25.92
C VAL C 243 2.76 -7.90 26.72
N GLU C 244 2.22 -6.85 26.11
CA GLU C 244 2.05 -5.59 26.84
C GLU C 244 1.12 -5.78 28.04
N TRP C 245 0.00 -6.48 27.84
CA TRP C 245 -0.95 -6.71 28.92
C TRP C 245 -0.33 -7.54 30.04
N TYR C 246 0.42 -8.57 29.68
CA TYR C 246 1.05 -9.44 30.67
C TYR C 246 2.10 -8.69 31.47
N ILE C 247 2.91 -7.88 30.81
CA ILE C 247 3.90 -7.07 31.51
C ILE C 247 3.22 -6.06 32.42
N TYR C 248 2.10 -5.50 31.96
CA TYR C 248 1.34 -4.56 32.79
C TYR C 248 0.82 -5.25 34.05
N LEU C 249 0.30 -6.47 33.90
CA LEU C 249 -0.16 -7.23 35.05
C LEU C 249 0.99 -7.53 36.00
N HIS C 250 2.15 -7.90 35.47
CA HIS C 250 3.29 -8.18 36.32
C HIS C 250 3.71 -6.93 37.09
N LYS C 251 3.71 -5.77 36.42
CA LYS C 251 4.07 -4.53 37.09
C LYS C 251 3.10 -4.19 38.20
N ARG C 252 1.79 -4.41 37.97
CA ARG C 252 0.81 -4.21 39.03
C ARG C 252 0.81 -5.28 40.11
N THR C 253 1.42 -6.43 39.86
CA THR C 253 1.46 -7.46 40.88
C THR C 253 2.70 -7.35 41.77
N VAL C 254 3.88 -7.25 41.17
CA VAL C 254 5.10 -7.14 41.97
C VAL C 254 5.15 -5.80 42.70
N SER C 255 4.66 -4.74 42.08
CA SER C 255 4.66 -3.41 42.67
C SER C 255 3.29 -2.78 42.50
N ASP C 256 3.12 -1.61 43.10
CA ASP C 256 1.90 -0.79 43.05
C ASP C 256 0.71 -1.45 43.74
N ILE C 257 0.88 -2.64 44.32
CA ILE C 257 -0.20 -3.29 45.06
C ILE C 257 0.19 -3.63 46.49
N SER C 258 1.47 -3.80 46.82
CA SER C 258 1.86 -3.97 48.20
C SER C 258 1.56 -2.72 49.01
N SER C 259 1.83 -1.54 48.44
CA SER C 259 1.44 -0.30 49.08
C SER C 259 -0.06 -0.04 48.94
N SER C 260 -0.65 -0.43 47.82
CA SER C 260 -2.07 -0.22 47.51
C SER C 260 -2.33 1.29 47.59
N ILE C 261 -3.46 1.73 48.13
CA ILE C 261 -3.73 3.16 48.29
C ILE C 261 -3.19 3.54 49.66
N LYS C 262 -1.88 3.80 49.70
CA LYS C 262 -1.19 4.29 50.89
C LYS C 262 -0.51 5.62 50.64
N GLU C 263 0.22 5.75 49.53
CA GLU C 263 0.94 6.96 49.21
C GLU C 263 0.16 7.91 48.30
N LEU C 264 -0.77 7.37 47.49
CA LEU C 264 -1.49 8.20 46.53
C LEU C 264 -2.30 9.28 47.21
N GLU C 265 -2.96 8.94 48.32
CA GLU C 265 -3.71 9.92 49.08
C GLU C 265 -2.84 10.76 49.99
N GLN C 266 -1.55 10.42 50.12
CA GLN C 266 -0.68 11.15 51.03
C GLN C 266 -0.26 12.50 50.47
N GLN C 267 -0.10 12.61 49.14
CA GLN C 267 0.30 13.89 48.57
C GLN C 267 -0.73 14.98 48.81
N VAL C 268 -2.01 14.60 48.96
CA VAL C 268 -3.03 15.60 49.25
C VAL C 268 -2.76 16.26 50.61
N ASN C 269 -2.50 15.43 51.63
CA ASN C 269 -2.17 15.97 52.95
C ASN C 269 -0.85 16.74 52.91
N ASP C 270 0.13 16.23 52.16
CA ASP C 270 1.43 16.89 52.10
C ASP C 270 1.33 18.27 51.46
N LEU C 271 0.56 18.39 50.38
CA LEU C 271 0.36 19.66 49.70
C LEU C 271 -0.65 20.54 50.41
N GLN C 272 -1.41 20.00 51.36
CA GLN C 272 -2.21 20.86 52.22
C GLN C 272 -1.33 21.86 52.98
N ARG C 273 -0.06 21.50 53.22
CA ARG C 273 0.85 22.46 53.83
C ARG C 273 1.08 23.65 52.91
N THR C 274 1.29 23.41 51.62
CA THR C 274 1.43 24.51 50.66
C THR C 274 0.11 25.27 50.51
N VAL C 275 -1.01 24.57 50.62
CA VAL C 275 -2.31 25.23 50.56
C VAL C 275 -2.48 26.21 51.72
N ASP C 276 -2.09 25.79 52.93
CA ASP C 276 -2.30 26.62 54.11
C ASP C 276 -1.22 27.69 54.24
N GLY C 277 0.03 27.29 54.41
CA GLY C 277 1.12 28.19 54.67
C GLY C 277 1.93 28.65 53.47
N GLY C 278 1.53 28.29 52.26
CA GLY C 278 2.24 28.74 51.08
C GLY C 278 1.57 29.94 50.43
N MET C 279 0.94 29.71 49.29
CA MET C 279 0.16 30.75 48.64
C MET C 279 -1.22 30.87 49.30
N VAL C 280 -1.94 31.93 48.94
CA VAL C 280 -3.28 32.13 49.49
C VAL C 280 -4.21 31.00 49.06
N SER C 281 -4.16 30.62 47.79
CA SER C 281 -4.96 29.52 47.28
C SER C 281 -4.18 28.80 46.19
N VAL C 282 -4.16 27.47 46.24
CA VAL C 282 -3.44 26.65 45.27
C VAL C 282 -4.42 25.66 44.66
N LYS C 283 -4.58 25.74 43.33
CA LYS C 283 -5.42 24.79 42.61
C LYS C 283 -4.66 24.23 41.41
N SER C 284 -3.73 25.01 40.87
CA SER C 284 -2.96 24.56 39.71
C SER C 284 -2.10 23.35 40.04
N LEU C 285 -1.50 23.33 41.23
CA LEU C 285 -0.68 22.19 41.63
C LEU C 285 -1.51 20.98 42.01
N LEU C 286 -2.78 21.16 42.36
CA LEU C 286 -3.65 20.08 42.83
C LEU C 286 -4.93 20.04 42.02
N GLU C 287 -4.81 20.09 40.70
CA GLU C 287 -5.97 20.11 39.83
C GLU C 287 -6.36 18.73 39.29
N GLN C 288 -5.46 17.74 39.39
CA GLN C 288 -5.70 16.44 38.78
C GLN C 288 -5.84 15.32 39.81
N MET C 289 -4.85 15.15 40.69
CA MET C 289 -4.83 13.98 41.57
C MET C 289 -6.00 13.95 42.55
N LYS C 290 -6.60 15.10 42.87
CA LYS C 290 -7.70 15.13 43.81
C LYS C 290 -8.88 14.29 43.32
N PHE C 291 -9.24 14.43 42.04
CA PHE C 291 -10.25 13.56 41.45
C PHE C 291 -9.65 12.36 40.73
N LYS C 292 -8.34 12.36 40.48
CA LYS C 292 -7.70 11.16 39.93
C LYS C 292 -7.76 10.01 40.93
N LEU C 293 -7.58 10.32 42.22
CA LEU C 293 -7.75 9.28 43.23
C LEU C 293 -9.17 8.74 43.24
N SER C 294 -10.16 9.62 43.12
CA SER C 294 -11.55 9.18 43.11
C SER C 294 -11.85 8.30 41.89
N GLU C 295 -11.35 8.68 40.72
CA GLU C 295 -11.60 7.87 39.53
C GLU C 295 -10.85 6.55 39.60
N ALA C 296 -9.66 6.53 40.18
CA ALA C 296 -8.95 5.27 40.39
C ALA C 296 -9.74 4.37 41.35
N ILE C 297 -10.33 4.95 42.39
CA ILE C 297 -11.13 4.18 43.33
C ILE C 297 -12.35 3.59 42.65
N GLU C 298 -13.06 4.41 41.87
CA GLU C 298 -14.25 3.89 41.19
C GLU C 298 -13.92 2.99 40.01
N ARG C 299 -12.66 2.95 39.58
CA ARG C 299 -12.23 1.97 38.59
C ARG C 299 -11.79 0.65 39.23
N ASN C 300 -11.17 0.72 40.42
CA ASN C 300 -10.73 -0.47 41.13
C ASN C 300 -11.81 -1.08 42.02
N ASP C 301 -12.96 -0.42 42.16
CA ASP C 301 -14.08 -1.03 42.88
C ASP C 301 -14.47 -2.36 42.24
N ALA C 302 -14.32 -2.48 40.92
CA ALA C 302 -14.55 -3.75 40.26
C ALA C 302 -13.54 -4.78 40.72
N ALA C 303 -12.28 -4.38 40.90
CA ALA C 303 -11.25 -5.30 41.38
C ALA C 303 -11.53 -5.75 42.80
N VAL C 304 -12.04 -4.85 43.66
CA VAL C 304 -12.23 -5.19 45.07
C VAL C 304 -13.57 -5.85 45.35
N SER C 305 -14.42 -6.03 44.35
CA SER C 305 -15.74 -6.62 44.54
C SER C 305 -15.89 -7.85 43.64
N SER C 306 -17.10 -8.40 43.60
CA SER C 306 -17.41 -9.55 42.74
C SER C 306 -17.57 -9.08 41.30
N ARG C 307 -16.46 -8.59 40.74
CA ARG C 307 -16.43 -7.92 39.44
C ARG C 307 -15.07 -8.20 38.81
N VAL C 308 -14.65 -7.34 37.87
CA VAL C 308 -13.40 -7.50 37.13
C VAL C 308 -12.28 -7.95 38.05
N LEU C 309 -11.59 -9.02 37.65
CA LEU C 309 -10.67 -9.72 38.54
C LEU C 309 -9.43 -8.88 38.82
N THR C 310 -8.76 -9.22 39.91
CA THR C 310 -7.48 -8.59 40.25
C THR C 310 -6.41 -9.02 39.27
N GLU C 311 -5.33 -8.23 39.21
CA GLU C 311 -4.27 -8.50 38.24
C GLU C 311 -3.57 -9.82 38.53
N SER C 312 -3.36 -10.13 39.81
CA SER C 312 -2.65 -11.35 40.17
C SER C 312 -3.39 -12.59 39.70
N VAL C 313 -4.70 -12.65 39.95
CA VAL C 313 -5.48 -13.83 39.57
C VAL C 313 -5.60 -13.93 38.06
N GLN C 314 -5.74 -12.79 37.36
CA GLN C 314 -5.75 -12.81 35.90
C GLN C 314 -4.45 -13.37 35.35
N LYS C 315 -3.33 -12.90 35.89
CA LYS C 315 -2.02 -13.39 35.44
C LYS C 315 -1.87 -14.88 35.73
N SER C 316 -2.30 -15.32 36.91
CA SER C 316 -2.20 -16.74 37.26
C SER C 316 -3.06 -17.60 36.34
N ILE C 317 -4.27 -17.14 36.03
CA ILE C 317 -5.15 -17.89 35.15
C ILE C 317 -4.56 -18.01 33.75
N VAL C 318 -4.02 -16.90 33.23
CA VAL C 318 -3.40 -16.93 31.90
C VAL C 318 -2.20 -17.86 31.90
N GLU C 319 -1.38 -17.79 32.95
CA GLU C 319 -0.21 -18.66 33.03
C GLU C 319 -0.61 -20.13 33.07
N LYS C 320 -1.63 -20.46 33.86
CA LYS C 320 -2.08 -21.84 33.94
C LYS C 320 -2.62 -22.32 32.61
N ALA C 321 -3.37 -21.47 31.90
CA ALA C 321 -3.87 -21.84 30.58
C ALA C 321 -2.73 -22.11 29.62
N ILE C 322 -1.74 -21.21 29.60
CA ILE C 322 -0.60 -21.36 28.67
C ILE C 322 0.16 -22.65 28.98
N CYS C 323 0.39 -22.93 30.26
CA CYS C 323 1.12 -24.14 30.62
C CYS C 323 0.32 -25.40 30.33
N SER C 324 -1.01 -25.35 30.50
CA SER C 324 -1.81 -26.55 30.31
C SER C 324 -1.98 -26.88 28.83
N VAL C 325 -2.18 -25.88 27.98
CA VAL C 325 -2.42 -26.16 26.57
C VAL C 325 -1.11 -26.53 25.87
N VAL C 326 -0.11 -25.65 25.95
CA VAL C 326 1.17 -25.90 25.31
C VAL C 326 1.92 -26.93 26.14
N PRO C 327 2.28 -28.09 25.57
CA PRO C 327 2.90 -29.14 26.37
C PRO C 327 4.39 -28.95 26.61
N SER C 328 5.07 -28.13 25.82
CA SER C 328 6.49 -27.90 26.00
C SER C 328 6.80 -26.81 27.02
N ILE C 329 5.92 -25.83 27.17
CA ILE C 329 6.14 -24.74 28.10
C ILE C 329 5.71 -25.17 29.49
N SER C 330 6.62 -25.05 30.46
CA SER C 330 6.34 -25.45 31.83
C SER C 330 5.80 -24.30 32.67
N ASN C 331 6.38 -23.11 32.56
CA ASN C 331 5.84 -21.92 33.21
C ASN C 331 6.31 -20.69 32.46
N ILE C 332 5.61 -19.59 32.68
CA ILE C 332 5.90 -18.31 32.04
C ILE C 332 5.87 -17.21 33.09
N TRP C 333 6.85 -16.31 33.04
CA TRP C 333 6.96 -15.24 34.02
C TRP C 333 7.66 -14.06 33.37
N VAL C 334 7.86 -13.00 34.15
CA VAL C 334 8.46 -11.76 33.68
C VAL C 334 9.69 -11.46 34.53
N GLU C 335 10.80 -11.12 33.88
CA GLU C 335 12.04 -10.79 34.55
C GLU C 335 12.38 -9.32 34.34
N MET C 336 12.95 -8.70 35.38
CA MET C 336 13.39 -7.31 35.32
C MET C 336 14.84 -7.26 34.85
N ILE C 337 15.03 -7.01 33.55
CA ILE C 337 16.36 -6.89 32.96
C ILE C 337 16.73 -5.42 32.94
N THR C 338 18.03 -5.15 32.96
CA THR C 338 18.54 -3.78 33.00
C THR C 338 18.09 -3.00 31.76
N GLY C 339 17.20 -2.03 31.97
CA GLY C 339 16.74 -1.18 30.89
C GLY C 339 15.67 -1.77 30.00
N SER C 340 15.17 -2.97 30.30
CA SER C 340 14.18 -3.61 29.45
C SER C 340 13.22 -4.40 30.33
N ASP C 341 12.21 -4.99 29.69
CA ASP C 341 11.20 -5.78 30.38
C ASP C 341 10.91 -7.01 29.52
N LEU C 342 11.32 -8.18 30.00
CA LEU C 342 11.33 -9.39 29.19
C LEU C 342 10.36 -10.43 29.75
N VAL C 343 9.81 -11.23 28.84
CA VAL C 343 8.96 -12.37 29.19
C VAL C 343 9.74 -13.64 28.86
N LYS C 344 9.89 -14.52 29.86
CA LYS C 344 10.65 -15.75 29.70
C LYS C 344 9.77 -16.95 30.03
N VAL C 345 10.02 -18.06 29.35
CA VAL C 345 9.28 -19.30 29.53
C VAL C 345 10.26 -20.42 29.79
N THR C 346 9.79 -21.45 30.49
CA THR C 346 10.57 -22.68 30.69
C THR C 346 10.16 -23.66 29.59
N ASN C 347 10.86 -23.60 28.47
CA ASN C 347 10.57 -24.43 27.32
C ASN C 347 11.41 -25.70 27.39
N ASP C 348 10.75 -26.84 27.48
CA ASP C 348 11.41 -28.15 27.55
C ASP C 348 12.40 -28.21 28.71
N GLY C 349 12.02 -27.62 29.84
CA GLY C 349 12.85 -27.63 31.02
C GLY C 349 13.93 -26.59 31.09
N HIS C 350 14.03 -25.70 30.09
CA HIS C 350 15.06 -24.69 30.05
C HIS C 350 14.44 -23.31 29.89
N ASP C 351 15.03 -22.32 30.55
CA ASP C 351 14.48 -20.97 30.58
C ASP C 351 14.96 -20.21 29.33
N VAL C 352 14.00 -19.89 28.45
CA VAL C 352 14.29 -19.15 27.22
C VAL C 352 13.26 -18.03 27.08
N THR C 353 13.55 -17.09 26.20
CA THR C 353 12.64 -16.01 25.89
C THR C 353 11.66 -16.44 24.80
N ILE C 354 10.70 -15.57 24.49
CA ILE C 354 9.74 -15.87 23.43
C ILE C 354 10.44 -15.92 22.08
N ASP C 355 11.44 -15.05 21.88
CA ASP C 355 12.17 -15.02 20.61
C ASP C 355 12.95 -16.29 20.35
N GLN C 356 13.30 -17.04 21.39
CA GLN C 356 14.10 -18.25 21.25
C GLN C 356 13.26 -19.51 21.08
N LEU C 357 11.93 -19.38 21.10
CA LEU C 357 11.07 -20.53 20.89
C LEU C 357 11.09 -20.96 19.44
N SER C 358 10.74 -22.23 19.20
CA SER C 358 10.63 -22.72 17.84
C SER C 358 9.38 -22.16 17.18
N ASP C 359 9.35 -22.24 15.85
CA ASP C 359 8.27 -21.61 15.09
C ASP C 359 6.91 -22.25 15.34
N GLY C 360 6.86 -23.48 15.82
CA GLY C 360 5.59 -24.11 16.13
C GLY C 360 5.10 -23.80 17.53
N GLN C 361 6.00 -23.93 18.51
CA GLN C 361 5.67 -23.58 19.88
C GLN C 361 5.30 -22.11 20.00
N ARG C 362 6.03 -21.24 19.30
CA ARG C 362 5.72 -19.81 19.36
C ARG C 362 4.34 -19.51 18.80
N VAL C 363 3.97 -20.13 17.68
CA VAL C 363 2.66 -19.86 17.08
C VAL C 363 1.54 -20.41 17.97
N PHE C 364 1.70 -21.63 18.48
CA PHE C 364 0.69 -22.19 19.36
C PHE C 364 0.54 -21.36 20.63
N LEU C 365 1.66 -20.90 21.19
CA LEU C 365 1.62 -20.04 22.36
C LEU C 365 0.93 -18.73 22.05
N SER C 366 1.19 -18.16 20.87
CA SER C 366 0.52 -16.92 20.49
C SER C 366 -1.00 -17.11 20.47
N LEU C 367 -1.46 -18.17 19.80
CA LEU C 367 -2.90 -18.45 19.74
C LEU C 367 -3.48 -18.62 21.14
N VAL C 368 -2.87 -19.49 21.94
CA VAL C 368 -3.43 -19.81 23.25
C VAL C 368 -3.42 -18.59 24.16
N ALA C 369 -2.32 -17.83 24.15
CA ALA C 369 -2.22 -16.64 24.99
C ALA C 369 -3.22 -15.58 24.59
N ASP C 370 -3.39 -15.34 23.28
CA ASP C 370 -4.37 -14.35 22.84
C ASP C 370 -5.77 -14.75 23.26
N LEU C 371 -6.14 -16.02 23.02
CA LEU C 371 -7.47 -16.47 23.41
C LEU C 371 -7.67 -16.39 24.92
N ALA C 372 -6.65 -16.79 25.69
CA ALA C 372 -6.77 -16.78 27.14
C ALA C 372 -6.92 -15.37 27.68
N ARG C 373 -6.13 -14.42 27.17
CA ARG C 373 -6.25 -13.05 27.66
C ARG C 373 -7.60 -12.45 27.25
N ARG C 374 -8.08 -12.76 26.04
CA ARG C 374 -9.37 -12.24 25.61
C ARG C 374 -10.50 -12.76 26.48
N MET C 375 -10.46 -14.06 26.80
CA MET C 375 -11.54 -14.63 27.61
C MET C 375 -11.42 -14.23 29.07
N VAL C 376 -10.20 -13.98 29.56
CA VAL C 376 -10.03 -13.44 30.90
C VAL C 376 -10.61 -12.03 30.98
N MET C 377 -10.34 -11.20 29.96
CA MET C 377 -10.86 -9.85 29.95
C MET C 377 -12.38 -9.84 29.82
N LEU C 378 -12.93 -10.74 29.00
CA LEU C 378 -14.34 -10.73 28.66
C LEU C 378 -15.22 -11.53 29.62
N ASN C 379 -14.63 -12.28 30.54
CA ASN C 379 -15.38 -13.09 31.51
C ASN C 379 -14.87 -12.80 32.91
N PRO C 380 -15.16 -11.61 33.45
CA PRO C 380 -14.64 -11.26 34.78
C PRO C 380 -15.48 -11.79 35.94
N LEU C 381 -16.67 -12.32 35.68
CA LEU C 381 -17.56 -12.79 36.73
C LEU C 381 -17.53 -14.30 36.90
N LEU C 382 -16.60 -14.99 36.24
CA LEU C 382 -16.51 -16.44 36.32
C LEU C 382 -15.36 -16.85 37.23
N GLU C 383 -15.55 -17.99 37.91
CA GLU C 383 -14.45 -18.56 38.68
C GLU C 383 -13.32 -18.96 37.75
N ASN C 384 -13.64 -19.55 36.60
CA ASN C 384 -12.68 -19.81 35.54
C ASN C 384 -13.12 -19.03 34.31
N PRO C 385 -12.46 -17.92 33.99
CA PRO C 385 -12.88 -17.12 32.83
C PRO C 385 -12.76 -17.84 31.50
N LEU C 386 -12.13 -19.01 31.46
CA LEU C 386 -11.97 -19.77 30.23
C LEU C 386 -13.20 -20.61 29.91
N GLU C 387 -14.22 -20.59 30.75
CA GLU C 387 -15.45 -21.34 30.52
C GLU C 387 -16.56 -20.46 29.92
N GLY C 388 -16.22 -19.29 29.42
CA GLY C 388 -17.21 -18.43 28.81
C GLY C 388 -17.56 -18.86 27.39
N ARG C 389 -18.66 -18.32 26.89
CA ARG C 389 -19.12 -18.63 25.55
C ARG C 389 -18.23 -17.96 24.50
N GLY C 390 -18.41 -18.38 23.26
CA GLY C 390 -17.71 -17.75 22.15
C GLY C 390 -17.59 -18.68 20.98
N ILE C 391 -17.13 -18.11 19.87
CA ILE C 391 -16.88 -18.85 18.63
C ILE C 391 -15.47 -18.53 18.17
N VAL C 392 -14.64 -19.56 18.01
CA VAL C 392 -13.24 -19.39 17.61
C VAL C 392 -13.02 -20.16 16.31
N LEU C 393 -12.47 -19.48 15.32
CA LEU C 393 -12.16 -20.06 14.02
C LEU C 393 -10.66 -20.21 13.89
N ILE C 394 -10.20 -21.44 13.65
CA ILE C 394 -8.78 -21.74 13.50
C ILE C 394 -8.58 -22.39 12.13
N ASP C 395 -7.65 -21.83 11.35
CA ASP C 395 -7.35 -22.34 10.02
C ASP C 395 -6.04 -23.14 10.08
N GLU C 396 -6.10 -24.39 9.62
CA GLU C 396 -4.94 -25.28 9.57
C GLU C 396 -4.35 -25.47 10.98
N ILE C 397 -5.14 -26.13 11.81
CA ILE C 397 -4.76 -26.34 13.21
C ILE C 397 -3.44 -27.10 13.32
N GLU C 398 -3.12 -27.94 12.33
CA GLU C 398 -1.91 -28.76 12.35
C GLU C 398 -0.66 -27.99 11.92
N LEU C 399 -0.76 -26.66 11.79
CA LEU C 399 0.37 -25.88 11.31
C LEU C 399 1.54 -25.96 12.28
N HIS C 400 2.70 -26.37 11.74
CA HIS C 400 3.96 -26.41 12.49
C HIS C 400 3.89 -27.32 13.71
N LEU C 401 3.05 -28.35 13.66
CA LEU C 401 2.85 -29.26 14.78
C LEU C 401 3.39 -30.64 14.45
N HIS C 402 4.18 -31.18 15.37
CA HIS C 402 4.63 -32.56 15.25
C HIS C 402 3.44 -33.50 15.45
N PRO C 403 3.50 -34.72 14.88
CA PRO C 403 2.41 -35.68 15.10
C PRO C 403 2.09 -35.92 16.57
N LYS C 404 3.09 -35.93 17.44
CA LYS C 404 2.84 -36.10 18.86
C LYS C 404 2.01 -34.93 19.40
N TRP C 405 2.24 -33.72 18.87
CA TRP C 405 1.43 -32.58 19.26
C TRP C 405 0.06 -32.62 18.62
N GLN C 406 -0.04 -33.17 17.41
CA GLN C 406 -1.34 -33.31 16.74
C GLN C 406 -2.24 -34.30 17.46
N GLN C 407 -1.64 -35.30 18.13
CA GLN C 407 -2.43 -36.28 18.86
C GLN C 407 -3.14 -35.69 20.07
N GLU C 408 -2.79 -34.48 20.49
CA GLU C 408 -3.36 -33.91 21.70
C GLU C 408 -3.76 -32.45 21.59
N VAL C 409 -3.54 -31.79 20.45
CA VAL C 409 -3.90 -30.37 20.34
C VAL C 409 -5.40 -30.17 20.53
N ILE C 410 -6.23 -31.01 19.90
CA ILE C 410 -7.67 -30.85 20.01
C ILE C 410 -8.14 -31.11 21.43
N LEU C 411 -7.59 -32.16 22.07
CA LEU C 411 -7.97 -32.46 23.44
C LEU C 411 -7.59 -31.32 24.38
N ASN C 412 -6.39 -30.76 24.22
CA ASN C 412 -5.98 -29.63 25.05
C ASN C 412 -6.88 -28.42 24.84
N LEU C 413 -7.21 -28.12 23.58
CA LEU C 413 -8.05 -26.96 23.29
C LEU C 413 -9.45 -27.13 23.89
N ARG C 414 -10.04 -28.32 23.75
CA ARG C 414 -11.36 -28.55 24.31
C ARG C 414 -11.34 -28.69 25.83
N SER C 415 -10.21 -29.03 26.43
CA SER C 415 -10.13 -29.08 27.88
C SER C 415 -9.96 -27.70 28.48
N ALA C 416 -9.19 -26.83 27.83
CA ALA C 416 -8.99 -25.48 28.35
C ALA C 416 -10.19 -24.58 28.09
N PHE C 417 -10.89 -24.78 26.97
CA PHE C 417 -12.01 -23.95 26.57
C PHE C 417 -13.21 -24.85 26.30
N PRO C 418 -13.94 -25.23 27.35
CA PRO C 418 -15.01 -26.22 27.20
C PRO C 418 -16.28 -25.67 26.56
N ASN C 419 -16.54 -24.37 26.74
CA ASN C 419 -17.78 -23.75 26.27
C ASN C 419 -17.59 -22.95 25.00
N ILE C 420 -16.56 -23.25 24.22
CA ILE C 420 -16.26 -22.54 22.98
C ILE C 420 -16.63 -23.42 21.80
N GLN C 421 -17.36 -22.85 20.85
CA GLN C 421 -17.64 -23.54 19.60
C GLN C 421 -16.43 -23.39 18.68
N PHE C 422 -15.71 -24.48 18.47
CA PHE C 422 -14.51 -24.47 17.65
C PHE C 422 -14.87 -24.90 16.23
N ILE C 423 -14.59 -24.04 15.26
CA ILE C 423 -14.76 -24.34 13.85
C ILE C 423 -13.38 -24.27 13.22
N ILE C 424 -12.82 -25.44 12.91
CA ILE C 424 -11.43 -25.54 12.47
C ILE C 424 -11.37 -26.29 11.15
N THR C 425 -10.27 -26.06 10.43
CA THR C 425 -9.96 -26.77 9.20
C THR C 425 -8.62 -27.49 9.35
N THR C 426 -8.51 -28.68 8.78
CA THR C 426 -7.28 -29.46 8.88
C THR C 426 -7.20 -30.41 7.70
N HIS C 427 -5.99 -30.92 7.46
CA HIS C 427 -5.77 -31.94 6.44
C HIS C 427 -4.86 -33.06 6.97
N SER C 428 -4.71 -33.18 8.28
CA SER C 428 -3.87 -34.21 8.87
C SER C 428 -4.73 -35.30 9.49
N PRO C 429 -4.52 -36.56 9.14
CA PRO C 429 -5.34 -37.64 9.72
C PRO C 429 -5.08 -37.87 11.20
N ILE C 430 -3.93 -37.45 11.72
CA ILE C 430 -3.62 -37.63 13.13
C ILE C 430 -4.51 -36.75 13.99
N VAL C 431 -4.77 -35.52 13.56
CA VAL C 431 -5.74 -34.68 14.25
C VAL C 431 -7.14 -35.27 14.11
N LEU C 432 -7.47 -35.78 12.92
CA LEU C 432 -8.78 -36.38 12.70
C LEU C 432 -9.00 -37.58 13.60
N SER C 433 -7.92 -38.27 14.00
CA SER C 433 -8.05 -39.44 14.87
C SER C 433 -8.56 -39.08 16.25
N THR C 434 -8.57 -37.81 16.62
CA THR C 434 -9.06 -37.36 17.93
C THR C 434 -10.42 -36.68 17.83
N ILE C 435 -11.12 -36.82 16.70
CA ILE C 435 -12.35 -36.09 16.43
C ILE C 435 -13.43 -37.08 16.02
N GLU C 436 -14.65 -36.87 16.51
CA GLU C 436 -15.76 -37.75 16.19
C GLU C 436 -16.15 -37.60 14.73
N LYS C 437 -16.83 -38.64 14.21
CA LYS C 437 -17.27 -38.64 12.83
C LYS C 437 -18.28 -37.52 12.56
N ARG C 438 -19.16 -37.25 13.53
CA ARG C 438 -20.21 -36.25 13.35
C ARG C 438 -19.64 -34.84 13.20
N CYS C 439 -18.42 -34.60 13.66
CA CYS C 439 -17.84 -33.27 13.65
C CYS C 439 -17.02 -32.98 12.40
N ILE C 440 -16.99 -33.90 11.44
CA ILE C 440 -16.14 -33.77 10.25
C ILE C 440 -17.02 -33.51 9.04
N ARG C 441 -16.62 -32.55 8.21
CA ARG C 441 -17.30 -32.22 6.97
C ARG C 441 -16.30 -32.32 5.83
N GLU C 442 -16.49 -33.29 4.94
CA GLU C 442 -15.59 -33.46 3.81
C GLU C 442 -15.93 -32.45 2.72
N PHE C 443 -14.89 -31.78 2.21
CA PHE C 443 -15.03 -30.70 1.24
C PHE C 443 -14.31 -31.10 -0.05
N GLU C 444 -15.05 -31.70 -0.98
CA GLU C 444 -14.53 -32.04 -2.29
C GLU C 444 -15.24 -31.22 -3.37
N PRO C 445 -14.55 -30.26 -3.99
CA PRO C 445 -15.21 -29.39 -4.97
C PRO C 445 -15.34 -30.06 -6.33
N ASN C 446 -16.08 -29.39 -7.20
CA ASN C 446 -16.22 -29.84 -8.59
C ASN C 446 -15.00 -29.32 -9.35
N ASP C 447 -14.98 -29.48 -10.68
CA ASP C 447 -13.88 -28.98 -11.49
C ASP C 447 -13.77 -27.47 -11.36
N ASP C 448 -14.88 -26.75 -11.52
CA ASP C 448 -14.90 -25.34 -11.17
C ASP C 448 -14.94 -25.17 -9.65
N GLY C 449 -15.67 -26.05 -8.97
CA GLY C 449 -15.74 -26.04 -7.52
C GLY C 449 -17.05 -25.52 -6.99
N ASP C 450 -17.97 -26.44 -6.65
CA ASP C 450 -19.26 -26.06 -6.08
C ASP C 450 -19.45 -26.62 -4.68
N GLN C 451 -19.37 -27.94 -4.50
CA GLN C 451 -19.54 -28.59 -3.20
C GLN C 451 -20.79 -28.06 -2.48
N SER C 452 -21.94 -28.39 -3.06
CA SER C 452 -23.21 -27.87 -2.55
C SER C 452 -23.60 -28.48 -1.20
N PHE C 453 -22.96 -29.59 -0.80
CA PHE C 453 -23.22 -30.27 0.46
C PHE C 453 -21.89 -30.47 1.17
N LEU C 454 -21.95 -30.85 2.44
CA LEU C 454 -20.77 -31.31 3.16
C LEU C 454 -21.16 -32.59 3.89
N ASP C 455 -20.52 -33.69 3.54
CA ASP C 455 -20.85 -34.99 4.08
C ASP C 455 -19.76 -35.46 5.05
N SER C 456 -20.20 -36.05 6.15
CA SER C 456 -19.27 -36.66 7.10
C SER C 456 -18.72 -37.96 6.54
N PRO C 457 -17.54 -38.38 7.01
CA PRO C 457 -16.98 -39.65 6.54
C PRO C 457 -17.84 -40.84 6.93
N ASP C 458 -17.57 -41.97 6.28
CA ASP C 458 -18.40 -43.15 6.48
C ASP C 458 -18.11 -43.81 7.83
N MET C 459 -16.85 -43.89 8.22
CA MET C 459 -16.47 -44.60 9.44
C MET C 459 -16.26 -43.64 10.58
N GLN C 460 -16.25 -44.19 11.80
CA GLN C 460 -15.86 -43.42 12.97
C GLN C 460 -14.35 -43.27 13.01
N THR C 461 -13.89 -42.06 13.30
CA THR C 461 -12.47 -41.74 13.27
C THR C 461 -11.97 -41.23 14.62
N LYS C 462 -12.48 -41.80 15.70
CA LYS C 462 -12.03 -41.39 17.04
C LYS C 462 -11.09 -42.40 17.69
N GLY C 463 -11.26 -43.68 17.42
CA GLY C 463 -10.34 -44.68 17.95
C GLY C 463 -9.57 -45.38 16.84
N SER C 464 -9.76 -44.92 15.61
CA SER C 464 -9.14 -45.55 14.47
C SER C 464 -7.64 -45.25 14.43
N GLU C 465 -6.89 -46.16 13.80
CA GLU C 465 -5.47 -45.95 13.61
C GLU C 465 -5.23 -44.92 12.51
N ASN C 466 -3.99 -44.41 12.46
CA ASN C 466 -3.67 -43.37 11.49
C ASN C 466 -3.79 -43.87 10.06
N ALA C 467 -3.39 -45.11 9.81
CA ALA C 467 -3.42 -45.65 8.45
C ALA C 467 -4.86 -45.77 7.94
N GLN C 468 -5.78 -46.20 8.79
CA GLN C 468 -7.17 -46.36 8.38
C GLN C 468 -7.78 -45.02 7.97
N ILE C 469 -7.53 -43.97 8.75
CA ILE C 469 -8.05 -42.66 8.40
C ILE C 469 -7.35 -42.10 7.16
N LEU C 470 -6.05 -42.34 7.05
CA LEU C 470 -5.31 -41.86 5.88
C LEU C 470 -5.78 -42.53 4.60
N GLU C 471 -6.23 -43.78 4.68
CA GLU C 471 -6.63 -44.51 3.48
C GLU C 471 -8.12 -44.37 3.16
N GLN C 472 -8.99 -44.58 4.15
CA GLN C 472 -10.44 -44.57 3.90
C GLN C 472 -10.99 -43.17 3.70
N VAL C 473 -10.49 -42.19 4.47
CA VAL C 473 -11.03 -40.84 4.43
C VAL C 473 -10.30 -39.97 3.42
N MET C 474 -8.97 -39.96 3.45
CA MET C 474 -8.17 -39.09 2.61
C MET C 474 -7.69 -39.77 1.33
N ASN C 475 -8.01 -41.05 1.15
CA ASN C 475 -7.66 -41.79 -0.07
C ASN C 475 -6.16 -41.77 -0.34
N VAL C 476 -5.37 -41.94 0.70
CA VAL C 476 -3.91 -41.97 0.61
C VAL C 476 -3.43 -43.35 1.05
N HIS C 477 -2.64 -44.00 0.20
CA HIS C 477 -2.16 -45.34 0.52
C HIS C 477 -1.19 -45.29 1.70
N SER C 478 -1.21 -46.37 2.49
CA SER C 478 -0.29 -46.48 3.62
C SER C 478 1.16 -46.52 3.14
N THR C 479 1.43 -47.23 2.06
CA THR C 479 2.74 -47.30 1.44
C THR C 479 2.79 -46.41 0.20
N PRO C 480 3.94 -45.81 -0.11
CA PRO C 480 4.03 -44.92 -1.26
C PRO C 480 3.90 -45.67 -2.57
N PRO C 481 2.92 -45.33 -3.39
CA PRO C 481 2.79 -46.01 -4.70
C PRO C 481 3.98 -45.77 -5.62
N GLY C 482 4.74 -44.70 -5.41
CA GLY C 482 5.88 -44.39 -6.24
C GLY C 482 7.18 -45.03 -5.84
N ILE C 483 7.17 -45.88 -4.82
CA ILE C 483 8.36 -46.59 -4.36
C ILE C 483 8.29 -48.03 -4.84
N ALA C 484 9.32 -48.48 -5.53
CA ALA C 484 9.33 -49.84 -6.07
C ALA C 484 9.36 -50.88 -4.96
N GLU C 485 9.89 -50.53 -3.78
CA GLU C 485 9.99 -51.48 -2.68
C GLU C 485 8.67 -51.62 -1.93
N SER C 486 7.71 -50.72 -2.14
CA SER C 486 6.45 -50.80 -1.44
C SER C 486 5.52 -51.87 -2.02
N HIS C 487 5.73 -52.27 -3.27
CA HIS C 487 4.91 -53.29 -3.91
C HIS C 487 5.52 -54.69 -3.82
N TRP C 488 6.66 -54.83 -3.15
CA TRP C 488 7.34 -56.13 -3.11
C TRP C 488 6.51 -57.18 -2.38
N LEU C 489 5.87 -56.80 -1.27
CA LEU C 489 5.05 -57.76 -0.54
C LEU C 489 3.86 -58.22 -1.37
N GLY C 490 3.20 -57.30 -2.06
CA GLY C 490 2.09 -57.69 -2.92
C GLY C 490 2.54 -58.58 -4.07
N ASN C 491 3.69 -58.25 -4.68
CA ASN C 491 4.22 -59.09 -5.74
C ASN C 491 4.57 -60.48 -5.22
N PHE C 492 5.13 -60.55 -4.01
CA PHE C 492 5.44 -61.85 -3.40
C PHE C 492 4.18 -62.66 -3.18
N GLU C 493 3.11 -62.03 -2.67
CA GLU C 493 1.85 -62.74 -2.49
C GLU C 493 1.28 -63.23 -3.82
N LEU C 494 1.30 -62.37 -4.85
CA LEU C 494 0.76 -62.80 -6.13
C LEU C 494 1.55 -63.96 -6.72
N LEU C 495 2.88 -63.87 -6.68
CA LEU C 495 3.70 -64.93 -7.27
C LEU C 495 3.63 -66.21 -6.44
N LEU C 496 3.44 -66.09 -5.12
CA LEU C 496 3.28 -67.28 -4.29
C LEU C 496 1.93 -67.95 -4.53
N LEU C 497 0.89 -67.15 -4.79
CA LEU C 497 -0.40 -67.70 -5.19
C LEU C 497 -0.34 -68.32 -6.59
N ASP C 498 0.57 -67.83 -7.44
CA ASP C 498 0.74 -68.45 -8.75
C ASP C 498 1.22 -69.89 -8.61
N ASN C 499 2.14 -70.15 -7.69
CA ASN C 499 2.67 -71.49 -7.44
C ASN C 499 2.43 -71.81 -5.96
N SER C 500 1.25 -72.35 -5.66
CA SER C 500 0.91 -72.70 -4.28
C SER C 500 1.71 -73.92 -3.84
N GLY C 501 2.32 -73.83 -2.66
CA GLY C 501 3.10 -74.93 -2.13
C GLY C 501 4.57 -74.60 -2.01
N GLU C 502 5.41 -75.37 -2.72
CA GLU C 502 6.84 -75.15 -2.67
C GLU C 502 7.20 -73.80 -3.31
N LEU C 503 8.26 -73.20 -2.78
CA LEU C 503 8.74 -71.91 -3.27
C LEU C 503 9.76 -72.14 -4.38
N ASP C 504 9.50 -71.58 -5.54
CA ASP C 504 10.39 -71.71 -6.69
C ASP C 504 11.55 -70.72 -6.55
N ASN C 505 12.38 -70.63 -7.59
CA ASN C 505 13.50 -69.70 -7.58
C ASN C 505 13.07 -68.25 -7.79
N HIS C 506 11.87 -68.02 -8.33
CA HIS C 506 11.37 -66.67 -8.54
C HIS C 506 10.65 -66.10 -7.32
N SER C 507 10.47 -66.89 -6.27
CA SER C 507 9.91 -66.42 -5.01
C SER C 507 10.97 -66.26 -3.93
N GLN C 508 11.94 -67.17 -3.88
CA GLN C 508 13.03 -67.04 -2.92
C GLN C 508 13.87 -65.81 -3.20
N VAL C 509 14.02 -65.44 -4.48
CA VAL C 509 14.77 -64.24 -4.82
C VAL C 509 14.08 -63.00 -4.24
N LEU C 510 12.76 -62.90 -4.42
CA LEU C 510 12.03 -61.76 -3.88
C LEU C 510 12.02 -61.79 -2.36
N TYR C 511 11.93 -62.97 -1.76
CA TYR C 511 11.97 -63.08 -0.30
C TYR C 511 13.31 -62.60 0.24
N ASP C 512 14.42 -63.00 -0.39
CA ASP C 512 15.72 -62.54 0.04
C ASP C 512 15.91 -61.06 -0.24
N GLN C 513 15.31 -60.54 -1.31
CA GLN C 513 15.36 -59.10 -1.56
C GLN C 513 14.65 -58.32 -0.46
N ILE C 514 13.49 -58.83 -0.02
CA ILE C 514 12.77 -58.22 1.09
C ILE C 514 13.61 -58.30 2.36
N LYS C 515 14.28 -59.44 2.59
CA LYS C 515 15.19 -59.58 3.72
C LYS C 515 16.28 -58.52 3.69
N ALA C 516 16.91 -58.34 2.52
CA ALA C 516 18.02 -57.39 2.42
C ALA C 516 17.55 -55.96 2.61
N HIS C 517 16.41 -55.59 2.02
CA HIS C 517 15.97 -54.20 2.08
C HIS C 517 15.35 -53.87 3.44
N PHE C 518 14.25 -54.55 3.79
CA PHE C 518 13.50 -54.17 4.98
C PHE C 518 14.18 -54.64 6.26
N GLY C 519 14.74 -55.85 6.26
CA GLY C 519 15.47 -56.36 7.42
C GLY C 519 14.85 -57.62 7.97
N ILE C 520 15.59 -58.23 8.89
CA ILE C 520 15.17 -59.49 9.50
C ILE C 520 13.95 -59.29 10.41
N ASP C 521 13.92 -58.19 11.16
CA ASP C 521 12.87 -57.94 12.13
C ASP C 521 11.76 -57.05 11.60
N SER C 522 11.79 -56.73 10.30
CA SER C 522 10.76 -55.88 9.73
C SER C 522 9.41 -56.58 9.70
N ILE C 523 8.34 -55.78 9.73
CA ILE C 523 7.00 -56.35 9.68
C ILE C 523 6.72 -56.98 8.32
N GLU C 524 7.34 -56.47 7.26
CA GLU C 524 7.15 -57.06 5.94
C GLU C 524 7.64 -58.51 5.91
N LEU C 525 8.81 -58.78 6.50
CA LEU C 525 9.32 -60.13 6.53
C LEU C 525 8.46 -61.04 7.41
N LYS C 526 7.94 -60.52 8.52
CA LYS C 526 7.07 -61.32 9.37
C LYS C 526 5.78 -61.68 8.63
N LYS C 527 5.20 -60.72 7.91
CA LYS C 527 4.01 -61.01 7.11
C LYS C 527 4.32 -62.03 6.03
N ALA C 528 5.49 -61.90 5.38
CA ALA C 528 5.87 -62.87 4.36
C ALA C 528 6.02 -64.27 4.95
N ASP C 529 6.64 -64.37 6.13
CA ASP C 529 6.79 -65.68 6.78
C ASP C 529 5.43 -66.26 7.15
N SER C 530 4.54 -65.43 7.69
CA SER C 530 3.20 -65.90 8.04
C SER C 530 2.46 -66.40 6.82
N LEU C 531 2.57 -65.68 5.71
CA LEU C 531 1.90 -66.09 4.48
C LEU C 531 2.52 -67.37 3.89
N ILE C 532 3.84 -67.52 4.02
CA ILE C 532 4.49 -68.75 3.58
C ILE C 532 3.98 -69.93 4.40
N ARG C 533 3.88 -69.77 5.72
CA ARG C 533 3.36 -70.84 6.56
C ARG C 533 1.92 -71.17 6.23
N ILE C 534 1.08 -70.15 6.02
CA ILE C 534 -0.32 -70.43 5.69
C ILE C 534 -0.43 -71.14 4.34
N ASN C 535 0.39 -70.75 3.36
CA ASN C 535 0.36 -71.42 2.06
C ASN C 535 0.80 -72.87 2.19
N LYS C 536 1.87 -73.13 2.95
CA LYS C 536 2.36 -74.50 3.12
C LYS C 536 1.31 -75.37 3.80
N MET C 537 0.70 -74.84 4.87
CA MET C 537 -0.28 -75.64 5.61
C MET C 537 -1.55 -75.87 4.78
N LYS C 538 -1.98 -74.86 4.01
CA LYS C 538 -3.13 -75.07 3.14
C LYS C 538 -2.83 -76.05 2.01
N ASN C 539 -1.59 -76.05 1.50
CA ASN C 539 -1.23 -77.03 0.47
C ASN C 539 -1.23 -78.45 1.04
N LYS C 540 -0.72 -78.61 2.26
CA LYS C 540 -0.78 -79.91 2.92
C LYS C 540 -2.23 -80.33 3.15
N LEU C 541 -3.08 -79.38 3.54
CA LEU C 541 -4.50 -79.68 3.69
C LEU C 541 -5.14 -80.10 2.37
N ASN C 542 -4.75 -79.43 1.28
CA ASN C 542 -5.25 -79.81 -0.04
C ASN C 542 -4.82 -81.24 -0.40
N LYS C 543 -3.57 -81.58 -0.12
CA LYS C 543 -3.10 -82.94 -0.38
C LYS C 543 -3.88 -83.97 0.43
N ILE C 544 -4.11 -83.67 1.71
CA ILE C 544 -4.86 -84.61 2.55
C ILE C 544 -6.29 -84.76 2.06
N ARG C 545 -6.92 -83.64 1.67
CA ARG C 545 -8.29 -83.73 1.15
C ARG C 545 -8.34 -84.49 -0.16
N ALA C 546 -7.35 -84.31 -1.03
CA ALA C 546 -7.30 -85.07 -2.28
C ALA C 546 -7.15 -86.56 -2.00
N GLU C 547 -6.32 -86.92 -1.02
CA GLU C 547 -6.20 -88.32 -0.64
C GLU C 547 -7.51 -88.86 -0.09
N LYS C 548 -8.21 -88.06 0.72
CA LYS C 548 -9.47 -88.49 1.30
C LYS C 548 -10.53 -88.71 0.22
N GLY C 549 -10.58 -87.81 -0.76
CA GLY C 549 -11.58 -87.90 -1.81
C GLY C 549 -11.39 -89.11 -2.73
N LYS C 550 -10.22 -89.21 -3.34
CA LYS C 550 -9.93 -90.33 -4.24
C LYS C 550 -9.41 -91.53 -3.47
N MET D 1 62.52 -20.46 -3.32
CA MET D 1 61.41 -21.25 -2.79
C MET D 1 60.35 -21.52 -3.86
N THR D 2 59.11 -21.69 -3.41
CA THR D 2 57.93 -21.79 -4.27
C THR D 2 57.89 -23.12 -5.01
N LYS D 3 58.98 -23.89 -4.95
CA LYS D 3 59.05 -25.15 -5.66
C LYS D 3 58.07 -26.17 -5.08
N GLN D 4 57.86 -26.14 -3.77
CA GLN D 4 56.85 -27.00 -3.15
C GLN D 4 55.48 -26.75 -3.75
N TYR D 5 55.19 -25.50 -4.16
CA TYR D 5 53.93 -25.22 -4.81
C TYR D 5 53.79 -25.94 -6.14
N GLU D 6 54.86 -25.97 -6.95
CA GLU D 6 54.79 -26.75 -8.18
C GLU D 6 54.65 -28.24 -7.89
N ARG D 7 55.39 -28.76 -6.90
CA ARG D 7 55.28 -30.18 -6.58
C ARG D 7 53.87 -30.55 -6.12
N LYS D 8 53.22 -29.68 -5.34
CA LYS D 8 51.86 -29.97 -4.88
C LYS D 8 50.82 -29.75 -5.96
N ALA D 9 51.01 -28.73 -6.81
CA ALA D 9 50.04 -28.45 -7.86
C ALA D 9 50.05 -29.54 -8.92
N LYS D 10 51.23 -30.02 -9.31
CA LYS D 10 51.30 -31.11 -10.28
C LYS D 10 50.77 -32.42 -9.72
N GLY D 11 50.60 -32.52 -8.40
CA GLY D 11 50.02 -33.69 -7.77
C GLY D 11 48.51 -33.71 -7.70
N GLY D 12 47.85 -32.62 -8.08
CA GLY D 12 46.40 -32.56 -8.09
C GLY D 12 45.80 -31.56 -7.12
N ASN D 13 46.59 -30.86 -6.32
CA ASN D 13 46.06 -29.86 -5.41
C ASN D 13 45.63 -28.62 -6.17
N LEU D 14 44.52 -28.01 -5.74
CA LEU D 14 43.99 -26.82 -6.37
C LEU D 14 44.44 -25.53 -5.70
N LEU D 15 44.62 -25.54 -4.38
CA LEU D 15 45.08 -24.33 -3.69
C LEU D 15 46.48 -23.94 -4.15
N SER D 16 47.38 -24.91 -4.25
CA SER D 16 48.74 -24.63 -4.72
C SER D 16 48.74 -24.15 -6.16
N ALA D 17 47.90 -24.77 -7.01
CA ALA D 17 47.82 -24.34 -8.41
C ALA D 17 47.30 -22.91 -8.50
N PHE D 18 46.29 -22.56 -7.70
CA PHE D 18 45.77 -21.20 -7.74
C PHE D 18 46.81 -20.20 -7.21
N GLU D 19 47.55 -20.58 -6.17
CA GLU D 19 48.59 -19.69 -5.66
C GLU D 19 49.68 -19.48 -6.70
N LEU D 20 50.08 -20.54 -7.40
CA LEU D 20 51.04 -20.39 -8.49
C LEU D 20 50.50 -19.49 -9.59
N TYR D 21 49.23 -19.66 -9.95
CA TYR D 21 48.63 -18.80 -10.96
C TYR D 21 48.63 -17.34 -10.53
N GLN D 22 48.28 -17.08 -9.28
CA GLN D 22 48.24 -15.70 -8.79
C GLN D 22 49.63 -15.07 -8.78
N ARG D 23 50.61 -15.79 -8.22
CA ARG D 23 51.96 -15.22 -8.15
C ARG D 23 52.57 -15.07 -9.53
N ASN D 24 52.20 -15.92 -10.49
CA ASN D 24 52.72 -15.77 -11.84
C ASN D 24 52.07 -14.58 -12.55
N SER D 25 50.75 -14.43 -12.41
CA SER D 25 50.06 -13.30 -13.01
C SER D 25 50.48 -11.97 -12.39
N ASP D 26 50.97 -12.00 -11.14
CA ASP D 26 51.47 -10.77 -10.53
C ASP D 26 52.81 -10.31 -11.13
N LYS D 27 53.52 -11.20 -11.82
CA LYS D 27 54.81 -10.87 -12.39
C LYS D 27 54.65 -10.35 -13.82
N ALA D 28 55.77 -10.20 -14.52
CA ALA D 28 55.72 -9.69 -15.89
C ALA D 28 55.13 -10.73 -16.83
N PRO D 29 54.15 -10.37 -17.66
CA PRO D 29 53.56 -11.35 -18.58
C PRO D 29 54.54 -11.90 -19.61
N GLY D 30 55.56 -11.11 -19.99
CA GLY D 30 56.36 -11.48 -21.14
C GLY D 30 57.04 -12.84 -21.00
N LEU D 31 57.66 -13.08 -19.84
CA LEU D 31 58.33 -14.34 -19.58
C LEU D 31 57.51 -15.28 -18.72
N GLY D 32 56.25 -14.94 -18.43
CA GLY D 32 55.45 -15.75 -17.54
C GLY D 32 54.11 -16.19 -18.07
N GLU D 33 53.76 -15.77 -19.30
CA GLU D 33 52.46 -16.16 -19.86
C GLU D 33 52.37 -17.67 -20.04
N MET D 34 53.43 -18.30 -20.55
CA MET D 34 53.42 -19.74 -20.76
C MET D 34 53.28 -20.48 -19.45
N LEU D 35 53.95 -20.02 -18.40
CA LEU D 35 53.89 -20.69 -17.11
C LEU D 35 52.57 -20.43 -16.38
N VAL D 36 51.95 -19.28 -16.61
CA VAL D 36 50.69 -19.00 -15.91
C VAL D 36 49.51 -19.65 -16.62
N GLY D 37 49.62 -19.84 -17.94
CA GLY D 37 48.54 -20.48 -18.67
C GLY D 37 48.29 -21.90 -18.21
N GLU D 38 49.36 -22.65 -17.96
CA GLU D 38 49.19 -24.04 -17.52
C GLU D 38 48.52 -24.12 -16.16
N TRP D 39 48.88 -23.23 -15.24
CA TRP D 39 48.26 -23.24 -13.92
C TRP D 39 46.80 -22.82 -13.99
N PHE D 40 46.49 -21.79 -14.79
CA PHE D 40 45.10 -21.39 -14.94
C PHE D 40 44.28 -22.50 -15.58
N GLU D 41 44.83 -23.17 -16.59
CA GLU D 41 44.10 -24.27 -17.21
C GLU D 41 43.94 -25.44 -16.25
N MET D 42 44.92 -25.68 -15.38
CA MET D 42 44.79 -26.72 -14.38
C MET D 42 43.65 -26.40 -13.42
N CYS D 43 43.58 -25.16 -12.93
CA CYS D 43 42.50 -24.78 -12.03
C CYS D 43 41.14 -24.87 -12.72
N ARG D 44 41.05 -24.37 -13.96
CA ARG D 44 39.78 -24.40 -14.67
C ARG D 44 39.35 -25.81 -15.01
N ASP D 45 40.31 -26.71 -15.28
CA ASP D 45 39.97 -28.10 -15.53
C ASP D 45 39.53 -28.79 -14.24
N TYR D 46 40.16 -28.45 -13.12
CA TYR D 46 39.69 -28.99 -11.85
C TYR D 46 38.26 -28.58 -11.57
N ILE D 47 37.93 -27.31 -11.83
CA ILE D 47 36.57 -26.85 -11.58
C ILE D 47 35.59 -27.45 -12.59
N GLN D 48 35.99 -27.55 -13.85
CA GLN D 48 35.06 -27.82 -14.94
C GLN D 48 35.04 -29.27 -15.42
N ASP D 49 35.97 -30.11 -14.99
CA ASP D 49 36.00 -31.48 -15.48
C ASP D 49 34.78 -32.27 -15.01
N GLY D 50 34.37 -33.23 -15.82
CA GLY D 50 33.24 -34.06 -15.49
C GLY D 50 33.02 -35.09 -16.58
N HIS D 51 32.06 -35.98 -16.32
CA HIS D 51 31.72 -37.02 -17.27
C HIS D 51 30.25 -37.38 -17.10
N VAL D 52 29.70 -38.03 -18.12
CA VAL D 52 28.31 -38.46 -18.12
C VAL D 52 28.26 -39.91 -17.67
N ASP D 53 27.35 -40.22 -16.74
CA ASP D 53 27.21 -41.55 -16.21
C ASP D 53 26.59 -42.47 -17.26
N GLU D 54 26.27 -43.70 -16.87
CA GLU D 54 25.56 -44.61 -17.76
C GLU D 54 24.22 -44.00 -18.18
N SER D 55 23.49 -43.44 -17.23
CA SER D 55 22.36 -42.59 -17.55
C SER D 55 22.85 -41.20 -17.93
N GLY D 56 21.99 -40.45 -18.62
CA GLY D 56 22.37 -39.14 -19.13
C GLY D 56 22.48 -38.06 -18.06
N ILE D 57 23.33 -38.28 -17.07
CA ILE D 57 23.55 -37.35 -15.97
C ILE D 57 25.02 -36.96 -15.95
N PHE D 58 25.28 -35.66 -15.97
CA PHE D 58 26.64 -35.15 -15.90
C PHE D 58 27.12 -35.20 -14.46
N ARG D 59 28.26 -35.85 -14.23
CA ARG D 59 28.83 -35.97 -12.89
C ARG D 59 30.16 -35.23 -12.83
N PRO D 60 30.27 -34.16 -12.05
CA PRO D 60 31.55 -33.47 -11.94
C PRO D 60 32.62 -34.36 -11.31
N ASP D 61 33.86 -34.18 -11.75
CA ASP D 61 34.96 -34.96 -11.21
C ASP D 61 35.21 -34.63 -9.74
N ASN D 62 35.04 -33.36 -9.37
CA ASN D 62 35.27 -32.88 -8.00
C ASN D 62 33.95 -32.31 -7.47
N ALA D 63 33.19 -33.14 -6.77
CA ALA D 63 31.91 -32.70 -6.21
C ALA D 63 32.13 -31.81 -5.01
N PHE D 64 31.17 -30.92 -4.76
CA PHE D 64 31.21 -29.99 -3.64
C PHE D 64 30.04 -30.24 -2.72
N TYR D 65 30.31 -30.52 -1.46
CA TYR D 65 29.27 -30.71 -0.46
C TYR D 65 29.87 -30.52 0.93
N LEU D 66 29.00 -30.38 1.92
CA LEU D 66 29.40 -30.21 3.31
C LEU D 66 29.49 -31.57 3.98
N ARG D 67 30.63 -31.83 4.62
CA ARG D 67 30.90 -33.14 5.22
C ARG D 67 30.43 -33.22 6.67
N ARG D 68 30.98 -32.38 7.53
CA ARG D 68 30.70 -32.43 8.96
C ARG D 68 30.26 -31.06 9.45
N LEU D 69 29.41 -31.06 10.46
CA LEU D 69 28.96 -29.83 11.11
C LEU D 69 29.03 -30.02 12.62
N THR D 70 29.67 -29.09 13.30
CA THR D 70 29.83 -29.14 14.75
C THR D 70 29.23 -27.90 15.37
N LEU D 71 28.39 -28.09 16.39
CA LEU D 71 27.71 -27.01 17.09
C LEU D 71 28.15 -27.04 18.55
N LYS D 72 29.05 -26.14 18.93
CA LYS D 72 29.56 -26.05 20.29
C LYS D 72 28.88 -24.90 21.00
N ASP D 73 28.13 -25.22 22.06
CA ASP D 73 27.43 -24.24 22.87
C ASP D 73 26.51 -23.36 22.03
N PHE D 74 25.90 -23.95 21.01
CA PHE D 74 24.97 -23.23 20.14
C PHE D 74 23.63 -23.09 20.87
N ARG D 75 22.59 -22.69 20.15
CA ARG D 75 21.29 -22.40 20.75
C ARG D 75 20.86 -23.45 21.76
N ARG D 76 20.69 -24.69 21.32
CA ARG D 76 20.24 -25.76 22.19
C ARG D 76 21.32 -26.80 22.48
N PHE D 77 22.38 -26.85 21.68
CA PHE D 77 23.36 -27.93 21.74
C PHE D 77 24.63 -27.44 22.42
N SER D 78 25.06 -28.17 23.47
CA SER D 78 26.34 -27.87 24.08
C SER D 78 27.49 -28.35 23.20
N LEU D 79 27.36 -29.53 22.61
CA LEU D 79 28.36 -30.04 21.67
C LEU D 79 27.67 -31.10 20.81
N LEU D 80 27.47 -30.79 19.54
CA LEU D 80 26.78 -31.70 18.62
C LEU D 80 27.61 -31.87 17.35
N GLU D 81 27.65 -33.10 16.86
CA GLU D 81 28.31 -33.43 15.60
C GLU D 81 27.31 -34.06 14.66
N ILE D 82 27.34 -33.64 13.39
CA ILE D 82 26.46 -34.17 12.36
C ILE D 82 27.30 -34.55 11.16
N LYS D 83 27.14 -35.79 10.71
CA LYS D 83 27.76 -36.26 9.47
C LYS D 83 26.69 -36.25 8.38
N LEU D 84 26.97 -35.55 7.29
CA LEU D 84 25.96 -35.28 6.27
C LEU D 84 26.18 -36.16 5.06
N GLU D 85 25.07 -36.61 4.48
CA GLU D 85 25.12 -37.41 3.27
C GLU D 85 25.40 -36.53 2.06
N GLU D 86 26.04 -37.13 1.05
CA GLU D 86 26.43 -36.37 -0.13
C GLU D 86 25.23 -35.92 -0.96
N ASP D 87 24.18 -36.72 -1.01
CA ASP D 87 23.01 -36.44 -1.85
C ASP D 87 21.86 -35.81 -1.08
N LEU D 88 21.38 -36.49 -0.04
CA LEU D 88 20.22 -36.01 0.69
C LEU D 88 20.35 -36.39 2.16
N THR D 89 20.06 -35.43 3.05
CA THR D 89 20.05 -35.67 4.48
C THR D 89 18.76 -35.11 5.06
N VAL D 90 18.07 -35.91 5.87
CA VAL D 90 16.80 -35.54 6.47
C VAL D 90 16.98 -35.53 7.97
N ILE D 91 16.66 -34.40 8.60
CA ILE D 91 16.72 -34.26 10.05
C ILE D 91 15.30 -34.23 10.59
N ILE D 92 15.02 -35.12 11.55
CA ILE D 92 13.67 -35.29 12.07
C ILE D 92 13.71 -35.18 13.59
N GLY D 93 12.56 -34.89 14.16
CA GLY D 93 12.43 -34.77 15.60
C GLY D 93 11.18 -34.00 15.96
N ASN D 94 10.94 -33.91 17.27
CA ASN D 94 9.82 -33.17 17.79
C ASN D 94 10.06 -31.66 17.61
N ASN D 95 9.09 -30.86 18.04
CA ASN D 95 9.26 -29.42 18.03
C ASN D 95 10.25 -29.01 19.11
N GLY D 96 11.15 -28.10 18.76
CA GLY D 96 12.15 -27.62 19.68
C GLY D 96 13.39 -28.48 19.79
N LYS D 97 13.59 -29.44 18.88
CA LYS D 97 14.82 -30.23 18.89
C LYS D 97 16.01 -29.44 18.37
N GLY D 98 15.81 -28.62 17.35
CA GLY D 98 16.89 -27.80 16.84
C GLY D 98 17.22 -27.98 15.38
N LYS D 99 16.27 -28.51 14.61
CA LYS D 99 16.47 -28.69 13.18
C LYS D 99 16.59 -27.35 12.46
N THR D 100 15.69 -26.42 12.78
CA THR D 100 15.74 -25.10 12.17
C THR D 100 17.03 -24.38 12.52
N SER D 101 17.51 -24.55 13.76
CA SER D 101 18.78 -23.93 14.14
C SER D 101 19.94 -24.54 13.38
N ILE D 102 19.90 -25.84 13.11
CA ILE D 102 20.94 -26.48 12.32
C ILE D 102 20.96 -25.91 10.91
N LEU D 103 19.79 -25.79 10.28
CA LEU D 103 19.72 -25.20 8.95
C LEU D 103 20.18 -23.75 8.97
N TYR D 104 19.82 -23.01 10.03
CA TYR D 104 20.24 -21.62 10.17
C TYR D 104 21.76 -21.51 10.26
N ALA D 105 22.39 -22.39 11.05
CA ALA D 105 23.84 -22.36 11.15
C ALA D 105 24.51 -22.69 9.82
N ILE D 106 23.98 -23.68 9.10
CA ILE D 106 24.54 -24.02 7.80
C ILE D 106 24.38 -22.85 6.83
N ALA D 107 23.24 -22.16 6.87
CA ALA D 107 23.03 -21.00 6.01
C ALA D 107 24.00 -19.87 6.34
N LYS D 108 24.22 -19.62 7.64
CA LYS D 108 25.20 -18.60 8.01
C LYS D 108 26.60 -18.97 7.56
N THR D 109 26.93 -20.26 7.60
CA THR D 109 28.23 -20.70 7.09
C THR D 109 28.34 -20.45 5.59
N LEU D 110 27.29 -20.79 4.83
CA LEU D 110 27.32 -20.61 3.38
C LEU D 110 27.26 -19.14 2.98
N SER D 111 26.81 -18.26 3.89
CA SER D 111 26.76 -16.84 3.57
C SER D 111 28.13 -16.29 3.27
N TRP D 112 29.17 -16.78 3.96
CA TRP D 112 30.53 -16.32 3.67
C TRP D 112 30.97 -16.74 2.28
N PHE D 113 30.68 -17.98 1.87
CA PHE D 113 30.96 -18.42 0.51
C PHE D 113 30.27 -17.50 -0.50
N VAL D 114 28.98 -17.23 -0.29
CA VAL D 114 28.23 -16.39 -1.23
C VAL D 114 28.83 -15.00 -1.31
N ALA D 115 29.12 -14.40 -0.15
CA ALA D 115 29.62 -13.03 -0.11
C ALA D 115 30.99 -12.92 -0.76
N ASN D 116 31.88 -13.88 -0.50
CA ASN D 116 33.21 -13.81 -1.09
C ASN D 116 33.24 -14.22 -2.55
N ILE D 117 32.24 -14.95 -3.02
CA ILE D 117 32.08 -15.12 -4.47
C ILE D 117 31.62 -13.82 -5.10
N LEU D 118 30.70 -13.11 -4.45
CA LEU D 118 30.16 -11.88 -5.02
C LEU D 118 31.25 -10.81 -5.17
N LYS D 119 32.10 -10.66 -4.15
CA LYS D 119 33.14 -9.64 -4.20
C LYS D 119 34.34 -10.11 -3.40
N GLU D 120 35.49 -9.49 -3.69
CA GLU D 120 36.72 -9.84 -2.99
C GLU D 120 36.70 -9.27 -1.58
N GLY D 121 37.04 -10.11 -0.60
CA GLY D 121 37.02 -9.69 0.79
C GLY D 121 35.65 -9.34 1.32
N GLY D 122 34.61 -10.03 0.85
CA GLY D 122 33.28 -9.76 1.32
C GLY D 122 33.04 -10.30 2.72
N SER D 123 31.99 -9.80 3.36
CA SER D 123 31.63 -10.18 4.71
C SER D 123 30.31 -10.94 4.70
N GLY D 124 30.31 -12.13 5.32
CA GLY D 124 29.11 -12.91 5.47
C GLY D 124 28.38 -12.60 6.76
N GLN D 125 27.34 -13.39 7.03
CA GLN D 125 26.55 -13.20 8.23
C GLN D 125 27.31 -13.72 9.45
N ARG D 126 26.85 -13.28 10.63
CA ARG D 126 27.47 -13.64 11.89
C ARG D 126 26.40 -14.07 12.88
N LEU D 127 26.79 -14.93 13.82
CA LEU D 127 25.87 -15.40 14.84
C LEU D 127 25.46 -14.26 15.76
N SER D 128 24.20 -14.28 16.19
CA SER D 128 23.70 -13.28 17.12
C SER D 128 24.34 -13.45 18.49
N GLU D 129 24.73 -12.33 19.09
CA GLU D 129 25.36 -12.34 20.39
C GLU D 129 24.36 -12.39 21.54
N MET D 130 23.06 -12.35 21.25
CA MET D 130 22.04 -12.35 22.28
C MET D 130 21.10 -13.55 22.21
N THR D 131 21.13 -14.32 21.13
CA THR D 131 20.22 -15.44 20.95
C THR D 131 20.92 -16.75 20.64
N ASP D 132 21.99 -16.73 19.85
CA ASP D 132 22.60 -17.98 19.39
C ASP D 132 23.39 -18.68 20.49
N ILE D 133 24.00 -17.92 21.39
CA ILE D 133 24.77 -18.52 22.48
C ILE D 133 23.82 -19.22 23.45
N LYS D 134 24.18 -20.43 23.86
CA LYS D 134 23.37 -21.18 24.80
C LYS D 134 23.20 -20.41 26.10
N ASN D 135 21.99 -20.42 26.65
CA ASN D 135 21.72 -19.68 27.87
C ASN D 135 22.47 -20.28 29.06
N ASP D 136 22.62 -21.60 29.09
CA ASP D 136 23.31 -22.28 30.17
C ASP D 136 24.81 -22.44 29.91
N ALA D 137 25.32 -21.90 28.81
CA ALA D 137 26.72 -22.07 28.46
C ALA D 137 27.61 -21.34 29.47
N GLU D 138 28.48 -22.11 30.15
CA GLU D 138 29.43 -21.50 31.07
C GLU D 138 30.55 -20.78 30.33
N ASP D 139 30.90 -21.24 29.14
CA ASP D 139 31.93 -20.57 28.35
C ASP D 139 31.48 -19.22 27.81
N ARG D 140 30.17 -18.99 27.72
CA ARG D 140 29.59 -17.74 27.25
C ARG D 140 30.02 -17.41 25.82
N TYR D 141 30.25 -18.44 25.01
CA TYR D 141 30.50 -18.26 23.59
C TYR D 141 30.04 -19.49 22.84
N SER D 142 29.79 -19.30 21.54
CA SER D 142 29.33 -20.38 20.67
C SER D 142 30.15 -20.37 19.39
N ASP D 143 30.50 -21.55 18.89
CA ASP D 143 31.19 -21.69 17.62
C ASP D 143 30.51 -22.76 16.78
N VAL D 144 30.48 -22.54 15.48
CA VAL D 144 29.86 -23.46 14.52
C VAL D 144 30.93 -23.81 13.50
N SER D 145 31.40 -25.06 13.54
CA SER D 145 32.48 -25.52 12.68
C SER D 145 31.90 -26.36 11.55
N SER D 146 32.34 -26.08 10.33
CA SER D 146 31.90 -26.80 9.15
C SER D 146 33.12 -27.23 8.33
N THR D 147 33.04 -28.43 7.76
CA THR D 147 34.09 -28.96 6.89
C THR D 147 33.48 -29.27 5.54
N PHE D 148 34.09 -28.75 4.48
CA PHE D 148 33.56 -28.89 3.13
C PHE D 148 34.50 -29.72 2.26
N PHE D 149 33.91 -30.42 1.29
CA PHE D 149 34.63 -31.29 0.38
C PHE D 149 34.52 -30.72 -1.02
N PHE D 150 35.65 -30.60 -1.71
CA PHE D 150 35.69 -30.11 -3.08
C PHE D 150 36.58 -30.98 -3.93
N GLY D 151 36.41 -32.30 -3.85
CA GLY D 151 37.20 -33.23 -4.62
C GLY D 151 38.53 -33.56 -3.94
N LYS D 152 39.30 -34.40 -4.62
CA LYS D 152 40.58 -34.86 -4.08
C LYS D 152 41.62 -33.75 -3.98
N GLY D 153 41.37 -32.59 -4.58
CA GLY D 153 42.29 -31.48 -4.47
C GLY D 153 42.30 -30.85 -3.09
N LEU D 154 41.14 -30.35 -2.65
CA LEU D 154 41.03 -29.76 -1.33
C LEU D 154 40.56 -30.78 -0.30
N LYS D 155 39.35 -31.31 -0.48
CA LYS D 155 38.75 -32.35 0.35
C LYS D 155 38.68 -31.96 1.82
N SER D 156 38.99 -30.71 2.15
CA SER D 156 38.84 -30.21 3.51
C SER D 156 38.85 -28.67 3.45
N VAL D 157 37.72 -28.06 3.78
CA VAL D 157 37.61 -26.61 3.86
C VAL D 157 37.01 -26.25 5.22
N PRO D 158 37.81 -26.22 6.29
CA PRO D 158 37.25 -26.02 7.63
C PRO D 158 36.98 -24.55 7.92
N ILE D 159 35.71 -24.19 8.01
CA ILE D 159 35.28 -22.85 8.35
C ILE D 159 34.54 -22.89 9.69
N ARG D 160 34.92 -22.02 10.61
CA ARG D 160 34.32 -21.96 11.94
C ARG D 160 33.73 -20.58 12.15
N LEU D 161 32.44 -20.52 12.45
CA LEU D 161 31.75 -19.28 12.79
C LEU D 161 31.57 -19.22 14.30
N SER D 162 32.13 -18.19 14.93
CA SER D 162 32.13 -18.09 16.38
C SER D 162 31.58 -16.75 16.81
N ARG D 163 31.06 -16.71 18.03
CA ARG D 163 30.56 -15.48 18.63
C ARG D 163 30.60 -15.62 20.14
N SER D 164 30.80 -14.49 20.82
CA SER D 164 30.87 -14.45 22.27
C SER D 164 29.70 -13.62 22.80
N ALA D 165 29.23 -14.00 23.99
CA ALA D 165 28.12 -13.28 24.61
C ALA D 165 28.52 -11.84 24.89
N LEU D 166 27.56 -10.92 24.72
CA LEU D 166 27.84 -9.51 24.91
C LEU D 166 28.22 -9.24 26.36
N GLY D 167 29.21 -8.37 26.55
CA GLY D 167 29.74 -8.07 27.86
C GLY D 167 30.90 -8.94 28.30
N THR D 168 31.24 -9.97 27.53
CA THR D 168 32.37 -10.82 27.88
C THR D 168 33.68 -10.12 27.59
N ALA D 169 34.65 -10.29 28.50
CA ALA D 169 35.94 -9.61 28.35
C ALA D 169 36.67 -10.06 27.09
N GLU D 170 36.66 -11.37 26.81
CA GLU D 170 37.35 -11.93 25.66
C GLU D 170 36.33 -12.34 24.61
N ARG D 171 36.55 -11.93 23.37
CA ARG D 171 35.64 -12.22 22.26
C ARG D 171 36.21 -13.35 21.42
N ARG D 172 35.40 -14.39 21.23
CA ARG D 172 35.82 -15.51 20.38
C ARG D 172 35.87 -15.08 18.93
N ASP D 173 36.96 -15.40 18.25
CA ASP D 173 37.18 -15.00 16.87
C ASP D 173 36.86 -16.16 15.94
N SER D 174 36.11 -15.87 14.88
CA SER D 174 35.77 -16.86 13.87
C SER D 174 36.80 -16.85 12.77
N GLU D 175 37.18 -18.05 12.31
CA GLU D 175 38.12 -18.20 11.21
C GLU D 175 37.35 -18.57 9.96
N VAL D 176 37.52 -17.76 8.91
CA VAL D 176 36.79 -17.95 7.65
C VAL D 176 37.76 -17.85 6.49
N LYS D 177 39.06 -17.95 6.79
CA LYS D 177 40.08 -17.78 5.75
C LYS D 177 40.00 -18.83 4.66
N PRO D 178 39.93 -20.14 4.94
CA PRO D 178 39.88 -21.11 3.83
C PRO D 178 38.64 -20.99 2.96
N ALA D 179 37.49 -20.65 3.55
CA ALA D 179 36.30 -20.41 2.74
C ALA D 179 36.49 -19.21 1.82
N LYS D 180 37.12 -18.15 2.33
CA LYS D 180 37.46 -17.02 1.50
C LYS D 180 38.41 -17.42 0.38
N ASP D 181 39.37 -18.30 0.68
CA ASP D 181 40.31 -18.75 -0.34
C ASP D 181 39.59 -19.50 -1.45
N LEU D 182 38.69 -20.42 -1.09
CA LEU D 182 37.96 -21.17 -2.10
C LEU D 182 37.05 -20.26 -2.93
N ALA D 183 36.37 -19.33 -2.27
CA ALA D 183 35.50 -18.41 -3.00
C ALA D 183 36.31 -17.48 -3.89
N ASP D 184 37.52 -17.09 -3.47
CA ASP D 184 38.39 -16.29 -4.32
C ASP D 184 38.84 -17.10 -5.53
N ILE D 185 39.13 -18.39 -5.35
CA ILE D 185 39.45 -19.24 -6.49
C ILE D 185 38.30 -19.24 -7.48
N TRP D 186 37.08 -19.48 -6.99
CA TRP D 186 35.91 -19.49 -7.86
C TRP D 186 35.75 -18.16 -8.59
N ARG D 187 35.82 -17.06 -7.83
CA ARG D 187 35.58 -15.74 -8.41
C ARG D 187 36.62 -15.38 -9.45
N VAL D 188 37.90 -15.63 -9.17
CA VAL D 188 38.96 -15.27 -10.10
C VAL D 188 38.88 -16.13 -11.36
N ILE D 189 38.71 -17.45 -11.19
CA ILE D 189 38.63 -18.31 -12.36
C ILE D 189 37.44 -17.92 -13.22
N ASN D 190 36.29 -17.59 -12.60
CA ASN D 190 35.15 -17.12 -13.37
C ASN D 190 35.43 -15.79 -14.06
N GLU D 191 36.12 -14.87 -13.38
CA GLU D 191 36.43 -13.57 -13.95
C GLU D 191 37.42 -13.64 -15.10
N VAL D 192 38.18 -14.73 -15.21
CA VAL D 192 39.07 -14.92 -16.35
C VAL D 192 38.39 -15.73 -17.47
N ASN D 193 37.71 -16.81 -17.11
CA ASN D 193 36.97 -17.62 -18.07
C ASN D 193 35.72 -18.15 -17.40
N THR D 194 34.58 -18.09 -18.11
CA THR D 194 33.31 -18.44 -17.50
C THR D 194 33.32 -19.88 -17.01
N ILE D 195 32.89 -20.08 -15.77
CA ILE D 195 32.80 -21.41 -15.17
C ILE D 195 31.44 -21.52 -14.49
N ASN D 196 31.00 -22.76 -14.29
CA ASN D 196 29.74 -23.00 -13.59
C ASN D 196 29.95 -22.78 -12.09
N LEU D 197 29.07 -21.98 -11.48
CA LEU D 197 29.24 -21.63 -10.08
C LEU D 197 28.25 -22.39 -9.20
N PRO D 198 28.59 -22.64 -7.95
CA PRO D 198 27.67 -23.36 -7.06
C PRO D 198 26.50 -22.49 -6.63
N THR D 199 25.42 -23.15 -6.26
CA THR D 199 24.21 -22.47 -5.79
C THR D 199 23.97 -22.81 -4.33
N PHE D 200 23.76 -21.79 -3.50
CA PHE D 200 23.49 -21.96 -2.08
C PHE D 200 22.17 -21.29 -1.77
N ALA D 201 21.13 -22.09 -1.50
CA ALA D 201 19.79 -21.58 -1.27
C ALA D 201 19.25 -22.11 0.05
N LEU D 202 18.55 -21.23 0.78
CA LEU D 202 17.86 -21.59 2.01
C LEU D 202 16.38 -21.30 1.84
N TYR D 203 15.55 -22.29 2.11
CA TYR D 203 14.09 -22.17 2.01
C TYR D 203 13.51 -22.42 3.40
N ASN D 204 13.41 -21.36 4.19
CA ASN D 204 12.83 -21.46 5.52
C ASN D 204 11.30 -21.38 5.44
N VAL D 205 10.64 -21.48 6.59
CA VAL D 205 9.18 -21.55 6.63
C VAL D 205 8.52 -20.21 6.33
N GLU D 206 9.31 -19.15 6.16
CA GLU D 206 8.76 -17.84 5.81
C GLU D 206 8.49 -17.69 4.32
N ARG D 207 8.82 -18.70 3.51
CA ARG D 207 8.55 -18.62 2.08
C ARG D 207 7.06 -18.63 1.78
N SER D 208 6.26 -19.24 2.65
CA SER D 208 4.82 -19.27 2.44
C SER D 208 4.14 -17.94 2.78
N GLN D 209 4.77 -17.10 3.58
CA GLN D 209 4.18 -15.82 3.95
C GLN D 209 4.17 -14.89 2.73
N PRO D 210 3.07 -14.19 2.46
CA PRO D 210 3.03 -13.28 1.32
C PRO D 210 3.88 -12.04 1.55
N PHE D 211 5.02 -11.97 0.89
CA PHE D 211 5.96 -10.87 1.07
C PHE D 211 5.55 -9.67 0.23
N ASN D 212 5.72 -8.49 0.80
CA ASN D 212 5.41 -7.24 0.12
C ASN D 212 6.72 -6.51 -0.19
N ARG D 213 6.90 -6.13 -1.44
CA ARG D 213 8.09 -5.40 -1.88
C ARG D 213 7.74 -4.17 -2.71
N ASN D 214 6.45 -3.87 -2.88
CA ASN D 214 5.99 -2.78 -3.73
C ASN D 214 6.56 -2.92 -5.14
N ILE D 215 6.55 -4.15 -5.64
CA ILE D 215 7.11 -4.44 -6.96
C ILE D 215 6.05 -4.14 -8.00
N LYS D 216 5.99 -2.88 -8.43
CA LYS D 216 5.13 -2.44 -9.52
C LYS D 216 6.03 -1.85 -10.59
N ASP D 217 5.99 -2.43 -11.79
CA ASP D 217 6.87 -2.06 -12.90
C ASP D 217 8.34 -2.16 -12.51
N ASN D 218 8.65 -2.97 -11.50
CA ASN D 218 10.03 -3.20 -11.10
C ASN D 218 10.79 -4.07 -12.10
N THR D 219 10.10 -4.61 -13.11
CA THR D 219 10.75 -5.48 -14.07
C THR D 219 11.47 -4.71 -15.15
N GLY D 220 12.28 -3.73 -14.76
CA GLY D 220 13.35 -3.29 -15.63
C GLY D 220 14.34 -4.42 -15.84
N ARG D 221 14.70 -5.10 -14.75
CA ARG D 221 15.23 -6.46 -14.75
C ARG D 221 16.35 -6.64 -15.77
N ARG D 222 17.46 -5.95 -15.52
CA ARG D 222 18.70 -6.21 -16.23
C ARG D 222 19.39 -7.38 -15.54
N GLU D 223 18.91 -8.59 -15.83
CA GLU D 223 19.47 -9.79 -15.22
C GLU D 223 20.96 -9.93 -15.47
N GLU D 224 21.73 -9.83 -14.39
CA GLU D 224 23.13 -10.21 -14.39
C GLU D 224 23.26 -11.65 -13.91
N ARG D 225 24.42 -12.25 -14.17
CA ARG D 225 24.64 -13.62 -13.73
C ARG D 225 24.66 -13.74 -12.21
N PHE D 226 25.04 -12.68 -11.52
CA PHE D 226 25.20 -12.73 -10.07
C PHE D 226 23.95 -12.36 -9.30
N ASP D 227 22.83 -12.12 -10.00
CA ASP D 227 21.55 -11.93 -9.30
C ASP D 227 21.02 -13.23 -8.71
N ALA D 228 21.58 -14.38 -9.11
CA ALA D 228 21.18 -15.64 -8.50
C ALA D 228 21.65 -15.77 -7.07
N TYR D 229 22.62 -14.96 -6.65
CA TYR D 229 23.11 -14.97 -5.28
C TYR D 229 22.42 -13.94 -4.39
N SER D 230 21.43 -13.21 -4.93
CA SER D 230 20.73 -12.20 -4.18
C SER D 230 19.52 -12.81 -3.48
N GLN D 231 19.42 -12.59 -2.17
CA GLN D 231 18.35 -13.14 -1.33
C GLN D 231 18.31 -14.66 -1.42
N THR D 232 19.46 -15.28 -1.68
CA THR D 232 19.49 -16.72 -1.88
C THR D 232 19.38 -17.49 -0.56
N LEU D 233 19.89 -16.92 0.53
CA LEU D 233 19.80 -17.53 1.86
C LEU D 233 18.77 -16.84 2.74
N GLY D 234 17.81 -16.14 2.14
CA GLY D 234 16.74 -15.48 2.86
C GLY D 234 15.39 -15.78 2.25
N GLY D 235 14.65 -14.73 1.89
CA GLY D 235 13.38 -14.92 1.23
C GLY D 235 13.52 -15.24 -0.24
N ALA D 236 13.99 -16.44 -0.54
CA ALA D 236 14.28 -16.82 -1.93
C ALA D 236 13.04 -17.31 -2.66
N GLY D 237 12.42 -18.38 -2.17
CA GLY D 237 11.35 -19.03 -2.88
C GLY D 237 9.97 -18.44 -2.64
N ARG D 238 9.70 -17.28 -3.23
CA ARG D 238 8.40 -16.62 -3.10
C ARG D 238 7.59 -16.77 -4.38
N PHE D 239 6.27 -16.88 -4.21
CA PHE D 239 5.38 -17.17 -5.33
C PHE D 239 5.19 -15.96 -6.24
N ASP D 240 5.01 -14.78 -5.65
CA ASP D 240 4.76 -13.58 -6.45
C ASP D 240 5.94 -13.25 -7.34
N HIS D 241 7.17 -13.41 -6.81
CA HIS D 241 8.35 -13.19 -7.62
C HIS D 241 8.40 -14.14 -8.80
N PHE D 242 8.06 -15.41 -8.58
CA PHE D 242 8.05 -16.37 -9.68
C PHE D 242 7.04 -15.98 -10.74
N VAL D 243 5.82 -15.60 -10.32
CA VAL D 243 4.79 -15.26 -11.30
C VAL D 243 5.19 -14.04 -12.10
N GLU D 244 5.73 -13.02 -11.41
CA GLU D 244 6.16 -11.80 -12.07
C GLU D 244 7.28 -12.08 -13.08
N TRP D 245 8.29 -12.86 -12.66
CA TRP D 245 9.39 -13.19 -13.56
C TRP D 245 8.92 -14.04 -14.73
N TYR D 246 8.01 -14.97 -14.49
CA TYR D 246 7.51 -15.84 -15.55
C TYR D 246 6.75 -15.04 -16.60
N ILE D 247 5.88 -14.12 -16.16
CA ILE D 247 5.14 -13.31 -17.12
C ILE D 247 6.09 -12.40 -17.89
N TYR D 248 7.05 -11.78 -17.19
CA TYR D 248 8.05 -10.94 -17.85
C TYR D 248 8.82 -11.73 -18.92
N LEU D 249 9.27 -12.93 -18.56
CA LEU D 249 10.05 -13.75 -19.49
C LEU D 249 9.20 -14.20 -20.67
N HIS D 250 7.95 -14.58 -20.42
CA HIS D 250 7.06 -14.98 -21.51
C HIS D 250 6.84 -13.82 -22.48
N LYS D 251 6.68 -12.61 -21.95
CA LYS D 251 6.55 -11.45 -22.82
C LYS D 251 7.81 -11.25 -23.65
N ARG D 252 8.99 -11.46 -23.05
CA ARG D 252 10.22 -11.34 -23.81
C ARG D 252 10.43 -12.53 -24.75
N THR D 253 9.93 -13.71 -24.39
CA THR D 253 10.21 -14.94 -25.10
C THR D 253 9.45 -15.07 -26.42
N VAL D 254 8.35 -14.32 -26.58
CA VAL D 254 7.50 -14.48 -27.76
C VAL D 254 8.32 -14.14 -29.00
N SER D 255 8.58 -15.15 -29.83
CA SER D 255 9.51 -15.07 -30.95
C SER D 255 10.86 -14.52 -30.48
N ASP D 256 11.48 -15.30 -29.60
CA ASP D 256 12.69 -14.88 -28.88
C ASP D 256 13.78 -14.43 -29.82
N ILE D 257 14.07 -13.14 -29.82
CA ILE D 257 15.11 -12.58 -30.67
C ILE D 257 16.02 -11.68 -29.83
N SER D 258 15.56 -11.32 -28.63
CA SER D 258 16.07 -10.18 -27.89
C SER D 258 17.56 -10.27 -27.55
N SER D 259 18.35 -9.44 -28.22
CA SER D 259 19.72 -9.14 -27.87
C SER D 259 19.76 -7.70 -27.33
N SER D 260 20.95 -7.16 -27.14
CA SER D 260 21.07 -5.74 -26.83
C SER D 260 20.59 -4.86 -27.98
N ILE D 261 20.46 -5.42 -29.18
CA ILE D 261 20.00 -4.68 -30.34
C ILE D 261 18.63 -5.14 -30.82
N LYS D 262 18.35 -6.45 -30.75
CA LYS D 262 17.12 -6.98 -31.34
C LYS D 262 15.86 -6.53 -30.63
N GLU D 263 15.97 -5.91 -29.45
CA GLU D 263 14.81 -5.21 -28.90
C GLU D 263 14.40 -4.03 -29.77
N LEU D 264 15.29 -3.55 -30.65
CA LEU D 264 14.97 -2.52 -31.62
C LEU D 264 14.50 -3.11 -32.95
N GLU D 265 15.08 -4.24 -33.36
CA GLU D 265 14.57 -4.93 -34.56
C GLU D 265 13.14 -5.40 -34.35
N GLN D 266 12.85 -6.00 -33.20
CA GLN D 266 11.48 -6.38 -32.85
C GLN D 266 10.60 -5.14 -32.62
N GLN D 267 11.21 -4.02 -32.23
CA GLN D 267 10.48 -2.76 -32.11
C GLN D 267 10.02 -2.23 -33.45
N VAL D 268 10.85 -2.37 -34.50
CA VAL D 268 10.47 -1.89 -35.82
C VAL D 268 9.72 -2.94 -36.63
N ASN D 269 9.75 -4.21 -36.21
CA ASN D 269 8.99 -5.26 -36.88
C ASN D 269 7.64 -5.52 -36.21
N ASP D 270 7.36 -4.87 -35.08
CA ASP D 270 6.09 -5.05 -34.39
C ASP D 270 5.38 -3.71 -34.24
N LEU D 271 4.15 -3.62 -34.75
CA LEU D 271 3.28 -2.45 -34.69
C LEU D 271 3.79 -1.34 -35.60
N GLN D 272 4.99 -1.51 -36.14
CA GLN D 272 5.49 -0.75 -37.26
C GLN D 272 5.30 -1.60 -38.50
N ARG D 273 5.93 -1.20 -39.61
CA ARG D 273 5.88 -1.95 -40.86
C ARG D 273 4.48 -1.93 -41.45
N THR D 274 3.58 -1.14 -40.87
CA THR D 274 2.22 -0.99 -41.35
C THR D 274 1.77 0.46 -41.44
N VAL D 275 2.53 1.40 -40.90
CA VAL D 275 2.17 2.82 -40.95
C VAL D 275 2.84 3.47 -42.15
N ASP D 276 2.20 4.48 -42.71
CA ASP D 276 2.68 5.15 -43.91
C ASP D 276 3.77 6.16 -43.53
N GLY D 277 4.16 7.00 -44.49
CA GLY D 277 5.17 8.00 -44.27
C GLY D 277 6.55 7.68 -44.78
N GLY D 278 6.69 6.67 -45.64
CA GLY D 278 8.01 6.29 -46.12
C GLY D 278 8.88 5.65 -45.06
N MET D 279 8.27 5.03 -44.05
CA MET D 279 8.99 4.39 -42.96
C MET D 279 9.08 2.88 -43.15
N VAL D 280 9.24 2.44 -44.40
CA VAL D 280 9.27 1.02 -44.73
C VAL D 280 10.52 0.35 -44.19
N SER D 281 11.44 1.14 -43.64
CA SER D 281 12.73 0.64 -43.18
C SER D 281 12.53 -0.40 -42.08
N VAL D 282 12.78 -1.66 -42.42
CA VAL D 282 12.71 -2.78 -41.49
C VAL D 282 13.90 -3.67 -41.78
N LYS D 283 14.84 -3.74 -40.82
CA LYS D 283 16.08 -4.53 -40.94
C LYS D 283 17.02 -3.87 -41.95
N SER D 284 16.56 -2.81 -42.62
CA SER D 284 17.36 -2.17 -43.65
C SER D 284 18.40 -1.23 -43.04
N LEU D 285 17.95 -0.27 -42.23
CA LEU D 285 18.87 0.71 -41.66
C LEU D 285 19.81 0.10 -40.65
N LEU D 286 19.36 -0.94 -39.93
CA LEU D 286 20.16 -1.56 -38.89
C LEU D 286 20.76 -2.89 -39.31
N GLU D 287 20.80 -3.19 -40.62
CA GLU D 287 21.52 -4.38 -41.06
C GLU D 287 23.02 -4.22 -40.85
N GLN D 288 23.55 -3.00 -41.00
CA GLN D 288 24.92 -2.74 -40.61
C GLN D 288 25.07 -2.77 -39.10
N MET D 289 24.01 -2.41 -38.37
CA MET D 289 23.99 -2.64 -36.92
C MET D 289 23.76 -4.11 -36.60
N LYS D 290 23.13 -4.87 -37.49
CA LYS D 290 23.01 -6.31 -37.30
C LYS D 290 24.34 -7.01 -37.43
N PHE D 291 25.31 -6.39 -38.12
CA PHE D 291 26.68 -6.87 -38.06
C PHE D 291 27.34 -6.51 -36.74
N LYS D 292 26.80 -5.52 -36.03
CA LYS D 292 27.21 -5.21 -34.66
C LYS D 292 26.51 -6.09 -33.65
N LEU D 293 25.60 -6.98 -34.09
CA LEU D 293 24.97 -7.92 -33.16
C LEU D 293 26.01 -8.79 -32.48
N SER D 294 26.98 -9.29 -33.25
CA SER D 294 28.10 -10.00 -32.63
C SER D 294 28.88 -9.09 -31.69
N GLU D 295 28.99 -7.80 -32.04
CA GLU D 295 29.58 -6.84 -31.14
C GLU D 295 28.63 -6.41 -30.03
N ALA D 296 27.36 -6.83 -30.08
CA ALA D 296 26.36 -6.49 -29.08
C ALA D 296 25.98 -7.66 -28.19
N ILE D 297 25.60 -8.80 -28.78
CA ILE D 297 25.19 -9.94 -27.98
C ILE D 297 26.39 -10.55 -27.27
N GLU D 298 27.58 -10.46 -27.87
CA GLU D 298 28.79 -10.84 -27.16
C GLU D 298 29.32 -9.74 -26.25
N ARG D 299 28.78 -8.52 -26.35
CA ARG D 299 29.19 -7.47 -25.45
C ARG D 299 28.56 -7.63 -24.07
N ASN D 300 27.34 -8.15 -24.00
CA ASN D 300 26.69 -8.36 -22.71
C ASN D 300 27.46 -9.37 -21.86
N ASP D 301 27.93 -10.44 -22.49
CA ASP D 301 28.78 -11.42 -21.81
C ASP D 301 30.25 -11.22 -22.11
N ALA D 302 30.63 -10.07 -22.68
CA ALA D 302 32.05 -9.73 -22.80
C ALA D 302 32.72 -9.70 -21.46
N ALA D 303 31.99 -9.34 -20.40
CA ALA D 303 32.43 -9.61 -19.05
C ALA D 303 32.30 -11.10 -18.83
N VAL D 304 33.40 -11.83 -19.03
CA VAL D 304 33.37 -13.29 -19.10
C VAL D 304 32.86 -13.90 -17.81
N SER D 305 32.84 -13.13 -16.72
CA SER D 305 32.27 -13.62 -15.47
C SER D 305 30.75 -13.54 -15.42
N SER D 306 30.10 -13.00 -16.45
CA SER D 306 28.66 -12.75 -16.43
C SER D 306 28.02 -13.24 -17.74
N ARG D 307 28.34 -14.47 -18.13
CA ARG D 307 27.73 -15.09 -19.31
C ARG D 307 26.56 -15.96 -18.89
N VAL D 308 25.43 -15.81 -19.57
CA VAL D 308 24.20 -16.52 -19.26
C VAL D 308 23.65 -17.12 -20.55
N LEU D 309 22.54 -17.83 -20.42
CA LEU D 309 21.84 -18.44 -21.54
C LEU D 309 20.75 -17.52 -22.06
N THR D 310 20.24 -17.85 -23.23
CA THR D 310 19.19 -17.06 -23.86
C THR D 310 17.84 -17.34 -23.19
N GLU D 311 16.93 -16.38 -23.33
CA GLU D 311 15.62 -16.44 -22.69
C GLU D 311 14.68 -17.27 -23.55
N SER D 312 14.72 -18.59 -23.35
CA SER D 312 14.00 -19.64 -24.08
C SER D 312 14.68 -20.96 -23.78
N VAL D 313 16.02 -20.93 -23.76
CA VAL D 313 16.80 -21.98 -23.11
C VAL D 313 16.83 -21.76 -21.62
N GLN D 314 16.38 -20.59 -21.15
CA GLN D 314 16.25 -20.28 -19.74
C GLN D 314 14.83 -20.47 -19.23
N LYS D 315 13.82 -20.40 -20.11
CA LYS D 315 12.43 -20.62 -19.74
C LYS D 315 11.99 -22.07 -19.85
N SER D 316 12.43 -22.75 -20.92
CA SER D 316 12.04 -24.15 -21.11
C SER D 316 12.58 -25.04 -20.00
N ILE D 317 13.80 -24.76 -19.54
CA ILE D 317 14.38 -25.58 -18.48
C ILE D 317 13.62 -25.39 -17.17
N VAL D 318 13.25 -24.15 -16.84
CA VAL D 318 12.46 -23.92 -15.64
C VAL D 318 11.09 -24.58 -15.75
N GLU D 319 10.47 -24.50 -16.93
CA GLU D 319 9.19 -25.17 -17.14
C GLU D 319 9.32 -26.67 -16.97
N LYS D 320 10.37 -27.26 -17.53
CA LYS D 320 10.58 -28.71 -17.42
C LYS D 320 10.82 -29.12 -15.97
N ALA D 321 11.60 -28.32 -15.23
CA ALA D 321 11.82 -28.60 -13.82
C ALA D 321 10.52 -28.55 -13.03
N ILE D 322 9.68 -27.54 -13.31
CA ILE D 322 8.39 -27.45 -12.64
C ILE D 322 7.52 -28.65 -12.96
N CYS D 323 7.50 -29.06 -14.24
CA CYS D 323 6.68 -30.20 -14.63
C CYS D 323 7.17 -31.50 -14.03
N SER D 324 8.48 -31.64 -13.86
CA SER D 324 9.03 -32.90 -13.37
C SER D 324 9.02 -33.01 -11.86
N VAL D 325 9.23 -31.92 -11.13
CA VAL D 325 9.34 -31.98 -9.67
C VAL D 325 7.97 -31.81 -9.01
N VAL D 326 7.21 -30.80 -9.42
CA VAL D 326 5.88 -30.61 -8.82
C VAL D 326 5.00 -31.80 -9.15
N PRO D 327 4.33 -32.40 -8.15
CA PRO D 327 3.68 -33.71 -8.35
C PRO D 327 2.65 -33.78 -9.48
N SER D 328 1.62 -32.94 -9.42
CA SER D 328 0.43 -33.13 -10.24
C SER D 328 0.33 -32.15 -11.41
N ILE D 329 1.42 -31.48 -11.77
CA ILE D 329 1.40 -30.47 -12.83
C ILE D 329 2.14 -31.02 -14.04
N SER D 330 1.46 -31.02 -15.19
CA SER D 330 2.01 -31.57 -16.43
C SER D 330 2.71 -30.52 -17.28
N ASN D 331 2.12 -29.34 -17.44
CA ASN D 331 2.79 -28.24 -18.13
C ASN D 331 2.24 -26.92 -17.60
N ILE D 332 3.05 -25.87 -17.74
CA ILE D 332 2.71 -24.53 -17.29
C ILE D 332 2.98 -23.56 -18.42
N TRP D 333 2.06 -22.60 -18.60
CA TRP D 333 2.19 -21.64 -19.69
C TRP D 333 1.48 -20.36 -19.31
N VAL D 334 1.80 -19.29 -20.04
CA VAL D 334 1.18 -17.98 -19.86
C VAL D 334 0.30 -17.70 -21.06
N GLU D 335 -0.97 -17.38 -20.81
CA GLU D 335 -1.89 -17.02 -21.87
C GLU D 335 -2.35 -15.58 -21.67
N MET D 336 -2.72 -14.94 -22.78
CA MET D 336 -3.23 -13.57 -22.75
C MET D 336 -4.56 -13.47 -23.48
N ILE D 337 -5.31 -14.58 -23.59
CA ILE D 337 -6.59 -14.56 -24.30
C ILE D 337 -7.51 -13.53 -23.67
N THR D 338 -7.66 -13.57 -22.35
CA THR D 338 -8.24 -12.47 -21.62
C THR D 338 -7.20 -11.37 -21.48
N GLY D 339 -7.68 -10.13 -21.33
CA GLY D 339 -6.77 -9.01 -21.27
C GLY D 339 -5.92 -8.90 -20.02
N SER D 340 -5.87 -9.96 -19.22
CA SER D 340 -5.06 -9.99 -18.00
C SER D 340 -3.89 -10.95 -18.17
N ASP D 341 -2.90 -10.79 -17.29
CA ASP D 341 -1.70 -11.63 -17.29
C ASP D 341 -1.88 -12.73 -16.25
N LEU D 342 -2.20 -13.93 -16.73
CA LEU D 342 -2.41 -15.07 -15.85
C LEU D 342 -1.69 -16.29 -16.43
N VAL D 343 -1.03 -17.05 -15.55
CA VAL D 343 -0.33 -18.27 -15.94
C VAL D 343 -1.20 -19.45 -15.57
N LYS D 344 -1.12 -20.50 -16.38
CA LYS D 344 -2.01 -21.65 -16.24
C LYS D 344 -1.20 -22.94 -16.14
N VAL D 345 -1.73 -23.90 -15.39
CA VAL D 345 -1.10 -25.19 -15.20
C VAL D 345 -2.10 -26.29 -15.59
N THR D 346 -1.64 -27.53 -15.51
CA THR D 346 -2.46 -28.69 -15.86
C THR D 346 -2.58 -29.63 -14.68
N ASN D 347 -2.93 -29.09 -13.52
CA ASN D 347 -3.18 -29.87 -12.31
C ASN D 347 -4.01 -31.11 -12.62
N ASP D 348 -3.47 -32.27 -12.29
CA ASP D 348 -4.03 -33.56 -12.68
C ASP D 348 -4.12 -33.64 -14.20
N GLY D 349 -5.29 -33.34 -14.75
CA GLY D 349 -5.48 -33.34 -16.18
C GLY D 349 -6.36 -32.21 -16.67
N HIS D 350 -6.60 -31.23 -15.80
CA HIS D 350 -7.49 -30.12 -16.09
C HIS D 350 -6.68 -28.83 -16.15
N ASP D 351 -6.89 -28.04 -17.20
CA ASP D 351 -6.19 -26.77 -17.37
C ASP D 351 -6.81 -25.74 -16.45
N VAL D 352 -6.05 -25.27 -15.46
CA VAL D 352 -6.51 -24.30 -14.49
C VAL D 352 -5.46 -23.20 -14.34
N THR D 353 -5.88 -22.08 -13.78
CA THR D 353 -4.98 -20.99 -13.48
C THR D 353 -4.04 -21.39 -12.34
N ILE D 354 -2.98 -20.61 -12.14
CA ILE D 354 -2.10 -20.85 -11.00
C ILE D 354 -2.83 -20.65 -9.69
N ASP D 355 -3.89 -19.85 -9.68
CA ASP D 355 -4.79 -19.79 -8.54
C ASP D 355 -5.72 -21.01 -8.57
N GLN D 356 -6.62 -21.09 -7.61
CA GLN D 356 -7.46 -22.28 -7.41
C GLN D 356 -6.58 -23.53 -7.28
N LEU D 357 -5.45 -23.37 -6.61
CA LEU D 357 -4.44 -24.41 -6.48
C LEU D 357 -4.09 -24.55 -5.01
N SER D 358 -3.59 -25.73 -4.63
CA SER D 358 -3.33 -26.02 -3.23
C SER D 358 -2.31 -25.04 -2.66
N ASP D 359 -2.49 -24.69 -1.37
CA ASP D 359 -1.62 -23.70 -0.74
C ASP D 359 -0.17 -24.18 -0.71
N GLY D 360 0.05 -25.44 -0.33
CA GLY D 360 1.39 -25.97 -0.32
C GLY D 360 1.92 -26.29 -1.71
N GLN D 361 1.03 -26.60 -2.65
CA GLN D 361 1.47 -26.86 -4.02
C GLN D 361 2.07 -25.61 -4.64
N ARG D 362 1.46 -24.45 -4.41
CA ARG D 362 2.03 -23.19 -4.90
C ARG D 362 3.37 -22.90 -4.24
N VAL D 363 3.49 -23.14 -2.93
CA VAL D 363 4.77 -22.90 -2.27
C VAL D 363 5.87 -23.81 -2.83
N PHE D 364 5.57 -25.09 -3.01
CA PHE D 364 6.54 -26.02 -3.56
C PHE D 364 6.91 -25.65 -5.00
N LEU D 365 5.92 -25.23 -5.79
CA LEU D 365 6.19 -24.80 -7.15
C LEU D 365 7.09 -23.58 -7.17
N SER D 366 6.85 -22.61 -6.29
CA SER D 366 7.71 -21.43 -6.23
C SER D 366 9.12 -21.81 -5.81
N LEU D 367 9.26 -22.73 -4.85
CA LEU D 367 10.58 -23.20 -4.43
C LEU D 367 11.32 -23.83 -5.60
N VAL D 368 10.68 -24.74 -6.31
CA VAL D 368 11.33 -25.44 -7.42
C VAL D 368 11.68 -24.46 -8.53
N ALA D 369 10.78 -23.53 -8.83
CA ALA D 369 11.05 -22.55 -9.88
C ALA D 369 12.21 -21.65 -9.53
N ASP D 370 12.28 -21.19 -8.27
CA ASP D 370 13.41 -20.36 -7.86
C ASP D 370 14.72 -21.13 -7.93
N LEU D 371 14.71 -22.39 -7.49
CA LEU D 371 15.91 -23.20 -7.58
C LEU D 371 16.35 -23.39 -9.03
N ALA D 372 15.39 -23.65 -9.93
CA ALA D 372 15.72 -23.83 -11.34
C ALA D 372 16.26 -22.54 -11.96
N ARG D 373 15.69 -21.39 -11.57
CA ARG D 373 16.19 -20.12 -12.08
C ARG D 373 17.63 -19.88 -11.64
N ARG D 374 17.92 -20.12 -10.37
CA ARG D 374 19.29 -19.95 -9.89
C ARG D 374 20.24 -20.94 -10.58
N MET D 375 19.79 -22.16 -10.82
CA MET D 375 20.60 -23.15 -11.54
C MET D 375 20.93 -22.67 -12.94
N VAL D 376 19.91 -22.25 -13.70
CA VAL D 376 20.14 -21.86 -15.09
C VAL D 376 20.98 -20.58 -15.16
N MET D 377 20.86 -19.70 -14.17
CA MET D 377 21.70 -18.51 -14.16
C MET D 377 23.15 -18.86 -13.81
N LEU D 378 23.37 -19.81 -12.90
CA LEU D 378 24.71 -20.10 -12.41
C LEU D 378 25.43 -21.19 -13.18
N ASN D 379 24.75 -21.89 -14.10
CA ASN D 379 25.36 -22.97 -14.87
C ASN D 379 25.05 -22.78 -16.35
N PRO D 380 25.72 -21.83 -17.00
CA PRO D 380 25.47 -21.61 -18.44
C PRO D 380 26.22 -22.54 -19.36
N LEU D 381 27.27 -23.22 -18.87
CA LEU D 381 28.11 -24.08 -19.70
C LEU D 381 27.68 -25.55 -19.65
N LEU D 382 26.59 -25.86 -18.96
CA LEU D 382 26.11 -27.23 -18.84
C LEU D 382 24.97 -27.46 -19.82
N GLU D 383 24.93 -28.66 -20.41
CA GLU D 383 23.81 -29.02 -21.27
C GLU D 383 22.51 -29.03 -20.46
N ASN D 384 22.56 -29.56 -19.25
CA ASN D 384 21.46 -29.45 -18.29
C ASN D 384 21.95 -28.67 -17.09
N PRO D 385 21.64 -27.37 -16.98
CA PRO D 385 22.12 -26.59 -15.84
C PRO D 385 21.64 -27.08 -14.50
N LEU D 386 20.54 -27.84 -14.46
CA LEU D 386 20.06 -28.40 -13.21
C LEU D 386 21.01 -29.45 -12.65
N GLU D 387 21.93 -29.96 -13.47
CA GLU D 387 22.95 -30.90 -13.02
C GLU D 387 24.24 -30.18 -12.61
N GLY D 388 24.11 -29.20 -11.72
CA GLY D 388 25.23 -28.41 -11.26
C GLY D 388 25.48 -28.62 -9.76
N ARG D 389 26.61 -28.10 -9.31
CA ARG D 389 26.97 -28.18 -7.90
C ARG D 389 26.13 -27.21 -7.08
N GLY D 390 26.02 -27.51 -5.79
CA GLY D 390 25.34 -26.61 -4.88
C GLY D 390 24.88 -27.31 -3.64
N ILE D 391 24.41 -26.52 -2.69
CA ILE D 391 23.82 -26.99 -1.43
C ILE D 391 22.53 -26.23 -1.20
N VAL D 392 21.44 -26.97 -0.99
CA VAL D 392 20.11 -26.37 -0.82
C VAL D 392 19.55 -26.83 0.52
N LEU D 393 19.10 -25.87 1.32
CA LEU D 393 18.49 -26.14 2.61
C LEU D 393 17.00 -25.87 2.52
N ILE D 394 16.20 -26.87 2.85
CA ILE D 394 14.74 -26.75 2.84
C ILE D 394 14.25 -27.06 4.25
N ASP D 395 13.51 -26.13 4.83
CA ASP D 395 12.99 -26.26 6.19
C ASP D 395 11.50 -26.60 6.12
N GLU D 396 11.12 -27.73 6.71
CA GLU D 396 9.73 -28.19 6.74
C GLU D 396 9.16 -28.31 5.32
N ILE D 397 9.74 -29.27 4.59
CA ILE D 397 9.39 -29.46 3.18
C ILE D 397 7.91 -29.81 2.99
N GLU D 398 7.25 -30.34 4.02
CA GLU D 398 5.84 -30.69 3.96
C GLU D 398 4.94 -29.52 4.32
N LEU D 399 5.45 -28.29 4.25
CA LEU D 399 4.69 -27.12 4.66
C LEU D 399 3.45 -26.93 3.80
N HIS D 400 2.29 -26.88 4.46
CA HIS D 400 0.99 -26.64 3.81
C HIS D 400 0.64 -27.70 2.78
N LEU D 401 1.30 -28.87 2.82
CA LEU D 401 1.13 -29.89 1.81
C LEU D 401 0.18 -30.97 2.30
N HIS D 402 -0.79 -31.33 1.45
CA HIS D 402 -1.70 -32.41 1.78
C HIS D 402 -0.95 -33.73 1.81
N PRO D 403 -1.42 -34.69 2.62
CA PRO D 403 -0.73 -35.99 2.68
C PRO D 403 -0.61 -36.70 1.35
N LYS D 404 -1.55 -36.45 0.41
CA LYS D 404 -1.46 -37.08 -0.89
C LYS D 404 -0.27 -36.55 -1.71
N TRP D 405 0.16 -35.32 -1.43
CA TRP D 405 1.32 -34.75 -2.12
C TRP D 405 2.63 -35.03 -1.40
N GLN D 406 2.58 -35.35 -0.10
CA GLN D 406 3.80 -35.65 0.64
C GLN D 406 4.46 -36.95 0.19
N GLN D 407 3.75 -37.78 -0.57
CA GLN D 407 4.32 -39.03 -1.07
C GLN D 407 5.15 -38.84 -2.34
N GLU D 408 5.18 -37.64 -2.91
CA GLU D 408 5.79 -37.43 -4.21
C GLU D 408 6.72 -36.23 -4.29
N VAL D 409 6.89 -35.48 -3.21
CA VAL D 409 7.72 -34.27 -3.28
C VAL D 409 9.19 -34.63 -3.42
N ILE D 410 9.62 -35.74 -2.83
CA ILE D 410 11.03 -36.09 -2.78
C ILE D 410 11.43 -37.15 -3.81
N LEU D 411 10.49 -37.95 -4.29
CA LEU D 411 10.82 -38.96 -5.30
C LEU D 411 11.47 -38.33 -6.52
N ASN D 412 10.96 -37.19 -6.97
CA ASN D 412 11.45 -36.52 -8.17
C ASN D 412 12.26 -35.27 -7.87
N LEU D 413 12.52 -34.97 -6.60
CA LEU D 413 13.34 -33.80 -6.28
C LEU D 413 14.81 -34.06 -6.58
N ARG D 414 15.30 -35.26 -6.24
CA ARG D 414 16.69 -35.60 -6.50
C ARG D 414 16.95 -36.02 -7.94
N SER D 415 15.90 -36.32 -8.71
CA SER D 415 16.08 -36.69 -10.11
C SER D 415 16.36 -35.47 -10.98
N ALA D 416 15.75 -34.32 -10.66
CA ALA D 416 15.96 -33.12 -11.46
C ALA D 416 17.21 -32.37 -11.06
N PHE D 417 17.63 -32.48 -9.80
CA PHE D 417 18.85 -31.82 -9.31
C PHE D 417 19.73 -32.89 -8.68
N PRO D 418 20.40 -33.71 -9.50
CA PRO D 418 21.13 -34.85 -8.96
C PRO D 418 22.50 -34.53 -8.38
N ASN D 419 23.01 -33.32 -8.59
CA ASN D 419 24.38 -33.00 -8.21
C ASN D 419 24.48 -32.03 -7.04
N ILE D 420 23.37 -31.67 -6.41
CA ILE D 420 23.40 -30.78 -5.25
C ILE D 420 23.06 -31.57 -4.00
N GLN D 421 23.56 -31.08 -2.87
CA GLN D 421 23.36 -31.72 -1.58
C GLN D 421 22.13 -31.12 -0.91
N PHE D 422 21.11 -31.95 -0.71
CA PHE D 422 19.86 -31.51 -0.08
C PHE D 422 19.93 -31.79 1.41
N ILE D 423 19.76 -30.75 2.23
CA ILE D 423 19.68 -30.86 3.67
C ILE D 423 18.30 -30.38 4.07
N ILE D 424 17.46 -31.30 4.55
CA ILE D 424 16.04 -31.06 4.71
C ILE D 424 15.61 -31.48 6.11
N THR D 425 14.69 -30.72 6.69
CA THR D 425 14.05 -31.08 7.95
C THR D 425 12.56 -31.28 7.70
N THR D 426 11.96 -32.24 8.42
CA THR D 426 10.58 -32.61 8.18
C THR D 426 9.94 -33.09 9.47
N HIS D 427 8.61 -33.08 9.49
CA HIS D 427 7.81 -33.56 10.61
C HIS D 427 6.98 -34.78 10.28
N SER D 428 6.78 -35.11 9.00
CA SER D 428 5.79 -36.13 8.71
C SER D 428 6.44 -37.47 8.39
N PRO D 429 5.78 -38.57 8.76
CA PRO D 429 6.26 -39.90 8.37
C PRO D 429 5.91 -40.27 6.94
N ILE D 430 4.90 -39.63 6.36
CA ILE D 430 4.56 -39.88 4.96
C ILE D 430 5.71 -39.49 4.04
N VAL D 431 6.38 -38.38 4.37
CA VAL D 431 7.58 -38.01 3.63
C VAL D 431 8.70 -39.01 3.87
N LEU D 432 8.87 -39.45 5.12
CA LEU D 432 9.94 -40.39 5.45
C LEU D 432 9.75 -41.74 4.78
N SER D 433 8.52 -42.10 4.42
CA SER D 433 8.28 -43.38 3.75
C SER D 433 8.92 -43.43 2.37
N THR D 434 9.35 -42.30 1.81
CA THR D 434 9.98 -42.25 0.50
C THR D 434 11.48 -41.95 0.58
N ILE D 435 12.08 -42.05 1.77
CA ILE D 435 13.47 -41.70 1.99
C ILE D 435 14.19 -42.90 2.58
N GLU D 436 15.42 -43.13 2.16
CA GLU D 436 16.22 -44.24 2.66
C GLU D 436 16.59 -44.00 4.12
N LYS D 437 16.91 -45.10 4.81
CA LYS D 437 17.29 -45.03 6.22
C LYS D 437 18.59 -44.26 6.40
N ARG D 438 19.56 -44.45 5.50
CA ARG D 438 20.87 -43.82 5.64
C ARG D 438 20.80 -42.30 5.52
N CYS D 439 19.75 -41.76 4.92
CA CYS D 439 19.63 -40.32 4.70
C CYS D 439 18.91 -39.61 5.83
N ILE D 440 18.56 -40.30 6.91
CA ILE D 440 17.78 -39.73 7.99
C ILE D 440 18.64 -39.62 9.23
N ARG D 441 18.67 -38.44 9.83
CA ARG D 441 19.29 -38.19 11.12
C ARG D 441 18.20 -37.83 12.11
N GLU D 442 18.10 -38.60 13.19
CA GLU D 442 17.00 -38.49 14.14
C GLU D 442 17.50 -38.02 15.49
N PHE D 443 16.71 -37.17 16.14
CA PHE D 443 16.95 -36.77 17.51
C PHE D 443 16.27 -37.76 18.44
N GLU D 444 17.05 -38.41 19.31
CA GLU D 444 16.45 -39.33 20.27
C GLU D 444 15.56 -38.55 21.24
N PRO D 445 14.42 -39.11 21.65
CA PRO D 445 13.51 -38.37 22.54
C PRO D 445 14.05 -38.18 23.94
N ASN D 446 15.12 -38.88 24.32
CA ASN D 446 15.66 -38.78 25.67
C ASN D 446 16.76 -37.74 25.81
N ASP D 447 17.16 -37.09 24.71
CA ASP D 447 18.24 -36.12 24.80
C ASP D 447 17.76 -34.83 25.45
N ASP D 448 18.71 -34.10 26.02
CA ASP D 448 18.44 -32.81 26.66
C ASP D 448 19.38 -31.74 26.14
N GLY D 449 19.76 -31.82 24.87
CA GLY D 449 20.74 -30.93 24.30
C GLY D 449 22.18 -31.35 24.51
N ASP D 450 22.41 -32.47 25.20
CA ASP D 450 23.77 -32.95 25.47
C ASP D 450 24.18 -34.10 24.56
N GLN D 451 23.37 -34.43 23.55
CA GLN D 451 23.73 -35.49 22.62
C GLN D 451 24.94 -35.07 21.80
N SER D 452 25.82 -36.04 21.54
CA SER D 452 27.10 -35.77 20.89
C SER D 452 27.08 -36.02 19.39
N PHE D 453 26.42 -37.07 18.92
CA PHE D 453 26.48 -37.45 17.52
C PHE D 453 25.12 -37.96 17.08
N LEU D 454 24.57 -37.37 16.02
CA LEU D 454 23.28 -37.79 15.50
C LEU D 454 23.41 -39.14 14.79
N ASP D 455 22.32 -39.92 14.84
CA ASP D 455 22.30 -41.27 14.31
C ASP D 455 21.06 -41.49 13.45
N SER D 456 21.12 -42.55 12.64
CA SER D 456 20.06 -42.95 11.74
C SER D 456 19.02 -43.81 12.46
N PRO D 457 17.79 -43.88 11.95
CA PRO D 457 16.79 -44.75 12.58
C PRO D 457 17.14 -46.21 12.43
N ASP D 458 16.50 -47.04 13.25
CA ASP D 458 16.85 -48.45 13.32
C ASP D 458 16.39 -49.21 12.08
N MET D 459 15.15 -48.99 11.65
CA MET D 459 14.60 -49.78 10.55
C MET D 459 14.67 -49.00 9.25
N GLN D 460 14.44 -49.71 8.14
CA GLN D 460 14.36 -49.10 6.84
C GLN D 460 13.02 -48.39 6.69
N THR D 461 13.07 -47.11 6.29
CA THR D 461 11.86 -46.31 6.11
C THR D 461 11.36 -46.27 4.68
N LYS D 462 12.21 -46.57 3.71
CA LYS D 462 11.82 -46.51 2.30
C LYS D 462 10.82 -47.61 1.99
N GLY D 463 9.60 -47.22 1.65
CA GLY D 463 8.56 -48.17 1.33
C GLY D 463 7.86 -48.79 2.53
N SER D 464 8.16 -48.32 3.73
CA SER D 464 7.57 -48.88 4.94
C SER D 464 6.17 -48.30 5.17
N GLU D 465 5.44 -48.96 6.07
CA GLU D 465 4.10 -48.50 6.44
C GLU D 465 4.17 -47.20 7.23
N ASN D 466 3.16 -46.35 7.02
CA ASN D 466 3.09 -45.10 7.75
C ASN D 466 2.94 -45.33 9.25
N ALA D 467 2.10 -46.29 9.65
CA ALA D 467 1.91 -46.60 11.06
C ALA D 467 3.21 -47.11 11.70
N GLN D 468 3.96 -47.93 10.96
CA GLN D 468 5.23 -48.43 11.48
C GLN D 468 6.23 -47.29 11.69
N ILE D 469 6.28 -46.34 10.74
CA ILE D 469 7.19 -45.21 10.89
C ILE D 469 6.77 -44.32 12.05
N LEU D 470 5.45 -44.18 12.29
CA LEU D 470 4.99 -43.39 13.42
C LEU D 470 5.50 -43.97 14.74
N GLU D 471 5.45 -45.29 14.89
CA GLU D 471 5.82 -45.87 16.18
C GLU D 471 7.33 -46.07 16.33
N GLN D 472 7.98 -46.67 15.33
CA GLN D 472 9.39 -46.98 15.46
C GLN D 472 10.28 -45.76 15.26
N VAL D 473 9.88 -44.81 14.42
CA VAL D 473 10.72 -43.65 14.10
C VAL D 473 10.23 -42.39 14.79
N MET D 474 8.95 -42.08 14.66
CA MET D 474 8.38 -40.90 15.32
C MET D 474 8.06 -41.11 16.78
N ASN D 475 8.08 -42.36 17.26
CA ASN D 475 7.70 -42.69 18.64
C ASN D 475 6.31 -42.16 18.98
N VAL D 476 5.37 -42.36 18.06
CA VAL D 476 3.98 -41.92 18.20
C VAL D 476 3.09 -43.13 18.02
N HIS D 477 2.14 -43.31 18.94
CA HIS D 477 1.19 -44.40 18.82
C HIS D 477 0.34 -44.25 17.57
N SER D 478 0.01 -45.37 16.94
CA SER D 478 -0.85 -45.33 15.76
C SER D 478 -2.24 -44.80 16.11
N THR D 479 -2.78 -45.21 17.25
CA THR D 479 -4.05 -44.72 17.76
C THR D 479 -3.81 -43.74 18.92
N PRO D 480 -4.65 -42.71 19.05
CA PRO D 480 -4.44 -41.72 20.10
C PRO D 480 -4.59 -42.33 21.47
N PRO D 481 -3.56 -42.19 22.33
CA PRO D 481 -3.64 -42.79 23.67
C PRO D 481 -4.50 -42.01 24.66
N GLY D 482 -4.81 -40.75 24.36
CA GLY D 482 -5.62 -39.93 25.23
C GLY D 482 -7.12 -40.08 25.06
N ILE D 483 -7.57 -41.11 24.34
CA ILE D 483 -8.97 -41.34 24.07
C ILE D 483 -9.36 -42.71 24.61
N ALA D 484 -10.45 -42.77 25.36
CA ALA D 484 -10.90 -44.03 25.94
C ALA D 484 -11.33 -45.02 24.86
N GLU D 485 -11.82 -44.54 23.72
CA GLU D 485 -12.27 -45.42 22.65
C GLU D 485 -11.12 -46.20 22.03
N SER D 486 -9.87 -45.75 22.19
CA SER D 486 -8.74 -46.47 21.62
C SER D 486 -8.42 -47.73 22.44
N HIS D 487 -8.69 -47.72 23.73
CA HIS D 487 -8.41 -48.84 24.62
C HIS D 487 -9.59 -49.77 24.80
N TRP D 488 -10.67 -49.56 24.05
CA TRP D 488 -11.87 -50.38 24.23
C TRP D 488 -11.62 -51.83 23.85
N LEU D 489 -10.87 -52.06 22.78
CA LEU D 489 -10.63 -53.44 22.33
C LEU D 489 -9.82 -54.23 23.35
N GLY D 490 -8.80 -53.60 23.95
CA GLY D 490 -8.02 -54.30 24.96
C GLY D 490 -8.83 -54.63 26.19
N ASN D 491 -9.66 -53.69 26.64
CA ASN D 491 -10.54 -53.96 27.77
C ASN D 491 -11.54 -55.06 27.45
N PHE D 492 -12.06 -55.07 26.23
CA PHE D 492 -12.99 -56.13 25.82
C PHE D 492 -12.30 -57.48 25.83
N GLU D 493 -11.08 -57.55 25.30
CA GLU D 493 -10.34 -58.81 25.31
C GLU D 493 -10.05 -59.27 26.73
N LEU D 494 -9.67 -58.34 27.62
CA LEU D 494 -9.39 -58.71 29.00
C LEU D 494 -10.64 -59.21 29.70
N LEU D 495 -11.78 -58.53 29.50
CA LEU D 495 -13.03 -58.98 30.11
C LEU D 495 -13.44 -60.34 29.57
N LEU D 496 -13.29 -60.56 28.27
CA LEU D 496 -13.62 -61.85 27.68
C LEU D 496 -12.75 -62.96 28.26
N LEU D 497 -11.45 -62.70 28.40
CA LEU D 497 -10.55 -63.69 28.98
C LEU D 497 -10.91 -63.97 30.44
N ASP D 498 -11.26 -62.93 31.19
CA ASP D 498 -11.63 -63.12 32.59
C ASP D 498 -12.90 -63.95 32.72
N ASN D 499 -13.89 -63.69 31.86
CA ASN D 499 -15.18 -64.38 31.95
C ASN D 499 -15.17 -65.70 31.19
N SER D 500 -14.17 -66.53 31.47
CA SER D 500 -14.01 -67.90 30.98
C SER D 500 -13.76 -67.98 29.48
N GLY D 501 -13.80 -66.87 28.76
CA GLY D 501 -13.45 -66.86 27.35
C GLY D 501 -14.59 -66.90 26.36
N GLU D 502 -15.85 -66.89 26.81
CA GLU D 502 -16.98 -66.98 25.89
C GLU D 502 -17.81 -65.71 25.86
N LEU D 503 -18.33 -65.24 26.98
CA LEU D 503 -19.18 -64.06 27.03
C LEU D 503 -19.56 -63.78 28.48
N ASP D 504 -20.22 -62.66 28.69
CA ASP D 504 -20.77 -62.26 29.99
C ASP D 504 -21.74 -61.10 29.75
N ASN D 505 -22.31 -60.57 30.82
CA ASN D 505 -23.18 -59.42 30.72
C ASN D 505 -22.40 -58.10 30.60
N HIS D 506 -21.11 -58.11 30.91
CA HIS D 506 -20.25 -56.94 30.72
C HIS D 506 -19.53 -56.98 29.38
N SER D 507 -19.02 -58.14 28.99
CA SER D 507 -18.40 -58.27 27.67
C SER D 507 -19.40 -57.96 26.57
N GLN D 508 -20.64 -58.43 26.73
CA GLN D 508 -21.66 -58.18 25.70
C GLN D 508 -21.98 -56.70 25.58
N VAL D 509 -22.13 -56.01 26.72
CA VAL D 509 -22.48 -54.59 26.65
C VAL D 509 -21.31 -53.78 26.12
N LEU D 510 -20.07 -54.16 26.47
CA LEU D 510 -18.92 -53.45 25.93
C LEU D 510 -18.75 -53.72 24.43
N TYR D 511 -19.07 -54.94 23.97
CA TYR D 511 -19.07 -55.21 22.54
C TYR D 511 -20.12 -54.38 21.81
N ASP D 512 -21.31 -54.25 22.41
CA ASP D 512 -22.35 -53.39 21.82
C ASP D 512 -21.91 -51.93 21.79
N GLN D 513 -21.23 -51.48 22.84
CA GLN D 513 -20.70 -50.12 22.88
C GLN D 513 -19.64 -49.88 21.81
N ILE D 514 -18.78 -50.87 21.58
CA ILE D 514 -17.81 -50.78 20.49
C ILE D 514 -18.51 -50.75 19.14
N LYS D 515 -19.52 -51.61 18.96
CA LYS D 515 -20.26 -51.64 17.70
C LYS D 515 -21.06 -50.36 17.49
N ALA D 516 -21.50 -49.73 18.57
CA ALA D 516 -22.18 -48.44 18.44
C ALA D 516 -21.22 -47.35 17.99
N HIS D 517 -19.97 -47.38 18.46
CA HIS D 517 -18.99 -46.38 18.09
C HIS D 517 -18.41 -46.66 16.72
N PHE D 518 -17.74 -47.80 16.56
CA PHE D 518 -17.22 -48.22 15.27
C PHE D 518 -18.26 -49.06 14.55
N GLY D 519 -18.50 -48.73 13.28
CA GLY D 519 -19.56 -49.34 12.52
C GLY D 519 -19.32 -50.82 12.24
N ILE D 520 -20.32 -51.43 11.60
CA ILE D 520 -20.26 -52.87 11.29
C ILE D 520 -19.18 -53.21 10.28
N ASP D 521 -18.73 -52.23 9.49
CA ASP D 521 -17.70 -52.45 8.48
C ASP D 521 -16.32 -52.00 8.97
N SER D 522 -16.20 -51.72 10.27
CA SER D 522 -14.95 -51.22 10.83
C SER D 522 -13.99 -52.36 11.12
N ILE D 523 -12.70 -52.06 11.04
CA ILE D 523 -11.68 -53.06 11.35
C ILE D 523 -11.70 -53.44 12.82
N GLU D 524 -12.03 -52.49 13.71
CA GLU D 524 -12.07 -52.78 15.14
C GLU D 524 -13.13 -53.82 15.46
N LEU D 525 -14.32 -53.69 14.85
CA LEU D 525 -15.37 -54.67 15.10
C LEU D 525 -15.01 -56.02 14.53
N LYS D 526 -14.33 -56.05 13.37
CA LYS D 526 -13.87 -57.32 12.82
C LYS D 526 -12.87 -58.00 13.74
N LYS D 527 -11.94 -57.23 14.30
CA LYS D 527 -10.97 -57.80 15.23
C LYS D 527 -11.64 -58.28 16.51
N ALA D 528 -12.63 -57.54 17.00
CA ALA D 528 -13.37 -57.98 18.18
C ALA D 528 -14.12 -59.28 17.89
N ASP D 529 -14.73 -59.39 16.71
CA ASP D 529 -15.40 -60.63 16.33
C ASP D 529 -14.41 -61.79 16.28
N SER D 530 -13.25 -61.56 15.66
CA SER D 530 -12.25 -62.62 15.60
C SER D 530 -11.82 -63.05 16.99
N LEU D 531 -11.62 -62.09 17.89
CA LEU D 531 -11.31 -62.42 19.28
C LEU D 531 -12.41 -63.26 19.91
N ILE D 532 -13.66 -62.88 19.67
CA ILE D 532 -14.79 -63.63 20.25
C ILE D 532 -14.76 -65.08 19.78
N ARG D 533 -14.68 -65.29 18.47
CA ARG D 533 -14.70 -66.66 17.95
C ARG D 533 -13.51 -67.47 18.45
N ILE D 534 -12.31 -66.88 18.41
CA ILE D 534 -11.12 -67.62 18.83
C ILE D 534 -11.21 -67.99 20.31
N ASN D 535 -11.56 -67.03 21.16
CA ASN D 535 -11.58 -67.30 22.58
C ASN D 535 -12.74 -68.22 22.98
N LYS D 536 -13.86 -68.17 22.25
CA LYS D 536 -14.97 -69.04 22.57
C LYS D 536 -14.68 -70.48 22.14
N MET D 537 -14.09 -70.65 20.96
CA MET D 537 -13.82 -71.98 20.42
C MET D 537 -12.52 -72.57 20.97
N LYS D 538 -11.68 -71.77 21.64
CA LYS D 538 -10.54 -72.32 22.36
C LYS D 538 -10.98 -73.05 23.63
N ASN D 539 -12.17 -72.74 24.15
CA ASN D 539 -12.67 -73.48 25.30
C ASN D 539 -12.92 -74.94 24.96
N LYS D 540 -13.36 -75.21 23.73
CA LYS D 540 -13.52 -76.60 23.30
C LYS D 540 -12.18 -77.34 23.30
N LEU D 541 -11.12 -76.67 22.81
CA LEU D 541 -9.81 -77.28 22.83
C LEU D 541 -9.32 -77.49 24.25
N ASN D 542 -9.60 -76.56 25.15
CA ASN D 542 -9.23 -76.73 26.55
C ASN D 542 -9.97 -77.91 27.16
N LYS D 543 -11.25 -78.06 26.85
CA LYS D 543 -12.02 -79.21 27.35
C LYS D 543 -11.46 -80.52 26.80
N ILE D 544 -11.06 -80.54 25.53
CA ILE D 544 -10.46 -81.74 24.96
C ILE D 544 -9.13 -82.05 25.64
N ARG D 545 -8.33 -81.00 25.92
CA ARG D 545 -7.08 -81.20 26.65
C ARG D 545 -7.32 -81.81 28.02
N ALA D 546 -8.36 -81.32 28.72
CA ALA D 546 -8.71 -81.91 30.01
C ALA D 546 -9.15 -83.36 29.84
N GLU D 547 -9.91 -83.66 28.79
CA GLU D 547 -10.37 -85.01 28.53
C GLU D 547 -9.23 -85.95 28.14
N LYS D 548 -8.09 -85.40 27.69
CA LYS D 548 -6.95 -86.24 27.35
C LYS D 548 -6.47 -87.03 28.56
N GLY D 549 -6.39 -86.38 29.71
CA GLY D 549 -6.05 -87.02 30.96
C GLY D 549 -7.27 -87.40 31.77
N LYS D 550 -7.09 -87.46 33.09
CA LYS D 550 -8.15 -87.78 34.06
C LYS D 550 -9.07 -88.90 33.60
N MET E 1 -16.68 65.05 -24.82
CA MET E 1 -17.93 65.78 -24.62
C MET E 1 -18.13 66.82 -25.72
N ARG E 2 -19.40 67.09 -26.04
CA ARG E 2 -19.76 68.10 -27.02
C ARG E 2 -20.44 69.28 -26.36
N GLU E 3 -20.40 70.42 -27.05
CA GLU E 3 -21.24 71.54 -26.70
C GLU E 3 -22.66 71.25 -27.17
N LEU E 4 -23.58 71.09 -26.23
CA LEU E 4 -24.96 70.73 -26.53
C LEU E 4 -25.84 71.97 -26.53
N ALA E 5 -26.64 72.11 -27.57
CA ALA E 5 -27.54 73.25 -27.73
C ALA E 5 -28.94 72.85 -27.31
N ARG E 6 -29.52 73.62 -26.39
CA ARG E 6 -30.86 73.32 -25.90
C ARG E 6 -31.91 73.81 -26.88
N LEU E 7 -33.12 73.27 -26.72
CA LEU E 7 -34.25 73.58 -27.59
C LEU E 7 -35.47 73.90 -26.73
N GLU E 8 -36.64 73.96 -27.34
CA GLU E 8 -37.87 74.22 -26.59
C GLU E 8 -38.11 73.11 -25.56
N ARG E 9 -38.50 73.52 -24.36
CA ARG E 9 -38.73 72.57 -23.29
C ARG E 9 -39.98 71.74 -23.60
N PRO E 10 -39.94 70.42 -23.42
CA PRO E 10 -41.15 69.61 -23.58
C PRO E 10 -42.22 70.01 -22.57
N GLU E 11 -43.47 69.96 -23.00
CA GLU E 11 -44.57 70.42 -22.15
C GLU E 11 -44.90 69.46 -21.03
N ILE E 12 -44.49 68.19 -21.13
CA ILE E 12 -44.82 67.22 -20.09
C ILE E 12 -44.07 67.51 -18.80
N LEU E 13 -42.93 68.22 -18.86
CA LEU E 13 -42.20 68.54 -17.64
C LEU E 13 -42.94 69.57 -16.81
N ASP E 14 -43.54 70.57 -17.45
CA ASP E 14 -44.27 71.61 -16.73
C ASP E 14 -45.56 71.09 -16.11
N GLN E 15 -46.04 69.93 -16.55
CA GLN E 15 -47.28 69.38 -15.99
C GLN E 15 -47.11 69.03 -14.52
N TYR E 16 -45.97 68.45 -14.16
CA TYR E 16 -45.71 68.06 -12.77
C TYR E 16 -44.85 69.10 -12.07
N ILE E 17 -44.84 69.03 -10.75
CA ILE E 17 -44.13 69.98 -9.89
C ILE E 17 -43.20 69.20 -8.98
N ALA E 18 -41.97 69.69 -8.83
CA ALA E 18 -41.01 69.03 -7.97
C ALA E 18 -41.46 69.08 -6.51
N GLY E 19 -41.13 68.02 -5.77
CA GLY E 19 -41.55 67.91 -4.38
C GLY E 19 -42.85 67.15 -4.22
N GLN E 20 -43.92 67.68 -4.81
CA GLN E 20 -45.21 66.99 -4.73
C GLN E 20 -45.22 65.72 -5.58
N ASN E 21 -44.51 65.72 -6.70
CA ASN E 21 -44.48 64.60 -7.63
C ASN E 21 -43.10 63.94 -7.59
N ASP E 22 -43.08 62.63 -7.69
CA ASP E 22 -41.85 61.85 -7.69
C ASP E 22 -41.37 61.67 -9.13
N TRP E 23 -40.07 61.41 -9.27
CA TRP E 23 -39.47 61.19 -10.58
C TRP E 23 -40.06 59.95 -11.28
N MET E 24 -40.43 58.92 -10.51
CA MET E 24 -40.95 57.70 -11.10
C MET E 24 -42.36 57.85 -11.67
N GLU E 25 -43.03 58.97 -11.40
CA GLU E 25 -44.40 59.14 -11.89
C GLU E 25 -44.43 59.44 -13.38
N ILE E 26 -43.41 60.10 -13.92
CA ILE E 26 -43.41 60.48 -15.32
C ILE E 26 -43.18 59.26 -16.19
N ASP E 27 -43.43 59.40 -17.48
CA ASP E 27 -43.06 58.41 -18.48
C ASP E 27 -41.90 58.95 -19.31
N GLN E 28 -40.87 58.12 -19.49
CA GLN E 28 -39.67 58.55 -20.18
C GLN E 28 -39.84 58.61 -21.69
N SER E 29 -40.98 58.15 -22.22
CA SER E 29 -41.21 58.19 -23.66
C SER E 29 -41.33 59.60 -24.21
N ALA E 30 -41.47 60.60 -23.34
CA ALA E 30 -41.59 62.00 -23.77
C ALA E 30 -40.29 62.78 -23.67
N VAL E 31 -39.41 62.41 -22.74
CA VAL E 31 -38.14 63.12 -22.59
C VAL E 31 -37.05 62.53 -23.48
N TRP E 32 -37.14 61.23 -23.79
CA TRP E 32 -36.12 60.60 -24.63
C TRP E 32 -36.02 61.21 -26.02
N PRO E 33 -37.11 61.45 -26.76
CA PRO E 33 -36.96 62.13 -28.05
C PRO E 33 -36.33 63.50 -27.93
N LYS E 34 -36.69 64.25 -26.89
CA LYS E 34 -36.13 65.59 -26.71
C LYS E 34 -34.63 65.53 -26.46
N LEU E 35 -34.19 64.56 -25.64
CA LEU E 35 -32.76 64.38 -25.45
C LEU E 35 -32.07 63.92 -26.73
N THR E 36 -32.72 63.04 -27.49
CA THR E 36 -32.09 62.46 -28.67
C THR E 36 -31.90 63.50 -29.79
N GLU E 37 -32.90 64.36 -30.01
CA GLU E 37 -32.78 65.33 -31.10
C GLU E 37 -31.64 66.31 -30.90
N MET E 38 -31.10 66.42 -29.69
CA MET E 38 -29.94 67.27 -29.47
C MET E 38 -28.66 66.48 -29.20
N GLN E 39 -28.76 65.24 -28.72
CA GLN E 39 -27.59 64.41 -28.46
C GLN E 39 -27.31 63.39 -29.55
N GLY E 40 -28.33 62.99 -30.31
CA GLY E 40 -28.12 62.00 -31.35
C GLY E 40 -27.72 60.64 -30.85
N GLY E 41 -28.22 60.22 -29.69
CA GLY E 41 -27.87 58.95 -29.12
C GLY E 41 -26.41 58.81 -28.73
N PHE E 42 -25.86 59.82 -28.03
CA PHE E 42 -24.48 59.78 -27.56
C PHE E 42 -24.42 60.32 -26.14
N CYS E 43 -23.44 59.83 -25.39
CA CYS E 43 -23.56 59.80 -23.94
C CYS E 43 -23.31 61.21 -23.45
N ALA E 44 -24.13 61.67 -22.50
CA ALA E 44 -24.07 63.07 -22.11
C ALA E 44 -22.69 63.44 -21.59
N TYR E 45 -21.91 62.46 -21.15
CA TYR E 45 -20.57 62.71 -20.64
C TYR E 45 -19.50 61.85 -21.28
N CYS E 46 -19.87 60.77 -21.99
CA CYS E 46 -18.89 59.81 -22.45
C CYS E 46 -18.94 59.52 -23.95
N GLU E 47 -19.88 60.11 -24.68
CA GLU E 47 -20.06 59.81 -26.10
C GLU E 47 -20.26 58.31 -26.32
N CYS E 48 -20.61 57.61 -25.24
CA CYS E 48 -21.08 56.24 -25.29
C CYS E 48 -22.27 56.18 -26.23
N ARG E 49 -22.40 55.08 -26.97
CA ARG E 49 -23.57 54.94 -27.83
C ARG E 49 -24.73 54.42 -26.99
N LEU E 50 -25.88 55.08 -27.09
CA LEU E 50 -26.99 54.84 -26.17
C LEU E 50 -27.77 53.58 -26.59
N ASN E 51 -27.15 52.42 -26.34
CA ASN E 51 -27.87 51.15 -26.44
C ASN E 51 -28.53 50.78 -25.13
N ARG E 52 -27.89 51.08 -24.00
CA ARG E 52 -28.46 50.91 -22.67
C ARG E 52 -28.28 52.25 -21.97
N CYS E 53 -29.35 53.05 -21.94
CA CYS E 53 -29.28 54.44 -21.50
C CYS E 53 -30.37 54.75 -20.49
N HIS E 54 -30.19 55.85 -19.77
CA HIS E 54 -31.14 56.30 -18.76
C HIS E 54 -31.08 57.81 -18.66
N ILE E 55 -32.12 58.39 -18.07
CA ILE E 55 -32.17 59.83 -17.86
C ILE E 55 -31.30 60.18 -16.67
N GLU E 56 -30.36 61.10 -16.88
CA GLU E 56 -29.39 61.48 -15.87
C GLU E 56 -29.58 62.93 -15.45
N HIS E 57 -29.41 63.19 -14.16
CA HIS E 57 -29.49 64.53 -13.60
C HIS E 57 -28.09 65.01 -13.28
N PHE E 58 -27.74 66.22 -13.75
CA PHE E 58 -26.45 66.80 -13.42
C PHE E 58 -26.32 67.01 -11.92
N ARG E 59 -27.36 67.51 -11.28
CA ARG E 59 -27.40 67.63 -9.82
C ARG E 59 -28.28 66.53 -9.27
N PRO E 60 -27.74 65.58 -8.50
CA PRO E 60 -28.57 64.47 -8.00
C PRO E 60 -29.69 64.96 -7.10
N ARG E 61 -30.84 64.29 -7.21
CA ARG E 61 -32.05 64.68 -6.53
C ARG E 61 -31.97 64.47 -5.02
N GLY E 62 -31.04 63.64 -4.54
CA GLY E 62 -30.94 63.42 -3.11
C GLY E 62 -30.58 64.67 -2.34
N LYS E 63 -29.62 65.43 -2.84
CA LYS E 63 -29.18 66.67 -2.21
C LYS E 63 -29.73 67.92 -2.88
N PHE E 64 -30.28 67.80 -4.09
CA PHE E 64 -30.90 68.92 -4.80
C PHE E 64 -32.26 68.51 -5.31
N PRO E 65 -33.22 68.31 -4.41
CA PRO E 65 -34.58 67.94 -4.86
C PRO E 65 -35.25 69.02 -5.68
N ALA E 66 -34.94 70.29 -5.45
CA ALA E 66 -35.61 71.37 -6.17
C ALA E 66 -35.25 71.39 -7.65
N LEU E 67 -34.17 70.72 -8.05
CA LEU E 67 -33.76 70.65 -9.45
C LEU E 67 -34.24 69.36 -10.11
N THR E 68 -35.46 68.92 -9.79
CA THR E 68 -35.94 67.63 -10.31
C THR E 68 -36.53 67.76 -11.70
N PHE E 69 -37.66 68.47 -11.83
CA PHE E 69 -38.38 68.55 -13.09
C PHE E 69 -37.97 69.76 -13.92
N ILE E 70 -36.66 69.91 -14.12
CA ILE E 70 -36.11 71.00 -14.92
C ILE E 70 -35.28 70.40 -16.04
N TRP E 71 -35.58 70.81 -17.27
CA TRP E 71 -34.88 70.23 -18.43
C TRP E 71 -33.40 70.58 -18.45
N ASN E 72 -33.00 71.65 -17.77
CA ASN E 72 -31.58 72.00 -17.72
C ASN E 72 -30.77 70.91 -17.03
N ASN E 73 -31.30 70.34 -15.94
CA ASN E 73 -30.61 69.27 -15.22
C ASN E 73 -30.69 67.93 -15.93
N LEU E 74 -31.63 67.76 -16.85
CA LEU E 74 -31.83 66.48 -17.50
C LEU E 74 -30.75 66.22 -18.55
N PHE E 75 -30.26 64.99 -18.58
CA PHE E 75 -29.24 64.58 -19.54
C PHE E 75 -29.43 63.11 -19.88
N GLY E 76 -28.92 62.71 -21.04
CA GLY E 76 -28.97 61.33 -21.44
C GLY E 76 -27.62 60.65 -21.39
N SER E 77 -27.41 59.79 -20.41
CA SER E 77 -26.15 59.09 -20.22
C SER E 77 -26.34 57.60 -20.49
N CYS E 78 -25.24 56.87 -20.41
CA CYS E 78 -25.26 55.44 -20.67
C CYS E 78 -25.65 54.67 -19.41
N GLY E 79 -25.75 53.35 -19.55
CA GLY E 79 -26.05 52.47 -18.45
C GLY E 79 -27.51 52.50 -18.04
N ASP E 80 -27.89 51.52 -17.23
CA ASP E 80 -29.26 51.43 -16.72
C ASP E 80 -29.25 50.54 -15.49
N SER E 81 -29.57 51.12 -14.34
CA SER E 81 -29.78 50.32 -13.14
C SER E 81 -31.01 49.43 -13.26
N ARG E 82 -31.96 49.82 -14.11
CA ARG E 82 -33.13 49.00 -14.35
C ARG E 82 -32.75 47.69 -14.99
N LYS E 83 -31.79 47.70 -15.92
CA LYS E 83 -31.27 46.49 -16.55
C LYS E 83 -30.12 45.87 -15.78
N SER E 84 -29.76 46.44 -14.62
CA SER E 84 -28.71 45.94 -13.74
C SER E 84 -27.34 45.99 -14.40
N GLY E 85 -26.29 45.70 -13.63
CA GLY E 85 -24.94 45.70 -14.12
C GLY E 85 -24.00 46.37 -13.14
N GLY E 86 -22.77 46.55 -13.57
CA GLY E 86 -21.74 47.19 -12.76
C GLY E 86 -21.15 48.40 -13.44
N TRP E 87 -22.01 49.20 -14.07
CA TRP E 87 -21.57 50.32 -14.89
C TRP E 87 -20.72 51.30 -14.09
N SER E 88 -19.63 51.76 -14.69
CA SER E 88 -18.71 52.69 -14.05
C SER E 88 -18.29 53.79 -15.04
N ARG E 89 -19.27 54.40 -15.71
CA ARG E 89 -19.00 55.37 -16.75
C ARG E 89 -20.17 56.33 -16.87
N CYS E 90 -19.89 57.55 -17.31
CA CYS E 90 -20.88 58.64 -17.34
C CYS E 90 -21.71 58.72 -16.05
N GLY E 91 -23.03 58.75 -16.21
CA GLY E 91 -23.89 59.17 -15.11
C GLY E 91 -23.88 58.20 -13.93
N ILE E 92 -23.89 56.89 -14.21
CA ILE E 92 -23.99 55.91 -13.13
C ILE E 92 -22.77 56.01 -12.21
N TYR E 93 -21.58 56.14 -12.79
CA TYR E 93 -20.40 56.32 -11.94
C TYR E 93 -20.38 57.70 -11.30
N LYS E 94 -20.99 58.70 -11.94
CA LYS E 94 -21.10 60.00 -11.30
C LYS E 94 -21.91 59.91 -10.01
N ASP E 95 -23.04 59.20 -10.05
CA ASP E 95 -23.92 59.13 -8.88
C ASP E 95 -23.38 58.20 -7.81
N ASN E 96 -22.80 57.07 -8.19
CA ASN E 96 -22.47 56.00 -7.26
C ASN E 96 -20.97 55.84 -7.04
N GLY E 97 -20.20 55.62 -8.12
CA GLY E 97 -18.82 55.23 -7.94
C GLY E 97 -17.95 56.30 -7.33
N ALA E 98 -18.00 57.51 -7.89
CA ALA E 98 -17.10 58.57 -7.47
C ALA E 98 -17.32 58.98 -6.02
N GLY E 99 -18.48 59.58 -5.74
CA GLY E 99 -18.80 60.03 -4.39
C GLY E 99 -17.99 61.22 -3.93
N ALA E 100 -18.56 62.02 -3.02
CA ALA E 100 -17.88 63.15 -2.40
C ALA E 100 -17.29 64.09 -3.45
N TYR E 101 -18.17 64.64 -4.28
CA TYR E 101 -17.78 65.56 -5.33
C TYR E 101 -18.66 66.80 -5.29
N ASN E 102 -18.13 67.90 -5.84
CA ASN E 102 -18.83 69.17 -5.87
C ASN E 102 -19.44 69.39 -7.25
N ALA E 103 -20.69 69.85 -7.26
CA ALA E 103 -21.42 69.98 -8.52
C ALA E 103 -20.79 71.03 -9.44
N ASP E 104 -20.35 72.15 -8.88
CA ASP E 104 -19.83 73.23 -9.71
C ASP E 104 -18.43 72.95 -10.25
N ASP E 105 -17.78 71.88 -9.80
CA ASP E 105 -16.45 71.50 -10.27
C ASP E 105 -16.49 70.61 -11.51
N LEU E 106 -17.68 70.33 -12.04
CA LEU E 106 -17.85 69.51 -13.23
C LEU E 106 -18.29 70.38 -14.39
N ILE E 107 -17.65 70.24 -15.55
CA ILE E 107 -18.02 71.03 -16.71
C ILE E 107 -19.39 70.58 -17.21
N LYS E 108 -20.23 71.55 -17.55
CA LYS E 108 -21.55 71.26 -18.08
C LYS E 108 -21.53 71.37 -19.59
N PRO E 109 -21.84 70.30 -20.33
CA PRO E 109 -21.82 70.39 -21.80
C PRO E 109 -22.88 71.33 -22.37
N ASP E 110 -23.83 71.79 -21.56
CA ASP E 110 -24.89 72.66 -22.07
C ASP E 110 -24.36 74.06 -22.37
N GLU E 111 -23.84 74.75 -21.36
CA GLU E 111 -23.42 76.13 -21.49
C GLU E 111 -21.91 76.29 -21.63
N GLU E 112 -21.13 75.32 -21.17
CA GLU E 112 -19.67 75.41 -21.21
C GLU E 112 -19.12 74.49 -22.28
N ASN E 113 -18.30 75.04 -23.16
CA ASN E 113 -17.67 74.25 -24.21
C ASN E 113 -16.60 73.35 -23.60
N PRO E 114 -16.70 72.03 -23.74
CA PRO E 114 -15.68 71.14 -23.15
C PRO E 114 -14.37 71.13 -23.92
N ASP E 115 -14.30 71.75 -25.10
CA ASP E 115 -13.09 71.67 -25.91
C ASP E 115 -11.92 72.36 -25.23
N ASP E 116 -12.15 73.50 -24.59
CA ASP E 116 -11.07 74.24 -23.94
C ASP E 116 -10.75 73.74 -22.54
N TYR E 117 -11.52 72.78 -22.01
CA TYR E 117 -11.20 72.16 -20.74
C TYR E 117 -10.56 70.79 -20.88
N LEU E 118 -10.93 70.02 -21.91
CA LEU E 118 -10.49 68.65 -22.07
C LEU E 118 -9.76 68.49 -23.41
N LEU E 119 -8.71 67.69 -23.40
CA LEU E 119 -7.95 67.37 -24.60
C LEU E 119 -7.89 65.85 -24.76
N PHE E 120 -8.19 65.36 -25.96
CA PHE E 120 -8.20 63.94 -26.25
C PHE E 120 -6.96 63.59 -27.05
N LEU E 121 -6.25 62.56 -26.62
CA LEU E 121 -4.95 62.22 -27.18
C LEU E 121 -5.06 61.05 -28.15
N THR E 122 -3.98 60.85 -28.90
CA THR E 122 -3.87 59.68 -29.77
C THR E 122 -3.89 58.40 -28.97
N THR E 123 -3.24 58.38 -27.81
CA THR E 123 -3.19 57.18 -26.99
C THR E 123 -4.57 56.77 -26.47
N GLY E 124 -5.53 57.68 -26.50
CA GLY E 124 -6.89 57.38 -26.11
C GLY E 124 -7.29 57.85 -24.73
N GLU E 125 -6.44 58.59 -24.03
CA GLU E 125 -6.74 59.11 -22.71
C GLU E 125 -7.01 60.62 -22.81
N VAL E 126 -7.88 61.11 -21.94
CA VAL E 126 -8.27 62.51 -21.92
C VAL E 126 -7.51 63.23 -20.82
N VAL E 127 -6.93 64.38 -21.13
CA VAL E 127 -6.18 65.16 -20.16
C VAL E 127 -6.65 66.61 -20.22
N PRO E 128 -6.51 67.38 -19.14
CA PRO E 128 -6.87 68.81 -19.22
C PRO E 128 -6.01 69.54 -20.24
N ALA E 129 -6.61 70.53 -20.88
CA ALA E 129 -5.95 71.25 -21.95
C ALA E 129 -4.72 72.01 -21.43
N ILE E 130 -3.79 72.26 -22.34
CA ILE E 130 -2.56 72.97 -21.98
C ILE E 130 -2.90 74.40 -21.61
N GLY E 131 -2.31 74.88 -20.51
CA GLY E 131 -2.54 76.23 -20.05
C GLY E 131 -3.65 76.41 -19.04
N LEU E 132 -4.31 75.32 -18.63
CA LEU E 132 -5.37 75.43 -17.63
C LEU E 132 -4.76 75.66 -16.26
N THR E 133 -5.11 76.79 -15.64
CA THR E 133 -4.58 77.16 -14.33
C THR E 133 -5.72 77.61 -13.43
N GLY E 134 -5.53 77.40 -12.14
CA GLY E 134 -6.53 77.85 -11.17
C GLY E 134 -7.70 76.90 -11.12
N ARG E 135 -8.91 77.47 -11.24
CA ARG E 135 -10.12 76.66 -11.15
C ARG E 135 -10.36 75.81 -12.40
N ALA E 136 -9.82 76.21 -13.55
CA ALA E 136 -10.06 75.45 -14.78
C ALA E 136 -9.40 74.08 -14.73
N LEU E 137 -8.13 74.03 -14.31
CA LEU E 137 -7.42 72.76 -14.26
C LEU E 137 -8.05 71.82 -13.24
N LYS E 138 -8.37 72.34 -12.05
CA LYS E 138 -9.02 71.52 -11.03
C LYS E 138 -10.38 71.05 -11.51
N LYS E 139 -11.12 71.91 -12.20
CA LYS E 139 -12.44 71.55 -12.70
C LYS E 139 -12.35 70.43 -13.73
N ALA E 140 -11.38 70.52 -14.65
CA ALA E 140 -11.19 69.46 -15.64
C ALA E 140 -10.78 68.15 -14.98
N GLN E 141 -9.86 68.22 -14.01
CA GLN E 141 -9.44 67.01 -13.31
C GLN E 141 -10.61 66.38 -12.57
N GLU E 142 -11.43 67.19 -11.91
CA GLU E 142 -12.59 66.68 -11.19
C GLU E 142 -13.59 66.05 -12.16
N THR E 143 -13.80 66.67 -13.32
CA THR E 143 -14.69 66.09 -14.32
C THR E 143 -14.20 64.73 -14.76
N ILE E 144 -12.90 64.62 -15.07
CA ILE E 144 -12.34 63.35 -15.52
C ILE E 144 -12.47 62.29 -14.43
N ARG E 145 -12.18 62.67 -13.19
CA ARG E 145 -12.25 61.71 -12.09
C ARG E 145 -13.68 61.25 -11.83
N VAL E 146 -14.64 62.18 -11.82
CA VAL E 146 -16.01 61.84 -11.48
C VAL E 146 -16.65 61.02 -12.58
N PHE E 147 -16.46 61.41 -13.84
CA PHE E 147 -17.08 60.68 -14.94
C PHE E 147 -16.29 59.46 -15.38
N ASN E 148 -15.13 59.21 -14.75
CA ASN E 148 -14.33 58.01 -15.01
C ASN E 148 -13.93 57.91 -16.48
N LEU E 149 -13.68 59.06 -17.13
CA LEU E 149 -13.26 59.05 -18.52
C LEU E 149 -11.90 58.36 -18.67
N ASN E 150 -10.97 58.68 -17.78
CA ASN E 150 -9.74 57.91 -17.60
C ASN E 150 -9.98 56.98 -16.42
N GLY E 151 -10.15 55.70 -16.69
CA GLY E 151 -10.73 54.81 -15.72
C GLY E 151 -11.10 53.46 -16.30
N ASP E 152 -12.36 53.06 -16.14
CA ASP E 152 -12.86 51.79 -16.62
C ASP E 152 -12.32 51.46 -18.01
N ILE E 153 -11.96 50.20 -18.20
CA ILE E 153 -11.27 49.78 -19.42
C ILE E 153 -12.20 49.84 -20.62
N LYS E 154 -13.49 49.54 -20.43
CA LYS E 154 -14.42 49.47 -21.54
C LYS E 154 -14.55 50.80 -22.28
N LEU E 155 -14.17 51.91 -21.64
CA LEU E 155 -14.17 53.22 -22.30
C LEU E 155 -12.80 53.60 -22.83
N PHE E 156 -11.76 53.47 -22.01
CA PHE E 156 -10.42 53.86 -22.44
C PHE E 156 -9.97 53.03 -23.64
N GLY E 157 -10.12 51.71 -23.55
CA GLY E 157 -9.71 50.86 -24.66
C GLY E 157 -10.52 51.08 -25.92
N SER E 158 -11.84 51.23 -25.77
CA SER E 158 -12.69 51.46 -26.93
C SER E 158 -12.35 52.77 -27.62
N ARG E 159 -12.18 53.85 -26.84
CA ARG E 159 -11.82 55.13 -27.42
C ARG E 159 -10.44 55.09 -28.07
N ARG E 160 -9.49 54.43 -27.41
CA ARG E 160 -8.14 54.33 -27.98
C ARG E 160 -8.15 53.58 -29.29
N THR E 161 -8.86 52.44 -29.34
CA THR E 161 -8.88 51.66 -30.57
C THR E 161 -9.75 52.29 -31.65
N ALA E 162 -10.67 53.20 -31.27
CA ALA E 162 -11.39 53.97 -32.28
C ALA E 162 -10.51 55.07 -32.86
N VAL E 163 -9.71 55.73 -32.03
CA VAL E 163 -8.83 56.79 -32.53
C VAL E 163 -7.70 56.21 -33.38
N GLN E 164 -7.10 55.10 -32.93
CA GLN E 164 -6.00 54.51 -33.68
C GLN E 164 -6.45 53.87 -34.99
N ALA E 165 -7.75 53.69 -35.20
CA ALA E 165 -8.25 53.14 -36.45
C ALA E 165 -8.34 54.18 -37.56
N ILE E 166 -8.19 55.46 -37.25
CA ILE E 166 -8.27 56.54 -38.23
C ILE E 166 -6.94 57.23 -38.44
N MET E 167 -5.92 56.88 -37.67
CA MET E 167 -4.61 57.53 -37.79
C MET E 167 -3.98 57.37 -39.17
N PRO E 168 -4.04 56.20 -39.82
CA PRO E 168 -3.60 56.14 -41.22
C PRO E 168 -4.34 57.11 -42.11
N ASN E 169 -5.64 57.28 -41.89
CA ASN E 169 -6.42 58.23 -42.68
C ASN E 169 -5.93 59.66 -42.44
N VAL E 170 -5.65 60.01 -41.18
CA VAL E 170 -5.18 61.35 -40.86
C VAL E 170 -3.82 61.60 -41.50
N GLU E 171 -2.92 60.62 -41.41
CA GLU E 171 -1.60 60.75 -42.02
C GLU E 171 -1.72 60.93 -43.52
N TYR E 172 -2.59 60.16 -44.17
CA TYR E 172 -2.72 60.22 -45.62
C TYR E 172 -3.37 61.55 -46.05
N LEU E 173 -4.32 62.05 -45.26
CA LEU E 173 -4.91 63.36 -45.54
C LEU E 173 -3.85 64.46 -45.44
N TYR E 174 -3.14 64.52 -44.33
CA TYR E 174 -2.25 65.65 -44.08
C TYR E 174 -0.94 65.55 -44.85
N THR E 175 -0.57 64.37 -45.34
CA THR E 175 0.72 64.20 -46.01
C THR E 175 0.72 64.72 -47.46
N LEU E 176 -0.45 65.03 -48.01
CA LEU E 176 -0.56 65.51 -49.39
C LEU E 176 -1.02 66.97 -49.44
N LEU E 177 -0.55 67.77 -48.49
CA LEU E 177 -0.89 69.19 -48.48
C LEU E 177 -0.38 69.90 -49.74
N GLU E 178 0.85 69.59 -50.17
CA GLU E 178 1.41 70.24 -51.33
C GLU E 178 0.77 69.78 -52.62
N GLU E 179 0.25 68.55 -52.64
CA GLU E 179 -0.34 68.01 -53.87
C GLU E 179 -1.67 68.67 -54.18
N PHE E 180 -2.54 68.83 -53.18
CA PHE E 180 -3.87 69.38 -53.37
C PHE E 180 -3.86 70.89 -53.21
N ASP E 181 -4.83 71.53 -53.88
CA ASP E 181 -5.01 72.97 -53.71
C ASP E 181 -5.61 73.28 -52.35
N GLU E 182 -5.51 74.55 -51.94
CA GLU E 182 -6.02 74.95 -50.64
C GLU E 182 -7.53 74.72 -50.54
N ASP E 183 -8.28 75.13 -51.58
CA ASP E 183 -9.72 74.94 -51.56
C ASP E 183 -10.09 73.46 -51.62
N ASP E 184 -9.42 72.70 -52.48
CA ASP E 184 -9.73 71.27 -52.62
C ASP E 184 -9.40 70.52 -51.34
N TRP E 185 -8.23 70.79 -50.76
CA TRP E 185 -7.86 70.13 -49.51
C TRP E 185 -8.80 70.53 -48.38
N ASN E 186 -9.19 71.81 -48.33
CA ASN E 186 -10.10 72.26 -47.29
C ASN E 186 -11.46 71.59 -47.42
N GLU E 187 -11.99 71.48 -48.64
CA GLU E 187 -13.29 70.84 -48.81
C GLU E 187 -13.21 69.33 -48.54
N MET E 188 -12.06 68.71 -48.84
CA MET E 188 -11.91 67.29 -48.51
C MET E 188 -11.82 67.08 -47.00
N LEU E 189 -11.14 67.98 -46.29
CA LEU E 189 -11.13 67.92 -44.83
C LEU E 189 -12.54 68.14 -44.28
N ARG E 190 -13.30 69.06 -44.87
CA ARG E 190 -14.68 69.26 -44.44
C ARG E 190 -15.53 68.02 -44.69
N ASP E 191 -15.31 67.34 -45.82
CA ASP E 191 -16.03 66.10 -46.09
C ASP E 191 -15.67 65.03 -45.06
N GLU E 192 -14.40 64.92 -44.70
CA GLU E 192 -14.00 63.98 -43.67
C GLU E 192 -14.62 64.33 -42.32
N LEU E 193 -14.69 65.63 -42.00
CA LEU E 193 -15.19 66.04 -40.69
C LEU E 193 -16.69 65.89 -40.57
N GLU E 194 -17.44 66.25 -41.63
CA GLU E 194 -18.90 66.27 -41.56
C GLU E 194 -19.52 64.89 -41.43
N LYS E 195 -18.78 63.82 -41.73
CA LYS E 195 -19.35 62.48 -41.69
C LYS E 195 -18.68 61.59 -40.66
N ILE E 196 -17.94 62.17 -39.69
CA ILE E 196 -17.59 61.46 -38.47
C ILE E 196 -18.62 61.66 -37.38
N GLU E 197 -19.64 62.49 -37.64
CA GLU E 197 -20.77 62.58 -36.72
C GLU E 197 -21.51 61.26 -36.61
N SER E 198 -21.56 60.50 -37.71
CA SER E 198 -22.13 59.17 -37.67
C SER E 198 -21.28 58.22 -36.82
N ASP E 199 -20.04 58.56 -36.55
CA ASP E 199 -19.18 57.73 -35.72
C ASP E 199 -19.53 57.90 -34.24
N GLU E 200 -18.93 57.06 -33.41
CA GLU E 200 -19.31 57.01 -32.00
C GLU E 200 -18.71 58.18 -31.21
N TYR E 201 -17.38 58.25 -31.15
CA TYR E 201 -16.70 59.25 -30.34
C TYR E 201 -16.47 60.50 -31.18
N LYS E 202 -17.19 61.57 -30.84
CA LYS E 202 -17.19 62.78 -31.65
C LYS E 202 -15.84 63.49 -31.60
N THR E 203 -15.45 63.94 -30.41
CA THR E 203 -14.33 64.86 -30.26
C THR E 203 -12.98 64.18 -30.38
N ALA E 204 -12.85 62.93 -29.92
CA ALA E 204 -11.56 62.24 -30.05
C ALA E 204 -11.15 62.13 -31.51
N LEU E 205 -12.08 61.73 -32.38
CA LEU E 205 -11.82 61.76 -33.80
C LEU E 205 -11.66 63.19 -34.30
N LYS E 206 -12.46 64.12 -33.75
CA LYS E 206 -12.31 65.52 -34.13
C LYS E 206 -10.95 66.06 -33.72
N HIS E 207 -10.47 65.71 -32.53
CA HIS E 207 -9.14 66.13 -32.09
C HIS E 207 -8.04 65.45 -32.91
N ALA E 208 -8.29 64.23 -33.39
CA ALA E 208 -7.33 63.56 -34.26
C ALA E 208 -7.38 64.07 -35.70
N TRP E 209 -8.43 64.79 -36.08
CA TRP E 209 -8.58 65.30 -37.43
C TRP E 209 -8.29 66.80 -37.54
N THR E 210 -8.71 67.60 -36.55
CA THR E 210 -8.59 69.04 -36.63
C THR E 210 -7.24 69.48 -36.07
N PHE E 211 -6.94 70.76 -36.27
CA PHE E 211 -5.66 71.34 -35.87
C PHE E 211 -5.41 71.19 -34.38
N MET F 1 -69.36 30.90 27.38
CA MET F 1 -68.60 29.72 26.99
C MET F 1 -67.99 30.01 25.62
N SER F 2 -68.57 31.02 24.95
CA SER F 2 -68.04 31.58 23.71
C SER F 2 -68.00 30.57 22.58
N VAL F 3 -66.81 30.05 22.28
CA VAL F 3 -66.63 29.20 21.11
C VAL F 3 -67.40 27.89 21.27
N ILE F 4 -67.24 27.25 22.43
CA ILE F 4 -67.90 25.96 22.65
C ILE F 4 -69.42 26.15 22.69
N ARG F 5 -69.88 27.26 23.25
CA ARG F 5 -71.33 27.52 23.27
C ARG F 5 -71.89 27.65 21.86
N GLY F 6 -71.20 28.39 21.00
CA GLY F 6 -71.64 28.50 19.62
C GLY F 6 -71.59 27.19 18.86
N LEU F 7 -70.52 26.41 19.09
CA LEU F 7 -70.43 25.11 18.44
C LEU F 7 -71.55 24.19 18.89
N ALA F 8 -71.91 24.23 20.17
CA ALA F 8 -73.02 23.44 20.66
C ALA F 8 -74.34 23.91 20.07
N ALA F 9 -74.54 25.23 19.96
CA ALA F 9 -75.76 25.75 19.39
C ALA F 9 -75.89 25.41 17.91
N VAL F 10 -74.77 25.25 17.21
CA VAL F 10 -74.81 24.88 15.79
C VAL F 10 -75.00 23.38 15.62
N LEU F 11 -74.22 22.57 16.35
CA LEU F 11 -74.27 21.13 16.18
C LEU F 11 -75.43 20.47 16.93
N ARG F 12 -76.18 21.23 17.72
CA ARG F 12 -77.28 20.70 18.53
C ARG F 12 -76.78 19.60 19.47
N GLN F 13 -75.62 19.82 20.08
CA GLN F 13 -75.02 18.87 21.01
C GLN F 13 -74.72 19.58 22.33
N SER F 14 -74.47 18.79 23.36
CA SER F 14 -74.14 19.34 24.66
C SER F 14 -72.71 19.87 24.69
N ASP F 15 -72.45 20.80 25.60
CA ASP F 15 -71.10 21.33 25.77
C ASP F 15 -70.13 20.25 26.21
N SER F 16 -70.58 19.35 27.10
CA SER F 16 -69.70 18.30 27.60
C SER F 16 -69.24 17.37 26.49
N ASP F 17 -70.15 17.00 25.57
CA ASP F 17 -69.79 16.10 24.49
C ASP F 17 -68.73 16.72 23.59
N ILE F 18 -68.91 17.98 23.20
CA ILE F 18 -67.94 18.65 22.34
C ILE F 18 -66.62 18.83 23.08
N SER F 19 -66.67 19.21 24.35
CA SER F 19 -65.44 19.43 25.11
C SER F 19 -64.64 18.13 25.25
N ALA F 20 -65.33 17.01 25.50
CA ALA F 20 -64.66 15.72 25.58
C ALA F 20 -64.12 15.30 24.22
N PHE F 21 -64.85 15.63 23.15
CA PHE F 21 -64.35 15.32 21.81
C PHE F 21 -63.09 16.13 21.50
N LEU F 22 -63.06 17.39 21.91
CA LEU F 22 -61.92 18.27 21.64
C LEU F 22 -60.84 18.12 22.71
N VAL F 23 -60.37 16.87 22.85
CA VAL F 23 -59.23 16.55 23.70
C VAL F 23 -58.09 15.96 22.88
N THR F 24 -58.38 14.93 22.09
CA THR F 24 -57.45 14.41 21.09
C THR F 24 -57.83 14.85 19.68
N ALA F 25 -58.54 15.96 19.55
CA ALA F 25 -58.93 16.45 18.23
C ALA F 25 -57.75 16.70 17.30
N PRO F 26 -56.64 17.31 17.72
CA PRO F 26 -55.48 17.41 16.82
C PRO F 26 -54.94 16.07 16.38
N ARG F 27 -55.39 14.97 16.99
CA ARG F 27 -54.87 13.65 16.68
C ARG F 27 -55.85 12.80 15.88
N LYS F 28 -57.13 13.15 15.87
CA LYS F 28 -58.17 12.38 15.17
C LYS F 28 -58.10 12.66 13.66
N TYR F 29 -57.01 12.21 13.03
CA TYR F 29 -56.82 12.40 11.61
C TYR F 29 -56.48 11.08 10.93
N LYS F 30 -57.05 10.86 9.75
CA LYS F 30 -56.73 9.71 8.92
C LYS F 30 -55.85 10.17 7.77
N VAL F 31 -54.64 9.62 7.70
CA VAL F 31 -53.65 10.04 6.72
C VAL F 31 -53.52 8.94 5.66
N TYR F 32 -53.41 9.36 4.40
CA TYR F 32 -53.34 8.44 3.27
C TYR F 32 -52.51 9.08 2.17
N LYS F 33 -52.21 8.27 1.15
CA LYS F 33 -51.42 8.71 0.01
C LYS F 33 -52.28 8.72 -1.26
N ILE F 34 -52.15 9.78 -2.05
CA ILE F 34 -52.79 9.85 -3.35
C ILE F 34 -51.69 9.80 -4.41
N PRO F 35 -51.96 9.24 -5.59
CA PRO F 35 -50.90 9.15 -6.60
C PRO F 35 -50.63 10.48 -7.26
N LYS F 36 -49.34 10.79 -7.42
CA LYS F 36 -48.94 11.95 -8.20
C LYS F 36 -49.16 11.67 -9.69
N ARG F 37 -49.28 12.75 -10.46
CA ARG F 37 -49.63 12.61 -11.87
C ARG F 37 -48.48 12.04 -12.70
N THR F 38 -47.24 12.35 -12.34
CA THR F 38 -46.08 11.78 -13.01
C THR F 38 -45.56 10.54 -12.29
N THR F 39 -45.14 10.70 -11.04
CA THR F 39 -44.64 9.60 -10.23
C THR F 39 -44.59 10.06 -8.78
N GLY F 40 -44.67 9.09 -7.87
CA GLY F 40 -44.64 9.38 -6.45
C GLY F 40 -46.02 9.42 -5.82
N PHE F 41 -46.04 9.86 -4.57
CA PHE F 41 -47.27 9.93 -3.81
C PHE F 41 -47.30 11.23 -3.00
N ARG F 42 -48.51 11.66 -2.68
CA ARG F 42 -48.73 12.83 -1.84
C ARG F 42 -49.49 12.40 -0.59
N VAL F 43 -49.00 12.84 0.57
CA VAL F 43 -49.57 12.44 1.86
C VAL F 43 -50.55 13.50 2.32
N ILE F 44 -51.77 13.09 2.65
CA ILE F 44 -52.83 13.99 3.07
C ILE F 44 -53.39 13.50 4.41
N ALA F 45 -53.59 14.44 5.34
CA ALA F 45 -54.24 14.16 6.61
C ALA F 45 -55.67 14.68 6.56
N GLN F 46 -56.64 13.78 6.65
CA GLN F 46 -58.04 14.17 6.66
C GLN F 46 -58.66 13.83 8.01
N PRO F 47 -59.31 14.78 8.67
CA PRO F 47 -59.90 14.52 9.99
C PRO F 47 -61.11 13.61 9.88
N ALA F 48 -61.52 13.11 11.04
CA ALA F 48 -62.71 12.26 11.13
C ALA F 48 -63.97 13.08 10.85
N LYS F 49 -65.10 12.37 10.73
CA LYS F 49 -66.34 13.02 10.36
C LYS F 49 -66.79 14.04 11.42
N GLY F 50 -66.73 13.65 12.70
CA GLY F 50 -67.14 14.57 13.75
C GLY F 50 -66.27 15.82 13.81
N LEU F 51 -64.95 15.63 13.73
CA LEU F 51 -64.05 16.77 13.68
C LEU F 51 -64.27 17.60 12.41
N LYS F 52 -64.60 16.95 11.30
CA LYS F 52 -64.90 17.69 10.07
C LYS F 52 -66.12 18.59 10.27
N ASP F 53 -67.18 18.06 10.88
CA ASP F 53 -68.36 18.88 11.14
C ASP F 53 -68.04 20.02 12.11
N ILE F 54 -67.23 19.74 13.14
CA ILE F 54 -66.84 20.77 14.09
C ILE F 54 -66.08 21.89 13.38
N GLN F 55 -65.16 21.52 12.50
CA GLN F 55 -64.38 22.51 11.76
C GLN F 55 -65.28 23.32 10.82
N ARG F 56 -66.22 22.67 10.15
CA ARG F 56 -67.15 23.40 9.28
C ARG F 56 -67.97 24.40 10.08
N ALA F 57 -68.49 23.98 11.24
CA ALA F 57 -69.27 24.89 12.07
C ALA F 57 -68.42 26.07 12.56
N PHE F 58 -67.18 25.78 12.98
CA PHE F 58 -66.31 26.86 13.43
C PHE F 58 -66.00 27.83 12.31
N VAL F 59 -65.79 27.32 11.09
CA VAL F 59 -65.50 28.18 9.96
C VAL F 59 -66.69 29.06 9.63
N GLN F 60 -67.89 28.49 9.62
CA GLN F 60 -69.06 29.30 9.26
C GLN F 60 -69.43 30.28 10.37
N LEU F 61 -69.10 29.96 11.62
CA LEU F 61 -69.43 30.85 12.72
C LEU F 61 -68.60 32.13 12.68
N TYR F 62 -67.30 32.00 12.52
CA TYR F 62 -66.38 33.14 12.59
C TYR F 62 -65.84 33.43 11.19
N SER F 63 -66.00 34.67 10.74
CA SER F 63 -65.60 35.10 9.41
C SER F 63 -64.29 35.87 9.52
N LEU F 64 -63.19 35.20 9.18
CA LEU F 64 -61.89 35.85 9.17
C LEU F 64 -61.73 36.67 7.89
N PRO F 65 -61.01 37.79 7.96
CA PRO F 65 -60.84 38.63 6.77
C PRO F 65 -59.97 37.96 5.73
N VAL F 66 -60.32 38.18 4.45
CA VAL F 66 -59.54 37.71 3.33
C VAL F 66 -59.39 38.86 2.34
N HIS F 67 -58.34 38.80 1.54
CA HIS F 67 -58.03 39.87 0.59
C HIS F 67 -58.57 39.53 -0.79
N ASP F 68 -58.77 40.59 -1.60
CA ASP F 68 -59.27 40.41 -2.95
C ASP F 68 -58.22 39.78 -3.88
N ALA F 69 -56.94 39.91 -3.54
CA ALA F 69 -55.90 39.31 -4.37
C ALA F 69 -55.90 37.78 -4.27
N SER F 70 -56.44 37.23 -3.19
CA SER F 70 -56.54 35.78 -3.08
C SER F 70 -57.63 35.26 -4.00
N MET F 71 -57.38 34.11 -4.61
CA MET F 71 -58.32 33.53 -5.57
C MET F 71 -58.71 32.09 -5.25
N ALA F 72 -58.12 31.47 -4.25
CA ALA F 72 -58.42 30.08 -3.90
C ALA F 72 -59.36 30.03 -2.70
N TYR F 73 -60.32 29.12 -2.75
CA TYR F 73 -61.18 28.77 -1.63
C TYR F 73 -62.19 29.88 -1.28
N MET F 74 -62.66 30.63 -2.27
CA MET F 74 -63.75 31.56 -2.07
C MET F 74 -64.85 31.30 -3.10
N LYS F 75 -66.09 31.63 -2.71
CA LYS F 75 -67.23 31.42 -3.58
C LYS F 75 -67.21 32.39 -4.76
N GLY F 76 -67.56 31.89 -5.93
CA GLY F 76 -67.64 32.70 -7.13
C GLY F 76 -66.31 33.02 -7.77
N LYS F 77 -65.20 32.55 -7.19
CA LYS F 77 -63.87 32.81 -7.72
C LYS F 77 -63.13 31.48 -7.82
N GLY F 78 -62.21 31.40 -8.78
CA GLY F 78 -61.47 30.17 -8.96
C GLY F 78 -60.33 30.28 -9.95
N ILE F 79 -60.14 29.24 -10.75
CA ILE F 79 -59.03 29.19 -11.69
C ILE F 79 -59.22 30.20 -12.81
N ARG F 80 -60.45 30.33 -13.32
CA ARG F 80 -60.69 31.23 -14.44
C ARG F 80 -60.40 32.68 -14.08
N ASP F 81 -60.84 33.11 -12.89
CA ASP F 81 -60.58 34.49 -12.47
C ASP F 81 -59.09 34.73 -12.25
N ASN F 82 -58.40 33.77 -11.63
CA ASN F 82 -56.97 33.91 -11.40
C ASN F 82 -56.21 34.02 -12.72
N ALA F 83 -56.59 33.21 -13.71
CA ALA F 83 -55.94 33.28 -15.01
C ALA F 83 -56.29 34.57 -15.76
N ALA F 84 -57.55 35.01 -15.66
CA ALA F 84 -57.98 36.20 -16.39
C ALA F 84 -57.44 37.49 -15.76
N ALA F 85 -57.03 37.44 -14.49
CA ALA F 85 -56.43 38.63 -13.88
C ALA F 85 -55.16 39.03 -14.60
N HIS F 86 -54.34 38.06 -15.00
CA HIS F 86 -53.11 38.31 -15.75
C HIS F 86 -53.27 38.01 -17.23
N ALA F 87 -54.50 37.86 -17.72
CA ALA F 87 -54.71 37.51 -19.13
C ALA F 87 -54.15 38.59 -20.04
N GLY F 88 -54.51 39.85 -19.80
CA GLY F 88 -53.95 40.91 -20.61
C GLY F 88 -52.74 41.53 -19.98
N ASN F 89 -51.56 41.03 -20.35
CA ASN F 89 -50.25 41.49 -19.90
C ASN F 89 -49.22 40.93 -20.88
N GLN F 90 -47.96 41.03 -20.52
CA GLN F 90 -46.91 40.55 -21.40
C GLN F 90 -45.88 39.71 -20.68
N TYR F 91 -45.77 39.84 -19.35
CA TYR F 91 -44.73 39.18 -18.58
C TYR F 91 -45.33 38.67 -17.29
N LEU F 92 -44.87 37.53 -16.81
CA LEU F 92 -45.38 36.98 -15.56
C LEU F 92 -44.24 36.46 -14.68
N LEU F 93 -44.52 36.39 -13.39
CA LEU F 93 -43.55 36.03 -12.36
C LEU F 93 -44.18 35.03 -11.38
N LYS F 94 -44.72 33.93 -11.90
CA LYS F 94 -45.22 32.87 -11.05
C LYS F 94 -44.18 32.45 -10.02
N ALA F 95 -44.59 32.43 -8.75
CA ALA F 95 -43.72 32.04 -7.65
C ALA F 95 -44.55 31.22 -6.65
N ASP F 96 -43.84 30.42 -5.85
CA ASP F 96 -44.49 29.51 -4.92
C ASP F 96 -43.85 29.61 -3.55
N LEU F 97 -44.62 29.21 -2.53
CA LEU F 97 -44.16 29.19 -1.16
C LEU F 97 -43.78 27.77 -0.76
N GLU F 98 -42.75 27.66 0.08
CA GLU F 98 -42.20 26.35 0.45
C GLU F 98 -43.03 25.73 1.57
N ASP F 99 -43.69 24.62 1.26
CA ASP F 99 -44.48 23.84 2.21
C ASP F 99 -45.49 24.74 2.94
N PHE F 100 -46.42 25.29 2.16
CA PHE F 100 -47.26 26.37 2.65
C PHE F 100 -48.14 25.92 3.82
N PHE F 101 -48.86 24.81 3.66
CA PHE F 101 -49.85 24.42 4.66
C PHE F 101 -49.21 23.89 5.93
N ASN F 102 -48.16 23.08 5.81
CA ASN F 102 -47.55 22.49 6.98
C ASN F 102 -46.61 23.45 7.71
N SER F 103 -46.35 24.62 7.14
CA SER F 103 -45.53 25.63 7.81
C SER F 103 -46.36 26.55 8.70
N ILE F 104 -47.67 26.41 8.70
CA ILE F 104 -48.54 27.27 9.51
C ILE F 104 -48.77 26.59 10.85
N THR F 105 -48.40 27.28 11.92
CA THR F 105 -48.48 26.80 13.28
C THR F 105 -49.43 27.68 14.09
N PRO F 106 -49.90 27.20 15.25
CA PRO F 106 -50.75 28.07 16.09
C PRO F 106 -50.08 29.38 16.47
N ALA F 107 -48.75 29.40 16.60
CA ALA F 107 -48.06 30.65 16.86
C ALA F 107 -48.29 31.65 15.73
N ILE F 108 -48.20 31.19 14.48
CA ILE F 108 -48.46 32.06 13.33
C ILE F 108 -49.90 32.54 13.36
N PHE F 109 -50.85 31.64 13.65
CA PHE F 109 -52.26 32.01 13.66
C PHE F 109 -52.53 33.07 14.71
N TRP F 110 -51.97 32.91 15.91
CA TRP F 110 -52.22 33.89 16.96
C TRP F 110 -51.47 35.19 16.72
N ARG F 111 -50.31 35.14 16.07
CA ARG F 111 -49.63 36.36 15.69
C ARG F 111 -50.43 37.14 14.66
N CYS F 112 -51.03 36.44 13.71
CA CYS F 112 -51.81 37.11 12.67
C CYS F 112 -53.14 37.64 13.22
N ILE F 113 -53.70 36.99 14.24
CA ILE F 113 -54.97 37.44 14.80
C ILE F 113 -54.82 38.82 15.41
N GLU F 114 -53.75 39.05 16.17
CA GLU F 114 -53.63 40.28 16.96
C GLU F 114 -53.30 41.49 16.10
N MET F 115 -52.47 41.33 15.07
CA MET F 115 -51.98 42.46 14.29
C MET F 115 -52.74 42.66 12.97
N SER F 116 -53.83 41.93 12.77
CA SER F 116 -54.57 42.06 11.52
C SER F 116 -55.12 43.47 11.36
N SER F 117 -54.94 44.03 10.16
CA SER F 117 -55.40 45.38 9.90
C SER F 117 -56.91 45.48 9.73
N ALA F 118 -57.57 44.37 9.39
CA ALA F 118 -59.00 44.33 9.22
C ALA F 118 -59.67 43.81 10.48
N GLN F 119 -61.00 43.72 10.45
CA GLN F 119 -61.75 43.26 11.61
C GLN F 119 -61.46 41.79 11.87
N THR F 120 -61.25 41.47 13.15
CA THR F 120 -60.93 40.12 13.60
C THR F 120 -61.88 39.73 14.72
N PRO F 121 -62.51 38.56 14.64
CA PRO F 121 -63.42 38.17 15.72
C PRO F 121 -62.67 37.95 17.02
N GLN F 122 -63.35 38.29 18.12
CA GLN F 122 -62.73 38.29 19.43
C GLN F 122 -62.78 36.88 20.03
N PHE F 123 -61.60 36.32 20.31
CA PHE F 123 -61.48 35.03 20.97
C PHE F 123 -60.99 35.24 22.39
N GLU F 124 -61.74 34.72 23.36
CA GLU F 124 -61.36 34.84 24.76
C GLU F 124 -60.10 34.01 25.02
N PRO F 125 -59.26 34.45 25.97
CA PRO F 125 -58.06 33.65 26.29
C PRO F 125 -58.38 32.27 26.81
N GLN F 126 -59.60 32.03 27.30
CA GLN F 126 -59.94 30.73 27.85
C GLN F 126 -60.12 29.69 26.76
N ASP F 127 -60.56 30.10 25.57
CA ASP F 127 -60.89 29.17 24.50
C ASP F 127 -59.81 29.07 23.43
N LYS F 128 -58.64 29.69 23.64
CA LYS F 128 -57.56 29.59 22.66
C LYS F 128 -57.07 28.16 22.49
N LEU F 129 -56.99 27.41 23.59
CA LEU F 129 -56.60 26.01 23.51
C LEU F 129 -57.59 25.22 22.67
N PHE F 130 -58.89 25.47 22.87
CA PHE F 130 -59.90 24.81 22.05
C PHE F 130 -59.77 25.21 20.58
N ILE F 131 -59.46 26.48 20.31
CA ILE F 131 -59.25 26.90 18.92
C ILE F 131 -58.10 26.11 18.30
N GLU F 132 -56.98 26.00 19.03
CA GLU F 132 -55.83 25.27 18.52
C GLU F 132 -56.16 23.80 18.29
N LYS F 133 -56.93 23.20 19.21
CA LYS F 133 -57.30 21.80 19.04
C LYS F 133 -58.25 21.60 17.86
N ILE F 134 -59.15 22.55 17.63
CA ILE F 134 -60.10 22.43 16.53
C ILE F 134 -59.39 22.56 15.19
N LEU F 135 -58.54 23.56 15.05
CA LEU F 135 -58.03 23.95 13.74
C LEU F 135 -56.80 23.16 13.29
N PHE F 136 -55.97 22.71 14.22
CA PHE F 136 -54.64 22.23 13.87
C PHE F 136 -54.52 20.73 14.04
N TRP F 137 -53.68 20.13 13.19
CA TRP F 137 -53.41 18.70 13.18
C TRP F 137 -52.08 18.43 13.88
N GLN F 138 -52.02 17.32 14.59
CA GLN F 138 -50.82 16.94 15.35
C GLN F 138 -50.23 15.66 14.78
N PRO F 139 -49.25 15.75 13.88
CA PRO F 139 -48.47 14.56 13.53
C PRO F 139 -47.52 14.19 14.66
N ILE F 140 -47.08 12.94 14.64
CA ILE F 140 -46.19 12.38 15.66
C ILE F 140 -46.91 12.34 17.00
N LYS F 141 -47.25 11.13 17.46
CA LYS F 141 -48.03 10.98 18.68
C LYS F 141 -47.29 11.52 19.90
N ARG F 142 -45.99 11.22 19.99
CA ARG F 142 -45.24 11.58 21.19
C ARG F 142 -45.09 13.09 21.35
N ARG F 143 -44.96 13.81 20.24
CA ARG F 143 -44.75 15.25 20.27
C ARG F 143 -46.10 15.95 20.29
N LYS F 144 -46.47 16.50 21.44
CA LYS F 144 -47.73 17.22 21.59
C LYS F 144 -47.61 18.71 21.27
N THR F 145 -46.40 19.20 21.01
CA THR F 145 -46.19 20.60 20.69
C THR F 145 -46.29 20.88 19.20
N LYS F 146 -45.89 19.92 18.36
CA LYS F 146 -45.90 20.09 16.91
C LYS F 146 -47.35 20.10 16.42
N LEU F 147 -47.87 21.29 16.16
CA LEU F 147 -49.22 21.48 15.62
C LEU F 147 -49.10 22.25 14.31
N ILE F 148 -49.60 21.66 13.22
CA ILE F 148 -49.51 22.25 11.90
C ILE F 148 -50.85 22.13 11.20
N LEU F 149 -51.09 23.02 10.25
CA LEU F 149 -52.25 22.90 9.38
C LEU F 149 -52.05 21.76 8.41
N SER F 150 -53.12 21.03 8.13
CA SER F 150 -53.08 19.89 7.22
C SER F 150 -53.69 20.30 5.89
N VAL F 151 -52.94 20.08 4.80
CA VAL F 151 -53.48 20.37 3.48
C VAL F 151 -54.61 19.39 3.19
N GLY F 152 -55.84 19.91 3.14
CA GLY F 152 -57.04 19.10 3.02
C GLY F 152 -57.72 18.95 4.36
N ALA F 153 -58.69 19.81 4.61
CA ALA F 153 -59.48 19.87 5.83
C ALA F 153 -60.55 20.93 5.63
N PRO F 154 -61.71 20.82 6.27
CA PRO F 154 -62.74 21.86 6.10
C PRO F 154 -62.31 23.23 6.60
N SER F 155 -61.34 23.31 7.51
CA SER F 155 -60.92 24.58 8.09
C SER F 155 -59.59 25.09 7.57
N SER F 156 -58.74 24.23 7.01
CA SER F 156 -57.43 24.67 6.56
C SER F 156 -57.47 25.76 5.49
N PRO F 157 -58.32 25.70 4.46
CA PRO F 157 -58.26 26.76 3.42
C PRO F 157 -58.53 28.15 3.95
N VAL F 158 -59.56 28.33 4.78
CA VAL F 158 -59.89 29.67 5.25
C VAL F 158 -58.82 30.19 6.21
N ILE F 159 -58.29 29.32 7.07
CA ILE F 159 -57.21 29.72 7.97
C ILE F 159 -55.98 30.12 7.18
N SER F 160 -55.66 29.37 6.12
CA SER F 160 -54.52 29.71 5.27
C SER F 160 -54.72 31.04 4.56
N ASN F 161 -55.94 31.29 4.07
CA ASN F 161 -56.23 32.57 3.43
C ASN F 161 -56.12 33.73 4.41
N PHE F 162 -56.61 33.53 5.63
CA PHE F 162 -56.55 34.60 6.63
C PHE F 162 -55.11 34.88 7.07
N CYS F 163 -54.31 33.82 7.25
CA CYS F 163 -52.94 34.00 7.71
C CYS F 163 -52.08 34.76 6.71
N MET F 164 -52.49 34.82 5.45
CA MET F 164 -51.79 35.57 4.42
C MET F 164 -52.48 36.89 4.09
N TYR F 165 -53.44 37.33 4.91
CA TYR F 165 -54.17 38.55 4.61
C TYR F 165 -53.26 39.77 4.62
N GLU F 166 -52.42 39.88 5.64
CA GLU F 166 -51.50 41.01 5.72
C GLU F 166 -50.46 40.95 4.60
N PHE F 167 -49.94 39.75 4.32
CA PHE F 167 -49.01 39.59 3.21
C PHE F 167 -49.66 39.96 1.89
N ASP F 168 -50.88 39.51 1.67
CA ASP F 168 -51.60 39.85 0.44
C ASP F 168 -51.81 41.35 0.33
N ASN F 169 -52.23 41.98 1.43
CA ASN F 169 -52.48 43.42 1.42
C ASN F 169 -51.21 44.20 1.10
N ARG F 170 -50.12 43.91 1.80
CA ARG F 170 -48.89 44.66 1.58
C ARG F 170 -48.32 44.40 0.19
N ILE F 171 -48.36 43.16 -0.29
CA ILE F 171 -47.85 42.85 -1.62
C ILE F 171 -48.67 43.54 -2.69
N HIS F 172 -50.01 43.52 -2.55
CA HIS F 172 -50.86 44.21 -3.51
C HIS F 172 -50.61 45.71 -3.51
N ALA F 173 -50.46 46.30 -2.32
CA ALA F 173 -50.19 47.74 -2.23
C ALA F 173 -48.87 48.09 -2.90
N ALA F 174 -47.84 47.26 -2.69
CA ALA F 174 -46.54 47.52 -3.31
C ALA F 174 -46.60 47.34 -4.82
N CYS F 175 -47.37 46.35 -5.28
CA CYS F 175 -47.40 46.04 -6.70
C CYS F 175 -48.24 47.03 -7.51
N LYS F 176 -49.33 47.55 -6.93
CA LYS F 176 -50.16 48.50 -7.67
C LYS F 176 -49.41 49.79 -7.96
N LYS F 177 -48.47 50.18 -7.10
CA LYS F 177 -47.70 51.40 -7.33
C LYS F 177 -46.80 51.26 -8.55
N VAL F 178 -46.23 50.08 -8.76
CA VAL F 178 -45.31 49.85 -9.87
C VAL F 178 -46.03 49.22 -11.07
N GLU F 179 -47.36 49.33 -11.12
CA GLU F 179 -48.16 48.82 -12.23
C GLU F 179 -47.96 47.31 -12.41
N ILE F 180 -48.09 46.57 -11.32
CA ILE F 180 -48.02 45.11 -11.31
C ILE F 180 -49.28 44.59 -10.62
N THR F 181 -49.94 43.63 -11.26
CA THR F 181 -51.10 42.96 -10.67
C THR F 181 -50.67 41.66 -10.03
N TYR F 182 -51.20 41.39 -8.83
CA TYR F 182 -50.77 40.26 -8.02
C TYR F 182 -51.98 39.43 -7.61
N THR F 183 -51.88 38.11 -7.81
CA THR F 183 -52.89 37.18 -7.35
C THR F 183 -52.20 35.98 -6.72
N ARG F 184 -52.93 35.29 -5.85
CA ARG F 184 -52.38 34.13 -5.14
C ARG F 184 -53.46 33.06 -5.04
N TYR F 185 -53.21 31.90 -5.63
CA TYR F 185 -54.08 30.75 -5.43
C TYR F 185 -53.59 29.87 -4.28
N ALA F 186 -53.30 30.53 -3.17
CA ALA F 186 -52.99 29.95 -1.86
C ALA F 186 -51.62 29.27 -1.82
N ASP F 187 -51.00 29.06 -2.97
CA ASP F 187 -49.59 28.70 -3.00
C ASP F 187 -48.85 29.27 -4.20
N ASP F 188 -49.49 30.03 -5.07
CA ASP F 188 -48.93 30.45 -6.35
C ASP F 188 -49.02 31.96 -6.44
N LEU F 189 -47.96 32.64 -6.01
CA LEU F 189 -47.88 34.09 -6.15
C LEU F 189 -47.65 34.43 -7.62
N THR F 190 -48.63 35.07 -8.24
CA THR F 190 -48.58 35.41 -9.66
C THR F 190 -48.47 36.92 -9.79
N PHE F 191 -47.40 37.38 -10.45
CA PHE F 191 -47.20 38.80 -10.72
C PHE F 191 -47.04 38.99 -12.23
N SER F 192 -47.75 39.96 -12.77
CA SER F 192 -47.66 40.24 -14.19
C SER F 192 -47.74 41.74 -14.43
N SER F 193 -47.08 42.19 -15.49
CA SER F 193 -47.03 43.61 -15.82
C SER F 193 -46.67 43.75 -17.29
N ASN F 194 -47.02 44.91 -17.85
CA ASN F 194 -46.64 45.28 -19.20
C ASN F 194 -45.36 46.10 -19.26
N ILE F 195 -44.79 46.44 -18.11
CA ILE F 195 -43.54 47.21 -18.04
C ILE F 195 -42.37 46.24 -18.03
N PRO F 196 -41.39 46.41 -18.91
CA PRO F 196 -40.23 45.51 -18.88
C PRO F 196 -39.32 45.81 -17.70
N ASP F 197 -38.61 44.77 -17.26
CA ASP F 197 -37.58 44.87 -16.23
C ASP F 197 -38.11 45.37 -14.89
N VAL F 198 -39.40 45.19 -14.65
CA VAL F 198 -40.00 45.61 -13.39
C VAL F 198 -40.22 44.45 -12.42
N LEU F 199 -40.26 43.20 -12.91
CA LEU F 199 -40.50 42.04 -12.07
C LEU F 199 -39.23 41.49 -11.44
N LYS F 200 -38.06 42.04 -11.77
CA LYS F 200 -36.80 41.54 -11.21
C LYS F 200 -36.71 41.73 -9.71
N ALA F 201 -37.22 42.86 -9.21
CA ALA F 201 -37.11 43.18 -7.78
C ALA F 201 -38.23 42.58 -6.94
N VAL F 202 -39.24 41.97 -7.56
CA VAL F 202 -40.37 41.40 -6.81
C VAL F 202 -39.91 40.28 -5.86
N PRO F 203 -39.08 39.32 -6.29
CA PRO F 203 -38.70 38.25 -5.35
C PRO F 203 -38.00 38.74 -4.08
N SER F 204 -37.15 39.76 -4.20
CA SER F 204 -36.50 40.31 -3.01
C SER F 204 -37.52 40.93 -2.07
N THR F 205 -38.51 41.65 -2.62
CA THR F 205 -39.58 42.20 -1.82
C THR F 205 -40.36 41.09 -1.11
N LEU F 206 -40.63 40.01 -1.83
CA LEU F 206 -41.33 38.87 -1.22
C LEU F 206 -40.53 38.30 -0.06
N GLU F 207 -39.22 38.10 -0.26
CA GLU F 207 -38.39 37.54 0.80
C GLU F 207 -38.35 38.44 2.03
N VAL F 208 -38.15 39.74 1.82
CA VAL F 208 -38.06 40.64 2.97
C VAL F 208 -39.41 40.76 3.68
N LEU F 209 -40.52 40.77 2.93
CA LEU F 209 -41.84 40.81 3.56
C LEU F 209 -42.13 39.54 4.34
N LEU F 210 -41.75 38.38 3.78
CA LEU F 210 -41.97 37.12 4.50
C LEU F 210 -41.14 37.08 5.78
N LYS F 211 -39.89 37.55 5.72
CA LYS F 211 -39.08 37.61 6.94
C LYS F 211 -39.68 38.58 7.95
N ASP F 212 -40.20 39.71 7.48
CA ASP F 212 -40.81 40.67 8.40
C ASP F 212 -42.05 40.10 9.07
N LEU F 213 -42.88 39.37 8.33
CA LEU F 213 -44.16 38.91 8.85
C LEU F 213 -44.04 37.58 9.59
N PHE F 214 -43.61 36.53 8.91
CA PHE F 214 -43.59 35.19 9.47
C PHE F 214 -42.21 34.75 9.95
N GLY F 215 -41.21 35.63 9.89
CA GLY F 215 -39.87 35.23 10.27
C GLY F 215 -39.33 34.15 9.35
N SER F 216 -38.88 33.05 9.95
CA SER F 216 -38.34 31.93 9.20
C SER F 216 -39.35 30.82 8.96
N ALA F 217 -40.60 31.01 9.38
CA ALA F 217 -41.59 29.95 9.27
C ALA F 217 -42.02 29.74 7.81
N LEU F 218 -42.29 30.82 7.09
CA LEU F 218 -42.69 30.76 5.69
C LEU F 218 -41.57 31.28 4.81
N ARG F 219 -41.21 30.51 3.81
CA ARG F 219 -40.13 30.86 2.89
C ARG F 219 -40.58 30.63 1.45
N LEU F 220 -39.98 31.39 0.54
CA LEU F 220 -40.21 31.17 -0.88
C LEU F 220 -39.49 29.92 -1.35
N ASN F 221 -40.04 29.31 -2.40
CA ASN F 221 -39.38 28.19 -3.08
C ASN F 221 -38.58 28.78 -4.23
N HIS F 222 -37.27 28.91 -4.04
CA HIS F 222 -36.42 29.57 -5.03
C HIS F 222 -36.36 28.77 -6.33
N SER F 223 -36.47 27.44 -6.26
CA SER F 223 -36.50 26.63 -7.46
C SER F 223 -37.80 26.77 -8.23
N LYS F 224 -38.84 27.37 -7.63
CA LYS F 224 -40.14 27.53 -8.26
C LYS F 224 -40.40 28.95 -8.70
N THR F 225 -39.38 29.80 -8.73
CA THR F 225 -39.51 31.18 -9.21
C THR F 225 -39.22 31.17 -10.71
N VAL F 226 -40.24 31.48 -11.51
CA VAL F 226 -40.16 31.38 -12.96
C VAL F 226 -40.50 32.72 -13.58
N PHE F 227 -39.66 33.17 -14.50
CA PHE F 227 -39.93 34.35 -15.32
C PHE F 227 -40.37 33.88 -16.69
N SER F 228 -41.46 34.44 -17.20
CA SER F 228 -41.99 34.07 -18.50
C SER F 228 -42.42 35.31 -19.26
N SER F 229 -42.46 35.20 -20.58
CA SER F 229 -42.84 36.29 -21.47
C SER F 229 -43.60 35.69 -22.64
N LYS F 230 -44.04 36.57 -23.55
CA LYS F 230 -44.74 36.10 -24.74
C LYS F 230 -43.84 35.33 -25.69
N ALA F 231 -42.52 35.35 -25.47
CA ALA F 231 -41.61 34.51 -26.25
C ALA F 231 -41.68 33.05 -25.83
N HIS F 232 -42.21 32.75 -24.65
CA HIS F 232 -42.22 31.41 -24.12
C HIS F 232 -43.65 31.05 -23.70
N ASN F 233 -43.80 29.87 -23.11
CA ASN F 233 -45.10 29.43 -22.62
C ASN F 233 -45.53 30.27 -21.43
N ARG F 234 -46.82 30.60 -21.39
CA ARG F 234 -47.39 31.39 -20.29
C ARG F 234 -48.67 30.71 -19.84
N HIS F 235 -48.65 30.10 -18.66
CA HIS F 235 -49.84 29.50 -18.08
C HIS F 235 -49.93 29.89 -16.61
N VAL F 236 -51.15 30.21 -16.16
CA VAL F 236 -51.42 30.54 -14.78
C VAL F 236 -52.36 29.48 -14.22
N THR F 237 -51.92 28.80 -13.16
CA THR F 237 -52.66 27.76 -12.45
C THR F 237 -53.45 26.84 -13.38
N GLY F 238 -52.84 26.45 -14.50
CA GLY F 238 -53.42 25.46 -15.39
C GLY F 238 -54.05 25.99 -16.66
N ILE F 239 -54.19 27.31 -16.80
CA ILE F 239 -54.78 27.92 -17.98
C ILE F 239 -53.68 28.62 -18.77
N THR F 240 -53.49 28.22 -20.02
CA THR F 240 -52.50 28.85 -20.87
C THR F 240 -52.99 30.22 -21.31
N ILE F 241 -52.08 31.19 -21.32
CA ILE F 241 -52.35 32.54 -21.81
C ILE F 241 -51.72 32.66 -23.20
N ASN F 242 -52.55 32.98 -24.18
CA ASN F 242 -52.12 32.99 -25.57
C ASN F 242 -51.31 34.25 -25.87
N ASN F 243 -50.66 34.24 -27.04
CA ASN F 243 -50.07 35.47 -27.57
C ASN F 243 -51.12 36.47 -28.02
N GLU F 244 -52.38 36.05 -28.11
CA GLU F 244 -53.50 36.95 -28.37
C GLU F 244 -54.13 37.46 -27.08
N GLU F 245 -53.49 37.19 -25.92
CA GLU F 245 -53.94 37.66 -24.62
C GLU F 245 -55.36 37.18 -24.29
N THR F 246 -55.59 35.89 -24.52
CA THR F 246 -56.86 35.26 -24.18
C THR F 246 -56.60 33.91 -23.52
N LEU F 247 -57.55 33.47 -22.71
CA LEU F 247 -57.41 32.20 -22.00
C LEU F 247 -57.54 31.03 -22.96
N SER F 248 -56.79 29.96 -22.66
CA SER F 248 -56.79 28.77 -23.48
C SER F 248 -56.44 27.56 -22.64
N LEU F 249 -56.81 26.38 -23.15
CA LEU F 249 -56.47 25.11 -22.53
C LEU F 249 -55.09 24.61 -22.94
N GLY F 250 -54.47 25.20 -23.94
CA GLY F 250 -53.25 24.68 -24.50
C GLY F 250 -53.52 23.88 -25.76
N ARG F 251 -52.60 23.95 -26.73
CA ARG F 251 -52.81 23.23 -27.98
C ARG F 251 -52.80 21.72 -27.76
N ASP F 252 -51.90 21.23 -26.89
CA ASP F 252 -51.79 19.79 -26.67
C ASP F 252 -53.08 19.22 -26.06
N ARG F 253 -53.63 19.90 -25.06
CA ARG F 253 -54.87 19.42 -24.45
C ARG F 253 -56.03 19.49 -25.44
N LYS F 254 -56.06 20.53 -26.27
CA LYS F 254 -57.11 20.63 -27.29
C LYS F 254 -57.01 19.49 -28.30
N ARG F 255 -55.80 19.14 -28.71
CA ARG F 255 -55.62 18.01 -29.64
C ARG F 255 -55.99 16.69 -28.96
N PHE F 256 -55.68 16.55 -27.67
CA PHE F 256 -56.11 15.36 -26.92
C PHE F 256 -57.63 15.26 -26.88
N ILE F 257 -58.31 16.37 -26.64
CA ILE F 257 -59.77 16.37 -26.62
C ILE F 257 -60.32 16.05 -28.00
N LYS F 258 -59.70 16.59 -29.05
CA LYS F 258 -60.12 16.29 -30.40
C LYS F 258 -59.98 14.80 -30.71
N HIS F 259 -58.87 14.20 -30.28
CA HIS F 259 -58.69 12.77 -30.48
C HIS F 259 -59.74 11.97 -29.72
N LEU F 260 -60.06 12.38 -28.50
CA LEU F 260 -61.08 11.68 -27.73
C LEU F 260 -62.44 11.76 -28.41
N ILE F 261 -62.79 12.93 -28.94
CA ILE F 261 -64.07 13.08 -29.64
C ILE F 261 -64.06 12.25 -30.92
N ASN F 262 -62.92 12.18 -31.61
CA ASN F 262 -62.82 11.36 -32.81
C ASN F 262 -63.00 9.88 -32.48
N GLN F 263 -62.40 9.44 -31.38
CA GLN F 263 -62.59 8.05 -30.94
C GLN F 263 -64.05 7.78 -30.60
N TYR F 264 -64.72 8.73 -29.94
CA TYR F 264 -66.14 8.58 -29.68
C TYR F 264 -66.95 8.56 -30.97
N LYS F 265 -66.46 9.23 -32.01
CA LYS F 265 -67.19 9.27 -33.29
C LYS F 265 -67.32 7.88 -33.90
N TYR F 266 -66.26 7.09 -33.84
CA TYR F 266 -66.26 5.73 -34.38
C TYR F 266 -66.57 4.68 -33.34
N GLY F 267 -66.98 5.08 -32.14
CA GLY F 267 -67.33 4.13 -31.10
C GLY F 267 -66.18 3.30 -30.57
N LEU F 268 -65.00 3.88 -30.46
CA LEU F 268 -63.83 3.21 -29.88
C LEU F 268 -63.52 3.71 -28.48
N LEU F 269 -64.44 4.43 -27.85
CA LEU F 269 -64.24 5.02 -26.54
C LEU F 269 -65.11 4.32 -25.52
N ASP F 270 -64.50 3.83 -24.45
CA ASP F 270 -65.23 3.10 -23.42
C ASP F 270 -65.92 4.06 -22.47
N ASN F 271 -66.65 3.50 -21.50
CA ASN F 271 -67.46 4.32 -20.60
C ASN F 271 -66.61 5.21 -19.71
N GLU F 272 -65.49 4.68 -19.20
CA GLU F 272 -64.62 5.49 -18.34
C GLU F 272 -64.04 6.68 -19.10
N ASP F 273 -63.50 6.42 -20.29
CA ASP F 273 -62.97 7.51 -21.11
C ASP F 273 -64.07 8.43 -21.58
N LYS F 274 -65.28 7.92 -21.80
CA LYS F 274 -66.40 8.78 -22.19
C LYS F 274 -66.75 9.75 -21.06
N ALA F 275 -66.80 9.26 -19.82
CA ALA F 275 -67.08 10.13 -18.69
C ALA F 275 -65.96 11.15 -18.50
N TYR F 276 -64.71 10.72 -18.67
CA TYR F 276 -63.58 11.64 -18.58
C TYR F 276 -63.69 12.72 -19.65
N LEU F 277 -64.07 12.34 -20.87
CA LEU F 277 -64.24 13.31 -21.95
C LEU F 277 -65.36 14.28 -21.66
N ILE F 278 -66.47 13.80 -21.08
CA ILE F 278 -67.58 14.68 -20.73
C ILE F 278 -67.14 15.70 -19.68
N GLY F 279 -66.40 15.24 -18.66
CA GLY F 279 -65.88 16.16 -17.66
C GLY F 279 -64.92 17.18 -18.25
N LEU F 280 -64.03 16.72 -19.13
CA LEU F 280 -63.09 17.63 -19.78
C LEU F 280 -63.83 18.64 -20.65
N LEU F 281 -64.89 18.22 -21.32
CA LEU F 281 -65.66 19.14 -22.17
C LEU F 281 -66.39 20.17 -21.32
N ALA F 282 -66.92 19.78 -20.18
CA ALA F 282 -67.53 20.75 -19.27
C ALA F 282 -66.49 21.75 -18.77
N PHE F 283 -65.30 21.26 -18.40
CA PHE F 283 -64.24 22.16 -17.96
C PHE F 283 -63.82 23.11 -19.08
N ALA F 284 -63.75 22.60 -20.31
CA ALA F 284 -63.42 23.42 -21.46
C ALA F 284 -64.48 24.49 -21.70
N SER F 285 -65.76 24.11 -21.58
CA SER F 285 -66.83 25.10 -21.74
C SER F 285 -66.72 26.19 -20.68
N HIS F 286 -66.32 25.80 -19.46
CA HIS F 286 -66.06 26.82 -18.44
C HIS F 286 -64.90 27.72 -18.83
N ILE F 287 -63.81 27.14 -19.34
CA ILE F 287 -62.59 27.91 -19.58
C ILE F 287 -62.58 28.52 -20.98
N GLU F 288 -62.85 27.72 -22.00
CA GLU F 288 -62.77 28.13 -23.40
C GLU F 288 -64.10 27.85 -24.08
N PRO F 289 -65.07 28.76 -23.95
CA PRO F 289 -66.37 28.53 -24.61
C PRO F 289 -66.27 28.41 -26.13
N SER F 290 -65.32 29.10 -26.75
CA SER F 290 -65.17 29.03 -28.21
C SER F 290 -64.70 27.66 -28.66
N PHE F 291 -63.99 26.91 -27.80
CA PHE F 291 -63.57 25.57 -28.17
C PHE F 291 -64.77 24.65 -28.37
N ILE F 292 -65.82 24.83 -27.58
CA ILE F 292 -67.03 24.04 -27.75
C ILE F 292 -67.66 24.32 -29.11
N THR F 293 -67.72 25.59 -29.50
CA THR F 293 -68.26 25.94 -30.81
C THR F 293 -67.41 25.37 -31.93
N ARG F 294 -66.08 25.44 -31.79
CA ARG F 294 -65.18 24.88 -32.80
C ARG F 294 -65.38 23.38 -32.93
N MET F 295 -65.54 22.68 -31.80
CA MET F 295 -65.78 21.24 -31.85
C MET F 295 -67.15 20.92 -32.43
N ASN F 296 -68.14 21.77 -32.17
CA ASN F 296 -69.45 21.57 -32.79
C ASN F 296 -69.36 21.70 -34.30
N GLU F 297 -68.59 22.68 -34.78
CA GLU F 297 -68.40 22.84 -36.22
C GLU F 297 -67.63 21.67 -36.83
N LYS F 298 -66.56 21.24 -36.16
CA LYS F 298 -65.69 20.21 -36.72
C LYS F 298 -66.34 18.83 -36.68
N TYR F 299 -66.95 18.48 -35.55
CA TYR F 299 -67.47 17.14 -35.32
C TYR F 299 -69.00 17.08 -35.39
N SER F 300 -69.63 18.06 -36.05
CA SER F 300 -71.08 18.14 -36.21
C SER F 300 -71.78 18.41 -34.88
N LEU F 301 -72.94 19.06 -34.94
CA LEU F 301 -73.64 19.42 -33.72
C LEU F 301 -74.33 18.22 -33.08
N GLU F 302 -74.85 17.30 -33.90
CA GLU F 302 -75.59 16.17 -33.36
C GLU F 302 -74.69 15.20 -32.61
N LEU F 303 -73.46 14.98 -33.10
CA LEU F 303 -72.52 14.13 -32.39
C LEU F 303 -72.17 14.70 -31.03
N MET F 304 -71.90 16.01 -30.98
CA MET F 304 -71.60 16.66 -29.70
C MET F 304 -72.80 16.59 -28.77
N GLU F 305 -74.01 16.82 -29.28
CA GLU F 305 -75.21 16.77 -28.45
C GLU F 305 -75.41 15.38 -27.86
N ARG F 306 -75.21 14.34 -28.68
CA ARG F 306 -75.33 12.98 -28.16
C ARG F 306 -74.23 12.67 -27.15
N LEU F 307 -73.05 13.23 -27.34
CA LEU F 307 -71.95 12.98 -26.40
C LEU F 307 -72.22 13.63 -25.04
N ARG F 308 -72.63 14.90 -25.04
CA ARG F 308 -72.92 15.58 -23.78
C ARG F 308 -74.24 15.13 -23.15
N GLY F 309 -75.13 14.53 -23.94
CA GLY F 309 -76.42 14.11 -23.42
C GLY F 309 -77.45 15.20 -23.44
N GLN F 310 -78.66 14.84 -23.01
CA GLN F 310 -79.79 15.75 -22.96
C GLN F 310 -80.44 15.70 -21.59
N ARG F 311 -81.08 16.80 -21.21
CA ARG F 311 -81.77 16.88 -19.93
C ARG F 311 -83.22 16.43 -20.07
N MET G 1 70.01 -16.39 45.37
CA MET G 1 70.35 -16.14 43.98
C MET G 1 71.15 -17.32 43.41
N SER G 2 70.48 -18.17 42.63
CA SER G 2 71.14 -19.33 42.06
C SER G 2 70.98 -19.37 40.54
N VAL G 3 69.86 -18.86 40.04
CA VAL G 3 69.61 -18.90 38.60
C VAL G 3 70.58 -17.98 37.87
N ILE G 4 70.76 -16.75 38.37
CA ILE G 4 71.63 -15.79 37.70
C ILE G 4 73.08 -16.27 37.69
N ARG G 5 73.57 -16.75 38.84
CA ARG G 5 74.95 -17.22 38.90
C ARG G 5 75.16 -18.48 38.07
N GLY G 6 74.16 -19.35 37.98
CA GLY G 6 74.29 -20.54 37.15
C GLY G 6 74.39 -20.20 35.68
N LEU G 7 73.57 -19.26 35.21
CA LEU G 7 73.66 -18.83 33.82
C LEU G 7 74.98 -18.12 33.55
N ALA G 8 75.45 -17.31 34.51
CA ALA G 8 76.69 -16.58 34.32
C ALA G 8 77.88 -17.52 34.14
N ALA G 9 77.92 -18.60 34.92
CA ALA G 9 79.01 -19.56 34.79
C ALA G 9 79.00 -20.23 33.43
N VAL G 10 77.82 -20.62 32.94
CA VAL G 10 77.74 -21.30 31.65
C VAL G 10 78.05 -20.34 30.51
N LEU G 11 77.48 -19.14 30.55
CA LEU G 11 77.61 -18.20 29.45
C LEU G 11 78.89 -17.36 29.52
N ARG G 12 79.63 -17.43 30.63
CA ARG G 12 80.90 -16.74 30.79
C ARG G 12 80.73 -15.22 30.61
N GLN G 13 79.89 -14.65 31.46
CA GLN G 13 79.67 -13.21 31.44
C GLN G 13 79.17 -12.75 32.81
N SER G 14 79.30 -11.45 33.05
CA SER G 14 78.94 -10.89 34.35
C SER G 14 77.42 -10.84 34.53
N ASP G 15 77.01 -10.75 35.79
CA ASP G 15 75.59 -10.69 36.10
C ASP G 15 74.96 -9.39 35.60
N SER G 16 75.71 -8.29 35.61
CA SER G 16 75.17 -7.01 35.16
C SER G 16 74.78 -7.06 33.69
N ASP G 17 75.60 -7.70 32.86
CA ASP G 17 75.25 -7.86 31.45
C ASP G 17 74.00 -8.71 31.28
N ILE G 18 73.89 -9.78 32.08
CA ILE G 18 72.69 -10.62 32.03
C ILE G 18 71.46 -9.84 32.48
N SER G 19 71.60 -9.08 33.57
CA SER G 19 70.47 -8.32 34.09
C SER G 19 70.00 -7.26 33.09
N ALA G 20 70.95 -6.61 32.42
CA ALA G 20 70.58 -5.65 31.38
C ALA G 20 69.89 -6.34 30.21
N PHE G 21 70.28 -7.57 29.92
CA PHE G 21 69.64 -8.31 28.83
C PHE G 21 68.25 -8.78 29.23
N LEU G 22 68.06 -9.16 30.48
CA LEU G 22 66.82 -9.80 30.92
C LEU G 22 65.76 -8.78 31.35
N VAL G 23 65.84 -7.55 30.87
CA VAL G 23 64.81 -6.55 31.13
C VAL G 23 63.93 -6.33 29.91
N THR G 24 64.45 -6.53 28.71
CA THR G 24 63.68 -6.42 27.47
C THR G 24 63.68 -7.76 26.74
N ALA G 25 64.14 -8.81 27.42
CA ALA G 25 64.17 -10.14 26.82
C ALA G 25 62.81 -10.62 26.30
N PRO G 26 61.69 -10.43 27.01
CA PRO G 26 60.40 -10.86 26.44
C PRO G 26 60.05 -10.15 25.15
N ARG G 27 60.72 -9.04 24.85
CA ARG G 27 60.49 -8.29 23.62
C ARG G 27 61.54 -8.54 22.55
N LYS G 28 62.67 -9.17 22.89
CA LYS G 28 63.74 -9.40 21.93
C LYS G 28 63.39 -10.62 21.06
N TYR G 29 62.35 -10.44 20.26
CA TYR G 29 61.88 -11.44 19.33
C TYR G 29 61.63 -10.79 17.97
N LYS G 30 61.86 -11.55 16.91
CA LYS G 30 61.59 -11.10 15.55
C LYS G 30 60.45 -11.92 14.99
N VAL G 31 59.37 -11.25 14.62
CA VAL G 31 58.16 -11.90 14.12
C VAL G 31 58.18 -11.87 12.60
N TYR G 32 57.96 -13.03 11.98
CA TYR G 32 57.99 -13.13 10.53
C TYR G 32 57.06 -14.25 10.10
N LYS G 33 56.76 -14.28 8.81
CA LYS G 33 55.82 -15.22 8.23
C LYS G 33 56.57 -16.27 7.42
N ILE G 34 56.18 -17.53 7.60
CA ILE G 34 56.73 -18.64 6.81
C ILE G 34 55.61 -19.20 5.94
N PRO G 35 55.88 -19.58 4.69
CA PRO G 35 54.80 -20.02 3.80
C PRO G 35 54.20 -21.34 4.24
N LYS G 36 52.86 -21.42 4.17
CA LYS G 36 52.16 -22.66 4.41
C LYS G 36 52.27 -23.56 3.19
N ARG G 37 52.09 -24.87 3.42
CA ARG G 37 52.20 -25.83 2.32
C ARG G 37 51.11 -25.61 1.29
N THR G 38 49.87 -25.44 1.73
CA THR G 38 48.76 -25.23 0.80
C THR G 38 48.64 -23.77 0.39
N THR G 39 48.36 -22.90 1.36
CA THR G 39 48.10 -21.48 1.09
C THR G 39 48.17 -20.73 2.42
N GLY G 40 48.76 -19.54 2.39
CA GLY G 40 48.82 -18.69 3.57
C GLY G 40 50.22 -18.65 4.16
N PHE G 41 50.29 -18.00 5.32
CA PHE G 41 51.55 -17.82 6.05
C PHE G 41 51.32 -18.07 7.52
N ARG G 42 52.35 -18.60 8.18
CA ARG G 42 52.32 -18.84 9.62
C ARG G 42 53.13 -17.79 10.34
N VAL G 43 52.57 -17.25 11.42
CA VAL G 43 53.22 -16.22 12.22
C VAL G 43 54.01 -16.90 13.34
N ILE G 44 55.33 -16.71 13.32
CA ILE G 44 56.22 -17.31 14.31
C ILE G 44 57.23 -16.27 14.76
N ALA G 45 57.63 -16.36 16.03
CA ALA G 45 58.54 -15.40 16.65
C ALA G 45 59.84 -16.10 17.02
N GLN G 46 60.96 -15.51 16.60
CA GLN G 46 62.28 -16.07 16.86
C GLN G 46 63.05 -15.15 17.79
N PRO G 47 63.63 -15.67 18.87
CA PRO G 47 64.43 -14.84 19.77
C PRO G 47 65.77 -14.50 19.15
N ALA G 48 66.47 -13.56 19.79
CA ALA G 48 67.77 -13.10 19.29
C ALA G 48 68.87 -14.07 19.69
N LYS G 49 70.11 -13.72 19.30
CA LYS G 49 71.26 -14.57 19.61
C LYS G 49 71.50 -14.66 21.11
N GLY G 50 71.51 -13.52 21.80
CA GLY G 50 71.77 -13.54 23.23
C GLY G 50 70.69 -14.22 24.02
N LEU G 51 69.43 -14.03 23.63
CA LEU G 51 68.33 -14.66 24.34
C LEU G 51 68.31 -16.17 24.11
N LYS G 52 68.71 -16.61 22.92
CA LYS G 52 68.74 -18.05 22.64
C LYS G 52 69.72 -18.77 23.55
N ASP G 53 70.92 -18.21 23.72
CA ASP G 53 71.93 -18.87 24.55
C ASP G 53 71.47 -18.99 26.00
N ILE G 54 70.83 -17.95 26.53
CA ILE G 54 70.31 -18.02 27.88
C ILE G 54 69.23 -19.09 27.98
N GLN G 55 68.34 -19.16 26.98
CA GLN G 55 67.27 -20.15 27.01
C GLN G 55 67.82 -21.57 26.94
N ARG G 56 68.81 -21.81 26.09
CA ARG G 56 69.43 -23.13 26.02
C ARG G 56 70.13 -23.47 27.33
N ALA G 57 70.79 -22.48 27.94
CA ALA G 57 71.45 -22.71 29.23
C ALA G 57 70.43 -23.07 30.31
N PHE G 58 69.27 -22.41 30.29
CA PHE G 58 68.23 -22.72 31.27
C PHE G 58 67.77 -24.16 31.15
N VAL G 59 67.61 -24.65 29.92
CA VAL G 59 67.19 -26.03 29.70
C VAL G 59 68.24 -27.00 30.24
N GLN G 60 69.52 -26.72 29.99
CA GLN G 60 70.58 -27.64 30.41
C GLN G 60 70.71 -27.67 31.93
N LEU G 61 70.67 -26.51 32.59
CA LEU G 61 70.90 -26.47 34.03
C LEU G 61 69.75 -27.12 34.80
N TYR G 62 68.51 -26.76 34.47
CA TYR G 62 67.34 -27.29 35.16
C TYR G 62 66.60 -28.23 34.22
N SER G 63 66.40 -29.46 34.65
CA SER G 63 65.73 -30.49 33.85
C SER G 63 64.32 -30.69 34.39
N LEU G 64 63.34 -30.09 33.70
CA LEU G 64 61.96 -30.28 34.10
C LEU G 64 61.52 -31.71 33.80
N PRO G 65 60.70 -32.32 34.66
CA PRO G 65 60.25 -33.69 34.40
C PRO G 65 59.29 -33.75 33.23
N VAL G 66 59.46 -34.76 32.39
CA VAL G 66 58.61 -34.98 31.22
C VAL G 66 58.16 -36.43 31.23
N HIS G 67 56.86 -36.62 31.04
CA HIS G 67 56.30 -37.98 31.01
C HIS G 67 56.80 -38.73 29.79
N ASP G 68 56.98 -40.03 29.94
CA ASP G 68 57.48 -40.89 28.87
C ASP G 68 56.34 -41.38 27.98
N ALA G 69 55.48 -40.44 27.55
CA ALA G 69 54.43 -40.73 26.59
C ALA G 69 54.29 -39.68 25.51
N SER G 70 54.91 -38.51 25.66
CA SER G 70 54.89 -37.45 24.66
C SER G 70 56.27 -37.42 24.00
N MET G 71 56.42 -38.19 22.93
CA MET G 71 57.71 -38.33 22.26
C MET G 71 57.94 -37.21 21.24
N ALA G 72 57.81 -35.98 21.72
CA ALA G 72 58.12 -34.79 20.94
C ALA G 72 59.19 -33.98 21.67
N TYR G 73 60.14 -33.45 20.90
CA TYR G 73 61.16 -32.55 21.43
C TYR G 73 62.04 -33.20 22.50
N MET G 74 62.41 -34.47 22.30
CA MET G 74 63.39 -35.10 23.16
C MET G 74 64.23 -36.07 22.36
N LYS G 75 65.42 -36.36 22.89
CA LYS G 75 66.40 -37.18 22.19
C LYS G 75 65.96 -38.65 22.15
N GLY G 76 66.33 -39.32 21.06
CA GLY G 76 66.05 -40.73 20.91
C GLY G 76 64.65 -41.08 20.49
N LYS G 77 63.80 -40.09 20.24
CA LYS G 77 62.41 -40.33 19.87
C LYS G 77 62.04 -39.42 18.71
N GLY G 78 61.12 -39.88 17.88
CA GLY G 78 60.66 -39.11 16.74
C GLY G 78 59.26 -39.48 16.32
N ILE G 79 58.86 -39.08 15.11
CA ILE G 79 57.55 -39.44 14.61
C ILE G 79 57.45 -40.93 14.33
N ARG G 80 58.58 -41.59 14.06
CA ARG G 80 58.56 -43.03 13.86
C ARG G 80 58.12 -43.76 15.12
N ASP G 81 58.63 -43.33 16.28
CA ASP G 81 58.20 -43.94 17.53
C ASP G 81 56.77 -43.56 17.88
N ASN G 82 56.35 -42.34 17.49
CA ASN G 82 54.99 -41.90 17.78
C ASN G 82 53.96 -42.75 17.03
N ALA G 83 54.26 -43.08 15.76
CA ALA G 83 53.32 -43.84 14.94
C ALA G 83 53.43 -45.34 15.17
N ALA G 84 54.60 -45.85 15.56
CA ALA G 84 54.76 -47.28 15.77
C ALA G 84 53.94 -47.79 16.94
N ALA G 85 53.62 -46.92 17.90
CA ALA G 85 52.82 -47.36 19.05
C ALA G 85 51.38 -47.65 18.65
N HIS G 86 50.83 -46.92 17.69
CA HIS G 86 49.46 -47.08 17.26
C HIS G 86 49.30 -47.96 16.04
N ALA G 87 50.39 -48.56 15.55
CA ALA G 87 50.30 -49.40 14.35
C ALA G 87 49.44 -50.62 14.59
N GLY G 88 49.57 -51.26 15.75
CA GLY G 88 48.83 -52.49 16.01
C GLY G 88 47.32 -52.27 16.11
N ASN G 89 46.90 -51.22 16.81
CA ASN G 89 45.48 -50.98 17.02
C ASN G 89 44.80 -50.57 15.70
N GLN G 90 43.57 -51.02 15.53
CA GLN G 90 42.83 -50.75 14.31
C GLN G 90 42.00 -49.48 14.39
N TYR G 91 41.49 -49.14 15.57
CA TYR G 91 40.67 -47.94 15.74
C TYR G 91 41.55 -46.79 16.21
N LEU G 92 41.46 -45.66 15.52
CA LEU G 92 42.31 -44.51 15.79
C LEU G 92 41.47 -43.28 16.10
N LEU G 93 41.88 -42.54 17.11
CA LEU G 93 41.29 -41.25 17.45
C LEU G 93 42.40 -40.25 17.71
N LYS G 94 42.36 -39.12 17.02
CA LYS G 94 43.36 -38.06 17.16
C LYS G 94 42.67 -36.73 17.41
N ALA G 95 42.76 -36.25 18.65
CA ALA G 95 42.28 -34.93 18.98
C ALA G 95 43.42 -33.92 18.93
N ASP G 96 43.06 -32.65 18.90
CA ASP G 96 44.03 -31.57 18.86
C ASP G 96 43.59 -30.46 19.79
N LEU G 97 44.56 -29.72 20.33
CA LEU G 97 44.29 -28.61 21.21
C LEU G 97 44.09 -27.33 20.41
N GLU G 98 43.84 -26.23 21.11
CA GLU G 98 43.81 -24.91 20.49
C GLU G 98 45.26 -24.48 20.25
N ASP G 99 45.48 -23.19 19.97
CA ASP G 99 46.85 -22.69 19.91
C ASP G 99 47.63 -23.11 21.15
N PHE G 100 48.65 -23.94 20.95
CA PHE G 100 49.26 -24.65 22.06
C PHE G 100 50.28 -23.79 22.79
N PHE G 101 51.35 -23.40 22.10
CA PHE G 101 52.38 -22.58 22.74
C PHE G 101 51.83 -21.18 23.03
N ASN G 102 50.89 -20.71 22.22
CA ASN G 102 50.29 -19.39 22.41
C ASN G 102 49.17 -19.39 23.44
N SER G 103 49.11 -20.40 24.32
CA SER G 103 48.14 -20.42 25.41
C SER G 103 48.76 -20.70 26.76
N ILE G 104 50.08 -20.90 26.84
CA ILE G 104 50.74 -21.22 28.10
C ILE G 104 51.26 -19.91 28.69
N THR G 105 50.58 -19.43 29.73
CA THR G 105 50.96 -18.23 30.45
C THR G 105 51.85 -18.57 31.63
N PRO G 106 52.60 -17.59 32.16
CA PRO G 106 53.41 -17.86 33.36
C PRO G 106 52.59 -18.32 34.55
N ALA G 107 51.33 -17.90 34.65
CA ALA G 107 50.48 -18.40 35.73
C ALA G 107 50.27 -19.90 35.62
N ILE G 108 50.09 -20.41 34.40
CA ILE G 108 49.99 -21.85 34.19
C ILE G 108 51.30 -22.52 34.54
N PHE G 109 52.43 -21.94 34.11
CA PHE G 109 53.72 -22.55 34.34
C PHE G 109 54.04 -22.67 35.83
N TRP G 110 53.78 -21.59 36.58
CA TRP G 110 54.08 -21.63 38.01
C TRP G 110 53.15 -22.57 38.75
N ARG G 111 51.87 -22.61 38.34
CA ARG G 111 50.93 -23.52 38.98
C ARG G 111 51.31 -24.97 38.73
N CYS G 112 51.89 -25.28 37.58
CA CYS G 112 52.35 -26.64 37.31
C CYS G 112 53.60 -26.98 38.11
N ILE G 113 54.40 -25.98 38.46
CA ILE G 113 55.58 -26.22 39.29
C ILE G 113 55.18 -26.74 40.66
N GLU G 114 54.14 -26.14 41.25
CA GLU G 114 53.78 -26.47 42.63
C GLU G 114 53.18 -27.86 42.74
N MET G 115 52.25 -28.20 41.84
CA MET G 115 51.48 -29.43 41.94
C MET G 115 52.02 -30.55 41.05
N SER G 116 53.28 -30.46 40.64
CA SER G 116 53.89 -31.52 39.86
C SER G 116 54.23 -32.70 40.75
N SER G 117 53.80 -33.90 40.34
CA SER G 117 54.06 -35.09 41.14
C SER G 117 55.54 -35.44 41.16
N ALA G 118 56.22 -35.25 40.04
CA ALA G 118 57.63 -35.60 39.95
C ALA G 118 58.50 -34.55 40.64
N GLN G 119 59.80 -34.82 40.69
CA GLN G 119 60.76 -33.96 41.37
C GLN G 119 61.06 -32.74 40.51
N THR G 120 60.27 -31.69 40.70
CA THR G 120 60.52 -30.42 40.03
C THR G 120 61.66 -29.68 40.72
N PRO G 121 62.64 -29.18 39.97
CA PRO G 121 63.72 -28.41 40.60
C PRO G 121 63.18 -27.17 41.31
N GLN G 122 63.78 -26.86 42.45
CA GLN G 122 63.34 -25.72 43.26
C GLN G 122 63.76 -24.41 42.60
N PHE G 123 62.88 -23.42 42.66
CA PHE G 123 63.15 -22.09 42.12
C PHE G 123 63.05 -21.07 43.24
N GLU G 124 64.04 -20.18 43.32
CA GLU G 124 64.06 -19.17 44.35
C GLU G 124 62.92 -18.17 44.13
N PRO G 125 62.24 -17.75 45.20
CA PRO G 125 61.14 -16.79 45.03
C PRO G 125 61.55 -15.50 44.35
N GLN G 126 62.75 -15.01 44.58
CA GLN G 126 63.22 -13.80 43.92
C GLN G 126 63.69 -14.06 42.49
N ASP G 127 63.80 -15.32 42.08
CA ASP G 127 64.16 -15.67 40.72
C ASP G 127 62.93 -15.92 39.84
N LYS G 128 61.73 -15.86 40.40
CA LYS G 128 60.52 -16.10 39.60
C LYS G 128 60.34 -15.03 38.53
N LEU G 129 60.60 -13.76 38.87
CA LEU G 129 60.45 -12.69 37.90
C LEU G 129 61.45 -12.83 36.76
N PHE G 130 62.70 -13.22 37.08
CA PHE G 130 63.71 -13.42 36.04
C PHE G 130 63.32 -14.57 35.11
N ILE G 131 62.80 -15.66 35.67
CA ILE G 131 62.41 -16.81 34.87
C ILE G 131 61.29 -16.44 33.90
N GLU G 132 60.31 -15.68 34.38
CA GLU G 132 59.19 -15.27 33.52
C GLU G 132 59.67 -14.47 32.33
N LYS G 133 60.73 -13.69 32.49
CA LYS G 133 61.25 -12.87 31.42
C LYS G 133 62.31 -13.57 30.59
N ILE G 134 62.64 -14.81 30.91
CA ILE G 134 63.60 -15.60 30.13
C ILE G 134 62.90 -16.48 29.12
N LEU G 135 61.86 -17.19 29.55
CA LEU G 135 61.21 -18.20 28.71
C LEU G 135 60.06 -17.64 27.89
N PHE G 136 59.28 -16.72 28.46
CA PHE G 136 58.05 -16.27 27.84
C PHE G 136 58.28 -15.07 26.92
N TRP G 137 57.31 -14.84 26.05
CA TRP G 137 57.39 -13.82 25.01
C TRP G 137 56.25 -12.83 25.16
N GLN G 138 56.55 -11.55 24.96
CA GLN G 138 55.54 -10.51 25.00
C GLN G 138 55.14 -10.14 23.58
N PRO G 139 53.93 -10.47 23.13
CA PRO G 139 53.60 -10.23 21.72
C PRO G 139 53.33 -8.78 21.40
N ILE G 140 52.74 -8.02 22.32
CA ILE G 140 52.36 -6.63 22.09
C ILE G 140 53.02 -5.76 23.16
N LYS G 141 53.49 -4.58 22.74
CA LYS G 141 54.18 -3.69 23.66
C LYS G 141 53.23 -3.05 24.66
N ARG G 142 51.97 -2.86 24.29
CA ARG G 142 51.02 -2.15 25.15
C ARG G 142 50.80 -2.89 26.46
N ARG G 143 50.22 -4.10 26.39
CA ARG G 143 49.93 -4.87 27.59
C ARG G 143 51.17 -5.68 27.96
N LYS G 144 51.92 -5.18 28.95
CA LYS G 144 53.12 -5.86 29.40
C LYS G 144 52.80 -7.10 30.22
N THR G 145 51.64 -7.14 30.88
CA THR G 145 51.28 -8.29 31.70
C THR G 145 50.98 -9.53 30.87
N LYS G 146 50.86 -9.41 29.56
CA LYS G 146 50.55 -10.55 28.69
C LYS G 146 51.86 -11.20 28.24
N LEU G 147 52.35 -12.13 29.05
CA LEU G 147 53.48 -12.98 28.68
C LEU G 147 52.93 -14.29 28.16
N ILE G 148 53.38 -14.69 26.98
CA ILE G 148 52.89 -15.91 26.32
C ILE G 148 54.07 -16.66 25.74
N LEU G 149 54.01 -17.98 25.80
CA LEU G 149 55.06 -18.81 25.22
C LEU G 149 55.03 -18.71 23.69
N SER G 150 56.21 -18.78 23.08
CA SER G 150 56.37 -18.55 21.65
C SER G 150 56.92 -19.78 20.96
N VAL G 151 56.36 -20.09 19.78
CA VAL G 151 56.91 -21.15 18.95
C VAL G 151 58.19 -20.64 18.31
N GLY G 152 59.23 -21.48 18.33
CA GLY G 152 60.53 -21.12 17.80
C GLY G 152 61.56 -20.77 18.85
N ALA G 153 61.14 -20.52 20.08
CA ALA G 153 62.10 -20.33 21.16
C ALA G 153 62.74 -21.66 21.50
N PRO G 154 64.06 -21.73 21.66
CA PRO G 154 64.71 -23.01 21.99
C PRO G 154 64.25 -23.60 23.32
N SER G 155 63.71 -22.79 24.22
CA SER G 155 63.25 -23.28 25.51
C SER G 155 61.79 -23.75 25.47
N SER G 156 60.98 -23.20 24.58
CA SER G 156 59.55 -23.51 24.56
C SER G 156 59.24 -25.01 24.50
N PRO G 157 59.97 -25.84 23.74
CA PRO G 157 59.67 -27.29 23.79
C PRO G 157 59.63 -27.90 25.18
N VAL G 158 60.64 -27.64 26.02
CA VAL G 158 60.73 -28.36 27.28
C VAL G 158 59.65 -27.91 28.26
N ILE G 159 59.37 -26.61 28.32
CA ILE G 159 58.30 -26.14 29.20
C ILE G 159 56.95 -26.68 28.73
N SER G 160 56.69 -26.67 27.42
CA SER G 160 55.42 -27.16 26.91
C SER G 160 55.24 -28.64 27.22
N ASN G 161 56.30 -29.44 27.08
CA ASN G 161 56.23 -30.85 27.45
C ASN G 161 56.01 -31.01 28.95
N PHE G 162 56.68 -30.19 29.76
CA PHE G 162 56.52 -30.26 31.21
C PHE G 162 55.19 -29.66 31.67
N CYS G 163 54.63 -28.74 30.89
CA CYS G 163 53.42 -28.03 31.30
C CYS G 163 52.26 -28.98 31.55
N MET G 164 52.20 -30.09 30.82
CA MET G 164 51.16 -31.09 31.01
C MET G 164 51.74 -32.45 31.36
N TYR G 165 52.72 -32.47 32.27
CA TYR G 165 53.15 -33.73 32.85
C TYR G 165 52.01 -34.37 33.63
N GLU G 166 51.24 -33.56 34.37
CA GLU G 166 50.08 -34.08 35.09
C GLU G 166 49.00 -34.55 34.12
N PHE G 167 48.75 -33.78 33.07
CA PHE G 167 47.74 -34.17 32.08
C PHE G 167 48.15 -35.45 31.36
N ASP G 168 49.43 -35.57 31.01
CA ASP G 168 49.90 -36.79 30.36
C ASP G 168 49.82 -37.98 31.29
N ASN G 169 50.14 -37.78 32.57
CA ASN G 169 50.19 -38.88 33.53
C ASN G 169 48.81 -39.48 33.75
N ARG G 170 47.78 -38.63 33.93
CA ARG G 170 46.46 -39.13 34.22
C ARG G 170 45.79 -39.70 32.97
N ILE G 171 45.99 -39.07 31.81
CA ILE G 171 45.39 -39.57 30.59
C ILE G 171 45.98 -40.92 30.23
N HIS G 172 47.31 -41.07 30.34
CA HIS G 172 47.94 -42.35 30.06
C HIS G 172 47.47 -43.43 31.02
N ALA G 173 47.35 -43.09 32.31
CA ALA G 173 46.89 -44.05 33.30
C ALA G 173 45.43 -44.44 33.05
N ALA G 174 44.58 -43.44 32.76
CA ALA G 174 43.17 -43.73 32.50
C ALA G 174 42.99 -44.56 31.24
N CYS G 175 43.76 -44.26 30.19
CA CYS G 175 43.64 -45.00 28.94
C CYS G 175 44.16 -46.42 29.09
N LYS G 176 45.20 -46.63 29.90
CA LYS G 176 45.75 -47.97 30.09
C LYS G 176 44.74 -48.89 30.77
N LYS G 177 43.98 -48.37 31.73
CA LYS G 177 42.98 -49.19 32.42
C LYS G 177 41.91 -49.67 31.47
N VAL G 178 41.53 -48.83 30.50
CA VAL G 178 40.44 -49.14 29.58
C VAL G 178 41.07 -49.74 28.32
N GLU G 179 42.39 -49.98 28.39
CA GLU G 179 43.15 -50.60 27.29
C GLU G 179 43.12 -49.71 26.05
N ILE G 180 43.66 -48.51 26.19
CA ILE G 180 43.79 -47.54 25.11
C ILE G 180 45.23 -47.04 25.11
N THR G 181 45.85 -47.04 23.93
CA THR G 181 47.21 -46.53 23.78
C THR G 181 47.17 -45.03 23.53
N TYR G 182 47.90 -44.27 24.34
CA TYR G 182 47.90 -42.82 24.28
C TYR G 182 49.33 -42.31 24.06
N THR G 183 49.50 -41.46 23.04
CA THR G 183 50.76 -40.80 22.78
C THR G 183 50.48 -39.34 22.45
N ARG G 184 51.49 -38.49 22.64
CA ARG G 184 51.37 -37.08 22.35
C ARG G 184 52.58 -36.60 21.56
N TYR G 185 52.33 -35.65 20.66
CA TYR G 185 53.39 -34.97 19.90
C TYR G 185 53.05 -33.49 19.92
N ALA G 186 53.73 -32.75 20.78
CA ALA G 186 53.41 -31.38 21.12
C ALA G 186 51.94 -31.21 21.46
N ASP G 187 51.08 -30.82 20.51
CA ASP G 187 49.65 -30.75 20.76
C ASP G 187 48.86 -31.82 20.01
N ASP G 188 49.54 -32.77 19.38
CA ASP G 188 48.89 -33.83 18.61
C ASP G 188 48.60 -34.99 19.56
N LEU G 189 47.38 -35.03 20.08
CA LEU G 189 46.95 -36.12 20.96
C LEU G 189 46.50 -37.29 20.11
N THR G 190 47.05 -38.47 20.37
CA THR G 190 46.75 -39.67 19.60
C THR G 190 46.26 -40.75 20.54
N PHE G 191 45.12 -41.35 20.19
CA PHE G 191 44.53 -42.45 20.94
C PHE G 191 44.21 -43.59 19.98
N SER G 192 44.43 -44.82 20.44
CA SER G 192 44.17 -45.99 19.62
C SER G 192 43.86 -47.18 20.51
N SER G 193 42.96 -48.04 20.06
CA SER G 193 42.59 -49.23 20.82
C SER G 193 41.99 -50.25 19.85
N ASN G 194 42.01 -51.51 20.27
CA ASN G 194 41.44 -52.60 19.51
C ASN G 194 40.01 -52.94 19.93
N ILE G 195 39.50 -52.30 20.98
CA ILE G 195 38.16 -52.59 21.49
C ILE G 195 37.18 -51.62 20.83
N PRO G 196 36.15 -52.11 20.15
CA PRO G 196 35.22 -51.21 19.46
C PRO G 196 34.38 -50.40 20.43
N ASP G 197 33.95 -49.22 19.95
CA ASP G 197 33.04 -48.34 20.68
C ASP G 197 33.61 -47.94 22.04
N VAL G 198 34.92 -47.71 22.09
CA VAL G 198 35.58 -47.31 23.33
C VAL G 198 36.16 -45.91 23.17
N LEU G 199 36.56 -45.56 21.94
CA LEU G 199 37.13 -44.25 21.69
C LEU G 199 36.07 -43.16 21.68
N LYS G 200 34.78 -43.52 21.69
CA LYS G 200 33.71 -42.52 21.66
C LYS G 200 33.74 -41.66 22.92
N ALA G 201 33.97 -42.26 24.08
CA ALA G 201 33.93 -41.54 25.36
C ALA G 201 35.23 -40.83 25.68
N VAL G 202 36.29 -41.04 24.88
CA VAL G 202 37.56 -40.38 25.18
C VAL G 202 37.49 -38.87 25.07
N PRO G 203 36.96 -38.27 24.00
CA PRO G 203 37.00 -36.80 23.90
C PRO G 203 36.32 -36.07 25.05
N SER G 204 35.25 -36.64 25.61
CA SER G 204 34.60 -36.00 26.75
C SER G 204 35.49 -35.98 27.98
N THR G 205 36.33 -37.01 28.15
CA THR G 205 37.23 -37.06 29.30
C THR G 205 38.27 -35.94 29.23
N LEU G 206 38.83 -35.69 28.04
CA LEU G 206 39.86 -34.65 27.92
C LEU G 206 39.31 -33.27 28.25
N GLU G 207 38.11 -32.95 27.78
CA GLU G 207 37.56 -31.62 28.06
C GLU G 207 37.28 -31.43 29.54
N VAL G 208 36.92 -32.49 30.25
CA VAL G 208 36.76 -32.40 31.70
C VAL G 208 38.12 -32.25 32.38
N LEU G 209 39.11 -33.05 31.94
CA LEU G 209 40.41 -33.04 32.59
C LEU G 209 41.18 -31.77 32.27
N LEU G 210 41.04 -31.26 31.03
CA LEU G 210 41.68 -29.99 30.68
C LEU G 210 41.11 -28.85 31.50
N LYS G 211 39.79 -28.83 31.70
CA LYS G 211 39.17 -27.82 32.54
C LYS G 211 39.62 -27.95 33.99
N ASP G 212 39.87 -29.18 34.45
CA ASP G 212 40.28 -29.40 35.83
C ASP G 212 41.64 -28.76 36.12
N LEU G 213 42.57 -28.87 35.18
CA LEU G 213 43.94 -28.41 35.41
C LEU G 213 44.15 -26.98 34.95
N PHE G 214 43.94 -26.71 33.66
CA PHE G 214 44.25 -25.41 33.07
C PHE G 214 43.05 -24.48 33.03
N GLY G 215 41.89 -24.90 33.52
CA GLY G 215 40.72 -24.05 33.45
C GLY G 215 40.28 -23.85 32.02
N SER G 216 40.09 -22.60 31.62
CA SER G 216 39.67 -22.25 30.27
C SER G 216 40.84 -21.82 29.39
N ALA G 217 42.07 -21.97 29.86
CA ALA G 217 43.22 -21.56 29.07
C ALA G 217 43.51 -22.54 27.93
N LEU G 218 43.78 -23.80 28.27
CA LEU G 218 43.99 -24.84 27.27
C LEU G 218 42.68 -25.54 27.00
N ARG G 219 42.22 -25.48 25.75
CA ARG G 219 40.93 -26.04 25.37
C ARG G 219 41.10 -26.94 24.15
N LEU G 220 40.21 -27.92 24.04
CA LEU G 220 40.27 -28.88 22.95
C LEU G 220 39.76 -28.25 21.65
N ASN G 221 40.44 -28.56 20.55
CA ASN G 221 40.00 -28.12 19.22
C ASN G 221 39.02 -29.15 18.70
N HIS G 222 37.72 -28.85 18.86
CA HIS G 222 36.68 -29.81 18.49
C HIS G 222 36.62 -30.03 16.98
N SER G 223 37.02 -29.03 16.19
CA SER G 223 37.05 -29.22 14.74
C SER G 223 38.07 -30.27 14.33
N LYS G 224 39.24 -30.25 14.97
CA LYS G 224 40.30 -31.22 14.68
C LYS G 224 40.25 -32.38 15.66
N THR G 225 39.14 -33.11 15.61
CA THR G 225 38.94 -34.31 16.41
C THR G 225 38.39 -35.38 15.46
N VAL G 226 39.25 -36.29 15.04
CA VAL G 226 38.93 -37.24 13.98
C VAL G 226 39.03 -38.67 14.53
N PHE G 227 38.08 -39.50 14.15
CA PHE G 227 38.15 -40.94 14.37
C PHE G 227 38.61 -41.62 13.09
N SER G 228 38.97 -42.89 13.21
CA SER G 228 39.43 -43.67 12.07
C SER G 228 39.41 -45.15 12.41
N SER G 229 39.55 -45.96 11.39
CA SER G 229 39.60 -47.41 11.55
C SER G 229 40.34 -47.99 10.34
N LYS G 230 40.36 -49.32 10.21
CA LYS G 230 40.97 -49.96 9.06
C LYS G 230 40.17 -49.75 7.78
N ALA G 231 38.95 -49.23 7.87
CA ALA G 231 38.16 -48.91 6.69
C ALA G 231 38.55 -47.60 6.04
N HIS G 232 39.34 -46.77 6.72
CA HIS G 232 39.66 -45.44 6.21
C HIS G 232 41.16 -45.18 6.27
N ASN G 233 41.55 -43.96 5.94
CA ASN G 233 42.95 -43.56 6.05
C ASN G 233 43.35 -43.42 7.52
N ARG G 234 44.61 -43.72 7.80
CA ARG G 234 45.13 -43.65 9.17
C ARG G 234 46.58 -43.20 9.10
N HIS G 235 46.87 -42.01 9.64
CA HIS G 235 48.23 -41.51 9.69
C HIS G 235 48.46 -40.80 11.02
N VAL G 236 49.63 -40.99 11.60
CA VAL G 236 50.01 -40.38 12.87
C VAL G 236 51.21 -39.50 12.59
N THR G 237 50.99 -38.19 12.50
CA THR G 237 52.02 -37.20 12.21
C THR G 237 52.80 -37.55 10.95
N GLY G 238 52.07 -37.67 9.84
CA GLY G 238 52.66 -37.86 8.54
C GLY G 238 53.09 -39.26 8.21
N ILE G 239 52.88 -40.23 9.09
CA ILE G 239 53.25 -41.62 8.84
C ILE G 239 51.96 -42.42 8.73
N THR G 240 51.69 -42.94 7.54
CA THR G 240 50.45 -43.67 7.29
C THR G 240 50.51 -45.06 7.90
N ILE G 241 49.47 -45.42 8.66
CA ILE G 241 49.32 -46.76 9.19
C ILE G 241 48.56 -47.58 8.16
N ASN G 242 49.23 -48.56 7.56
CA ASN G 242 48.61 -49.36 6.52
C ASN G 242 47.74 -50.46 7.13
N ASN G 243 46.96 -51.11 6.27
CA ASN G 243 46.09 -52.20 6.72
C ASN G 243 46.88 -53.42 7.17
N GLU G 244 48.17 -53.49 6.88
CA GLU G 244 49.03 -54.56 7.35
C GLU G 244 49.65 -54.26 8.71
N GLU G 245 49.25 -53.15 9.33
CA GLU G 245 49.72 -52.76 10.66
C GLU G 245 51.23 -52.51 10.67
N THR G 246 51.71 -51.81 9.66
CA THR G 246 53.11 -51.41 9.56
C THR G 246 53.19 -49.94 9.15
N LEU G 247 54.29 -49.31 9.52
CA LEU G 247 54.52 -47.92 9.15
C LEU G 247 54.76 -47.81 7.65
N SER G 248 54.18 -46.79 7.03
CA SER G 248 54.25 -46.61 5.59
C SER G 248 54.24 -45.14 5.25
N LEU G 249 54.70 -44.83 4.03
CA LEU G 249 54.71 -43.45 3.53
C LEU G 249 53.40 -43.05 2.88
N GLY G 250 52.64 -44.00 2.34
CA GLY G 250 51.36 -43.72 1.72
C GLY G 250 51.40 -43.98 0.21
N ARG G 251 50.20 -44.02 -0.38
CA ARG G 251 50.07 -44.06 -1.84
C ARG G 251 50.85 -43.02 -2.58
N ASP G 252 50.46 -41.76 -2.42
CA ASP G 252 51.00 -40.70 -3.25
C ASP G 252 52.50 -40.53 -3.05
N ARG G 253 52.96 -40.57 -1.80
CA ARG G 253 54.37 -40.32 -1.53
C ARG G 253 55.26 -41.41 -2.14
N LYS G 254 54.84 -42.67 -2.05
CA LYS G 254 55.62 -43.74 -2.66
C LYS G 254 55.67 -43.58 -4.18
N ARG G 255 54.54 -43.25 -4.80
CA ARG G 255 54.52 -43.01 -6.24
C ARG G 255 55.26 -41.73 -6.60
N PHE G 256 55.24 -40.73 -5.71
CA PHE G 256 55.99 -39.50 -5.93
C PHE G 256 57.49 -39.78 -6.01
N ILE G 257 58.00 -40.64 -5.13
CA ILE G 257 59.42 -40.96 -5.14
C ILE G 257 59.76 -41.76 -6.39
N LYS G 258 58.87 -42.65 -6.82
CA LYS G 258 59.13 -43.47 -8.00
C LYS G 258 59.31 -42.60 -9.24
N HIS G 259 58.46 -41.58 -9.40
CA HIS G 259 58.59 -40.70 -10.55
C HIS G 259 59.88 -39.90 -10.50
N LEU G 260 60.27 -39.42 -9.32
CA LEU G 260 61.49 -38.63 -9.19
C LEU G 260 62.71 -39.46 -9.55
N ILE G 261 62.76 -40.73 -9.11
CA ILE G 261 63.88 -41.59 -9.45
C ILE G 261 63.92 -41.84 -10.95
N ASN G 262 62.77 -42.05 -11.58
CA ASN G 262 62.71 -42.20 -13.02
C ASN G 262 63.19 -40.94 -13.73
N GLN G 263 62.77 -39.77 -13.24
CA GLN G 263 63.24 -38.52 -13.82
C GLN G 263 64.74 -38.38 -13.69
N TYR G 264 65.32 -38.91 -12.60
CA TYR G 264 66.76 -38.90 -12.45
C TYR G 264 67.43 -39.93 -13.35
N LYS G 265 66.71 -41.01 -13.68
CA LYS G 265 67.29 -42.05 -14.53
C LYS G 265 67.64 -41.52 -15.91
N TYR G 266 66.77 -40.70 -16.49
CA TYR G 266 67.02 -40.10 -17.79
C TYR G 266 67.66 -38.71 -17.70
N GLY G 267 67.97 -38.24 -16.50
CA GLY G 267 68.61 -36.95 -16.33
C GLY G 267 67.70 -35.78 -16.64
N LEU G 268 66.58 -35.68 -15.93
CA LEU G 268 65.63 -34.59 -16.11
C LEU G 268 65.38 -33.83 -14.81
N LEU G 269 66.26 -33.97 -13.84
CA LEU G 269 66.13 -33.30 -12.55
C LEU G 269 67.29 -32.31 -12.37
N ASP G 270 66.96 -31.10 -11.95
CA ASP G 270 67.97 -30.10 -11.63
C ASP G 270 68.52 -30.35 -10.23
N ASN G 271 69.39 -29.45 -9.78
CA ASN G 271 70.01 -29.62 -8.47
C ASN G 271 68.99 -29.52 -7.35
N GLU G 272 68.00 -28.62 -7.49
CA GLU G 272 66.98 -28.47 -6.47
C GLU G 272 66.16 -29.74 -6.32
N ASP G 273 65.75 -30.35 -7.43
CA ASP G 273 65.04 -31.63 -7.35
C ASP G 273 65.97 -32.76 -6.94
N LYS G 274 67.25 -32.69 -7.35
CA LYS G 274 68.20 -33.71 -6.94
C LYS G 274 68.40 -33.71 -5.43
N ALA G 275 68.54 -32.54 -4.83
CA ALA G 275 68.69 -32.45 -3.37
C ALA G 275 67.42 -32.88 -2.66
N TYR G 276 66.25 -32.52 -3.21
CA TYR G 276 64.99 -32.89 -2.58
C TYR G 276 64.82 -34.41 -2.55
N LEU G 277 65.19 -35.09 -3.63
CA LEU G 277 65.07 -36.55 -3.66
C LEU G 277 65.99 -37.21 -2.65
N ILE G 278 67.21 -36.68 -2.51
CA ILE G 278 68.15 -37.25 -1.53
C ILE G 278 67.62 -37.07 -0.12
N GLY G 279 67.10 -35.89 0.21
CA GLY G 279 66.56 -35.67 1.53
C GLY G 279 65.31 -36.50 1.80
N LEU G 280 64.44 -36.63 0.79
CA LEU G 280 63.23 -37.42 0.96
C LEU G 280 63.55 -38.90 1.10
N LEU G 281 64.54 -39.40 0.35
CA LEU G 281 64.94 -40.79 0.46
C LEU G 281 65.53 -41.08 1.83
N ALA G 282 66.30 -40.14 2.38
CA ALA G 282 66.86 -40.33 3.71
C ALA G 282 65.77 -40.44 4.76
N PHE G 283 64.73 -39.59 4.66
CA PHE G 283 63.58 -39.73 5.55
C PHE G 283 62.85 -41.03 5.32
N ALA G 284 62.72 -41.43 4.05
CA ALA G 284 62.00 -42.67 3.74
C ALA G 284 62.74 -43.89 4.28
N SER G 285 64.07 -43.88 4.23
CA SER G 285 64.84 -45.01 4.72
C SER G 285 64.64 -45.21 6.22
N HIS G 286 64.62 -44.12 6.99
CA HIS G 286 64.42 -44.23 8.43
C HIS G 286 63.04 -44.77 8.76
N ILE G 287 62.02 -44.34 8.01
CA ILE G 287 60.65 -44.76 8.31
C ILE G 287 60.39 -46.16 7.77
N GLU G 288 60.64 -46.36 6.47
CA GLU G 288 60.32 -47.61 5.78
C GLU G 288 61.56 -48.09 5.04
N PRO G 289 62.44 -48.83 5.71
CA PRO G 289 63.62 -49.38 5.00
C PRO G 289 63.25 -50.34 3.89
N SER G 290 62.10 -51.01 3.97
CA SER G 290 61.71 -51.95 2.93
C SER G 290 61.46 -51.25 1.60
N PHE G 291 60.99 -50.00 1.63
CA PHE G 291 60.79 -49.25 0.39
C PHE G 291 62.10 -49.00 -0.32
N ILE G 292 63.16 -48.71 0.43
CA ILE G 292 64.46 -48.47 -0.18
C ILE G 292 64.96 -49.71 -0.89
N THR G 293 64.85 -50.88 -0.24
CA THR G 293 65.24 -52.13 -0.88
C THR G 293 64.35 -52.44 -2.07
N ARG G 294 63.05 -52.18 -1.94
CA ARG G 294 62.13 -52.38 -3.06
C ARG G 294 62.47 -51.49 -4.24
N MET G 295 62.82 -50.23 -3.97
CA MET G 295 63.24 -49.35 -5.04
C MET G 295 64.57 -49.79 -5.65
N ASN G 296 65.44 -50.40 -4.84
CA ASN G 296 66.72 -50.87 -5.34
C ASN G 296 66.55 -51.97 -6.39
N GLU G 297 65.65 -52.92 -6.13
CA GLU G 297 65.46 -54.01 -7.08
C GLU G 297 64.74 -53.56 -8.34
N LYS G 298 63.91 -52.52 -8.24
CA LYS G 298 63.24 -51.99 -9.42
C LYS G 298 64.18 -51.18 -10.30
N TYR G 299 65.04 -50.37 -9.70
CA TYR G 299 65.88 -49.43 -10.42
C TYR G 299 67.34 -49.86 -10.47
N SER G 300 67.66 -51.08 -10.06
CA SER G 300 69.02 -51.62 -10.00
C SER G 300 69.87 -50.90 -8.96
N LEU G 301 70.88 -51.58 -8.42
CA LEU G 301 71.70 -51.00 -7.36
C LEU G 301 72.57 -49.85 -7.87
N GLU G 302 73.03 -49.93 -9.12
CA GLU G 302 73.95 -48.91 -9.63
C GLU G 302 73.29 -47.54 -9.69
N LEU G 303 72.00 -47.49 -10.05
CA LEU G 303 71.30 -46.21 -10.11
C LEU G 303 71.17 -45.59 -8.73
N MET G 304 70.87 -46.40 -7.71
CA MET G 304 70.70 -45.86 -6.36
C MET G 304 72.03 -45.40 -5.77
N GLU G 305 73.10 -46.16 -6.01
CA GLU G 305 74.40 -45.79 -5.45
C GLU G 305 74.90 -44.48 -6.04
N ARG G 306 74.74 -44.28 -7.35
CA ARG G 306 75.16 -43.03 -7.96
C ARG G 306 74.19 -41.90 -7.64
N LEU G 307 72.94 -42.22 -7.30
CA LEU G 307 71.98 -41.19 -6.93
C LEU G 307 72.37 -40.52 -5.61
N ARG G 308 72.67 -41.32 -4.59
CA ARG G 308 73.01 -40.76 -3.29
C ARG G 308 74.39 -40.14 -3.25
N GLY G 309 75.27 -40.52 -4.18
CA GLY G 309 76.62 -39.96 -4.21
C GLY G 309 77.69 -41.02 -4.26
N GLN G 310 78.60 -40.91 -5.25
CA GLN G 310 79.70 -41.86 -5.41
C GLN G 310 80.95 -41.40 -4.65
N ARG G 311 80.77 -41.11 -3.37
CA ARG G 311 81.87 -40.64 -2.54
C ARG G 311 82.54 -41.80 -1.80
N MET H 1 7.08 -63.39 30.35
CA MET H 1 8.42 -63.69 29.85
C MET H 1 8.56 -65.18 29.56
N ARG H 2 9.79 -65.67 29.52
CA ARG H 2 10.07 -67.07 29.19
C ARG H 2 10.95 -67.67 30.28
N GLU H 3 10.65 -68.91 30.65
CA GLU H 3 11.35 -69.58 31.74
C GLU H 3 12.79 -69.89 31.34
N LEU H 4 13.73 -69.46 32.17
CA LEU H 4 15.16 -69.60 31.90
C LEU H 4 15.77 -70.67 32.80
N ALA H 5 16.77 -71.37 32.28
CA ALA H 5 17.47 -72.42 33.00
C ALA H 5 18.94 -72.04 33.12
N ARG H 6 19.49 -72.18 34.33
CA ARG H 6 20.87 -71.82 34.60
C ARG H 6 21.80 -72.99 34.24
N LEU H 7 22.86 -72.67 33.49
CA LEU H 7 23.83 -73.66 33.05
C LEU H 7 25.02 -73.69 34.00
N GLU H 8 26.08 -74.40 33.60
CA GLU H 8 27.28 -74.50 34.42
C GLU H 8 27.93 -73.14 34.60
N ARG H 9 28.59 -72.95 35.74
CA ARG H 9 29.22 -71.69 36.05
C ARG H 9 30.37 -71.42 35.08
N PRO H 10 30.55 -70.18 34.63
CA PRO H 10 31.68 -69.87 33.75
C PRO H 10 33.01 -70.10 34.46
N GLU H 11 34.00 -70.57 33.69
CA GLU H 11 35.32 -70.85 34.26
C GLU H 11 35.99 -69.56 34.74
N ILE H 12 35.85 -68.47 33.97
CA ILE H 12 36.48 -67.21 34.36
C ILE H 12 35.81 -66.60 35.59
N LEU H 13 34.56 -66.95 35.87
CA LEU H 13 33.89 -66.38 37.04
C LEU H 13 34.40 -66.97 38.35
N ASP H 14 34.97 -68.18 38.30
CA ASP H 14 35.48 -68.80 39.51
C ASP H 14 36.66 -68.04 40.08
N GLN H 15 37.53 -67.53 39.22
CA GLN H 15 38.75 -66.85 39.66
C GLN H 15 38.52 -65.36 39.96
N TYR H 16 37.31 -64.85 39.77
CA TYR H 16 37.00 -63.45 40.01
C TYR H 16 36.15 -63.34 41.28
N ILE H 17 36.58 -62.47 42.20
CA ILE H 17 35.94 -62.29 43.48
C ILE H 17 35.55 -60.83 43.63
N ALA H 18 34.34 -60.59 44.14
CA ALA H 18 33.84 -59.24 44.28
C ALA H 18 34.62 -58.45 45.32
N GLY H 19 34.38 -57.14 45.36
CA GLY H 19 35.03 -56.27 46.32
C GLY H 19 36.32 -55.64 45.82
N GLN H 20 37.35 -56.46 45.60
CA GLN H 20 38.66 -55.98 45.21
C GLN H 20 38.94 -56.13 43.72
N ASN H 21 37.93 -56.50 42.93
CA ASN H 21 38.11 -56.68 41.49
C ASN H 21 37.06 -55.87 40.74
N ASP H 22 37.44 -55.38 39.56
CA ASP H 22 36.59 -54.53 38.74
C ASP H 22 36.05 -55.32 37.55
N TRP H 23 35.34 -54.62 36.67
CA TRP H 23 34.74 -55.23 35.48
C TRP H 23 35.47 -54.91 34.19
N MET H 24 36.39 -53.94 34.19
CA MET H 24 37.15 -53.67 32.98
C MET H 24 38.12 -54.80 32.66
N GLU H 25 38.55 -55.55 33.66
CA GLU H 25 39.48 -56.65 33.43
C GLU H 25 38.80 -57.85 32.78
N ILE H 26 37.60 -58.19 33.25
CA ILE H 26 36.89 -59.34 32.71
C ILE H 26 36.32 -59.01 31.33
N ASP H 27 36.49 -59.93 30.40
CA ASP H 27 35.97 -59.77 29.06
C ASP H 27 34.60 -60.45 28.96
N GLN H 28 33.61 -59.70 28.47
CA GLN H 28 32.25 -60.22 28.37
C GLN H 28 32.05 -61.18 27.21
N SER H 29 33.02 -61.27 26.29
CA SER H 29 32.90 -62.18 25.17
C SER H 29 33.02 -63.65 25.60
N ALA H 30 33.60 -63.92 26.76
CA ALA H 30 33.74 -65.30 27.22
C ALA H 30 32.41 -65.85 27.76
N VAL H 31 31.61 -65.01 28.40
CA VAL H 31 30.35 -65.47 28.99
C VAL H 31 29.15 -65.28 28.08
N TRP H 32 29.29 -64.49 27.01
CA TRP H 32 28.17 -64.27 26.10
C TRP H 32 27.68 -65.54 25.42
N PRO H 33 28.53 -66.40 24.84
CA PRO H 33 27.99 -67.59 24.16
C PRO H 33 27.21 -68.52 25.07
N LYS H 34 27.58 -68.60 26.35
CA LYS H 34 26.82 -69.46 27.28
C LYS H 34 25.42 -68.91 27.50
N LEU H 35 25.27 -67.59 27.59
CA LEU H 35 23.95 -66.99 27.70
C LEU H 35 23.13 -67.25 26.45
N THR H 36 23.76 -67.16 25.27
CA THR H 36 23.04 -67.37 24.02
C THR H 36 22.44 -68.77 23.93
N GLU H 37 23.06 -69.74 24.62
CA GLU H 37 22.53 -71.10 24.62
C GLU H 37 21.13 -71.15 25.24
N MET H 38 20.93 -70.42 26.33
CA MET H 38 19.61 -70.37 26.96
C MET H 38 18.75 -69.23 26.45
N GLN H 39 19.36 -68.11 26.04
CA GLN H 39 18.58 -67.00 25.52
C GLN H 39 18.06 -67.29 24.12
N GLY H 40 18.85 -67.98 23.30
CA GLY H 40 18.49 -68.22 21.93
C GLY H 40 18.64 -67.03 21.02
N GLY H 41 19.35 -66.00 21.46
CA GLY H 41 19.47 -64.78 20.68
C GLY H 41 18.42 -63.74 20.96
N PHE H 42 17.70 -63.85 22.07
CA PHE H 42 16.62 -62.94 22.42
C PHE H 42 16.86 -62.35 23.79
N CYS H 43 16.25 -61.18 24.03
CA CYS H 43 16.42 -60.49 25.30
C CYS H 43 15.73 -61.25 26.43
N ALA H 44 16.22 -61.03 27.64
CA ALA H 44 15.65 -61.69 28.82
C ALA H 44 14.29 -61.13 29.20
N TYR H 45 13.94 -59.94 28.73
CA TYR H 45 12.68 -59.29 29.09
C TYR H 45 11.77 -59.04 27.90
N CYS H 46 12.31 -58.58 26.76
CA CYS H 46 11.47 -58.43 25.58
C CYS H 46 10.98 -59.77 25.09
N GLU H 47 11.88 -60.76 25.06
CA GLU H 47 11.97 -61.74 23.98
C GLU H 47 12.14 -61.04 22.63
N CYS H 48 13.07 -60.08 22.61
CA CYS H 48 13.39 -59.28 21.43
C CYS H 48 14.84 -59.54 21.02
N ARG H 49 15.10 -59.45 19.72
CA ARG H 49 16.42 -59.77 19.19
C ARG H 49 17.47 -58.88 19.85
N LEU H 50 18.58 -59.51 20.26
CA LEU H 50 19.61 -58.80 21.01
C LEU H 50 20.22 -57.69 20.18
N ASN H 51 20.91 -58.04 19.08
CA ASN H 51 21.62 -57.07 18.25
C ASN H 51 22.57 -56.26 19.12
N ARG H 52 22.15 -55.07 19.53
CA ARG H 52 22.88 -54.26 20.51
C ARG H 52 22.47 -54.74 21.89
N CYS H 53 23.30 -55.58 22.51
CA CYS H 53 22.98 -56.21 23.78
C CYS H 53 24.12 -56.00 24.76
N HIS H 54 23.78 -56.05 26.05
CA HIS H 54 24.74 -55.85 27.13
C HIS H 54 24.43 -56.80 28.27
N ILE H 55 25.45 -57.05 29.09
CA ILE H 55 25.28 -57.89 30.28
C ILE H 55 24.63 -57.06 31.38
N GLU H 56 23.54 -57.59 31.93
CA GLU H 56 22.73 -56.85 32.89
C GLU H 56 22.53 -57.65 34.16
N HIS H 57 22.55 -56.95 35.29
CA HIS H 57 22.44 -57.54 36.61
C HIS H 57 21.06 -57.23 37.18
N PHE H 58 20.29 -58.27 37.52
CA PHE H 58 18.93 -58.00 37.98
C PHE H 58 18.93 -57.41 39.38
N ARG H 59 19.91 -57.74 40.21
CA ARG H 59 20.28 -56.85 41.32
C ARG H 59 21.15 -55.71 40.80
N PRO H 60 20.76 -54.46 41.04
CA PRO H 60 21.58 -53.32 40.58
C PRO H 60 22.98 -53.37 41.17
N ARG H 61 23.96 -53.01 40.34
CA ARG H 61 25.36 -53.17 40.72
C ARG H 61 25.72 -52.30 41.92
N GLY H 62 25.22 -51.07 41.95
CA GLY H 62 25.68 -50.11 42.94
C GLY H 62 25.30 -50.47 44.37
N LYS H 63 24.06 -50.92 44.57
CA LYS H 63 23.55 -51.08 45.93
C LYS H 63 24.26 -52.21 46.67
N PHE H 64 24.39 -53.39 46.05
CA PHE H 64 25.06 -54.54 46.64
C PHE H 64 26.15 -55.01 45.68
N PRO H 65 27.38 -54.49 45.82
CA PRO H 65 28.47 -54.92 44.92
C PRO H 65 29.04 -56.29 45.24
N ALA H 66 28.63 -56.92 46.34
CA ALA H 66 29.17 -58.24 46.67
C ALA H 66 28.58 -59.34 45.81
N LEU H 67 27.32 -59.20 45.39
CA LEU H 67 26.62 -60.23 44.64
C LEU H 67 26.82 -60.12 43.14
N THR H 68 27.45 -59.03 42.66
CA THR H 68 27.49 -58.77 41.23
C THR H 68 28.37 -59.75 40.45
N PHE H 69 29.23 -60.51 41.13
CA PHE H 69 30.13 -61.46 40.47
C PHE H 69 29.68 -62.90 40.63
N ILE H 70 28.37 -63.17 40.55
CA ILE H 70 27.87 -64.53 40.61
C ILE H 70 27.25 -64.87 39.26
N TRP H 71 27.17 -66.18 38.97
CA TRP H 71 26.65 -66.62 37.69
C TRP H 71 25.15 -66.35 37.56
N ASN H 72 24.40 -66.46 38.66
CA ASN H 72 22.96 -66.21 38.61
C ASN H 72 22.63 -64.77 38.26
N ASN H 73 23.55 -63.84 38.53
CA ASN H 73 23.27 -62.43 38.31
C ASN H 73 23.32 -62.04 36.83
N LEU H 74 23.84 -62.90 35.97
CA LEU H 74 24.07 -62.54 34.58
C LEU H 74 22.83 -62.79 33.72
N PHE H 75 22.38 -61.76 33.03
CA PHE H 75 21.40 -61.88 31.97
C PHE H 75 21.85 -61.09 30.75
N GLY H 76 21.44 -61.55 29.58
CA GLY H 76 21.66 -60.81 28.35
C GLY H 76 20.45 -60.00 27.96
N SER H 77 20.52 -58.69 28.20
CA SER H 77 19.42 -57.77 27.91
C SER H 77 19.75 -56.94 26.68
N CYS H 78 18.70 -56.43 26.04
CA CYS H 78 18.88 -55.59 24.86
C CYS H 78 19.37 -54.20 25.28
N GLY H 79 19.77 -53.42 24.29
CA GLY H 79 20.30 -52.08 24.53
C GLY H 79 21.78 -52.09 24.85
N ASP H 80 22.44 -50.98 24.50
CA ASP H 80 23.87 -50.84 24.74
C ASP H 80 24.17 -49.37 24.97
N SER H 81 24.48 -49.01 26.22
CA SER H 81 24.75 -47.63 26.57
C SER H 81 26.04 -47.11 25.93
N ARG H 82 26.92 -47.99 25.47
CA ARG H 82 28.17 -47.56 24.87
C ARG H 82 27.99 -47.19 23.40
N LYS H 83 27.27 -48.03 22.65
CA LYS H 83 27.10 -47.76 21.22
C LYS H 83 26.22 -46.55 20.98
N SER H 84 25.22 -46.32 21.82
CA SER H 84 24.35 -45.16 21.70
C SER H 84 23.63 -44.95 23.03
N GLY H 85 22.68 -44.02 23.06
CA GLY H 85 21.89 -43.77 24.25
C GLY H 85 20.41 -43.75 23.95
N GLY H 86 19.63 -43.19 24.87
CA GLY H 86 18.19 -43.08 24.68
C GLY H 86 17.47 -44.40 24.56
N TRP H 87 17.80 -45.35 25.43
CA TRP H 87 17.14 -46.64 25.48
C TRP H 87 16.20 -46.67 26.67
N SER H 88 14.93 -47.02 26.43
CA SER H 88 13.90 -46.90 27.44
C SER H 88 13.17 -48.22 27.65
N ARG H 89 13.90 -49.32 27.77
CA ARG H 89 13.28 -50.59 28.13
C ARG H 89 14.35 -51.53 28.68
N CYS H 90 13.88 -52.56 29.38
CA CYS H 90 14.70 -53.67 29.87
C CYS H 90 15.74 -53.12 30.86
N GLY H 91 16.99 -53.57 30.78
CA GLY H 91 17.96 -53.25 31.82
C GLY H 91 18.33 -51.77 31.90
N ILE H 92 18.46 -51.12 30.74
CA ILE H 92 18.87 -49.72 30.71
C ILE H 92 17.84 -48.84 31.41
N TYR H 93 16.56 -49.08 31.13
CA TYR H 93 15.50 -48.29 31.77
C TYR H 93 15.34 -48.62 33.25
N LYS H 94 15.70 -49.83 33.66
CA LYS H 94 15.50 -50.22 35.05
C LYS H 94 16.33 -49.37 36.00
N ASP H 95 17.57 -49.09 35.65
CA ASP H 95 18.47 -48.37 36.55
C ASP H 95 18.53 -46.87 36.26
N ASN H 96 18.20 -46.43 35.05
CA ASN H 96 18.17 -45.00 34.72
C ASN H 96 16.75 -44.45 34.74
N GLY H 97 15.86 -45.02 33.96
CA GLY H 97 14.50 -44.51 33.84
C GLY H 97 13.67 -44.68 35.09
N ALA H 98 13.41 -45.92 35.47
CA ALA H 98 12.64 -46.19 36.68
C ALA H 98 13.46 -45.92 37.92
N GLY H 99 12.77 -45.57 39.01
CA GLY H 99 13.42 -45.29 40.26
C GLY H 99 12.59 -45.79 41.43
N ALA H 100 13.29 -46.02 42.55
CA ALA H 100 12.68 -46.50 43.79
C ALA H 100 11.91 -47.80 43.56
N TYR H 101 12.66 -48.83 43.15
CA TYR H 101 12.10 -50.15 42.90
C TYR H 101 12.79 -51.17 43.80
N ASN H 102 12.03 -52.16 44.23
CA ASN H 102 12.54 -53.24 45.08
C ASN H 102 12.74 -54.49 44.24
N ALA H 103 13.94 -55.06 44.30
CA ALA H 103 14.25 -56.24 43.51
C ALA H 103 13.42 -57.45 43.91
N ASP H 104 12.90 -57.47 45.14
CA ASP H 104 12.06 -58.58 45.57
C ASP H 104 10.76 -58.61 44.78
N ASP H 105 10.16 -57.45 44.51
CA ASP H 105 8.92 -57.40 43.75
C ASP H 105 9.12 -57.72 42.27
N LEU H 106 10.37 -57.78 41.80
CA LEU H 106 10.63 -58.06 40.40
C LEU H 106 10.54 -59.56 40.12
N ILE H 107 10.33 -59.89 38.85
CA ILE H 107 10.21 -61.26 38.38
C ILE H 107 11.49 -61.64 37.64
N LYS H 108 12.17 -62.67 38.13
CA LYS H 108 13.38 -63.16 37.50
C LYS H 108 13.07 -64.45 36.77
N PRO H 109 13.23 -64.51 35.45
CA PRO H 109 12.73 -65.68 34.70
C PRO H 109 13.37 -67.00 35.06
N ASP H 110 14.58 -67.00 35.62
CA ASP H 110 15.31 -68.25 35.86
C ASP H 110 15.11 -68.80 37.27
N GLU H 111 14.22 -68.22 38.08
CA GLU H 111 13.73 -68.91 39.28
C GLU H 111 12.25 -69.21 39.20
N GLU H 112 11.41 -68.21 38.96
CA GLU H 112 9.97 -68.38 38.91
C GLU H 112 9.47 -68.23 37.48
N ASN H 113 8.34 -68.87 37.20
CA ASN H 113 7.77 -68.84 35.85
C ASN H 113 7.00 -67.54 35.65
N PRO H 114 7.42 -66.67 34.73
CA PRO H 114 6.67 -65.42 34.50
C PRO H 114 5.28 -65.64 33.91
N ASP H 115 5.02 -66.80 33.30
CA ASP H 115 3.70 -67.07 32.76
C ASP H 115 2.64 -67.08 33.85
N ASP H 116 3.03 -67.39 35.09
CA ASP H 116 2.10 -67.38 36.21
C ASP H 116 1.65 -65.97 36.57
N TYR H 117 2.38 -64.94 36.13
CA TYR H 117 2.09 -63.57 36.51
C TYR H 117 1.76 -62.65 35.34
N LEU H 118 2.22 -62.96 34.14
CA LEU H 118 2.08 -62.07 32.99
C LEU H 118 1.09 -62.66 32.00
N LEU H 119 0.16 -61.82 31.54
CA LEU H 119 -0.77 -62.17 30.49
C LEU H 119 -0.58 -61.22 29.32
N PHE H 120 -0.36 -61.79 28.12
CA PHE H 120 -0.08 -61.01 26.93
C PHE H 120 -1.34 -60.96 26.07
N LEU H 121 -2.01 -59.80 26.09
CA LEU H 121 -3.17 -59.61 25.23
C LEU H 121 -2.76 -59.56 23.77
N THR H 122 -3.67 -59.97 22.89
CA THR H 122 -3.37 -59.98 21.47
C THR H 122 -3.15 -58.58 20.91
N THR H 123 -3.66 -57.54 21.58
CA THR H 123 -3.48 -56.17 21.13
C THR H 123 -2.24 -55.52 21.75
N GLY H 124 -1.11 -56.23 21.68
CA GLY H 124 0.16 -55.67 22.10
C GLY H 124 0.34 -55.54 23.61
N GLU H 125 -0.66 -54.98 24.27
CA GLU H 125 -0.54 -54.65 25.70
C GLU H 125 -0.39 -55.91 26.54
N VAL H 126 0.37 -55.78 27.62
CA VAL H 126 0.59 -56.87 28.56
C VAL H 126 -0.01 -56.47 29.91
N VAL H 127 -0.73 -57.41 30.51
CA VAL H 127 -1.45 -57.15 31.77
C VAL H 127 -1.14 -58.28 32.74
N PRO H 128 -1.31 -58.04 34.04
CA PRO H 128 -1.20 -59.12 35.01
C PRO H 128 -2.20 -60.23 34.71
N ALA H 129 -1.80 -61.46 35.00
CA ALA H 129 -2.60 -62.63 34.65
C ALA H 129 -3.93 -62.62 35.40
N ILE H 130 -4.84 -63.49 34.96
CA ILE H 130 -6.20 -63.50 35.48
C ILE H 130 -6.20 -64.07 36.90
N GLY H 131 -6.89 -63.38 37.80
CA GLY H 131 -7.09 -63.87 39.15
C GLY H 131 -5.98 -63.56 40.13
N LEU H 132 -5.00 -62.75 39.75
CA LEU H 132 -3.91 -62.40 40.65
C LEU H 132 -4.35 -61.29 41.61
N THR H 133 -4.03 -61.48 42.90
CA THR H 133 -4.35 -60.50 43.92
C THR H 133 -3.36 -60.65 45.07
N GLY H 134 -3.26 -59.60 45.88
CA GLY H 134 -2.39 -59.62 47.03
C GLY H 134 -0.94 -59.35 46.70
N ARG H 135 -0.02 -60.04 47.38
CA ARG H 135 1.40 -59.83 47.14
C ARG H 135 1.78 -60.25 45.73
N ALA H 136 1.21 -61.34 45.23
CA ALA H 136 1.52 -61.79 43.88
C ALA H 136 1.08 -60.78 42.83
N LEU H 137 0.06 -59.99 43.12
CA LEU H 137 -0.38 -58.97 42.18
C LEU H 137 0.68 -57.88 42.03
N LYS H 138 1.15 -57.33 43.15
CA LYS H 138 2.12 -56.24 43.10
C LYS H 138 3.41 -56.66 42.42
N LYS H 139 3.70 -57.96 42.38
CA LYS H 139 4.87 -58.46 41.64
C LYS H 139 4.73 -58.23 40.14
N ALA H 140 3.51 -57.96 39.65
CA ALA H 140 3.27 -57.80 38.23
C ALA H 140 3.41 -56.35 37.77
N GLN H 141 2.80 -55.40 38.49
CA GLN H 141 2.91 -54.00 38.08
C GLN H 141 4.34 -53.50 38.18
N GLU H 142 5.07 -53.92 39.22
CA GLU H 142 6.46 -53.50 39.35
C GLU H 142 7.32 -54.02 38.20
N THR H 143 7.10 -55.27 37.80
CA THR H 143 7.85 -55.83 36.68
C THR H 143 7.57 -55.09 35.39
N ILE H 144 6.31 -54.76 35.13
CA ILE H 144 5.95 -54.08 33.88
C ILE H 144 6.45 -52.64 33.91
N ARG H 145 6.34 -51.96 35.05
CA ARG H 145 6.65 -50.53 35.10
C ARG H 145 8.15 -50.27 34.95
N VAL H 146 8.98 -51.01 35.69
CA VAL H 146 10.41 -50.71 35.67
C VAL H 146 11.07 -51.22 34.39
N PHE H 147 10.51 -52.26 33.76
CA PHE H 147 11.04 -52.75 32.50
C PHE H 147 10.47 -52.02 31.30
N ASN H 148 9.47 -51.15 31.50
CA ASN H 148 8.87 -50.36 30.43
C ASN H 148 8.34 -51.27 29.32
N LEU H 149 7.74 -52.39 29.70
CA LEU H 149 7.25 -53.35 28.71
C LEU H 149 6.06 -52.78 27.93
N ASN H 150 5.27 -51.91 28.55
CA ASN H 150 4.09 -51.33 27.92
C ASN H 150 4.30 -49.88 27.50
N GLY H 151 5.04 -49.10 28.29
CA GLY H 151 5.21 -47.69 27.99
C GLY H 151 6.09 -47.41 26.78
N ASP H 152 6.99 -48.33 26.44
CA ASP H 152 7.86 -48.12 25.30
C ASP H 152 7.08 -48.23 24.00
N ILE H 153 7.24 -47.23 23.13
CA ILE H 153 6.52 -47.23 21.86
C ILE H 153 7.08 -48.31 20.93
N LYS H 154 8.42 -48.44 20.88
CA LYS H 154 9.04 -49.42 20.00
C LYS H 154 8.65 -50.85 20.40
N LEU H 155 8.70 -51.15 21.69
CA LEU H 155 8.34 -52.50 22.14
C LEU H 155 6.86 -52.76 21.94
N PHE H 156 6.01 -51.81 22.32
CA PHE H 156 4.57 -51.96 22.14
C PHE H 156 4.21 -52.08 20.66
N GLY H 157 4.80 -51.23 19.82
CA GLY H 157 4.49 -51.28 18.40
C GLY H 157 4.97 -52.56 17.73
N SER H 158 6.18 -53.00 18.05
CA SER H 158 6.71 -54.22 17.43
C SER H 158 5.99 -55.46 17.93
N ARG H 159 5.72 -55.53 19.23
CA ARG H 159 5.03 -56.69 19.78
C ARG H 159 3.60 -56.79 19.26
N ARG H 160 2.90 -55.66 19.14
CA ARG H 160 1.52 -55.69 18.69
C ARG H 160 1.42 -56.16 17.25
N THR H 161 2.26 -55.63 16.37
CA THR H 161 2.21 -56.01 14.97
C THR H 161 2.66 -57.46 14.76
N ALA H 162 3.59 -57.94 15.59
CA ALA H 162 4.00 -59.34 15.50
C ALA H 162 2.85 -60.28 15.85
N VAL H 163 2.08 -59.95 16.88
CA VAL H 163 0.94 -60.78 17.27
C VAL H 163 -0.17 -60.67 16.24
N GLN H 164 -0.42 -59.45 15.74
CA GLN H 164 -1.45 -59.27 14.72
C GLN H 164 -1.07 -59.85 13.37
N ALA H 165 0.20 -60.22 13.17
CA ALA H 165 0.61 -60.82 11.90
C ALA H 165 0.17 -62.27 11.80
N ILE H 166 0.01 -62.95 12.94
CA ILE H 166 -0.35 -64.37 12.95
C ILE H 166 -1.84 -64.58 13.16
N MET H 167 -2.62 -63.50 13.29
CA MET H 167 -4.06 -63.67 13.51
C MET H 167 -4.74 -64.47 12.40
N PRO H 168 -4.50 -64.23 11.11
CA PRO H 168 -5.01 -65.17 10.10
C PRO H 168 -4.47 -66.58 10.27
N ASN H 169 -3.22 -66.73 10.71
CA ASN H 169 -2.71 -68.08 11.00
C ASN H 169 -3.43 -68.70 12.19
N VAL H 170 -3.82 -67.90 13.17
CA VAL H 170 -4.58 -68.41 14.31
C VAL H 170 -6.00 -68.80 13.88
N GLU H 171 -6.68 -67.91 13.15
CA GLU H 171 -8.09 -68.12 12.89
C GLU H 171 -8.32 -69.33 11.99
N TYR H 172 -7.44 -69.55 11.02
CA TYR H 172 -7.70 -70.59 10.02
C TYR H 172 -7.58 -71.99 10.62
N LEU H 173 -6.51 -72.25 11.37
CA LEU H 173 -6.24 -73.63 11.77
C LEU H 173 -7.15 -74.07 12.91
N TYR H 174 -7.59 -73.14 13.77
CA TYR H 174 -8.57 -73.49 14.79
C TYR H 174 -9.98 -73.62 14.20
N THR H 175 -10.33 -72.80 13.20
CA THR H 175 -11.71 -72.83 12.70
C THR H 175 -12.00 -74.09 11.90
N LEU H 176 -10.99 -74.80 11.41
CA LEU H 176 -11.25 -76.04 10.69
C LEU H 176 -11.71 -77.13 11.63
N LEU H 177 -11.03 -77.28 12.78
CA LEU H 177 -11.43 -78.16 13.88
C LEU H 177 -11.82 -79.56 13.43
N GLU H 178 -13.03 -79.70 12.89
CA GLU H 178 -13.58 -81.00 12.50
C GLU H 178 -13.01 -81.53 11.19
N GLU H 179 -12.18 -80.75 10.50
CA GLU H 179 -11.56 -81.25 9.27
C GLU H 179 -10.69 -82.47 9.54
N PHE H 180 -9.94 -82.44 10.63
CA PHE H 180 -9.10 -83.55 11.05
C PHE H 180 -9.61 -84.12 12.38
N ASP H 181 -9.24 -85.36 12.65
CA ASP H 181 -9.46 -85.94 13.96
C ASP H 181 -8.52 -85.29 14.97
N GLU H 182 -8.77 -85.57 16.26
CA GLU H 182 -8.02 -84.89 17.31
C GLU H 182 -6.54 -85.24 17.24
N ASP H 183 -6.21 -86.49 16.93
CA ASP H 183 -4.80 -86.88 16.85
C ASP H 183 -4.07 -86.10 15.76
N ASP H 184 -4.71 -85.94 14.60
CA ASP H 184 -4.07 -85.18 13.53
C ASP H 184 -4.06 -83.70 13.83
N TRP H 185 -5.05 -83.20 14.58
CA TRP H 185 -5.11 -81.78 14.88
C TRP H 185 -4.07 -81.39 15.92
N ASN H 186 -3.67 -82.32 16.79
CA ASN H 186 -2.70 -82.00 17.84
C ASN H 186 -1.37 -81.59 17.26
N GLU H 187 -0.90 -82.26 16.20
CA GLU H 187 0.38 -81.90 15.61
C GLU H 187 0.35 -80.54 14.92
N MET H 188 -0.85 -80.01 14.65
CA MET H 188 -0.93 -78.64 14.13
C MET H 188 -0.41 -77.64 15.15
N LEU H 189 -0.70 -77.86 16.44
CA LEU H 189 -0.13 -77.00 17.47
C LEU H 189 1.33 -77.33 17.73
N ARG H 190 1.74 -78.57 17.49
CA ARG H 190 3.12 -78.96 17.80
C ARG H 190 4.11 -78.24 16.89
N ASP H 191 3.89 -78.28 15.57
CA ASP H 191 4.84 -77.66 14.65
C ASP H 191 4.73 -76.15 14.62
N GLU H 192 3.53 -75.61 14.84
CA GLU H 192 3.38 -74.16 14.91
C GLU H 192 4.15 -73.57 16.08
N LEU H 193 4.13 -74.26 17.23
CA LEU H 193 4.86 -73.79 18.39
C LEU H 193 6.36 -73.97 18.25
N GLU H 194 6.82 -74.92 17.41
CA GLU H 194 8.24 -75.08 17.19
C GLU H 194 8.83 -73.85 16.49
N LYS H 195 8.11 -73.28 15.52
CA LYS H 195 8.60 -72.11 14.81
C LYS H 195 8.57 -70.86 15.69
N ILE H 196 7.67 -70.84 16.69
CA ILE H 196 7.56 -69.67 17.56
C ILE H 196 8.85 -69.46 18.35
N GLU H 197 9.50 -70.54 18.76
CA GLU H 197 10.73 -70.43 19.55
C GLU H 197 11.84 -69.71 18.81
N SER H 198 11.79 -69.66 17.47
CA SER H 198 12.80 -68.99 16.67
C SER H 198 12.42 -67.56 16.31
N ASP H 199 11.31 -67.06 16.82
CA ASP H 199 10.82 -65.71 16.51
C ASP H 199 10.89 -64.83 17.76
N GLU H 200 10.75 -63.53 17.53
CA GLU H 200 10.70 -62.58 18.63
C GLU H 200 9.38 -62.71 19.38
N TYR H 201 9.41 -62.32 20.66
CA TYR H 201 8.23 -62.29 21.52
C TYR H 201 7.56 -63.67 21.58
N LYS H 202 8.35 -64.66 22.00
CA LYS H 202 7.86 -66.03 22.03
C LYS H 202 6.67 -66.17 22.96
N THR H 203 6.75 -65.56 24.15
CA THR H 203 5.64 -65.64 25.10
C THR H 203 4.40 -64.94 24.57
N ALA H 204 4.57 -63.74 23.99
CA ALA H 204 3.43 -63.03 23.42
C ALA H 204 2.84 -63.79 22.25
N LEU H 205 3.70 -64.34 21.38
CA LEU H 205 3.22 -65.14 20.26
C LEU H 205 2.51 -66.40 20.74
N LYS H 206 3.06 -67.06 21.77
CA LYS H 206 2.48 -68.29 22.27
C LYS H 206 1.11 -68.05 22.89
N HIS H 207 0.95 -66.93 23.62
CA HIS H 207 -0.32 -66.66 24.29
C HIS H 207 -1.47 -66.54 23.30
N ALA H 208 -1.19 -66.03 22.09
CA ALA H 208 -2.22 -66.01 21.06
C ALA H 208 -2.53 -67.42 20.57
N TRP H 209 -1.51 -68.28 20.51
CA TRP H 209 -1.73 -69.65 20.06
C TRP H 209 -2.53 -70.45 21.09
N THR H 210 -2.11 -70.40 22.34
CA THR H 210 -2.76 -71.19 23.39
C THR H 210 -3.47 -70.31 24.40
#